data_9OK5
#
_entry.id   9OK5
#
_cell.length_a   1.00
_cell.length_b   1.00
_cell.length_c   1.00
_cell.angle_alpha   90.00
_cell.angle_beta   90.00
_cell.angle_gamma   90.00
#
_symmetry.space_group_name_H-M   'P 1'
#
loop_
_entity.id
_entity.type
_entity.pdbx_description
1 polymer 'Vesicle-fusing ATPase'
2 polymer 'Undefined N-terminus of SNAP-25 or syntaxin-1a'
3 non-polymer "ADENOSINE-5'-DIPHOSPHATE"
4 non-polymer "ADENOSINE-5'-TRIPHOSPHATE"
5 non-polymer 'MAGNESIUM ION'
6 non-polymer 'PHOSPHATE ION'
7 water water
#
loop_
_entity_poly.entity_id
_entity_poly.type
_entity_poly.pdbx_seq_one_letter_code
_entity_poly.pdbx_strand_id
1 'polypeptide(L)'
;GAHMAGRSMQAARCPTDELSLSNCAVVSEKDYQSGQHVIVRTSPNHKYIFTLRTHPSVVPGSVAFSLPQRKWAGLSIGQE
IEVALYSFDKAKQCIGTMTIEIDFLQKKNIDSNPYDTDKMAAEFIQQFNNQAFSVGQQLVFSFNDKLFGLLVKDIEAMDP
SILKGEPASGKRQKIEVGLVVGNSQVAFEKAENSSLNLIGKAKTKENRQSIINPDWNFEKMGIGGLDKEFSDIFRRAFAS
RVFPPEIVEQMGCKHVKGILLYGPPGCGKTLLARQIGKMLNAREPKVVNGPEILNKYVGESEANIRKLFADAEEEQRRLG
ANSGLHIIIFDEIDAICKQRGSMAGSTGVHDTVVNQLLSKIDGVEQLNNILVIGMTNRPDLIDEALLRPGRLEVKMEIGL
PDEKGRLQILHIHTARMRGHQLLSADVDIKELAVETKNFSGAELEGLVRAAQSTAMNRHIKASTKVEVDMEKAESLQVTR
GDFLASLENDIKPAFGTNQEDYASYIMNGIIKWGDPVTRVLDDGELLVQQTKNSDRTPLVSVLLEGPPHSGKTALAAKIA
EESNFPFIKICSPDKMIGFSETAKCQAMKKIFDDAYKSQLSCVVVDDIERLLDYVPIGPRFSNLVLQALLVLLKKAPPQG
RKLLIIGTTSRKDVLQEMEMLNAFSTTIHVPNIATGEQLLEALELLGNFKDKERTTIAQQVKGKKVWIGIKKLLMLIEMS
LQMDPEYRVRKFLALLREEGASPLDFD
;
A,B,C,D,E,F
2 'polypeptide(L)' (UNK)(UNK)(UNK)(UNK)(UNK)(UNK)(UNK)(UNK)(UNK)(UNK)(UNK)(UNK)(UNK)(UNK) G
#
loop_
_chem_comp.id
_chem_comp.type
_chem_comp.name
_chem_comp.formula
ADP non-polymer ADENOSINE-5'-DIPHOSPHATE 'C10 H15 N5 O10 P2'
ATP non-polymer ADENOSINE-5'-TRIPHOSPHATE 'C10 H16 N5 O13 P3'
MG non-polymer 'MAGNESIUM ION' 'Mg 2'
PO4 non-polymer 'PHOSPHATE ION' 'O4 P -3'
#
# COMPACT_ATOMS: atom_id res chain seq x y z
N SER A 210 -9.52 -57.56 7.74
CA SER A 210 -9.81 -57.35 9.16
C SER A 210 -8.53 -57.42 9.98
N ILE A 211 -8.27 -56.36 10.75
CA ILE A 211 -7.05 -56.26 11.54
C ILE A 211 -7.39 -55.87 12.98
N ILE A 212 -8.65 -55.52 13.23
CA ILE A 212 -9.10 -55.10 14.56
C ILE A 212 -10.32 -55.91 14.93
N ASN A 213 -10.51 -56.10 16.23
CA ASN A 213 -11.65 -56.87 16.71
C ASN A 213 -12.94 -56.14 16.35
N PRO A 214 -14.05 -56.86 16.19
CA PRO A 214 -15.26 -56.24 15.63
C PRO A 214 -15.72 -54.99 16.38
N ASP A 215 -15.67 -55.00 17.70
CA ASP A 215 -16.11 -53.85 18.50
C ASP A 215 -14.95 -52.98 18.96
N TRP A 216 -13.73 -53.30 18.55
CA TRP A 216 -12.57 -52.47 18.90
C TRP A 216 -12.40 -52.34 20.40
N ASN A 217 -11.42 -51.54 20.85
CA ASN A 217 -11.14 -51.39 22.27
C ASN A 217 -10.41 -50.07 22.48
N PHE A 218 -10.91 -49.26 23.42
CA PHE A 218 -10.32 -47.95 23.75
C PHE A 218 -10.43 -47.74 25.25
N GLU A 219 -9.38 -48.14 25.98
CA GLU A 219 -9.37 -48.03 27.43
C GLU A 219 -7.97 -48.36 27.93
N LYS A 220 -7.54 -47.64 28.96
CA LYS A 220 -6.24 -47.89 29.60
C LYS A 220 -5.10 -47.93 28.60
N MET A 221 -5.27 -47.26 27.46
CA MET A 221 -4.27 -47.21 26.40
C MET A 221 -3.83 -45.77 26.13
N GLY A 222 -4.01 -44.87 27.10
CA GLY A 222 -3.88 -43.45 26.84
C GLY A 222 -5.23 -42.78 26.82
N ILE A 223 -5.74 -42.49 25.62
CA ILE A 223 -7.06 -41.88 25.49
C ILE A 223 -8.05 -42.63 26.35
N GLY A 224 -8.67 -41.93 27.29
CA GLY A 224 -9.64 -42.54 28.19
C GLY A 224 -10.99 -41.87 28.22
N GLY A 225 -11.04 -40.58 27.88
CA GLY A 225 -12.29 -39.85 27.99
C GLY A 225 -13.23 -40.09 26.83
N LEU A 226 -12.69 -40.29 25.63
CA LEU A 226 -13.49 -40.45 24.42
C LEU A 226 -13.57 -41.94 24.10
N ASP A 227 -14.69 -42.57 24.50
CA ASP A 227 -14.97 -43.95 24.18
C ASP A 227 -16.14 -44.12 23.23
N LYS A 228 -17.08 -43.16 23.20
CA LYS A 228 -18.17 -43.20 22.23
C LYS A 228 -17.75 -42.62 20.89
N GLU A 229 -16.74 -41.73 20.88
CA GLU A 229 -16.30 -41.11 19.63
C GLU A 229 -15.76 -42.15 18.66
N PHE A 230 -14.93 -43.08 19.17
CA PHE A 230 -14.33 -44.08 18.30
C PHE A 230 -15.40 -44.87 17.55
N SER A 231 -16.43 -45.32 18.27
CA SER A 231 -17.48 -46.10 17.63
C SER A 231 -18.18 -45.29 16.55
N ASP A 232 -18.49 -44.03 16.83
CA ASP A 232 -19.14 -43.18 15.85
C ASP A 232 -18.31 -43.07 14.58
N ILE A 233 -17.03 -42.69 14.72
CA ILE A 233 -16.21 -42.48 13.54
C ILE A 233 -16.00 -43.78 12.78
N PHE A 234 -15.80 -44.89 13.49
CA PHE A 234 -15.60 -46.17 12.80
C PHE A 234 -16.84 -46.59 12.04
N ARG A 235 -18.03 -46.40 12.63
CA ARG A 235 -19.25 -46.72 11.91
C ARG A 235 -19.42 -45.85 10.68
N ARG A 236 -19.13 -44.55 10.80
CA ARG A 236 -19.44 -43.62 9.72
C ARG A 236 -18.43 -43.70 8.56
N ALA A 237 -17.15 -43.98 8.85
CA ALA A 237 -16.11 -43.78 7.85
C ALA A 237 -15.39 -45.07 7.46
N PHE A 238 -14.96 -45.89 8.42
CA PHE A 238 -14.03 -46.98 8.16
C PHE A 238 -14.71 -48.34 8.10
N ALA A 239 -15.91 -48.42 7.52
CA ALA A 239 -16.59 -49.70 7.39
C ALA A 239 -16.00 -50.57 6.27
N SER A 240 -15.31 -49.97 5.30
CA SER A 240 -14.78 -50.74 4.18
C SER A 240 -13.54 -51.53 4.55
N ARG A 241 -12.75 -51.06 5.52
CA ARG A 241 -11.46 -51.66 5.83
C ARG A 241 -11.57 -52.80 6.84
N VAL A 242 -12.76 -53.13 7.31
CA VAL A 242 -12.94 -54.23 8.26
C VAL A 242 -13.56 -55.43 7.55
N PHE A 243 -14.39 -55.16 6.55
CA PHE A 243 -15.05 -56.22 5.82
C PHE A 243 -14.02 -57.04 5.04
N PRO A 244 -14.27 -58.32 4.82
CA PRO A 244 -13.31 -59.16 4.08
C PRO A 244 -12.99 -58.54 2.72
N PRO A 245 -11.71 -58.47 2.34
CA PRO A 245 -11.37 -57.78 1.08
C PRO A 245 -12.06 -58.36 -0.14
N GLU A 246 -12.35 -59.66 -0.16
CA GLU A 246 -12.94 -60.26 -1.35
C GLU A 246 -14.27 -59.61 -1.69
N ILE A 247 -15.15 -59.45 -0.70
CA ILE A 247 -16.46 -58.88 -0.96
C ILE A 247 -16.34 -57.40 -1.34
N VAL A 248 -15.41 -56.68 -0.71
CA VAL A 248 -15.22 -55.28 -1.05
C VAL A 248 -14.78 -55.12 -2.49
N GLU A 249 -13.85 -55.97 -2.94
CA GLU A 249 -13.41 -55.92 -4.33
C GLU A 249 -14.53 -56.35 -5.28
N GLN A 250 -15.35 -57.32 -4.87
CA GLN A 250 -16.47 -57.73 -5.68
C GLN A 250 -17.45 -56.58 -5.87
N MET A 251 -17.73 -55.83 -4.80
CA MET A 251 -18.65 -54.70 -4.91
C MET A 251 -18.05 -53.59 -5.78
N GLY A 252 -16.75 -53.35 -5.64
CA GLY A 252 -16.09 -52.31 -6.41
C GLY A 252 -16.35 -50.91 -5.87
N CYS A 253 -15.88 -50.66 -4.65
CA CYS A 253 -16.09 -49.39 -3.97
C CYS A 253 -14.75 -48.83 -3.51
N LYS A 254 -14.71 -47.52 -3.32
CA LYS A 254 -13.53 -46.81 -2.86
C LYS A 254 -13.67 -46.42 -1.40
N HIS A 255 -12.54 -46.18 -0.75
CA HIS A 255 -12.50 -45.83 0.65
C HIS A 255 -12.51 -44.32 0.83
N VAL A 256 -12.83 -43.90 2.06
CA VAL A 256 -12.80 -42.47 2.38
C VAL A 256 -11.36 -42.00 2.43
N LYS A 257 -11.13 -40.79 1.92
CA LYS A 257 -9.77 -40.27 1.72
C LYS A 257 -9.45 -39.12 2.67
N GLY A 258 -10.05 -39.09 3.85
CA GLY A 258 -9.68 -38.12 4.85
C GLY A 258 -10.86 -37.75 5.73
N ILE A 259 -10.54 -37.19 6.89
CA ILE A 259 -11.55 -36.75 7.85
C ILE A 259 -11.08 -35.46 8.52
N LEU A 260 -11.99 -34.82 9.25
CA LEU A 260 -11.74 -33.55 9.91
C LEU A 260 -12.20 -33.62 11.35
N LEU A 261 -11.39 -33.05 12.25
CA LEU A 261 -11.71 -32.97 13.67
C LEU A 261 -11.60 -31.52 14.13
N TYR A 262 -12.57 -31.08 14.94
CA TYR A 262 -12.58 -29.72 15.43
C TYR A 262 -13.11 -29.71 16.87
N GLY A 263 -12.71 -28.69 17.62
CA GLY A 263 -13.10 -28.55 19.00
C GLY A 263 -12.20 -27.61 19.76
N PRO A 264 -12.43 -27.48 21.08
CA PRO A 264 -11.58 -26.60 21.87
C PRO A 264 -10.16 -27.12 21.95
N PRO A 265 -9.17 -26.25 22.12
CA PRO A 265 -7.78 -26.72 22.21
C PRO A 265 -7.53 -27.53 23.47
N GLY A 266 -6.59 -28.46 23.35
CA GLY A 266 -6.17 -29.27 24.50
C GLY A 266 -7.25 -30.21 25.01
N CYS A 267 -7.98 -30.87 24.11
CA CYS A 267 -9.05 -31.79 24.49
C CYS A 267 -8.80 -33.20 23.97
N GLY A 268 -7.59 -33.50 23.53
CA GLY A 268 -7.26 -34.85 23.10
C GLY A 268 -7.65 -35.17 21.67
N LYS A 269 -7.13 -34.42 20.71
CA LYS A 269 -7.34 -34.69 19.29
C LYS A 269 -6.18 -35.44 18.66
N THR A 270 -4.94 -35.07 18.99
CA THR A 270 -3.78 -35.75 18.43
C THR A 270 -3.72 -37.21 18.88
N LEU A 271 -4.08 -37.47 20.14
CA LEU A 271 -4.11 -38.85 20.62
C LEU A 271 -5.08 -39.69 19.80
N LEU A 272 -6.25 -39.13 19.49
CA LEU A 272 -7.23 -39.85 18.69
C LEU A 272 -6.67 -40.19 17.31
N ALA A 273 -6.01 -39.22 16.67
CA ALA A 273 -5.45 -39.47 15.34
C ALA A 273 -4.36 -40.53 15.40
N ARG A 274 -3.48 -40.45 16.40
CA ARG A 274 -2.41 -41.44 16.50
C ARG A 274 -2.98 -42.84 16.73
N GLN A 275 -3.99 -42.96 17.60
CA GLN A 275 -4.57 -44.28 17.84
C GLN A 275 -5.28 -44.80 16.60
N ILE A 276 -5.97 -43.92 15.87
CA ILE A 276 -6.60 -44.34 14.62
C ILE A 276 -5.56 -44.86 13.65
N GLY A 277 -4.43 -44.16 13.54
CA GLY A 277 -3.36 -44.64 12.68
C GLY A 277 -2.83 -45.99 13.13
N LYS A 278 -2.64 -46.17 14.43
CA LYS A 278 -2.12 -47.43 14.94
C LYS A 278 -3.06 -48.58 14.65
N MET A 279 -4.37 -48.37 14.83
CA MET A 279 -5.33 -49.46 14.71
C MET A 279 -5.53 -49.91 13.27
N LEU A 280 -5.13 -49.10 12.29
CA LEU A 280 -5.26 -49.46 10.88
C LEU A 280 -4.01 -50.09 10.30
N ASN A 281 -2.97 -50.31 11.13
CA ASN A 281 -1.71 -50.89 10.69
C ASN A 281 -1.10 -50.04 9.57
N ALA A 282 -0.86 -48.78 9.89
CA ALA A 282 -0.27 -47.82 8.96
C ALA A 282 1.16 -47.50 9.40
N ARG A 283 1.90 -46.89 8.47
CA ARG A 283 3.28 -46.52 8.75
C ARG A 283 3.32 -45.34 9.72
N GLU A 284 4.53 -44.87 10.01
CA GLU A 284 4.68 -43.77 10.95
C GLU A 284 4.00 -42.52 10.42
N PRO A 285 3.16 -41.86 11.21
CA PRO A 285 2.51 -40.64 10.73
C PRO A 285 3.53 -39.55 10.43
N LYS A 286 3.21 -38.74 9.43
CA LYS A 286 4.07 -37.62 9.02
C LYS A 286 3.43 -36.33 9.54
N VAL A 287 3.74 -35.99 10.78
CA VAL A 287 3.14 -34.83 11.42
C VAL A 287 3.59 -33.56 10.71
N VAL A 288 2.78 -32.50 10.82
CA VAL A 288 3.07 -31.23 10.20
C VAL A 288 2.21 -30.17 10.86
N ASN A 289 2.65 -28.91 10.78
CA ASN A 289 1.97 -27.79 11.40
C ASN A 289 1.55 -26.78 10.34
N GLY A 290 0.52 -26.00 10.65
CA GLY A 290 -0.06 -25.09 9.70
C GLY A 290 0.81 -23.88 9.42
N PRO A 291 1.03 -23.04 10.44
CA PRO A 291 1.87 -21.85 10.23
C PRO A 291 3.27 -22.17 9.75
N GLU A 292 3.78 -23.37 10.04
CA GLU A 292 5.11 -23.74 9.58
C GLU A 292 5.18 -23.77 8.06
N ILE A 293 4.11 -24.21 7.41
CA ILE A 293 4.07 -24.26 5.93
C ILE A 293 3.57 -22.89 5.48
N LEU A 294 4.50 -21.94 5.40
CA LEU A 294 4.21 -20.60 4.92
C LEU A 294 5.51 -19.84 4.72
N ASN A 295 5.69 -19.24 3.54
CA ASN A 295 6.92 -18.54 3.23
C ASN A 295 6.60 -17.39 2.29
N LYS A 296 7.30 -16.26 2.47
CA LYS A 296 7.01 -15.08 1.68
C LYS A 296 7.54 -15.21 0.25
N TYR A 297 8.59 -15.99 0.04
CA TYR A 297 9.14 -16.16 -1.30
C TYR A 297 8.10 -16.78 -2.22
N VAL A 298 8.06 -16.30 -3.46
CA VAL A 298 7.06 -16.75 -4.42
C VAL A 298 7.31 -18.21 -4.77
N GLY A 299 6.24 -19.00 -4.80
CA GLY A 299 6.34 -20.40 -5.19
C GLY A 299 7.19 -21.23 -4.26
N GLU A 300 7.07 -21.02 -2.95
CA GLU A 300 7.78 -21.81 -1.95
C GLU A 300 6.86 -22.59 -1.03
N SER A 301 5.68 -22.05 -0.69
CA SER A 301 4.72 -22.82 0.10
C SER A 301 4.21 -24.02 -0.67
N GLU A 302 4.01 -23.87 -1.98
CA GLU A 302 3.58 -25.00 -2.79
C GLU A 302 4.60 -26.13 -2.72
N ALA A 303 5.89 -25.81 -2.70
CA ALA A 303 6.90 -26.84 -2.57
C ALA A 303 6.76 -27.59 -1.26
N ASN A 304 6.55 -26.87 -0.16
CA ASN A 304 6.37 -27.53 1.12
C ASN A 304 5.14 -28.43 1.11
N ILE A 305 4.06 -27.98 0.47
CA ILE A 305 2.88 -28.83 0.36
C ILE A 305 3.18 -30.07 -0.46
N ARG A 306 4.03 -29.94 -1.48
CA ARG A 306 4.30 -31.05 -2.39
C ARG A 306 5.21 -32.10 -1.78
N LYS A 307 6.19 -31.70 -0.95
CA LYS A 307 7.14 -32.69 -0.45
C LYS A 307 6.50 -33.75 0.43
N LEU A 308 5.27 -33.54 0.92
CA LEU A 308 4.69 -34.45 1.90
C LEU A 308 4.26 -35.78 1.28
N PHE A 309 3.98 -35.83 -0.01
CA PHE A 309 3.39 -37.01 -0.64
C PHE A 309 4.40 -37.86 -1.42
N ALA A 310 5.70 -37.58 -1.30
CA ALA A 310 6.68 -38.27 -2.15
C ALA A 310 6.70 -39.77 -1.89
N ASP A 311 6.70 -40.18 -0.62
CA ASP A 311 6.81 -41.59 -0.29
C ASP A 311 5.63 -42.38 -0.83
N ALA A 312 4.42 -41.82 -0.70
CA ALA A 312 3.24 -42.49 -1.21
C ALA A 312 3.35 -42.70 -2.72
N GLU A 313 3.79 -41.68 -3.44
CA GLU A 313 3.93 -41.80 -4.89
C GLU A 313 4.95 -42.88 -5.24
N GLU A 314 6.09 -42.89 -4.54
CA GLU A 314 7.12 -43.88 -4.85
C GLU A 314 6.62 -45.29 -4.60
N GLU A 315 6.00 -45.52 -3.44
CA GLU A 315 5.51 -46.86 -3.13
C GLU A 315 4.41 -47.29 -4.08
N GLN A 316 3.55 -46.36 -4.49
CA GLN A 316 2.52 -46.68 -5.48
C GLN A 316 3.16 -47.07 -6.80
N ARG A 317 4.23 -46.37 -7.20
CA ARG A 317 4.92 -46.70 -8.44
C ARG A 317 5.50 -48.11 -8.38
N ARG A 318 6.17 -48.44 -7.28
CA ARG A 318 6.89 -49.72 -7.23
C ARG A 318 5.94 -50.89 -6.97
N LEU A 319 5.27 -50.89 -5.82
CA LEU A 319 4.49 -52.05 -5.41
C LEU A 319 3.15 -52.16 -6.13
N GLY A 320 2.72 -51.13 -6.83
CA GLY A 320 1.45 -51.20 -7.54
C GLY A 320 0.25 -51.01 -6.63
N ALA A 321 -0.60 -52.03 -6.55
CA ALA A 321 -1.84 -51.97 -5.77
C ALA A 321 -1.78 -52.83 -4.52
N ASN A 322 -0.58 -53.04 -3.97
CA ASN A 322 -0.42 -53.82 -2.75
C ASN A 322 0.29 -53.03 -1.65
N SER A 323 0.49 -51.73 -1.83
CA SER A 323 1.20 -50.93 -0.85
C SER A 323 0.37 -50.77 0.42
N GLY A 324 1.05 -50.38 1.49
CA GLY A 324 0.41 -50.19 2.79
C GLY A 324 -0.43 -48.94 2.83
N LEU A 325 -0.50 -48.34 4.01
CA LEU A 325 -1.27 -47.12 4.25
C LEU A 325 -0.36 -46.05 4.84
N HIS A 326 -0.36 -44.87 4.21
CA HIS A 326 0.35 -43.71 4.70
C HIS A 326 -0.68 -42.69 5.18
N ILE A 327 -0.47 -42.16 6.39
CA ILE A 327 -1.39 -41.20 6.99
C ILE A 327 -0.62 -39.91 7.25
N ILE A 328 -1.20 -38.79 6.81
CA ILE A 328 -0.66 -37.46 7.05
C ILE A 328 -1.56 -36.76 8.04
N ILE A 329 -0.99 -36.25 9.13
CA ILE A 329 -1.73 -35.58 10.19
C ILE A 329 -1.42 -34.09 10.10
N PHE A 330 -2.42 -33.29 9.76
CA PHE A 330 -2.26 -31.85 9.73
C PHE A 330 -2.50 -31.27 11.12
N ASP A 331 -2.40 -29.95 11.23
CA ASP A 331 -2.64 -29.26 12.49
C ASP A 331 -2.81 -27.79 12.20
N GLU A 332 -3.88 -27.20 12.73
CA GLU A 332 -4.23 -25.81 12.44
C GLU A 332 -4.37 -25.61 10.93
N ILE A 333 -5.10 -26.54 10.29
CA ILE A 333 -5.25 -26.51 8.84
C ILE A 333 -5.92 -25.23 8.37
N ASP A 334 -6.62 -24.53 9.26
CA ASP A 334 -7.29 -23.29 8.87
C ASP A 334 -6.32 -22.15 8.58
N ALA A 335 -5.04 -22.33 8.89
CA ALA A 335 -4.06 -21.27 8.64
C ALA A 335 -3.94 -20.99 7.15
N ILE A 336 -4.01 -22.03 6.32
CA ILE A 336 -3.92 -21.89 4.87
C ILE A 336 -5.34 -21.95 4.33
N CYS A 337 -5.95 -20.77 4.12
CA CYS A 337 -7.31 -20.70 3.63
C CYS A 337 -7.65 -19.29 3.18
N LYS A 338 -8.24 -19.16 1.99
CA LYS A 338 -8.63 -17.85 1.47
C LYS A 338 -10.05 -17.49 1.90
N GLN A 339 -10.30 -17.58 3.19
CA GLN A 339 -11.59 -17.21 3.77
C GLN A 339 -11.41 -16.30 4.99
N ARG A 340 -10.30 -16.45 5.71
CA ARG A 340 -9.99 -15.52 6.79
C ARG A 340 -9.81 -14.12 6.26
N GLY A 341 -9.49 -13.98 4.97
CA GLY A 341 -9.31 -12.66 4.39
C GLY A 341 -10.60 -11.88 4.27
N SER A 342 -11.75 -12.58 4.24
CA SER A 342 -13.03 -11.89 4.18
C SER A 342 -13.22 -11.01 5.41
N MET A 343 -12.87 -11.52 6.59
CA MET A 343 -12.87 -10.70 7.79
C MET A 343 -11.84 -9.59 7.67
N ALA A 344 -12.12 -8.47 8.35
CA ALA A 344 -11.22 -7.32 8.27
C ALA A 344 -9.81 -7.72 8.64
N GLY A 345 -8.91 -7.64 7.66
CA GLY A 345 -7.54 -8.03 7.85
C GLY A 345 -6.86 -8.24 6.50
N SER A 346 -5.68 -8.86 6.55
CA SER A 346 -4.92 -9.14 5.33
C SER A 346 -4.14 -10.44 5.55
N THR A 347 -4.77 -11.55 5.21
CA THR A 347 -4.15 -12.87 5.30
C THR A 347 -4.51 -13.68 4.04
N GLY A 348 -4.36 -13.05 2.88
CA GLY A 348 -4.76 -13.69 1.64
C GLY A 348 -4.03 -15.00 1.35
N VAL A 349 -2.90 -15.24 2.02
CA VAL A 349 -2.13 -16.47 1.90
C VAL A 349 -1.95 -16.91 0.45
N HIS A 350 -1.93 -15.95 -0.48
CA HIS A 350 -1.63 -16.25 -1.89
C HIS A 350 -2.37 -17.51 -2.33
N ASP A 351 -3.69 -17.39 -2.51
CA ASP A 351 -4.63 -18.51 -2.57
C ASP A 351 -4.08 -19.77 -3.21
N THR A 352 -3.25 -19.63 -4.25
CA THR A 352 -2.69 -20.76 -4.98
C THR A 352 -2.40 -21.95 -4.06
N VAL A 353 -1.85 -21.68 -2.88
CA VAL A 353 -1.44 -22.73 -1.94
C VAL A 353 -2.52 -23.80 -1.86
N VAL A 354 -3.73 -23.40 -1.48
CA VAL A 354 -4.79 -24.38 -1.23
C VAL A 354 -4.98 -25.27 -2.46
N ASN A 355 -5.04 -24.65 -3.64
CA ASN A 355 -5.24 -25.42 -4.87
C ASN A 355 -4.25 -26.57 -4.95
N GLN A 356 -2.97 -26.28 -4.69
CA GLN A 356 -1.96 -27.33 -4.77
C GLN A 356 -2.35 -28.52 -3.92
N LEU A 357 -2.74 -28.28 -2.67
CA LEU A 357 -3.14 -29.39 -1.81
C LEU A 357 -4.23 -30.22 -2.46
N LEU A 358 -5.25 -29.56 -2.99
CA LEU A 358 -6.33 -30.29 -3.63
C LEU A 358 -5.79 -31.12 -4.79
N SER A 359 -4.90 -30.54 -5.60
CA SER A 359 -4.37 -31.24 -6.75
C SER A 359 -3.61 -32.49 -6.35
N LYS A 360 -3.23 -32.63 -5.08
CA LYS A 360 -2.58 -33.84 -4.61
C LYS A 360 -3.55 -34.85 -4.03
N ILE A 361 -4.70 -34.40 -3.51
CA ILE A 361 -5.66 -35.35 -2.99
C ILE A 361 -6.44 -36.00 -4.13
N ASP A 362 -6.62 -35.30 -5.24
CA ASP A 362 -7.30 -35.84 -6.41
C ASP A 362 -6.69 -35.19 -7.65
N GLY A 363 -7.36 -35.35 -8.78
CA GLY A 363 -6.88 -34.80 -10.03
C GLY A 363 -6.72 -35.84 -11.11
N VAL A 364 -5.97 -35.52 -12.16
CA VAL A 364 -5.76 -36.49 -13.24
C VAL A 364 -4.99 -37.69 -12.74
N GLU A 365 -3.92 -37.45 -11.97
CA GLU A 365 -3.11 -38.51 -11.40
C GLU A 365 -3.69 -38.92 -10.05
N GLN A 366 -4.09 -40.19 -9.94
CA GLN A 366 -4.82 -40.66 -8.78
C GLN A 366 -3.90 -41.38 -7.80
N LEU A 367 -4.05 -41.07 -6.52
CA LEU A 367 -3.34 -41.73 -5.44
C LEU A 367 -4.36 -42.46 -4.57
N ASN A 368 -4.13 -43.75 -4.34
CA ASN A 368 -5.12 -44.61 -3.69
C ASN A 368 -4.60 -45.25 -2.41
N ASN A 369 -3.53 -44.72 -1.82
CA ASN A 369 -2.97 -45.28 -0.59
C ASN A 369 -2.59 -44.18 0.39
N ILE A 370 -3.47 -43.21 0.57
CA ILE A 370 -3.23 -42.11 1.50
C ILE A 370 -4.48 -41.90 2.35
N LEU A 371 -4.30 -41.19 3.46
CA LEU A 371 -5.39 -40.84 4.37
C LEU A 371 -5.00 -39.58 5.11
N VAL A 372 -5.78 -38.53 4.96
CA VAL A 372 -5.47 -37.21 5.51
C VAL A 372 -6.43 -36.92 6.64
N ILE A 373 -5.88 -36.66 7.82
CA ILE A 373 -6.65 -36.30 9.00
C ILE A 373 -6.35 -34.84 9.32
N GLY A 374 -7.33 -33.98 9.17
CA GLY A 374 -7.17 -32.57 9.48
C GLY A 374 -7.72 -32.24 10.85
N MET A 375 -7.07 -31.27 11.51
CA MET A 375 -7.47 -30.84 12.84
C MET A 375 -7.52 -29.32 12.86
N THR A 376 -8.56 -28.78 13.49
CA THR A 376 -8.74 -27.34 13.53
C THR A 376 -9.50 -26.94 14.79
N ASN A 377 -9.44 -25.64 15.09
CA ASN A 377 -10.20 -25.06 16.20
C ASN A 377 -11.25 -24.06 15.74
N ARG A 378 -11.10 -23.46 14.58
CA ARG A 378 -12.05 -22.49 14.05
C ARG A 378 -12.77 -23.09 12.85
N PRO A 379 -13.77 -23.94 13.06
CA PRO A 379 -14.42 -24.62 11.93
C PRO A 379 -15.15 -23.70 10.96
N ASP A 380 -15.25 -22.41 11.24
CA ASP A 380 -15.96 -21.47 10.39
C ASP A 380 -15.05 -20.74 9.41
N LEU A 381 -13.75 -21.03 9.40
CA LEU A 381 -12.81 -20.45 8.45
C LEU A 381 -12.27 -21.48 7.46
N ILE A 382 -12.89 -22.66 7.38
CA ILE A 382 -12.42 -23.71 6.50
C ILE A 382 -12.96 -23.46 5.10
N ASP A 383 -12.08 -23.53 4.10
CA ASP A 383 -12.49 -23.33 2.72
C ASP A 383 -13.57 -24.34 2.35
N GLU A 384 -14.61 -23.86 1.68
CA GLU A 384 -15.74 -24.72 1.34
C GLU A 384 -15.40 -25.75 0.27
N ALA A 385 -14.43 -25.45 -0.61
CA ALA A 385 -14.04 -26.40 -1.64
C ALA A 385 -13.29 -27.60 -1.07
N LEU A 386 -12.92 -27.56 0.20
CA LEU A 386 -12.17 -28.64 0.85
C LEU A 386 -13.08 -29.60 1.61
N LEU A 387 -14.36 -29.67 1.24
CA LEU A 387 -15.29 -30.56 1.92
C LEU A 387 -16.24 -31.29 0.98
N ARG A 388 -16.01 -31.22 -0.34
CA ARG A 388 -16.86 -31.92 -1.28
C ARG A 388 -16.54 -33.42 -1.24
N PRO A 389 -17.45 -34.25 -1.77
CA PRO A 389 -17.18 -35.69 -1.81
C PRO A 389 -15.90 -35.98 -2.60
N GLY A 390 -15.14 -36.97 -2.13
CA GLY A 390 -13.84 -37.27 -2.67
C GLY A 390 -12.70 -36.57 -1.95
N ARG A 391 -13.01 -35.63 -1.07
CA ARG A 391 -12.05 -34.92 -0.24
C ARG A 391 -12.43 -35.16 1.22
N LEU A 392 -11.81 -34.41 2.13
CA LEU A 392 -12.19 -34.49 3.54
C LEU A 392 -13.71 -34.39 3.62
N GLU A 393 -14.37 -35.48 4.05
CA GLU A 393 -15.82 -35.57 3.93
C GLU A 393 -16.47 -36.20 5.15
N VAL A 394 -15.83 -36.14 6.32
CA VAL A 394 -16.42 -36.65 7.55
C VAL A 394 -15.96 -35.71 8.67
N LYS A 395 -16.88 -34.96 9.24
CA LYS A 395 -16.59 -34.02 10.32
C LYS A 395 -16.97 -34.64 11.67
N MET A 396 -16.34 -34.12 12.72
CA MET A 396 -16.56 -34.65 14.05
C MET A 396 -16.17 -33.60 15.08
N GLU A 397 -16.69 -33.76 16.29
CA GLU A 397 -16.49 -32.79 17.36
C GLU A 397 -15.93 -33.47 18.59
N ILE A 398 -14.90 -32.88 19.18
CA ILE A 398 -14.29 -33.35 20.42
C ILE A 398 -14.45 -32.21 21.42
N GLY A 399 -15.51 -32.25 22.22
CA GLY A 399 -15.82 -31.19 23.16
C GLY A 399 -15.19 -31.42 24.53
N LEU A 400 -15.58 -30.56 25.47
CA LEU A 400 -15.06 -30.66 26.81
C LEU A 400 -15.55 -31.95 27.49
N PRO A 401 -14.80 -32.48 28.44
CA PRO A 401 -15.23 -33.69 29.15
C PRO A 401 -16.30 -33.37 30.18
N ASP A 402 -16.90 -34.44 30.70
CA ASP A 402 -17.91 -34.37 31.74
C ASP A 402 -17.38 -35.07 32.99
N GLU A 403 -18.26 -35.24 33.99
CA GLU A 403 -17.84 -35.79 35.27
C GLU A 403 -17.11 -37.12 35.09
N LYS A 404 -17.71 -38.04 34.34
CA LYS A 404 -17.09 -39.35 34.14
C LYS A 404 -15.76 -39.22 33.41
N GLY A 405 -15.71 -38.36 32.39
CA GLY A 405 -14.46 -38.16 31.68
C GLY A 405 -13.35 -37.63 32.57
N ARG A 406 -13.67 -36.64 33.40
CA ARG A 406 -12.68 -36.11 34.33
C ARG A 406 -12.21 -37.18 35.30
N LEU A 407 -13.15 -37.98 35.83
CA LEU A 407 -12.79 -39.05 36.73
C LEU A 407 -11.83 -40.03 36.07
N GLN A 408 -12.13 -40.43 34.84
CA GLN A 408 -11.29 -41.40 34.14
C GLN A 408 -9.91 -40.82 33.85
N ILE A 409 -9.85 -39.55 33.43
CA ILE A 409 -8.56 -38.93 33.14
C ILE A 409 -7.71 -38.85 34.40
N LEU A 410 -8.32 -38.44 35.51
CA LEU A 410 -7.58 -38.36 36.77
C LEU A 410 -7.11 -39.74 37.21
N HIS A 411 -7.94 -40.77 37.01
CA HIS A 411 -7.52 -42.12 37.34
C HIS A 411 -6.32 -42.55 36.51
N ILE A 412 -6.34 -42.24 35.21
CA ILE A 412 -5.27 -42.67 34.32
C ILE A 412 -3.96 -41.95 34.67
N HIS A 413 -4.02 -40.63 34.87
CA HIS A 413 -2.79 -39.86 35.04
C HIS A 413 -2.11 -40.10 36.38
N THR A 414 -2.78 -40.75 37.34
CA THR A 414 -2.21 -40.99 38.67
C THR A 414 -1.96 -42.48 38.92
N ALA A 415 -1.85 -43.28 37.87
CA ALA A 415 -1.66 -44.72 38.05
C ALA A 415 -0.25 -45.07 38.51
N ARG A 416 0.74 -44.22 38.21
CA ARG A 416 2.12 -44.57 38.52
C ARG A 416 2.36 -44.59 40.02
N MET A 417 1.93 -43.55 40.73
CA MET A 417 2.20 -43.47 42.16
C MET A 417 1.51 -44.60 42.92
N ARG A 418 0.28 -44.93 42.53
CA ARG A 418 -0.47 -45.96 43.24
C ARG A 418 0.29 -47.28 43.25
N GLY A 419 1.09 -47.56 42.21
CA GLY A 419 1.84 -48.80 42.17
C GLY A 419 2.92 -48.86 43.23
N HIS A 420 3.56 -47.72 43.51
CA HIS A 420 4.69 -47.67 44.43
C HIS A 420 4.31 -47.11 45.80
N GLN A 421 3.02 -47.06 46.12
CA GLN A 421 2.53 -46.57 47.41
C GLN A 421 2.99 -45.14 47.71
N LEU A 422 3.45 -44.40 46.70
CA LEU A 422 3.86 -43.02 46.94
C LEU A 422 2.66 -42.15 47.30
N LEU A 423 1.52 -42.35 46.63
CA LEU A 423 0.33 -41.57 46.92
C LEU A 423 -0.20 -41.93 48.31
N SER A 424 -0.68 -40.92 49.03
CA SER A 424 -1.23 -41.13 50.35
C SER A 424 -2.60 -41.81 50.26
N ALA A 425 -3.04 -42.36 51.39
CA ALA A 425 -4.35 -42.99 51.50
C ALA A 425 -5.46 -41.98 51.80
N ASP A 426 -5.10 -40.74 52.12
CA ASP A 426 -6.12 -39.72 52.40
C ASP A 426 -6.82 -39.27 51.13
N VAL A 427 -6.08 -39.14 50.03
CA VAL A 427 -6.62 -38.54 48.82
C VAL A 427 -7.69 -39.43 48.21
N ASP A 428 -8.74 -38.82 47.70
CA ASP A 428 -9.74 -39.47 46.87
C ASP A 428 -9.56 -39.01 45.42
N ILE A 429 -10.42 -39.51 44.54
CA ILE A 429 -10.37 -39.11 43.13
C ILE A 429 -11.75 -38.61 42.70
N LYS A 430 -12.79 -39.05 43.39
CA LYS A 430 -14.14 -38.55 43.08
C LYS A 430 -14.30 -37.10 43.52
N GLU A 431 -13.76 -36.75 44.69
CA GLU A 431 -13.84 -35.38 45.17
C GLU A 431 -13.15 -34.43 44.21
N LEU A 432 -11.93 -34.77 43.78
CA LEU A 432 -11.23 -33.94 42.81
C LEU A 432 -11.91 -33.96 41.45
N ALA A 433 -12.69 -35.00 41.15
CA ALA A 433 -13.42 -35.05 39.89
C ALA A 433 -14.65 -34.13 39.92
N VAL A 434 -15.26 -33.96 41.09
CA VAL A 434 -16.43 -33.09 41.17
C VAL A 434 -16.03 -31.64 41.40
N GLU A 435 -14.90 -31.40 42.07
CA GLU A 435 -14.46 -30.03 42.32
C GLU A 435 -14.13 -29.31 41.02
N THR A 436 -13.49 -30.00 40.08
CA THR A 436 -13.13 -29.41 38.80
C THR A 436 -14.34 -29.40 37.88
N LYS A 437 -14.82 -28.22 37.52
CA LYS A 437 -16.09 -28.08 36.80
C LYS A 437 -15.89 -28.13 35.29
N ASN A 438 -15.09 -27.21 34.74
CA ASN A 438 -14.93 -27.08 33.30
C ASN A 438 -13.48 -27.31 32.88
N PHE A 439 -12.74 -28.11 33.63
CA PHE A 439 -11.37 -28.42 33.28
C PHE A 439 -11.31 -29.21 31.99
N SER A 440 -10.23 -29.01 31.23
CA SER A 440 -9.96 -29.76 30.02
C SER A 440 -8.96 -30.87 30.32
N GLY A 441 -8.53 -31.58 29.28
CA GLY A 441 -7.65 -32.72 29.49
C GLY A 441 -6.29 -32.35 30.03
N ALA A 442 -5.68 -31.29 29.48
CA ALA A 442 -4.31 -30.95 29.85
C ALA A 442 -4.22 -30.32 31.23
N GLU A 443 -5.27 -29.62 31.66
CA GLU A 443 -5.21 -28.96 32.95
C GLU A 443 -5.17 -29.95 34.10
N LEU A 444 -5.77 -31.14 33.92
CA LEU A 444 -5.69 -32.15 34.97
C LEU A 444 -4.25 -32.68 35.11
N GLU A 445 -3.57 -32.89 33.99
CA GLU A 445 -2.16 -33.28 34.05
C GLU A 445 -1.32 -32.18 34.70
N GLY A 446 -1.59 -30.93 34.34
CA GLY A 446 -0.90 -29.82 35.01
C GLY A 446 -1.15 -29.81 36.50
N LEU A 447 -2.39 -30.09 36.91
CA LEU A 447 -2.72 -30.16 38.33
C LEU A 447 -1.93 -31.26 39.02
N VAL A 448 -1.83 -32.43 38.41
CA VAL A 448 -1.09 -33.53 39.02
C VAL A 448 0.39 -33.15 39.17
N ARG A 449 0.97 -32.55 38.12
CA ARG A 449 2.37 -32.15 38.20
C ARG A 449 2.59 -31.12 39.29
N ALA A 450 1.70 -30.13 39.38
CA ALA A 450 1.85 -29.11 40.41
C ALA A 450 1.72 -29.72 41.81
N ALA A 451 0.81 -30.67 41.98
CA ALA A 451 0.69 -31.36 43.26
C ALA A 451 1.98 -32.09 43.61
N GLN A 452 2.55 -32.81 42.64
CA GLN A 452 3.83 -33.47 42.88
C GLN A 452 4.88 -32.48 43.36
N SER A 453 5.05 -31.38 42.62
CA SER A 453 6.10 -30.43 42.95
C SER A 453 5.87 -29.80 44.32
N THR A 454 4.64 -29.41 44.62
CA THR A 454 4.35 -28.78 45.91
C THR A 454 4.60 -29.76 47.06
N ALA A 455 4.17 -31.02 46.91
CA ALA A 455 4.40 -32.00 47.95
C ALA A 455 5.88 -32.23 48.17
N MET A 456 6.65 -32.34 47.09
CA MET A 456 8.09 -32.56 47.23
C MET A 456 8.74 -31.38 47.94
N ASN A 457 8.39 -30.15 47.54
CA ASN A 457 9.00 -28.98 48.17
C ASN A 457 8.64 -28.90 49.65
N ARG A 458 7.38 -29.17 49.99
CA ARG A 458 6.97 -29.15 51.39
C ARG A 458 7.74 -30.20 52.19
N HIS A 459 7.88 -31.40 51.63
CA HIS A 459 8.56 -32.46 52.36
C HIS A 459 10.02 -32.12 52.60
N ILE A 460 10.71 -31.60 51.57
CA ILE A 460 12.12 -31.27 51.74
C ILE A 460 12.27 -30.14 52.76
N LYS A 461 11.41 -29.12 52.69
CA LYS A 461 11.49 -28.03 53.66
C LYS A 461 11.26 -28.54 55.07
N ALA A 462 10.26 -29.39 55.27
CA ALA A 462 9.98 -29.91 56.60
C ALA A 462 11.13 -30.76 57.12
N SER A 463 11.70 -31.61 56.26
CA SER A 463 12.83 -32.44 56.69
C SER A 463 14.02 -31.57 57.07
N THR A 464 14.29 -30.51 56.30
CA THR A 464 15.37 -29.60 56.67
C THR A 464 15.09 -28.91 58.00
N LYS A 465 13.85 -28.47 58.21
CA LYS A 465 13.52 -27.75 59.44
C LYS A 465 13.63 -28.66 60.66
N VAL A 466 13.13 -29.88 60.57
CA VAL A 466 13.09 -30.82 61.69
C VAL A 466 13.86 -32.07 61.29
N GLU A 467 14.78 -32.51 62.16
CA GLU A 467 15.59 -33.69 61.91
C GLU A 467 14.74 -34.94 62.18
N VAL A 468 13.74 -35.14 61.33
CA VAL A 468 12.87 -36.29 61.46
C VAL A 468 13.65 -37.57 61.17
N ASP A 469 13.19 -38.66 61.77
CA ASP A 469 13.87 -39.94 61.59
C ASP A 469 13.73 -40.42 60.16
N MET A 470 14.57 -41.41 59.80
CA MET A 470 14.56 -41.94 58.46
C MET A 470 13.22 -42.57 58.08
N GLU A 471 12.44 -42.99 59.07
CA GLU A 471 11.14 -43.62 58.80
C GLU A 471 10.28 -42.73 57.93
N LYS A 472 10.12 -41.46 58.33
CA LYS A 472 9.34 -40.51 57.54
C LYS A 472 10.16 -39.87 56.44
N ALA A 473 11.49 -39.81 56.58
CA ALA A 473 12.32 -39.24 55.53
C ALA A 473 12.21 -40.05 54.25
N GLU A 474 12.23 -41.38 54.35
CA GLU A 474 12.06 -42.21 53.17
C GLU A 474 10.71 -41.97 52.51
N SER A 475 9.65 -41.87 53.32
CA SER A 475 8.32 -41.65 52.78
C SER A 475 8.24 -40.26 52.14
N LEU A 476 7.58 -40.19 50.99
CA LEU A 476 7.35 -38.95 50.26
C LEU A 476 5.88 -38.82 49.88
N GLN A 477 5.00 -39.09 50.84
CA GLN A 477 3.57 -39.01 50.58
C GLN A 477 3.17 -37.61 50.16
N VAL A 478 2.25 -37.53 49.20
CA VAL A 478 1.79 -36.24 48.70
C VAL A 478 0.57 -35.72 49.46
N THR A 479 -0.17 -36.60 50.14
CA THR A 479 -1.32 -36.18 50.93
C THR A 479 -2.36 -35.48 50.06
N ARG A 480 -3.40 -34.92 50.69
CA ARG A 480 -4.46 -34.22 49.98
C ARG A 480 -4.33 -32.70 50.07
N GLY A 481 -3.68 -32.18 51.12
CA GLY A 481 -3.53 -30.75 51.25
C GLY A 481 -2.81 -30.14 50.06
N ASP A 482 -1.78 -30.84 49.56
CA ASP A 482 -1.06 -30.33 48.39
C ASP A 482 -1.98 -30.22 47.19
N PHE A 483 -2.83 -31.23 46.96
CA PHE A 483 -3.73 -31.19 45.83
C PHE A 483 -4.68 -30.01 45.92
N LEU A 484 -5.27 -29.79 47.09
CA LEU A 484 -6.20 -28.69 47.25
C LEU A 484 -5.50 -27.34 47.09
N ALA A 485 -4.31 -27.19 47.67
CA ALA A 485 -3.59 -25.94 47.55
C ALA A 485 -3.24 -25.63 46.10
N SER A 486 -2.75 -26.65 45.37
CA SER A 486 -2.43 -26.44 43.97
C SER A 486 -3.67 -26.11 43.16
N LEU A 487 -4.77 -26.81 43.43
CA LEU A 487 -6.01 -26.55 42.69
C LEU A 487 -6.48 -25.13 42.91
N GLU A 488 -6.41 -24.64 44.15
CA GLU A 488 -6.95 -23.31 44.46
C GLU A 488 -5.94 -22.19 44.23
N ASN A 489 -4.68 -22.50 43.92
CA ASN A 489 -3.67 -21.46 43.76
C ASN A 489 -2.85 -21.59 42.49
N ASP A 490 -2.73 -22.81 41.96
CA ASP A 490 -1.81 -23.06 40.85
C ASP A 490 -2.50 -22.95 39.49
N ILE A 491 -3.53 -23.75 39.26
CA ILE A 491 -4.13 -23.89 37.93
C ILE A 491 -5.25 -22.88 37.78
N LYS A 492 -5.25 -22.17 36.65
CA LYS A 492 -6.31 -21.21 36.31
C LYS A 492 -6.97 -21.63 35.01
N PRO A 493 -8.15 -22.24 35.04
CA PRO A 493 -8.77 -22.72 33.80
C PRO A 493 -9.12 -21.56 32.87
N ALA A 494 -9.13 -21.86 31.57
CA ALA A 494 -9.46 -20.88 30.55
C ALA A 494 -10.95 -20.84 30.23
N PHE A 495 -11.66 -21.94 30.43
CA PHE A 495 -13.10 -22.02 30.18
C PHE A 495 -13.91 -22.04 31.47
N GLY A 496 -13.32 -21.64 32.58
CA GLY A 496 -14.01 -21.66 33.86
C GLY A 496 -14.01 -20.32 34.56
N THR A 497 -14.54 -20.28 35.79
CA THR A 497 -14.61 -19.05 36.54
C THR A 497 -13.23 -18.63 37.03
N ASN A 498 -13.05 -17.33 37.21
CA ASN A 498 -11.81 -16.74 37.69
C ASN A 498 -12.14 -15.91 38.92
N GLN A 499 -11.90 -16.46 40.11
CA GLN A 499 -12.26 -15.80 41.35
C GLN A 499 -11.33 -14.62 41.67
N GLU A 500 -10.21 -14.48 40.96
CA GLU A 500 -9.29 -13.38 41.26
C GLU A 500 -9.80 -12.05 40.75
N ASP A 501 -10.51 -12.03 39.62
CA ASP A 501 -10.93 -10.76 39.02
C ASP A 501 -12.10 -10.12 39.75
N TYR A 502 -12.88 -10.88 40.51
CA TYR A 502 -13.99 -10.28 41.23
C TYR A 502 -13.50 -9.27 42.27
N ALA A 503 -12.41 -9.59 42.95
CA ALA A 503 -11.85 -8.66 43.93
C ALA A 503 -11.28 -7.41 43.29
N SER A 504 -11.09 -7.40 41.97
CA SER A 504 -10.62 -6.21 41.27
C SER A 504 -11.72 -5.21 40.97
N TYR A 505 -12.98 -5.60 41.11
CA TYR A 505 -14.13 -4.73 40.88
C TYR A 505 -14.93 -4.45 42.14
N ILE A 506 -15.19 -5.46 42.97
CA ILE A 506 -15.84 -5.27 44.26
C ILE A 506 -14.73 -5.12 45.28
N MET A 507 -14.24 -3.88 45.44
CA MET A 507 -13.09 -3.62 46.30
C MET A 507 -13.49 -3.43 47.76
N ASN A 508 -14.64 -2.83 48.02
CA ASN A 508 -15.10 -2.57 49.38
C ASN A 508 -16.39 -3.31 49.72
N GLY A 509 -16.72 -4.34 48.96
CA GLY A 509 -17.90 -5.12 49.25
C GLY A 509 -19.19 -4.38 48.93
N ILE A 510 -20.28 -4.89 49.49
CA ILE A 510 -21.61 -4.33 49.31
C ILE A 510 -22.20 -4.06 50.70
N ILE A 511 -22.64 -2.84 50.93
CA ILE A 511 -23.27 -2.44 52.19
C ILE A 511 -24.70 -2.02 51.89
N LYS A 512 -25.63 -2.45 52.74
CA LYS A 512 -27.05 -2.19 52.56
C LYS A 512 -27.41 -0.89 53.28
N TRP A 513 -27.49 0.20 52.53
CA TRP A 513 -27.90 1.49 53.08
C TRP A 513 -29.37 1.79 52.79
N GLY A 514 -30.09 0.92 52.11
CA GLY A 514 -31.46 1.19 51.79
C GLY A 514 -32.12 -0.02 51.14
N ASP A 515 -33.34 0.20 50.67
CA ASP A 515 -34.15 -0.84 50.05
C ASP A 515 -33.73 -1.15 48.61
N PRO A 516 -33.33 -0.15 47.81
CA PRO A 516 -33.08 -0.43 46.38
C PRO A 516 -32.09 -1.55 46.13
N VAL A 517 -31.04 -1.68 46.95
CA VAL A 517 -30.05 -2.73 46.73
C VAL A 517 -30.72 -4.10 46.74
N THR A 518 -31.59 -4.34 47.73
CA THR A 518 -32.29 -5.61 47.81
C THR A 518 -33.17 -5.82 46.59
N ARG A 519 -33.84 -4.77 46.13
CA ARG A 519 -34.69 -4.89 44.94
C ARG A 519 -33.88 -5.33 43.73
N VAL A 520 -32.74 -4.68 43.50
CA VAL A 520 -31.92 -5.04 42.35
C VAL A 520 -31.43 -6.48 42.46
N LEU A 521 -30.96 -6.87 43.65
CA LEU A 521 -30.45 -8.23 43.81
C LEU A 521 -31.53 -9.26 43.59
N ASP A 522 -32.74 -9.01 44.12
CA ASP A 522 -33.84 -9.96 43.92
C ASP A 522 -34.23 -10.06 42.45
N ASP A 523 -34.27 -8.95 41.74
CA ASP A 523 -34.59 -9.01 40.31
C ASP A 523 -33.52 -9.80 39.56
N GLY A 524 -32.26 -9.61 39.91
CA GLY A 524 -31.20 -10.39 39.29
C GLY A 524 -31.37 -11.88 39.55
N GLU A 525 -31.73 -12.25 40.78
CA GLU A 525 -31.98 -13.65 41.10
C GLU A 525 -33.12 -14.20 40.25
N LEU A 526 -34.19 -13.43 40.10
CA LEU A 526 -35.31 -13.87 39.27
C LEU A 526 -34.87 -14.11 37.83
N LEU A 527 -34.05 -13.19 37.29
CA LEU A 527 -33.57 -13.37 35.91
C LEU A 527 -32.72 -14.61 35.79
N VAL A 528 -31.83 -14.86 36.76
CA VAL A 528 -30.99 -16.04 36.72
C VAL A 528 -31.83 -17.31 36.75
N GLN A 529 -32.84 -17.34 37.62
N GLN A 529 -32.84 -17.34 37.62
CA GLN A 529 -33.71 -18.51 37.69
CA GLN A 529 -33.71 -18.51 37.69
C GLN A 529 -34.46 -18.71 36.39
C GLN A 529 -34.46 -18.71 36.39
N GLN A 530 -34.94 -17.62 35.78
CA GLN A 530 -35.66 -17.74 34.51
C GLN A 530 -34.75 -18.34 33.43
N THR A 531 -33.51 -17.86 33.34
CA THR A 531 -32.63 -18.36 32.29
C THR A 531 -32.18 -19.79 32.53
N LYS A 532 -32.03 -20.21 33.79
CA LYS A 532 -31.51 -21.55 34.07
C LYS A 532 -32.47 -22.62 33.56
N ASN A 533 -33.68 -22.66 34.10
CA ASN A 533 -34.64 -23.73 33.80
C ASN A 533 -35.84 -23.17 33.04
N SER A 534 -35.70 -23.17 31.71
CA SER A 534 -36.77 -22.67 30.85
C SER A 534 -36.53 -23.10 29.42
N ASP A 535 -37.62 -23.42 28.73
CA ASP A 535 -37.62 -23.69 27.31
C ASP A 535 -38.43 -22.61 26.60
N ARG A 536 -38.23 -22.49 25.30
CA ARG A 536 -38.85 -21.50 24.45
C ARG A 536 -38.18 -20.13 24.60
N THR A 537 -37.12 -20.03 25.41
CA THR A 537 -36.42 -18.77 25.61
C THR A 537 -35.02 -19.06 26.17
N PRO A 538 -34.07 -19.45 25.32
CA PRO A 538 -32.71 -19.77 25.80
C PRO A 538 -31.76 -18.59 25.88
N LEU A 539 -32.17 -17.38 25.50
CA LEU A 539 -31.32 -16.21 25.56
C LEU A 539 -32.06 -15.10 26.29
N VAL A 540 -31.38 -14.49 27.27
CA VAL A 540 -31.98 -13.44 28.10
C VAL A 540 -30.97 -12.32 28.27
N SER A 541 -31.44 -11.07 28.25
CA SER A 541 -30.60 -9.91 28.42
C SER A 541 -31.22 -8.97 29.44
N VAL A 542 -30.39 -8.06 29.96
CA VAL A 542 -30.82 -7.08 30.95
C VAL A 542 -29.85 -5.92 30.89
N LEU A 543 -30.30 -4.75 31.37
CA LEU A 543 -29.49 -3.55 31.33
C LEU A 543 -29.63 -2.79 32.66
N LEU A 544 -28.52 -2.36 33.21
CA LEU A 544 -28.49 -1.57 34.44
C LEU A 544 -28.13 -0.13 34.08
N GLU A 545 -28.95 0.82 34.53
CA GLU A 545 -28.78 2.22 34.19
C GLU A 545 -28.90 3.08 35.43
N GLY A 546 -28.10 4.14 35.49
CA GLY A 546 -28.13 5.07 36.59
C GLY A 546 -27.16 6.22 36.38
N PRO A 547 -27.18 7.20 37.27
CA PRO A 547 -26.26 8.34 37.14
C PRO A 547 -24.84 7.91 37.47
N PRO A 548 -23.84 8.73 37.08
CA PRO A 548 -22.45 8.33 37.33
C PRO A 548 -22.16 8.21 38.82
N HIS A 549 -21.24 7.31 39.15
CA HIS A 549 -20.78 7.06 40.51
C HIS A 549 -21.85 6.40 41.38
N SER A 550 -22.85 5.77 40.76
CA SER A 550 -23.92 5.10 41.51
C SER A 550 -23.56 3.68 41.94
N GLY A 551 -22.48 3.12 41.41
CA GLY A 551 -22.08 1.77 41.75
C GLY A 551 -22.84 0.71 40.98
N LYS A 552 -22.71 0.72 39.66
CA LYS A 552 -23.36 -0.27 38.80
C LYS A 552 -22.47 -1.48 38.53
N THR A 553 -21.18 -1.25 38.32
CA THR A 553 -20.28 -2.36 38.02
C THR A 553 -20.20 -3.34 39.18
N ALA A 554 -20.12 -2.84 40.41
CA ALA A 554 -20.05 -3.73 41.56
C ALA A 554 -21.31 -4.57 41.69
N LEU A 555 -22.48 -3.96 41.50
CA LEU A 555 -23.72 -4.71 41.60
C LEU A 555 -23.82 -5.76 40.50
N ALA A 556 -23.40 -5.40 39.27
CA ALA A 556 -23.41 -6.38 38.18
C ALA A 556 -22.49 -7.55 38.49
N ALA A 557 -21.29 -7.26 39.01
CA ALA A 557 -20.35 -8.33 39.36
C ALA A 557 -20.93 -9.23 40.45
N LYS A 558 -21.58 -8.63 41.45
CA LYS A 558 -22.20 -9.44 42.51
C LYS A 558 -23.30 -10.33 41.95
N ILE A 559 -24.15 -9.78 41.08
CA ILE A 559 -25.24 -10.56 40.50
C ILE A 559 -24.66 -11.73 39.71
N ALA A 560 -23.62 -11.47 38.91
CA ALA A 560 -23.01 -12.55 38.13
C ALA A 560 -22.40 -13.60 39.05
N GLU A 561 -21.69 -13.17 40.10
CA GLU A 561 -21.03 -14.11 40.99
C GLU A 561 -22.03 -15.01 41.69
N GLU A 562 -23.13 -14.46 42.16
CA GLU A 562 -24.09 -15.26 42.92
C GLU A 562 -24.82 -16.29 42.08
N SER A 563 -24.68 -16.24 40.75
CA SER A 563 -25.42 -17.16 39.88
C SER A 563 -24.89 -18.59 39.93
N ASN A 564 -23.64 -18.78 40.32
CA ASN A 564 -23.03 -20.12 40.44
C ASN A 564 -22.91 -20.82 39.09
N PHE A 565 -22.92 -20.08 37.98
CA PHE A 565 -22.75 -20.69 36.68
C PHE A 565 -21.32 -21.21 36.52
N PRO A 566 -21.10 -22.19 35.64
CA PRO A 566 -19.74 -22.71 35.48
C PRO A 566 -18.81 -21.77 34.73
N PHE A 567 -19.34 -20.92 33.85
CA PHE A 567 -18.53 -20.05 33.01
C PHE A 567 -18.98 -18.61 33.23
N ILE A 568 -18.08 -17.78 33.78
CA ILE A 568 -18.36 -16.37 34.02
C ILE A 568 -17.22 -15.55 33.44
N LYS A 569 -17.56 -14.53 32.66
CA LYS A 569 -16.58 -13.67 32.01
C LYS A 569 -17.02 -12.22 32.13
N ILE A 570 -16.04 -11.31 32.04
CA ILE A 570 -16.30 -9.88 32.09
C ILE A 570 -15.55 -9.23 30.94
N CYS A 571 -16.27 -8.52 30.08
CA CYS A 571 -15.70 -7.82 28.94
C CYS A 571 -15.74 -6.32 29.23
N SER A 572 -14.57 -5.74 29.49
CA SER A 572 -14.45 -4.34 29.88
C SER A 572 -13.42 -3.66 29.00
N PRO A 573 -13.51 -2.33 28.84
CA PRO A 573 -12.58 -1.61 27.98
C PRO A 573 -11.23 -1.30 28.61
N ASP A 574 -11.00 -1.70 29.86
CA ASP A 574 -9.71 -1.46 30.48
C ASP A 574 -8.58 -2.21 29.77
N LYS A 575 -8.92 -3.25 29.00
CA LYS A 575 -7.93 -4.07 28.31
C LYS A 575 -7.95 -3.84 26.80
N MET A 576 -8.41 -2.67 26.35
CA MET A 576 -8.49 -2.34 24.93
C MET A 576 -7.99 -0.92 24.70
N ILE A 577 -6.89 -0.55 25.32
CA ILE A 577 -6.35 0.80 25.18
C ILE A 577 -5.54 0.88 23.88
N GLY A 578 -5.93 1.81 23.01
CA GLY A 578 -5.27 1.97 21.74
C GLY A 578 -5.74 1.04 20.65
N PHE A 579 -6.67 0.13 20.95
CA PHE A 579 -7.16 -0.81 19.94
C PHE A 579 -7.95 -0.09 18.86
N SER A 580 -7.75 -0.51 17.62
CA SER A 580 -8.64 -0.09 16.56
C SER A 580 -9.98 -0.82 16.69
N GLU A 581 -11.00 -0.29 16.00
CA GLU A 581 -12.34 -0.83 16.17
C GLU A 581 -12.42 -2.29 15.73
N THR A 582 -11.66 -2.65 14.69
CA THR A 582 -11.68 -4.04 14.22
C THR A 582 -11.16 -4.99 15.28
N ALA A 583 -10.10 -4.59 16.01
CA ALA A 583 -9.59 -5.43 17.08
C ALA A 583 -10.60 -5.59 18.20
N LYS A 584 -11.33 -4.51 18.51
CA LYS A 584 -12.39 -4.62 19.52
C LYS A 584 -13.46 -5.60 19.08
N CYS A 585 -13.86 -5.54 17.80
CA CYS A 585 -14.84 -6.50 17.30
C CYS A 585 -14.32 -7.92 17.42
N GLN A 586 -13.05 -8.14 17.06
CA GLN A 586 -12.48 -9.48 17.16
C GLN A 586 -12.50 -9.98 18.60
N ALA A 587 -12.13 -9.13 19.56
CA ALA A 587 -12.10 -9.56 20.95
C ALA A 587 -13.51 -9.89 21.46
N MET A 588 -14.49 -9.05 21.12
CA MET A 588 -15.86 -9.31 21.55
C MET A 588 -16.36 -10.63 20.98
N LYS A 589 -16.13 -10.85 19.70
CA LYS A 589 -16.55 -12.08 19.04
C LYS A 589 -15.86 -13.30 19.63
N LYS A 590 -14.57 -13.21 19.96
N LYS A 590 -14.57 -13.20 19.97
CA LYS A 590 -13.87 -14.31 20.61
CA LYS A 590 -13.86 -14.29 20.62
C LYS A 590 -14.45 -14.62 21.98
C LYS A 590 -14.44 -14.61 21.98
N ILE A 591 -14.78 -13.60 22.78
CA ILE A 591 -15.37 -13.85 24.09
C ILE A 591 -16.70 -14.58 23.93
N PHE A 592 -17.53 -14.12 22.98
CA PHE A 592 -18.82 -14.79 22.78
C PHE A 592 -18.64 -16.19 22.22
N ASP A 593 -17.69 -16.38 21.32
CA ASP A 593 -17.44 -17.71 20.78
C ASP A 593 -17.01 -18.67 21.88
N ASP A 594 -16.15 -18.22 22.80
CA ASP A 594 -15.80 -19.05 23.94
C ASP A 594 -17.00 -19.33 24.82
N ALA A 595 -17.88 -18.33 25.00
CA ALA A 595 -19.06 -18.54 25.82
C ALA A 595 -19.99 -19.59 25.22
N TYR A 596 -20.03 -19.69 23.90
CA TYR A 596 -20.93 -20.64 23.25
C TYR A 596 -20.55 -22.10 23.46
N LYS A 597 -19.38 -22.39 24.04
CA LYS A 597 -18.91 -23.76 24.22
C LYS A 597 -19.08 -24.24 25.65
N SER A 598 -20.18 -23.87 26.31
CA SER A 598 -20.46 -24.34 27.66
C SER A 598 -21.97 -24.44 27.84
N GLN A 599 -22.38 -25.36 28.72
CA GLN A 599 -23.81 -25.60 28.91
C GLN A 599 -24.51 -24.38 29.49
N LEU A 600 -23.90 -23.74 30.50
CA LEU A 600 -24.44 -22.53 31.10
C LEU A 600 -23.35 -21.47 31.11
N SER A 601 -23.68 -20.26 30.68
CA SER A 601 -22.71 -19.19 30.55
C SER A 601 -23.31 -17.88 31.06
N CYS A 602 -22.45 -16.88 31.19
CA CYS A 602 -22.86 -15.55 31.63
C CYS A 602 -21.78 -14.56 31.25
N VAL A 603 -22.15 -13.50 30.53
CA VAL A 603 -21.21 -12.51 30.03
C VAL A 603 -21.64 -11.13 30.53
N VAL A 604 -20.67 -10.32 30.91
CA VAL A 604 -20.91 -8.96 31.40
C VAL A 604 -20.19 -7.98 30.48
N VAL A 605 -20.90 -6.95 30.04
CA VAL A 605 -20.33 -5.87 29.26
C VAL A 605 -20.21 -4.66 30.16
N ASP A 606 -18.97 -4.22 30.41
CA ASP A 606 -18.72 -3.26 31.48
C ASP A 606 -19.31 -1.89 31.17
N ASP A 607 -18.85 -1.27 30.09
CA ASP A 607 -19.29 0.07 29.72
C ASP A 607 -19.63 0.09 28.24
N ILE A 608 -20.90 0.33 27.92
CA ILE A 608 -21.33 0.33 26.52
C ILE A 608 -21.06 1.66 25.84
N GLU A 609 -20.94 2.76 26.60
CA GLU A 609 -20.63 4.05 26.00
C GLU A 609 -19.16 4.14 25.60
N ARG A 610 -18.26 3.59 26.42
CA ARG A 610 -16.84 3.63 26.11
C ARG A 610 -16.44 2.64 25.03
N LEU A 611 -17.19 1.55 24.87
CA LEU A 611 -16.91 0.61 23.79
C LEU A 611 -17.22 1.18 22.42
N LEU A 612 -18.07 2.21 22.35
CA LEU A 612 -18.47 2.82 21.09
C LEU A 612 -17.67 4.08 20.76
N ASP A 613 -16.90 4.61 21.70
CA ASP A 613 -16.15 5.86 21.51
C ASP A 613 -17.12 7.03 21.26
N TYR A 614 -18.02 7.23 22.21
CA TYR A 614 -19.02 8.30 22.10
C TYR A 614 -18.48 9.58 22.72
N VAL A 615 -18.58 10.68 21.97
CA VAL A 615 -18.19 12.00 22.44
C VAL A 615 -19.32 12.97 22.12
N PRO A 616 -19.83 13.75 23.09
CA PRO A 616 -21.01 14.58 22.80
C PRO A 616 -20.82 15.52 21.62
N ILE A 617 -19.62 16.11 21.47
CA ILE A 617 -19.35 16.92 20.29
C ILE A 617 -19.46 16.03 19.06
N GLY A 618 -19.97 16.60 17.97
CA GLY A 618 -20.29 15.81 16.81
C GLY A 618 -21.79 15.58 16.67
N PRO A 619 -22.29 14.43 17.11
CA PRO A 619 -21.62 13.35 17.86
C PRO A 619 -20.75 12.45 17.01
N ARG A 620 -19.85 11.69 17.64
N ARG A 620 -19.88 11.66 17.66
CA ARG A 620 -18.98 10.75 16.94
CA ARG A 620 -18.95 10.77 16.98
C ARG A 620 -18.98 9.42 17.68
C ARG A 620 -18.93 9.43 17.69
N PHE A 621 -18.85 8.35 16.92
CA PHE A 621 -18.78 7.00 17.47
C PHE A 621 -18.35 6.06 16.35
N SER A 622 -18.20 4.79 16.68
CA SER A 622 -17.82 3.76 15.71
C SER A 622 -19.04 2.92 15.37
N ASN A 623 -19.34 2.80 14.08
CA ASN A 623 -20.52 2.09 13.64
C ASN A 623 -20.31 0.58 13.57
N LEU A 624 -19.09 0.14 13.30
CA LEU A 624 -18.82 -1.29 13.19
C LEU A 624 -19.11 -2.00 14.50
N VAL A 625 -18.65 -1.43 15.62
CA VAL A 625 -18.86 -2.06 16.91
C VAL A 625 -20.33 -2.05 17.28
N LEU A 626 -21.04 -0.96 16.96
CA LEU A 626 -22.46 -0.89 17.26
C LEU A 626 -23.23 -1.97 16.51
N GLN A 627 -22.93 -2.13 15.22
CA GLN A 627 -23.62 -3.16 14.44
C GLN A 627 -23.27 -4.56 14.92
N ALA A 628 -22.01 -4.78 15.29
CA ALA A 628 -21.63 -6.08 15.83
C ALA A 628 -22.39 -6.39 17.11
N LEU A 629 -22.50 -5.42 18.01
CA LEU A 629 -23.27 -5.63 19.24
C LEU A 629 -24.73 -5.90 18.94
N LEU A 630 -25.32 -5.13 18.02
CA LEU A 630 -26.73 -5.33 17.70
C LEU A 630 -26.98 -6.72 17.13
N VAL A 631 -26.05 -7.21 16.31
CA VAL A 631 -26.20 -8.56 15.76
C VAL A 631 -26.02 -9.62 16.85
N LEU A 632 -25.00 -9.46 17.69
CA LEU A 632 -24.70 -10.46 18.70
C LEU A 632 -25.76 -10.55 19.80
N LEU A 633 -26.46 -9.46 20.09
CA LEU A 633 -27.47 -9.49 21.14
C LEU A 633 -28.70 -10.30 20.75
N LYS A 634 -28.82 -10.71 19.49
CA LYS A 634 -30.01 -11.41 18.99
C LYS A 634 -29.61 -12.66 18.23
N LYS A 635 -28.66 -13.42 18.76
CA LYS A 635 -28.19 -14.66 18.14
C LYS A 635 -28.17 -15.74 19.21
N ALA A 636 -29.08 -16.71 19.10
CA ALA A 636 -29.18 -17.75 20.11
C ALA A 636 -28.02 -18.74 19.97
N PRO A 637 -27.67 -19.43 21.06
CA PRO A 637 -26.56 -20.38 20.99
C PRO A 637 -26.99 -21.66 20.28
N PRO A 638 -26.05 -22.57 20.00
CA PRO A 638 -26.43 -23.86 19.41
C PRO A 638 -27.48 -24.58 20.25
N GLN A 639 -28.12 -25.59 19.66
CA GLN A 639 -29.27 -26.23 20.29
C GLN A 639 -28.90 -26.78 21.67
N GLY A 640 -29.79 -26.56 22.63
CA GLY A 640 -29.65 -27.14 23.95
C GLY A 640 -28.78 -26.38 24.93
N ARG A 641 -28.39 -25.15 24.62
CA ARG A 641 -27.52 -24.37 25.49
C ARG A 641 -28.15 -23.01 25.78
N LYS A 642 -27.77 -22.44 26.92
CA LYS A 642 -28.34 -21.20 27.43
C LYS A 642 -27.29 -20.11 27.49
N LEU A 643 -27.75 -18.89 27.75
CA LEU A 643 -26.86 -17.73 27.82
C LEU A 643 -27.56 -16.63 28.61
N LEU A 644 -26.75 -15.70 29.13
CA LEU A 644 -27.24 -14.55 29.86
C LEU A 644 -26.26 -13.40 29.67
N ILE A 645 -26.79 -12.20 29.46
CA ILE A 645 -25.97 -11.02 29.20
C ILE A 645 -26.43 -9.90 30.11
N ILE A 646 -25.48 -9.16 30.68
CA ILE A 646 -25.75 -8.04 31.58
C ILE A 646 -25.02 -6.82 31.05
N GLY A 647 -25.76 -5.72 30.87
CA GLY A 647 -25.19 -4.48 30.41
C GLY A 647 -24.93 -3.50 31.56
N THR A 648 -24.43 -2.33 31.18
CA THR A 648 -24.15 -1.28 32.15
C THR A 648 -23.86 0.01 31.38
N THR A 649 -24.45 1.11 31.84
CA THR A 649 -24.29 2.39 31.16
C THR A 649 -24.86 3.49 32.03
N SER A 650 -24.42 4.72 31.76
CA SER A 650 -24.90 5.90 32.46
C SER A 650 -25.68 6.84 31.56
N ARG A 651 -25.70 6.61 30.25
CA ARG A 651 -26.40 7.45 29.29
C ARG A 651 -27.46 6.59 28.59
N LYS A 652 -28.66 6.56 29.16
CA LYS A 652 -29.74 5.78 28.57
C LYS A 652 -30.35 6.49 27.36
N ASP A 653 -30.39 7.81 27.37
CA ASP A 653 -31.03 8.54 26.29
C ASP A 653 -30.32 8.31 24.96
N VAL A 654 -28.98 8.34 24.97
CA VAL A 654 -28.24 8.12 23.73
C VAL A 654 -28.47 6.71 23.21
N LEU A 655 -28.46 5.71 24.10
CA LEU A 655 -28.71 4.34 23.67
C LEU A 655 -30.11 4.20 23.09
N GLN A 656 -31.10 4.86 23.71
CA GLN A 656 -32.45 4.82 23.19
C GLN A 656 -32.53 5.45 21.80
N GLU A 657 -31.82 6.56 21.59
CA GLU A 657 -31.87 7.25 20.31
C GLU A 657 -31.24 6.43 19.19
N MET A 658 -30.40 5.45 19.52
CA MET A 658 -29.73 4.62 18.52
C MET A 658 -30.44 3.29 18.29
N GLU A 659 -31.67 3.15 18.78
CA GLU A 659 -32.47 1.93 18.59
C GLU A 659 -31.82 0.71 19.24
N MET A 660 -31.02 0.92 20.28
CA MET A 660 -30.38 -0.19 20.98
C MET A 660 -31.19 -0.67 22.18
N LEU A 661 -32.05 0.19 22.74
CA LEU A 661 -32.89 -0.23 23.86
C LEU A 661 -34.01 -1.15 23.42
N ASN A 662 -34.22 -1.32 22.11
CA ASN A 662 -35.22 -2.25 21.59
C ASN A 662 -34.70 -3.68 21.52
N ALA A 663 -33.39 -3.90 21.69
CA ALA A 663 -32.82 -5.24 21.63
C ALA A 663 -32.78 -5.92 22.98
N PHE A 664 -32.60 -5.16 24.07
CA PHE A 664 -32.59 -5.76 25.39
C PHE A 664 -34.00 -6.21 25.78
N SER A 665 -34.08 -7.02 26.84
CA SER A 665 -35.34 -7.57 27.29
C SER A 665 -35.86 -6.95 28.58
N THR A 666 -35.02 -6.26 29.34
CA THR A 666 -35.43 -5.69 30.61
C THR A 666 -34.54 -4.50 30.92
N THR A 667 -34.87 -3.80 32.01
CA THR A 667 -34.09 -2.65 32.46
C THR A 667 -34.25 -2.50 33.96
N ILE A 668 -33.16 -2.07 34.61
CA ILE A 668 -33.14 -1.85 36.05
C ILE A 668 -32.56 -0.47 36.32
N HIS A 669 -32.96 0.11 37.45
CA HIS A 669 -32.56 1.46 37.84
C HIS A 669 -31.78 1.41 39.14
N VAL A 670 -30.65 2.09 39.17
CA VAL A 670 -29.77 2.15 40.34
C VAL A 670 -29.75 3.58 40.84
N PRO A 671 -30.49 3.89 41.92
CA PRO A 671 -30.57 5.28 42.38
C PRO A 671 -29.43 5.67 43.31
N ASN A 672 -29.41 6.94 43.72
CA ASN A 672 -28.41 7.49 44.62
C ASN A 672 -29.03 7.74 45.99
N ILE A 673 -28.23 8.33 46.88
CA ILE A 673 -28.69 8.67 48.22
C ILE A 673 -29.48 9.98 48.14
N ALA A 674 -30.72 9.94 48.63
CA ALA A 674 -31.63 11.08 48.48
C ALA A 674 -32.26 11.53 49.78
N THR A 675 -31.80 11.04 50.92
CA THR A 675 -32.33 11.46 52.22
C THR A 675 -31.21 11.49 53.24
N GLY A 676 -31.39 12.30 54.27
CA GLY A 676 -30.36 12.44 55.30
C GLY A 676 -30.14 11.15 56.06
N GLU A 677 -31.23 10.50 56.49
CA GLU A 677 -31.09 9.29 57.28
C GLU A 677 -30.35 8.20 56.51
N GLN A 678 -30.51 8.15 55.19
CA GLN A 678 -29.75 7.19 54.39
C GLN A 678 -28.26 7.48 54.48
N LEU A 679 -27.88 8.76 54.40
CA LEU A 679 -26.47 9.11 54.54
C LEU A 679 -25.95 8.75 55.92
N LEU A 680 -26.73 9.01 56.96
CA LEU A 680 -26.31 8.65 58.31
C LEU A 680 -26.13 7.15 58.45
N GLU A 681 -27.05 6.36 57.88
CA GLU A 681 -26.92 4.91 57.94
C GLU A 681 -25.69 4.43 57.19
N ALA A 682 -25.42 5.02 56.02
CA ALA A 682 -24.22 4.66 55.27
C ALA A 682 -22.97 4.96 56.08
N LEU A 683 -22.91 6.13 56.72
CA LEU A 683 -21.76 6.45 57.56
C LEU A 683 -21.63 5.49 58.73
N GLU A 684 -22.76 5.13 59.35
CA GLU A 684 -22.73 4.21 60.48
C GLU A 684 -22.18 2.87 60.06
N LEU A 685 -22.65 2.34 58.93
CA LEU A 685 -22.12 1.06 58.44
C LEU A 685 -20.65 1.17 58.10
N LEU A 686 -20.24 2.26 57.45
CA LEU A 686 -18.83 2.44 57.13
C LEU A 686 -17.98 2.59 58.38
N GLY A 687 -18.49 3.31 59.38
CA GLY A 687 -17.79 3.46 60.65
C GLY A 687 -16.56 4.33 60.56
N ASN A 688 -16.74 5.63 60.34
CA ASN A 688 -15.63 6.56 60.24
C ASN A 688 -15.78 7.82 61.09
N PHE A 689 -16.95 8.04 61.71
CA PHE A 689 -17.19 9.25 62.49
C PHE A 689 -17.68 8.88 63.88
N LYS A 690 -17.40 9.75 64.84
CA LYS A 690 -17.63 9.48 66.25
C LYS A 690 -19.08 9.79 66.62
N ASP A 691 -19.38 9.79 67.92
CA ASP A 691 -20.75 9.98 68.40
C ASP A 691 -21.16 11.45 68.32
N LYS A 692 -20.43 12.32 69.01
CA LYS A 692 -20.71 13.75 68.91
C LYS A 692 -20.54 14.23 67.48
N GLU A 693 -19.58 13.66 66.76
CA GLU A 693 -19.41 13.97 65.35
C GLU A 693 -20.67 13.61 64.57
N ARG A 694 -21.24 12.43 64.83
CA ARG A 694 -22.46 12.02 64.16
C ARG A 694 -23.62 12.94 64.53
N THR A 695 -23.69 13.37 65.79
CA THR A 695 -24.75 14.29 66.21
C THR A 695 -24.65 15.60 65.43
N THR A 696 -23.44 16.15 65.32
CA THR A 696 -23.26 17.38 64.58
C THR A 696 -23.61 17.20 63.11
N ILE A 697 -23.18 16.08 62.51
CA ILE A 697 -23.48 15.83 61.10
C ILE A 697 -24.99 15.74 60.90
N ALA A 698 -25.69 15.02 61.77
CA ALA A 698 -27.14 14.92 61.64
C ALA A 698 -27.81 16.27 61.78
N GLN A 699 -27.36 17.08 62.75
CA GLN A 699 -27.93 18.40 62.94
C GLN A 699 -27.75 19.26 61.68
N GLN A 700 -26.57 19.19 61.06
CA GLN A 700 -26.29 20.05 59.92
C GLN A 700 -26.82 19.49 58.60
N VAL A 701 -27.18 18.21 58.55
CA VAL A 701 -27.70 17.60 57.33
C VAL A 701 -29.18 17.27 57.42
N LYS A 702 -29.86 17.66 58.52
CA LYS A 702 -31.29 17.48 58.59
C LYS A 702 -32.03 18.29 57.52
N GLY A 703 -31.38 19.26 56.89
CA GLY A 703 -32.03 20.04 55.86
C GLY A 703 -32.60 19.19 54.73
N LYS A 704 -32.02 18.01 54.50
CA LYS A 704 -32.50 17.02 53.54
C LYS A 704 -32.10 17.34 52.11
N LYS A 705 -31.22 18.32 51.88
CA LYS A 705 -30.77 18.66 50.53
C LYS A 705 -29.47 17.93 50.23
N VAL A 706 -29.59 16.61 50.08
CA VAL A 706 -28.44 15.73 49.87
C VAL A 706 -28.71 14.87 48.63
N TRP A 707 -27.75 14.85 47.72
N TRP A 707 -27.75 14.86 47.71
CA TRP A 707 -27.85 14.03 46.51
CA TRP A 707 -27.85 14.02 46.51
C TRP A 707 -26.42 13.67 46.10
C TRP A 707 -26.42 13.67 46.10
N ILE A 708 -25.96 12.49 46.51
CA ILE A 708 -24.58 12.08 46.29
C ILE A 708 -24.52 10.61 45.90
N GLY A 709 -23.41 10.22 45.28
CA GLY A 709 -23.14 8.85 44.93
C GLY A 709 -22.17 8.20 45.92
N ILE A 710 -22.23 6.87 45.98
CA ILE A 710 -21.45 6.15 46.98
C ILE A 710 -19.95 6.33 46.76
N LYS A 711 -19.50 6.22 45.51
CA LYS A 711 -18.08 6.38 45.22
C LYS A 711 -17.60 7.78 45.60
N LYS A 712 -18.37 8.80 45.23
CA LYS A 712 -18.03 10.17 45.59
C LYS A 712 -18.06 10.35 47.10
N LEU A 713 -19.00 9.70 47.78
CA LEU A 713 -19.06 9.78 49.24
C LEU A 713 -17.79 9.22 49.87
N LEU A 714 -17.33 8.06 49.39
CA LEU A 714 -16.09 7.49 49.90
C LEU A 714 -14.91 8.43 49.66
N MET A 715 -14.85 9.01 48.46
CA MET A 715 -13.75 9.93 48.16
C MET A 715 -13.78 11.14 49.07
N LEU A 716 -14.97 11.70 49.32
CA LEU A 716 -15.09 12.86 50.19
C LEU A 716 -14.67 12.52 51.61
N ILE A 717 -15.07 11.36 52.11
CA ILE A 717 -14.66 10.96 53.46
C ILE A 717 -13.14 10.83 53.53
N GLU A 718 -12.54 10.19 52.53
CA GLU A 718 -11.09 10.03 52.52
C GLU A 718 -10.39 11.38 52.51
N MET A 719 -10.87 12.32 51.69
CA MET A 719 -10.26 13.64 51.65
C MET A 719 -10.43 14.38 52.97
N SER A 720 -11.60 14.27 53.59
CA SER A 720 -11.85 14.99 54.84
C SER A 720 -11.03 14.43 55.99
N LEU A 721 -10.70 13.15 55.96
CA LEU A 721 -9.96 12.53 57.06
C LEU A 721 -8.46 12.82 57.03
N GLN A 722 -8.02 13.85 56.31
CA GLN A 722 -6.61 14.18 56.17
C GLN A 722 -6.15 15.28 57.11
N MET A 723 -7.01 15.73 58.03
CA MET A 723 -6.69 16.83 58.94
C MET A 723 -6.77 16.34 60.39
N ASP A 724 -6.46 17.24 61.32
CA ASP A 724 -6.53 16.93 62.73
C ASP A 724 -7.99 16.74 63.15
N PRO A 725 -8.24 16.04 64.26
CA PRO A 725 -9.61 15.68 64.61
C PRO A 725 -10.52 16.88 64.84
N GLU A 726 -9.95 18.07 65.11
CA GLU A 726 -10.78 19.22 65.43
C GLU A 726 -11.58 19.71 64.23
N TYR A 727 -10.94 19.81 63.06
CA TYR A 727 -11.50 20.51 61.92
C TYR A 727 -12.08 19.57 60.86
N ARG A 728 -12.23 18.28 61.17
CA ARG A 728 -12.74 17.34 60.18
C ARG A 728 -14.19 17.66 59.80
N VAL A 729 -15.03 17.95 60.80
CA VAL A 729 -16.46 18.06 60.56
C VAL A 729 -16.76 19.21 59.61
N ARG A 730 -16.16 20.38 59.86
CA ARG A 730 -16.46 21.54 59.04
C ARG A 730 -15.96 21.35 57.61
N LYS A 731 -14.79 20.74 57.45
CA LYS A 731 -14.28 20.48 56.11
C LYS A 731 -15.21 19.53 55.35
N PHE A 732 -15.63 18.45 56.00
CA PHE A 732 -16.54 17.51 55.34
C PHE A 732 -17.85 18.17 54.99
N LEU A 733 -18.39 18.99 55.90
CA LEU A 733 -19.66 19.65 55.64
C LEU A 733 -19.54 20.65 54.49
N ALA A 734 -18.44 21.39 54.43
CA ALA A 734 -18.23 22.31 53.32
C ALA A 734 -18.14 21.57 52.00
N LEU A 735 -17.39 20.45 51.97
CA LEU A 735 -17.28 19.68 50.74
C LEU A 735 -18.65 19.15 50.32
N LEU A 736 -19.44 18.63 51.26
CA LEU A 736 -20.76 18.13 50.93
C LEU A 736 -21.67 19.24 50.42
N ARG A 737 -21.63 20.41 51.09
CA ARG A 737 -22.52 21.51 50.71
C ARG A 737 -22.17 22.03 49.31
N GLU A 738 -20.89 22.12 49.00
CA GLU A 738 -20.49 22.60 47.67
C GLU A 738 -21.07 21.73 46.56
N GLU A 739 -21.31 20.46 46.85
CA GLU A 739 -21.92 19.53 45.89
C GLU A 739 -23.43 19.50 46.06
N GLY A 740 -24.06 20.69 46.00
CA GLY A 740 -25.49 20.81 46.20
C GLY A 740 -26.29 20.62 44.94
N ALA A 741 -26.38 19.39 44.45
CA ALA A 741 -27.17 19.12 43.25
C ALA A 741 -28.66 19.22 43.53
N SER A 742 -29.42 19.52 42.49
CA SER A 742 -30.87 19.68 42.61
C SER A 742 -31.53 19.20 41.33
N PRO A 743 -31.67 17.87 41.17
CA PRO A 743 -32.27 17.27 39.96
C PRO A 743 -33.61 17.93 39.57
N SER B 210 -5.14 -46.30 -38.06
CA SER B 210 -5.51 -44.90 -38.06
C SER B 210 -4.97 -44.21 -36.80
N ILE B 211 -5.20 -42.89 -36.71
CA ILE B 211 -4.74 -42.14 -35.54
C ILE B 211 -5.46 -42.61 -34.28
N ILE B 212 -6.73 -42.97 -34.40
CA ILE B 212 -7.49 -43.45 -33.26
C ILE B 212 -7.15 -44.91 -32.98
N ASN B 213 -7.48 -45.36 -31.77
CA ASN B 213 -7.26 -46.74 -31.41
C ASN B 213 -8.13 -47.66 -32.26
N PRO B 214 -7.67 -48.86 -32.58
CA PRO B 214 -8.47 -49.76 -33.42
C PRO B 214 -9.82 -50.11 -32.81
N ASP B 215 -9.89 -50.25 -31.49
CA ASP B 215 -11.10 -50.65 -30.79
C ASP B 215 -11.47 -49.57 -29.79
N TRP B 216 -12.62 -48.93 -30.01
CA TRP B 216 -13.13 -47.91 -29.09
C TRP B 216 -14.58 -47.63 -29.44
N ASN B 217 -15.44 -47.66 -28.42
CA ASN B 217 -16.86 -47.35 -28.58
C ASN B 217 -17.26 -46.40 -27.45
N PHE B 218 -18.22 -45.51 -27.74
CA PHE B 218 -18.56 -44.46 -26.80
C PHE B 218 -19.11 -45.04 -25.50
N GLU B 219 -19.94 -46.09 -25.61
CA GLU B 219 -20.57 -46.64 -24.42
C GLU B 219 -19.56 -47.14 -23.40
N LYS B 220 -18.37 -47.53 -23.84
CA LYS B 220 -17.36 -48.05 -22.92
C LYS B 220 -16.70 -46.93 -22.13
N MET B 221 -16.67 -45.72 -22.69
CA MET B 221 -15.93 -44.60 -22.07
C MET B 221 -16.41 -44.36 -20.65
N GLY B 222 -17.71 -44.51 -20.40
CA GLY B 222 -18.25 -44.32 -19.08
C GLY B 222 -18.76 -42.93 -18.77
N ILE B 223 -18.80 -42.04 -19.75
CA ILE B 223 -19.33 -40.70 -19.57
C ILE B 223 -20.82 -40.73 -19.92
N GLY B 224 -21.66 -40.36 -18.94
CA GLY B 224 -23.09 -40.39 -19.14
C GLY B 224 -23.75 -39.04 -18.95
N GLY B 225 -24.40 -38.54 -19.99
CA GLY B 225 -25.07 -37.25 -19.92
C GLY B 225 -24.57 -36.28 -20.97
N LEU B 226 -23.26 -36.31 -21.24
CA LEU B 226 -22.65 -35.43 -22.24
C LEU B 226 -22.67 -36.16 -23.57
N ASP B 227 -23.71 -35.92 -24.35
CA ASP B 227 -23.85 -36.51 -25.68
C ASP B 227 -23.70 -35.51 -26.81
N LYS B 228 -24.37 -34.35 -26.72
CA LYS B 228 -24.23 -33.33 -27.75
C LYS B 228 -22.90 -32.58 -27.66
N GLU B 229 -22.41 -32.32 -26.44
CA GLU B 229 -21.13 -31.66 -26.31
C GLU B 229 -20.01 -32.49 -26.95
N PHE B 230 -20.03 -33.81 -26.71
CA PHE B 230 -19.02 -34.67 -27.30
C PHE B 230 -19.13 -34.66 -28.82
N SER B 231 -20.35 -34.69 -29.34
CA SER B 231 -20.54 -34.68 -30.79
C SER B 231 -19.98 -33.39 -31.40
N ASP B 232 -20.28 -32.25 -30.79
CA ASP B 232 -19.78 -30.99 -31.30
C ASP B 232 -18.27 -30.92 -31.22
N ILE B 233 -17.69 -31.36 -30.10
CA ILE B 233 -16.24 -31.33 -29.95
C ILE B 233 -15.59 -32.21 -31.03
N PHE B 234 -16.16 -33.39 -31.25
CA PHE B 234 -15.63 -34.25 -32.31
C PHE B 234 -15.70 -33.57 -33.66
N ARG B 235 -16.88 -33.07 -34.03
CA ARG B 235 -17.03 -32.43 -35.33
C ARG B 235 -16.02 -31.31 -35.53
N ARG B 236 -15.80 -30.50 -34.50
CA ARG B 236 -14.92 -29.34 -34.64
C ARG B 236 -13.45 -29.73 -34.64
N ALA B 237 -12.99 -30.37 -33.57
CA ALA B 237 -11.55 -30.57 -33.37
C ALA B 237 -11.05 -31.93 -33.84
N PHE B 238 -11.88 -32.75 -34.49
CA PHE B 238 -11.41 -34.07 -34.91
C PHE B 238 -11.93 -34.50 -36.28
N ALA B 239 -12.67 -33.65 -37.00
CA ALA B 239 -13.18 -34.05 -38.30
C ALA B 239 -12.05 -34.26 -39.31
N SER B 240 -11.03 -33.40 -39.27
CA SER B 240 -9.98 -33.41 -40.27
C SER B 240 -8.81 -34.33 -39.91
N ARG B 241 -8.86 -35.01 -38.76
CA ARG B 241 -7.82 -35.95 -38.38
C ARG B 241 -8.17 -37.38 -38.73
N VAL B 242 -9.35 -37.63 -39.29
CA VAL B 242 -9.75 -38.97 -39.70
C VAL B 242 -9.99 -39.09 -41.19
N PHE B 243 -10.18 -37.99 -41.91
CA PHE B 243 -10.37 -38.05 -43.35
C PHE B 243 -9.07 -38.52 -44.01
N PRO B 244 -9.15 -39.15 -45.18
CA PRO B 244 -7.94 -39.61 -45.86
C PRO B 244 -6.96 -38.47 -46.08
N PRO B 245 -5.66 -38.69 -45.86
CA PRO B 245 -4.70 -37.58 -45.95
C PRO B 245 -4.71 -36.85 -47.28
N GLU B 246 -4.99 -37.56 -48.39
CA GLU B 246 -4.91 -36.92 -49.70
C GLU B 246 -5.88 -35.77 -49.82
N ILE B 247 -7.13 -35.98 -49.41
CA ILE B 247 -8.14 -34.94 -49.53
C ILE B 247 -7.78 -33.74 -48.65
N VAL B 248 -7.35 -34.00 -47.42
CA VAL B 248 -7.00 -32.91 -46.51
C VAL B 248 -5.83 -32.11 -47.07
N GLU B 249 -4.82 -32.81 -47.63
CA GLU B 249 -3.70 -32.11 -48.24
C GLU B 249 -4.16 -31.27 -49.43
N GLN B 250 -5.08 -31.81 -50.24
CA GLN B 250 -5.58 -31.05 -51.38
C GLN B 250 -6.31 -29.80 -50.93
N MET B 251 -7.12 -29.90 -49.87
CA MET B 251 -7.81 -28.72 -49.36
C MET B 251 -6.84 -27.69 -48.81
N GLY B 252 -5.80 -28.15 -48.08
CA GLY B 252 -4.80 -27.25 -47.56
C GLY B 252 -5.16 -26.60 -46.24
N CYS B 253 -6.09 -27.19 -45.48
CA CYS B 253 -6.50 -26.61 -44.21
C CYS B 253 -5.52 -26.98 -43.11
N LYS B 254 -5.71 -26.35 -41.94
CA LYS B 254 -4.89 -26.60 -40.77
C LYS B 254 -5.78 -27.05 -39.61
N HIS B 255 -5.24 -27.95 -38.79
CA HIS B 255 -6.01 -28.53 -37.70
C HIS B 255 -6.13 -27.54 -36.54
N VAL B 256 -7.23 -27.69 -35.78
CA VAL B 256 -7.43 -26.88 -34.60
C VAL B 256 -6.47 -27.32 -33.51
N LYS B 257 -5.98 -26.37 -32.72
CA LYS B 257 -4.96 -26.63 -31.70
C LYS B 257 -5.34 -25.99 -30.38
N GLY B 258 -6.58 -26.19 -29.94
CA GLY B 258 -7.00 -25.66 -28.66
C GLY B 258 -8.44 -25.96 -28.31
N ILE B 259 -8.69 -26.27 -27.04
CA ILE B 259 -10.04 -26.52 -26.54
C ILE B 259 -10.12 -25.97 -25.12
N LEU B 260 -11.27 -25.40 -24.76
CA LEU B 260 -11.52 -24.90 -23.43
C LEU B 260 -12.85 -25.46 -22.93
N LEU B 261 -12.88 -25.91 -21.67
CA LEU B 261 -14.08 -26.44 -21.05
C LEU B 261 -14.34 -25.70 -19.75
N TYR B 262 -15.60 -25.35 -19.50
CA TYR B 262 -15.93 -24.63 -18.28
C TYR B 262 -17.33 -24.99 -17.82
N GLY B 263 -17.60 -24.77 -16.53
CA GLY B 263 -18.87 -25.07 -15.94
C GLY B 263 -18.77 -25.24 -14.44
N PRO B 264 -19.89 -25.54 -13.77
CA PRO B 264 -19.85 -25.72 -12.33
C PRO B 264 -19.01 -26.93 -11.96
N PRO B 265 -18.41 -26.93 -10.77
CA PRO B 265 -17.52 -28.03 -10.39
C PRO B 265 -18.26 -29.35 -10.24
N GLY B 266 -17.54 -30.43 -10.49
CA GLY B 266 -18.05 -31.77 -10.25
C GLY B 266 -18.91 -32.35 -11.36
N CYS B 267 -18.97 -31.71 -12.52
CA CYS B 267 -19.86 -32.13 -13.59
C CYS B 267 -19.16 -32.97 -14.65
N GLY B 268 -17.90 -33.34 -14.44
CA GLY B 268 -17.23 -34.26 -15.34
C GLY B 268 -16.40 -33.60 -16.43
N LYS B 269 -15.51 -32.68 -16.04
CA LYS B 269 -14.58 -32.06 -16.98
C LYS B 269 -13.28 -32.83 -17.07
N THR B 270 -12.67 -33.16 -15.92
CA THR B 270 -11.43 -33.92 -15.93
C THR B 270 -11.63 -35.29 -16.55
N LEU B 271 -12.76 -35.94 -16.25
CA LEU B 271 -13.05 -37.24 -16.82
C LEU B 271 -13.04 -37.19 -18.36
N LEU B 272 -13.72 -36.19 -18.92
CA LEU B 272 -13.81 -36.09 -20.38
C LEU B 272 -12.44 -35.85 -21.00
N ALA B 273 -11.65 -34.95 -20.41
CA ALA B 273 -10.32 -34.67 -20.95
C ALA B 273 -9.43 -35.90 -20.88
N ARG B 274 -9.44 -36.60 -19.75
CA ARG B 274 -8.62 -37.81 -19.62
C ARG B 274 -9.04 -38.87 -20.61
N GLN B 275 -10.35 -39.04 -20.81
CA GLN B 275 -10.82 -40.07 -21.73
C GLN B 275 -10.50 -39.69 -23.18
N ILE B 276 -10.55 -38.41 -23.52
CA ILE B 276 -10.14 -37.98 -24.85
C ILE B 276 -8.65 -38.24 -25.03
N GLY B 277 -7.86 -37.98 -23.99
CA GLY B 277 -6.42 -38.19 -24.09
C GLY B 277 -6.06 -39.66 -24.30
N LYS B 278 -6.70 -40.55 -23.55
CA LYS B 278 -6.37 -41.98 -23.64
C LYS B 278 -7.16 -42.69 -24.73
N MET B 279 -8.12 -42.04 -25.37
CA MET B 279 -8.87 -42.66 -26.45
C MET B 279 -8.03 -42.73 -27.72
N LEU B 280 -7.29 -41.67 -28.03
CA LEU B 280 -6.48 -41.63 -29.23
C LEU B 280 -5.28 -42.57 -29.10
N ASN B 281 -4.70 -42.91 -30.26
CA ASN B 281 -3.44 -43.64 -30.27
C ASN B 281 -2.24 -42.73 -30.09
N ALA B 282 -2.48 -41.48 -29.68
CA ALA B 282 -1.40 -40.52 -29.48
C ALA B 282 -0.53 -40.95 -28.30
N ARG B 283 0.54 -40.19 -28.06
CA ARG B 283 1.44 -40.49 -26.97
C ARG B 283 0.77 -40.15 -25.64
N GLU B 284 1.29 -40.73 -24.56
CA GLU B 284 0.68 -40.52 -23.26
C GLU B 284 0.68 -39.04 -22.93
N PRO B 285 -0.47 -38.45 -22.60
CA PRO B 285 -0.53 -36.99 -22.44
C PRO B 285 0.27 -36.51 -21.25
N LYS B 286 0.77 -35.28 -21.37
CA LYS B 286 1.39 -34.57 -20.26
C LYS B 286 0.32 -33.87 -19.43
N VAL B 287 0.61 -33.69 -18.15
CA VAL B 287 -0.33 -33.08 -17.22
C VAL B 287 0.39 -31.96 -16.49
N VAL B 288 -0.23 -30.77 -16.47
CA VAL B 288 0.32 -29.60 -15.78
C VAL B 288 -0.71 -29.22 -14.72
N ASN B 289 -0.48 -29.66 -13.48
CA ASN B 289 -1.44 -29.46 -12.39
C ASN B 289 -1.29 -28.05 -11.80
N GLY B 290 -1.53 -27.06 -12.65
CA GLY B 290 -1.59 -25.68 -12.22
C GLY B 290 -0.25 -25.12 -11.77
N PRO B 291 -0.12 -24.79 -10.45
CA PRO B 291 1.06 -24.08 -9.96
C PRO B 291 2.27 -24.97 -9.68
N GLU B 292 2.61 -25.83 -10.65
CA GLU B 292 3.81 -26.65 -10.57
C GLU B 292 5.01 -26.03 -11.29
N ILE B 293 4.85 -24.81 -11.82
CA ILE B 293 5.91 -24.18 -12.61
C ILE B 293 6.53 -22.98 -11.90
N LEU B 294 5.78 -22.30 -11.02
CA LEU B 294 6.29 -21.10 -10.38
C LEU B 294 7.56 -21.41 -9.61
N ASN B 295 8.52 -20.49 -9.67
CA ASN B 295 9.79 -20.65 -8.98
C ASN B 295 10.29 -19.28 -8.55
N LYS B 296 11.21 -19.28 -7.58
CA LYS B 296 11.68 -18.02 -6.99
C LYS B 296 12.79 -17.38 -7.82
N TYR B 297 13.65 -18.18 -8.41
CA TYR B 297 14.78 -17.63 -9.16
C TYR B 297 14.31 -16.93 -10.43
N VAL B 298 15.13 -16.00 -10.90
CA VAL B 298 14.77 -15.21 -12.08
C VAL B 298 14.88 -16.07 -13.32
N GLY B 299 13.85 -16.02 -14.17
CA GLY B 299 13.86 -16.76 -15.42
C GLY B 299 13.84 -18.26 -15.26
N GLU B 300 13.02 -18.78 -14.36
CA GLU B 300 12.86 -20.22 -14.17
C GLU B 300 11.51 -20.74 -14.60
N SER B 301 10.44 -19.96 -14.41
CA SER B 301 9.13 -20.37 -14.90
C SER B 301 9.12 -20.48 -16.42
N GLU B 302 9.84 -19.59 -17.09
CA GLU B 302 9.91 -19.63 -18.56
C GLU B 302 10.51 -20.96 -19.03
N ALA B 303 11.56 -21.43 -18.35
CA ALA B 303 12.15 -22.71 -18.73
C ALA B 303 11.14 -23.84 -18.55
N ASN B 304 10.38 -23.82 -17.46
CA ASN B 304 9.37 -24.84 -17.24
C ASN B 304 8.32 -24.83 -18.34
N ILE B 305 7.88 -23.64 -18.75
CA ILE B 305 6.89 -23.54 -19.82
C ILE B 305 7.48 -24.06 -21.13
N ARG B 306 8.74 -23.71 -21.41
CA ARG B 306 9.34 -24.11 -22.68
C ARG B 306 9.63 -25.60 -22.73
N LYS B 307 9.80 -26.25 -21.58
CA LYS B 307 10.13 -27.67 -21.56
C LYS B 307 9.01 -28.54 -22.13
N LEU B 308 7.79 -28.01 -22.26
CA LEU B 308 6.66 -28.84 -22.67
C LEU B 308 6.71 -29.16 -24.16
N PHE B 309 7.20 -28.24 -24.99
CA PHE B 309 7.13 -28.37 -26.44
C PHE B 309 8.41 -28.91 -27.05
N ALA B 310 9.37 -29.36 -26.23
CA ALA B 310 10.65 -29.83 -26.76
C ALA B 310 10.46 -31.06 -27.64
N ASP B 311 9.71 -32.05 -27.15
CA ASP B 311 9.50 -33.26 -27.93
C ASP B 311 8.73 -32.97 -29.21
N ALA B 312 7.72 -32.08 -29.12
CA ALA B 312 6.95 -31.72 -30.30
C ALA B 312 7.84 -31.09 -31.36
N GLU B 313 8.68 -30.14 -30.95
CA GLU B 313 9.59 -29.50 -31.89
C GLU B 313 10.56 -30.50 -32.50
N GLU B 314 11.11 -31.39 -31.68
CA GLU B 314 12.06 -32.38 -32.18
C GLU B 314 11.41 -33.27 -33.22
N GLU B 315 10.21 -33.77 -32.92
CA GLU B 315 9.52 -34.65 -33.87
C GLU B 315 9.15 -33.89 -35.14
N GLN B 316 8.72 -32.64 -35.01
CA GLN B 316 8.37 -31.86 -36.19
C GLN B 316 9.59 -31.65 -37.09
N ARG B 317 10.76 -31.41 -36.49
CA ARG B 317 11.96 -31.22 -37.29
C ARG B 317 12.41 -32.52 -37.93
N ARG B 318 12.46 -33.60 -37.16
CA ARG B 318 12.94 -34.87 -37.68
C ARG B 318 12.06 -35.37 -38.82
N LEU B 319 10.80 -35.68 -38.53
CA LEU B 319 9.85 -36.11 -39.54
C LEU B 319 9.08 -34.90 -40.06
N GLY B 320 8.03 -35.15 -40.84
CA GLY B 320 7.18 -34.08 -41.33
C GLY B 320 5.92 -34.63 -41.97
N ALA B 321 4.76 -34.10 -41.56
CA ALA B 321 3.47 -34.58 -42.04
C ALA B 321 3.24 -36.05 -41.72
N ASN B 322 4.04 -36.62 -40.81
CA ASN B 322 3.87 -38.01 -40.40
C ASN B 322 3.99 -38.21 -38.90
N SER B 323 4.29 -37.16 -38.13
CA SER B 323 4.46 -37.31 -36.70
C SER B 323 3.11 -37.51 -36.01
N GLY B 324 3.15 -38.16 -34.85
CA GLY B 324 1.95 -38.39 -34.08
C GLY B 324 1.53 -37.16 -33.30
N LEU B 325 0.28 -37.21 -32.81
CA LEU B 325 -0.29 -36.10 -32.07
C LEU B 325 0.29 -36.04 -30.65
N HIS B 326 0.50 -34.81 -30.17
CA HIS B 326 0.94 -34.56 -28.80
C HIS B 326 -0.16 -33.79 -28.08
N ILE B 327 -0.47 -34.23 -26.85
CA ILE B 327 -1.57 -33.67 -26.09
C ILE B 327 -1.03 -33.11 -24.78
N ILE B 328 -1.48 -31.91 -24.43
CA ILE B 328 -1.11 -31.25 -23.17
C ILE B 328 -2.39 -30.86 -22.45
N ILE B 329 -2.47 -31.20 -21.16
CA ILE B 329 -3.64 -30.90 -20.34
C ILE B 329 -3.24 -29.84 -19.33
N PHE B 330 -4.00 -28.75 -19.28
N PHE B 330 -3.99 -28.74 -19.30
CA PHE B 330 -3.69 -27.59 -18.44
CA PHE B 330 -3.69 -27.58 -18.45
C PHE B 330 -4.78 -27.47 -17.39
C PHE B 330 -4.79 -27.47 -17.39
N ASP B 331 -4.53 -28.03 -16.22
CA ASP B 331 -5.48 -27.95 -15.12
C ASP B 331 -5.49 -26.54 -14.54
N GLU B 332 -6.67 -25.97 -14.37
CA GLU B 332 -6.84 -24.65 -13.76
C GLU B 332 -5.99 -23.60 -14.48
N ILE B 333 -6.33 -23.37 -15.74
CA ILE B 333 -5.61 -22.40 -16.56
C ILE B 333 -5.71 -21.00 -15.97
N ASP B 334 -6.69 -20.75 -15.11
CA ASP B 334 -6.88 -19.41 -14.55
C ASP B 334 -5.84 -19.07 -13.49
N ALA B 335 -5.10 -20.06 -12.99
CA ALA B 335 -4.16 -19.79 -11.90
C ALA B 335 -3.03 -18.87 -12.35
N ILE B 336 -2.51 -19.09 -13.56
CA ILE B 336 -1.32 -18.39 -14.04
C ILE B 336 -1.62 -17.49 -15.21
N CYS B 337 -2.47 -17.92 -16.14
CA CYS B 337 -2.73 -17.19 -17.37
C CYS B 337 -3.76 -16.09 -17.15
N LYS B 338 -3.40 -15.14 -16.30
CA LYS B 338 -4.24 -13.99 -16.02
C LYS B 338 -4.01 -12.89 -17.04
N GLN B 339 -4.77 -11.81 -16.92
CA GLN B 339 -4.63 -10.69 -17.85
C GLN B 339 -3.27 -10.04 -17.68
N ARG B 340 -2.73 -9.53 -18.80
CA ARG B 340 -1.38 -8.94 -18.83
C ARG B 340 -1.52 -7.46 -18.53
N GLY B 341 -2.17 -7.09 -17.42
CA GLY B 341 -2.31 -5.69 -17.10
C GLY B 341 -2.96 -4.92 -18.24
N SER B 342 -3.28 -3.66 -17.97
CA SER B 342 -3.83 -2.80 -19.01
C SER B 342 -2.76 -1.93 -19.66
N MET B 343 -2.15 -1.04 -18.87
CA MET B 343 -1.12 -0.14 -19.37
C MET B 343 -0.04 0.15 -18.34
N ALA B 344 -0.20 -0.32 -17.10
CA ALA B 344 0.72 0.03 -16.04
C ALA B 344 0.64 -1.02 -14.93
N GLY B 345 1.59 -0.94 -14.00
CA GLY B 345 1.68 -1.91 -12.93
C GLY B 345 2.45 -3.15 -13.36
N SER B 346 2.86 -3.93 -12.37
CA SER B 346 3.61 -5.15 -12.57
C SER B 346 2.85 -6.33 -11.99
N THR B 347 2.77 -7.42 -12.76
CA THR B 347 2.13 -8.64 -12.30
C THR B 347 3.15 -9.65 -11.78
N GLY B 348 4.38 -9.22 -11.56
CA GLY B 348 5.42 -10.13 -11.10
C GLY B 348 5.76 -11.13 -12.18
N VAL B 349 5.77 -12.42 -11.79
CA VAL B 349 6.04 -13.48 -12.75
C VAL B 349 4.82 -13.86 -13.57
N HIS B 350 3.64 -13.32 -13.24
CA HIS B 350 2.43 -13.64 -13.97
C HIS B 350 2.30 -12.88 -15.29
N ASP B 351 3.19 -11.92 -15.56
CA ASP B 351 3.19 -11.22 -16.84
C ASP B 351 4.25 -11.72 -17.79
N THR B 352 5.33 -12.31 -17.29
CA THR B 352 6.37 -12.88 -18.13
C THR B 352 6.11 -14.33 -18.50
N VAL B 353 5.07 -14.94 -17.94
CA VAL B 353 4.70 -16.31 -18.29
C VAL B 353 3.69 -16.33 -19.43
N VAL B 354 2.74 -15.40 -19.42
CA VAL B 354 1.77 -15.34 -20.51
C VAL B 354 2.46 -15.03 -21.83
N ASN B 355 3.43 -14.11 -21.81
CA ASN B 355 4.16 -13.80 -23.04
C ASN B 355 4.91 -15.00 -23.57
N GLN B 356 5.53 -15.78 -22.69
CA GLN B 356 6.24 -16.98 -23.12
C GLN B 356 5.30 -18.09 -23.58
N LEU B 357 4.05 -18.07 -23.12
CA LEU B 357 3.09 -19.07 -23.54
C LEU B 357 2.47 -18.73 -24.89
N LEU B 358 2.19 -17.45 -25.13
CA LEU B 358 1.61 -17.02 -26.39
C LEU B 358 2.58 -17.07 -27.56
N SER B 359 3.88 -17.07 -27.30
CA SER B 359 4.88 -17.08 -28.35
C SER B 359 5.27 -18.49 -28.79
N LYS B 360 4.76 -19.52 -28.13
CA LYS B 360 5.01 -20.91 -28.50
C LYS B 360 3.85 -21.54 -29.24
N ILE B 361 2.62 -21.22 -28.85
CA ILE B 361 1.46 -21.81 -29.53
C ILE B 361 1.39 -21.34 -30.97
N ASP B 362 1.59 -20.04 -31.21
CA ASP B 362 1.52 -19.46 -32.55
C ASP B 362 2.62 -18.40 -32.67
N GLY B 363 3.77 -18.81 -33.22
CA GLY B 363 4.90 -17.91 -33.37
C GLY B 363 5.45 -17.91 -34.78
N VAL B 364 6.74 -17.56 -34.91
CA VAL B 364 7.36 -17.54 -36.23
C VAL B 364 7.52 -18.96 -36.77
N GLU B 365 7.91 -19.89 -35.92
CA GLU B 365 8.02 -21.29 -36.30
C GLU B 365 6.67 -22.00 -36.11
N GLN B 366 6.32 -22.85 -37.06
CA GLN B 366 4.99 -23.44 -37.13
C GLN B 366 5.01 -24.87 -36.61
N LEU B 367 4.04 -25.20 -35.76
CA LEU B 367 3.79 -26.56 -35.30
C LEU B 367 2.42 -27.00 -35.79
N ASN B 368 2.32 -28.27 -36.17
CA ASN B 368 1.05 -28.80 -36.67
C ASN B 368 0.74 -30.19 -36.11
N ASN B 369 1.32 -30.56 -34.97
CA ASN B 369 1.09 -31.86 -34.36
C ASN B 369 0.93 -31.72 -32.85
N ILE B 370 0.17 -30.72 -32.41
CA ILE B 370 -0.04 -30.47 -30.98
C ILE B 370 -1.51 -30.16 -30.73
N LEU B 371 -1.91 -30.31 -29.47
CA LEU B 371 -3.28 -30.03 -29.05
C LEU B 371 -3.26 -29.69 -27.56
N VAL B 372 -3.95 -28.61 -27.19
CA VAL B 372 -3.95 -28.10 -25.82
C VAL B 372 -5.39 -28.06 -25.32
N ILE B 373 -5.61 -28.58 -24.13
CA ILE B 373 -6.93 -28.63 -23.50
C ILE B 373 -6.86 -27.89 -22.18
N GLY B 374 -7.75 -26.93 -21.99
CA GLY B 374 -7.80 -26.15 -20.76
C GLY B 374 -9.13 -26.31 -20.07
N MET B 375 -9.09 -26.31 -18.73
CA MET B 375 -10.28 -26.47 -17.91
C MET B 375 -10.29 -25.38 -16.85
N THR B 376 -11.39 -24.64 -16.75
CA THR B 376 -11.49 -23.54 -15.81
C THR B 376 -12.95 -23.37 -15.40
N ASN B 377 -13.13 -22.90 -14.16
CA ASN B 377 -14.47 -22.67 -13.61
C ASN B 377 -14.93 -21.24 -13.85
N ARG B 378 -14.00 -20.27 -13.78
CA ARG B 378 -14.31 -18.87 -14.00
C ARG B 378 -13.79 -18.47 -15.38
N PRO B 379 -14.63 -18.45 -16.42
CA PRO B 379 -14.14 -18.22 -17.78
C PRO B 379 -13.96 -16.76 -18.18
N ASP B 380 -14.15 -15.81 -17.27
CA ASP B 380 -14.07 -14.39 -17.59
C ASP B 380 -12.81 -13.73 -17.05
N LEU B 381 -11.85 -14.51 -16.57
CA LEU B 381 -10.59 -13.97 -16.07
C LEU B 381 -9.40 -14.45 -16.88
N ILE B 382 -9.63 -14.99 -18.07
CA ILE B 382 -8.55 -15.48 -18.93
C ILE B 382 -8.15 -14.35 -19.87
N ASP B 383 -6.85 -14.30 -20.20
CA ASP B 383 -6.34 -13.28 -21.09
C ASP B 383 -7.06 -13.36 -22.44
N GLU B 384 -7.50 -12.21 -22.95
CA GLU B 384 -8.30 -12.19 -24.17
C GLU B 384 -7.48 -12.64 -25.37
N ALA B 385 -6.21 -12.21 -25.44
CA ALA B 385 -5.38 -12.57 -26.58
C ALA B 385 -5.15 -14.07 -26.68
N LEU B 386 -5.38 -14.80 -25.59
CA LEU B 386 -5.21 -16.25 -25.58
C LEU B 386 -6.44 -16.99 -26.13
N LEU B 387 -7.57 -16.31 -26.30
CA LEU B 387 -8.81 -16.95 -26.71
C LEU B 387 -9.19 -16.62 -28.15
N ARG B 388 -8.32 -15.96 -28.91
CA ARG B 388 -8.61 -15.66 -30.30
C ARG B 388 -8.50 -16.91 -31.15
N PRO B 389 -9.12 -16.92 -32.33
CA PRO B 389 -8.96 -18.08 -33.23
C PRO B 389 -7.50 -18.31 -33.56
N GLY B 390 -7.12 -19.58 -33.66
CA GLY B 390 -5.73 -19.97 -33.77
C GLY B 390 -5.11 -20.44 -32.48
N ARG B 391 -5.79 -20.26 -31.35
CA ARG B 391 -5.30 -20.73 -30.06
C ARG B 391 -6.44 -20.76 -29.06
N LEU B 392 -6.75 -21.93 -28.49
CA LEU B 392 -7.88 -22.10 -27.60
C LEU B 392 -9.17 -21.56 -28.25
N GLU B 393 -9.42 -22.03 -29.46
CA GLU B 393 -10.55 -21.53 -30.25
C GLU B 393 -11.87 -22.04 -29.70
N VAL B 394 -12.06 -23.36 -29.69
CA VAL B 394 -13.33 -23.96 -29.31
C VAL B 394 -13.51 -23.91 -27.80
N LYS B 395 -14.70 -23.54 -27.36
CA LYS B 395 -15.04 -23.47 -25.95
C LYS B 395 -16.40 -24.14 -25.70
N MET B 396 -16.50 -24.88 -24.61
CA MET B 396 -17.71 -25.64 -24.31
C MET B 396 -18.07 -25.47 -22.84
N GLU B 397 -19.36 -25.60 -22.56
CA GLU B 397 -19.91 -25.47 -21.21
C GLU B 397 -20.50 -26.80 -20.78
N ILE B 398 -20.06 -27.30 -19.62
CA ILE B 398 -20.57 -28.53 -19.04
C ILE B 398 -21.41 -28.15 -17.83
N GLY B 399 -22.71 -28.42 -17.90
CA GLY B 399 -23.65 -28.02 -16.88
C GLY B 399 -24.27 -29.18 -16.14
N LEU B 400 -25.17 -28.84 -15.23
CA LEU B 400 -25.84 -29.85 -14.42
C LEU B 400 -26.68 -30.76 -15.31
N PRO B 401 -26.80 -32.04 -14.96
CA PRO B 401 -27.55 -32.97 -15.81
C PRO B 401 -29.06 -32.87 -15.59
N ASP B 402 -29.79 -33.44 -16.53
CA ASP B 402 -31.24 -33.56 -16.45
C ASP B 402 -31.58 -34.99 -16.03
N GLU B 403 -32.87 -35.34 -16.09
CA GLU B 403 -33.31 -36.64 -15.59
C GLU B 403 -32.63 -37.78 -16.34
N LYS B 404 -32.53 -37.67 -17.66
CA LYS B 404 -31.88 -38.72 -18.43
C LYS B 404 -30.42 -38.87 -18.04
N GLY B 405 -29.73 -37.74 -17.81
CA GLY B 405 -28.34 -37.81 -17.38
C GLY B 405 -28.20 -38.53 -16.04
N ARG B 406 -29.09 -38.22 -15.10
CA ARG B 406 -29.02 -38.90 -13.80
C ARG B 406 -29.29 -40.39 -13.95
N LEU B 407 -30.25 -40.76 -14.80
CA LEU B 407 -30.52 -42.17 -15.03
C LEU B 407 -29.29 -42.88 -15.60
N GLN B 408 -28.66 -42.26 -16.59
CA GLN B 408 -27.46 -42.86 -17.19
C GLN B 408 -26.33 -42.98 -16.18
N ILE B 409 -26.12 -41.95 -15.36
CA ILE B 409 -25.05 -42.00 -14.38
C ILE B 409 -25.30 -43.11 -13.36
N LEU B 410 -26.54 -43.24 -12.89
CA LEU B 410 -26.85 -44.30 -11.94
C LEU B 410 -26.64 -45.67 -12.57
N HIS B 411 -27.04 -45.84 -13.83
CA HIS B 411 -26.78 -47.11 -14.51
C HIS B 411 -25.29 -47.40 -14.57
N ILE B 412 -24.49 -46.40 -14.95
CA ILE B 412 -23.05 -46.61 -15.10
C ILE B 412 -22.43 -47.00 -13.77
N HIS B 413 -22.89 -46.38 -12.68
CA HIS B 413 -22.28 -46.62 -11.38
C HIS B 413 -22.87 -47.82 -10.63
N THR B 414 -23.97 -48.40 -11.10
CA THR B 414 -24.51 -49.61 -10.49
C THR B 414 -24.37 -50.84 -11.39
N ALA B 415 -23.80 -50.70 -12.58
CA ALA B 415 -23.62 -51.86 -13.46
C ALA B 415 -22.82 -52.97 -12.78
N ARG B 416 -21.69 -52.61 -12.14
CA ARG B 416 -20.85 -53.64 -11.55
C ARG B 416 -21.58 -54.41 -10.46
N MET B 417 -22.29 -53.70 -9.58
CA MET B 417 -23.07 -54.39 -8.55
C MET B 417 -24.13 -55.28 -9.18
N ARG B 418 -24.82 -54.78 -10.22
CA ARG B 418 -25.83 -55.59 -10.87
C ARG B 418 -25.23 -56.85 -11.47
N GLY B 419 -23.96 -56.80 -11.87
CA GLY B 419 -23.36 -57.94 -12.55
C GLY B 419 -23.32 -59.19 -11.69
N HIS B 420 -22.88 -59.04 -10.44
CA HIS B 420 -22.67 -60.18 -9.55
C HIS B 420 -23.91 -60.52 -8.71
N GLN B 421 -25.09 -60.08 -9.13
CA GLN B 421 -26.33 -60.35 -8.40
C GLN B 421 -26.23 -59.88 -6.95
N LEU B 422 -25.55 -58.77 -6.74
CA LEU B 422 -25.38 -58.18 -5.41
C LEU B 422 -26.35 -57.05 -5.15
N LEU B 423 -27.24 -56.73 -6.10
CA LEU B 423 -28.20 -55.65 -5.97
C LEU B 423 -29.60 -56.23 -5.84
N SER B 424 -30.31 -55.83 -4.79
CA SER B 424 -31.62 -56.38 -4.53
C SER B 424 -32.59 -56.02 -5.65
N ALA B 425 -33.56 -56.91 -5.88
CA ALA B 425 -34.56 -56.70 -6.91
C ALA B 425 -35.61 -55.66 -6.53
N ASP B 426 -35.66 -55.25 -5.26
CA ASP B 426 -36.64 -54.26 -4.84
C ASP B 426 -36.25 -52.85 -5.27
N VAL B 427 -34.96 -52.57 -5.42
CA VAL B 427 -34.52 -51.23 -5.75
C VAL B 427 -34.94 -50.87 -7.17
N ASP B 428 -35.34 -49.63 -7.37
CA ASP B 428 -35.68 -49.09 -8.68
C ASP B 428 -34.82 -47.85 -8.95
N ILE B 429 -34.33 -47.74 -10.18
CA ILE B 429 -33.43 -46.64 -10.52
C ILE B 429 -34.19 -45.43 -11.05
N LYS B 430 -35.33 -45.64 -11.71
CA LYS B 430 -36.11 -44.50 -12.20
C LYS B 430 -36.61 -43.64 -11.04
N GLU B 431 -37.04 -44.28 -9.96
CA GLU B 431 -37.45 -43.53 -8.78
C GLU B 431 -36.30 -42.69 -8.24
N LEU B 432 -35.10 -43.27 -8.19
CA LEU B 432 -33.94 -42.52 -7.71
C LEU B 432 -33.65 -41.34 -8.62
N ALA B 433 -33.74 -41.54 -9.94
CA ALA B 433 -33.52 -40.44 -10.87
C ALA B 433 -34.53 -39.32 -10.65
N VAL B 434 -35.80 -39.69 -10.41
CA VAL B 434 -36.83 -38.68 -10.17
C VAL B 434 -36.54 -37.92 -8.88
N GLU B 435 -36.18 -38.64 -7.81
CA GLU B 435 -36.07 -38.01 -6.51
C GLU B 435 -34.88 -37.07 -6.42
N THR B 436 -33.75 -37.44 -7.01
CA THR B 436 -32.53 -36.64 -6.92
C THR B 436 -32.64 -35.48 -7.90
N LYS B 437 -32.71 -34.26 -7.37
CA LYS B 437 -32.83 -33.05 -8.17
C LYS B 437 -31.65 -32.14 -7.87
N ASN B 438 -31.08 -31.56 -8.93
CA ASN B 438 -29.90 -30.71 -8.83
C ASN B 438 -28.71 -31.46 -8.25
N PHE B 439 -28.65 -32.76 -8.49
CA PHE B 439 -27.49 -33.57 -8.14
C PHE B 439 -26.53 -33.62 -9.32
N SER B 440 -25.24 -33.72 -9.02
CA SER B 440 -24.20 -33.86 -10.02
C SER B 440 -23.62 -35.28 -9.95
N GLY B 441 -22.64 -35.55 -10.81
CA GLY B 441 -22.07 -36.88 -10.86
C GLY B 441 -21.38 -37.28 -9.57
N ALA B 442 -20.58 -36.38 -9.01
CA ALA B 442 -19.84 -36.69 -7.79
C ALA B 442 -20.81 -37.01 -6.65
N GLU B 443 -21.89 -36.24 -6.52
CA GLU B 443 -22.83 -36.49 -5.44
C GLU B 443 -23.59 -37.80 -5.64
N LEU B 444 -23.89 -38.17 -6.90
CA LEU B 444 -24.53 -39.46 -7.14
C LEU B 444 -23.60 -40.62 -6.78
N GLU B 445 -22.32 -40.51 -7.16
CA GLU B 445 -21.37 -41.55 -6.76
C GLU B 445 -21.24 -41.62 -5.25
N GLY B 446 -21.22 -40.47 -4.58
CA GLY B 446 -21.18 -40.47 -3.13
C GLY B 446 -22.41 -41.12 -2.52
N LEU B 447 -23.57 -40.89 -3.12
CA LEU B 447 -24.80 -41.54 -2.65
C LEU B 447 -24.69 -43.05 -2.77
N VAL B 448 -24.20 -43.53 -3.91
CA VAL B 448 -24.05 -44.98 -4.09
C VAL B 448 -23.09 -45.54 -3.05
N ARG B 449 -21.96 -44.86 -2.84
N ARG B 449 -21.96 -44.86 -2.84
CA ARG B 449 -20.99 -45.32 -1.86
CA ARG B 449 -20.99 -45.32 -1.86
C ARG B 449 -21.58 -45.33 -0.46
C ARG B 449 -21.58 -45.33 -0.46
N ALA B 450 -22.36 -44.31 -0.10
CA ALA B 450 -22.98 -44.27 1.22
C ALA B 450 -23.96 -45.42 1.40
N ALA B 451 -24.75 -45.72 0.37
CA ALA B 451 -25.67 -46.85 0.45
C ALA B 451 -24.91 -48.16 0.65
N GLN B 452 -23.83 -48.35 -0.11
CA GLN B 452 -23.03 -49.56 0.04
C GLN B 452 -22.45 -49.66 1.45
N SER B 453 -21.94 -48.55 1.99
CA SER B 453 -21.36 -48.56 3.32
C SER B 453 -22.42 -48.88 4.38
N THR B 454 -23.62 -48.32 4.24
CA THR B 454 -24.69 -48.63 5.18
C THR B 454 -25.04 -50.10 5.13
N ALA B 455 -25.16 -50.66 3.93
CA ALA B 455 -25.47 -52.09 3.81
C ALA B 455 -24.38 -52.94 4.43
N MET B 456 -23.11 -52.57 4.21
CA MET B 456 -22.00 -53.30 4.82
C MET B 456 -22.07 -53.24 6.35
N ASN B 457 -22.35 -52.05 6.89
CA ASN B 457 -22.38 -51.89 8.33
C ASN B 457 -23.55 -52.62 8.95
N ARG B 458 -24.64 -52.81 8.21
CA ARG B 458 -25.77 -53.56 8.75
C ARG B 458 -25.39 -54.97 9.15
N HIS B 459 -24.32 -55.53 8.58
CA HIS B 459 -23.87 -56.88 8.87
C HIS B 459 -22.64 -56.93 9.76
N ILE B 460 -22.09 -55.79 10.17
CA ILE B 460 -20.90 -55.76 11.00
C ILE B 460 -21.31 -55.91 12.46
N LYS B 461 -22.60 -56.09 12.70
CA LYS B 461 -23.13 -56.25 14.05
C LYS B 461 -23.88 -57.55 14.26
N ALA B 462 -24.06 -58.37 13.21
CA ALA B 462 -24.86 -59.58 13.31
C ALA B 462 -24.13 -60.84 12.89
N SER B 463 -23.31 -60.79 11.83
CA SER B 463 -22.67 -61.97 11.28
C SER B 463 -21.17 -61.99 11.51
N THR B 464 -20.45 -60.98 11.05
CA THR B 464 -19.00 -60.94 11.27
C THR B 464 -18.65 -60.43 12.65
N LYS B 465 -19.58 -59.74 13.32
CA LYS B 465 -19.33 -59.28 14.69
C LYS B 465 -19.20 -60.46 15.64
N VAL B 466 -20.06 -61.48 15.47
CA VAL B 466 -20.05 -62.63 16.36
C VAL B 466 -19.22 -63.80 15.81
N GLU B 467 -18.53 -63.61 14.70
CA GLU B 467 -17.71 -64.67 14.09
C GLU B 467 -18.55 -65.91 13.79
N VAL B 468 -19.76 -65.69 13.30
CA VAL B 468 -20.66 -66.76 12.95
C VAL B 468 -20.57 -67.00 11.44
N ASP B 469 -21.15 -68.12 10.99
CA ASP B 469 -21.10 -68.50 9.58
C ASP B 469 -21.30 -67.30 8.67
N MET B 470 -20.39 -67.15 7.71
CA MET B 470 -20.46 -66.04 6.77
C MET B 470 -21.59 -66.17 5.77
N GLU B 471 -22.29 -67.31 5.74
CA GLU B 471 -23.42 -67.47 4.84
C GLU B 471 -24.40 -66.31 4.99
N LYS B 472 -24.71 -65.92 6.23
CA LYS B 472 -25.51 -64.73 6.44
C LYS B 472 -24.79 -63.49 5.92
N ALA B 473 -23.48 -63.38 6.19
CA ALA B 473 -22.70 -62.30 5.61
C ALA B 473 -22.56 -62.44 4.11
N GLU B 474 -22.71 -63.65 3.56
CA GLU B 474 -22.68 -63.85 2.13
C GLU B 474 -24.00 -63.50 1.46
N SER B 475 -25.07 -63.33 2.24
CA SER B 475 -26.34 -62.86 1.72
C SER B 475 -26.41 -61.33 1.69
N LEU B 476 -25.26 -60.66 1.73
CA LEU B 476 -25.24 -59.20 1.68
C LEU B 476 -25.98 -58.70 0.45
N GLN B 477 -26.98 -57.85 0.67
CA GLN B 477 -27.81 -57.34 -0.41
C GLN B 477 -28.26 -55.93 -0.06
N VAL B 478 -27.87 -54.96 -0.88
CA VAL B 478 -28.30 -53.59 -0.67
C VAL B 478 -29.77 -53.46 -1.08
N THR B 479 -30.58 -52.88 -0.21
CA THR B 479 -32.02 -52.78 -0.41
C THR B 479 -32.44 -51.32 -0.47
N ARG B 480 -33.68 -51.10 -0.91
CA ARG B 480 -34.21 -49.75 -1.02
C ARG B 480 -34.12 -49.00 0.30
N GLY B 481 -34.23 -49.72 1.43
CA GLY B 481 -34.09 -49.07 2.71
C GLY B 481 -32.73 -48.43 2.91
N ASP B 482 -31.68 -49.08 2.39
CA ASP B 482 -30.35 -48.50 2.48
C ASP B 482 -30.25 -47.21 1.69
N PHE B 483 -30.80 -47.20 0.47
CA PHE B 483 -30.73 -46.01 -0.37
C PHE B 483 -31.54 -44.88 0.22
N LEU B 484 -32.73 -45.18 0.74
CA LEU B 484 -33.61 -44.13 1.26
C LEU B 484 -33.17 -43.62 2.62
N ALA B 485 -32.36 -44.39 3.36
CA ALA B 485 -31.87 -43.96 4.66
C ALA B 485 -30.60 -43.10 4.57
N SER B 486 -29.93 -43.10 3.42
CA SER B 486 -28.74 -42.28 3.21
C SER B 486 -29.03 -41.01 2.42
N LEU B 487 -30.08 -41.01 1.60
CA LEU B 487 -30.48 -39.81 0.86
C LEU B 487 -31.05 -38.73 1.78
N GLU B 488 -31.22 -39.02 3.07
CA GLU B 488 -31.82 -38.10 4.02
C GLU B 488 -30.86 -37.59 5.07
N ASN B 489 -29.78 -38.31 5.38
CA ASN B 489 -28.91 -37.93 6.49
C ASN B 489 -27.42 -38.06 6.17
N ASP B 490 -27.03 -38.21 4.91
CA ASP B 490 -25.63 -38.44 4.57
C ASP B 490 -25.11 -37.47 3.52
N ILE B 491 -25.93 -37.07 2.55
CA ILE B 491 -25.50 -36.26 1.42
C ILE B 491 -26.25 -34.93 1.44
N LYS B 492 -25.51 -33.83 1.33
CA LYS B 492 -26.08 -32.49 1.29
C LYS B 492 -25.71 -31.83 -0.04
N PRO B 493 -26.62 -31.77 -1.01
CA PRO B 493 -26.26 -31.18 -2.31
C PRO B 493 -25.95 -29.70 -2.17
N ALA B 494 -25.10 -29.21 -3.08
CA ALA B 494 -24.66 -27.82 -3.05
C ALA B 494 -25.62 -26.89 -3.79
N PHE B 495 -26.30 -27.37 -4.82
CA PHE B 495 -27.26 -26.59 -5.59
C PHE B 495 -28.68 -27.05 -5.34
N GLY B 496 -28.97 -27.49 -4.11
CA GLY B 496 -30.27 -28.01 -3.75
C GLY B 496 -30.77 -27.43 -2.45
N THR B 497 -31.94 -27.90 -2.04
CA THR B 497 -32.55 -27.44 -0.81
C THR B 497 -31.82 -28.01 0.40
N ASN B 498 -32.07 -27.41 1.56
CA ASN B 498 -31.44 -27.82 2.82
C ASN B 498 -32.48 -27.67 3.92
N GLN B 499 -33.01 -28.79 4.41
CA GLN B 499 -34.08 -28.77 5.40
C GLN B 499 -33.54 -28.70 6.82
N GLU B 500 -32.69 -27.70 7.08
CA GLU B 500 -32.22 -27.43 8.42
C GLU B 500 -32.37 -25.94 8.75
N ASP B 501 -32.34 -25.10 7.71
CA ASP B 501 -32.57 -23.67 7.92
C ASP B 501 -34.02 -23.40 8.29
N TYR B 502 -34.96 -24.07 7.64
CA TYR B 502 -36.37 -23.83 7.91
C TYR B 502 -36.73 -24.18 9.34
N ALA B 503 -36.23 -25.32 9.83
CA ALA B 503 -36.47 -25.71 11.21
C ALA B 503 -35.67 -24.87 12.20
N SER B 504 -34.70 -24.09 11.72
CA SER B 504 -33.94 -23.20 12.58
C SER B 504 -34.52 -21.80 12.67
N TYR B 505 -35.28 -21.38 11.65
CA TYR B 505 -35.89 -20.06 11.65
C TYR B 505 -37.33 -20.05 12.13
N ILE B 506 -38.06 -21.15 11.94
CA ILE B 506 -39.40 -21.32 12.51
C ILE B 506 -39.19 -22.12 13.79
N MET B 507 -38.95 -21.42 14.89
CA MET B 507 -38.55 -22.10 16.13
C MET B 507 -39.74 -22.62 16.92
N ASN B 508 -40.93 -22.04 16.76
CA ASN B 508 -42.10 -22.44 17.51
C ASN B 508 -43.31 -22.62 16.60
N GLY B 509 -43.09 -23.03 15.36
CA GLY B 509 -44.21 -23.32 14.47
C GLY B 509 -44.95 -22.06 14.04
N ILE B 510 -46.14 -22.29 13.50
CA ILE B 510 -47.00 -21.20 13.03
C ILE B 510 -48.43 -21.46 13.51
N ILE B 511 -48.83 -20.76 14.57
CA ILE B 511 -50.19 -20.88 15.10
C ILE B 511 -51.05 -19.78 14.47
N LYS B 512 -52.33 -20.07 14.30
CA LYS B 512 -53.27 -19.16 13.63
C LYS B 512 -54.08 -18.44 14.70
N TRP B 513 -53.73 -17.18 14.97
CA TRP B 513 -54.47 -16.37 15.93
C TRP B 513 -55.49 -15.45 15.28
N GLY B 514 -55.57 -15.44 13.95
CA GLY B 514 -56.50 -14.56 13.28
C GLY B 514 -56.44 -14.72 11.77
N ASP B 515 -57.27 -13.93 11.10
CA ASP B 515 -57.41 -13.94 9.65
C ASP B 515 -56.12 -13.55 8.93
N PRO B 516 -55.41 -12.50 9.36
CA PRO B 516 -54.29 -11.99 8.55
C PRO B 516 -53.29 -13.06 8.11
N VAL B 517 -53.05 -14.07 8.94
CA VAL B 517 -52.08 -15.11 8.57
C VAL B 517 -52.53 -15.79 7.28
N THR B 518 -53.81 -16.12 7.18
CA THR B 518 -54.33 -16.75 5.97
C THR B 518 -54.14 -15.85 4.75
N ARG B 519 -54.40 -14.55 4.92
CA ARG B 519 -54.24 -13.63 3.81
C ARG B 519 -52.79 -13.59 3.33
N VAL B 520 -51.84 -13.51 4.26
CA VAL B 520 -50.43 -13.48 3.89
C VAL B 520 -50.05 -14.75 3.14
N LEU B 521 -50.47 -15.90 3.67
CA LEU B 521 -50.09 -17.16 3.03
C LEU B 521 -50.70 -17.29 1.65
N ASP B 522 -51.95 -16.86 1.48
CA ASP B 522 -52.58 -16.93 0.16
C ASP B 522 -51.89 -16.01 -0.83
N ASP B 523 -51.50 -14.81 -0.40
CA ASP B 523 -50.77 -13.91 -1.30
C ASP B 523 -49.44 -14.53 -1.72
N GLY B 524 -48.73 -15.13 -0.77
CA GLY B 524 -47.48 -15.80 -1.11
C GLY B 524 -47.69 -16.91 -2.12
N GLU B 525 -48.75 -17.71 -1.92
CA GLU B 525 -49.02 -18.81 -2.85
C GLU B 525 -49.30 -18.27 -4.25
N LEU B 526 -50.09 -17.20 -4.35
CA LEU B 526 -50.38 -16.63 -5.65
C LEU B 526 -49.11 -16.13 -6.33
N LEU B 527 -48.23 -15.48 -5.56
CA LEU B 527 -46.97 -15.01 -6.14
C LEU B 527 -46.13 -16.18 -6.65
N VAL B 528 -46.07 -17.27 -5.88
CA VAL B 528 -45.31 -18.45 -6.30
C VAL B 528 -45.87 -19.00 -7.60
N GLN B 529 -47.19 -19.14 -7.67
CA GLN B 529 -47.80 -19.66 -8.90
C GLN B 529 -47.51 -18.77 -10.08
N GLN B 530 -47.58 -17.45 -9.91
CA GLN B 530 -47.26 -16.54 -10.99
C GLN B 530 -45.83 -16.75 -11.47
N THR B 531 -44.86 -16.74 -10.55
CA THR B 531 -43.48 -16.88 -10.98
C THR B 531 -43.22 -18.23 -11.63
N LYS B 532 -43.99 -19.25 -11.31
CA LYS B 532 -43.78 -20.55 -11.95
C LYS B 532 -44.41 -20.62 -13.35
N ASN B 533 -45.63 -20.11 -13.52
CA ASN B 533 -46.40 -20.36 -14.73
C ASN B 533 -46.26 -19.28 -15.80
N SER B 534 -45.54 -18.20 -15.54
CA SER B 534 -45.50 -17.08 -16.46
C SER B 534 -44.36 -17.23 -17.47
N ASP B 535 -44.45 -16.45 -18.55
CA ASP B 535 -43.49 -16.53 -19.64
C ASP B 535 -42.86 -15.17 -19.94
N ARG B 536 -43.64 -14.10 -19.78
CA ARG B 536 -43.16 -12.74 -20.02
C ARG B 536 -42.80 -12.01 -18.74
N THR B 537 -42.67 -12.73 -17.63
CA THR B 537 -42.28 -12.14 -16.34
C THR B 537 -41.51 -13.18 -15.55
N PRO B 538 -40.23 -13.39 -15.89
CA PRO B 538 -39.45 -14.42 -15.21
C PRO B 538 -38.95 -14.00 -13.83
N LEU B 539 -38.77 -12.70 -13.61
CA LEU B 539 -38.26 -12.18 -12.35
C LEU B 539 -39.38 -11.51 -11.58
N VAL B 540 -39.52 -11.89 -10.31
CA VAL B 540 -40.55 -11.35 -9.42
C VAL B 540 -39.89 -11.00 -8.09
N SER B 541 -40.50 -10.06 -7.38
CA SER B 541 -39.99 -9.62 -6.08
C SER B 541 -41.17 -9.28 -5.17
N VAL B 542 -40.92 -9.36 -3.86
CA VAL B 542 -41.93 -9.01 -2.87
C VAL B 542 -41.22 -8.57 -1.60
N LEU B 543 -41.88 -7.69 -0.84
CA LEU B 543 -41.34 -7.13 0.39
C LEU B 543 -42.37 -7.25 1.50
N LEU B 544 -41.97 -7.84 2.62
CA LEU B 544 -42.82 -8.01 3.79
C LEU B 544 -42.42 -7.00 4.86
N GLU B 545 -43.38 -6.19 5.30
CA GLU B 545 -43.10 -5.13 6.25
C GLU B 545 -44.15 -5.10 7.36
N GLY B 546 -43.75 -4.58 8.52
CA GLY B 546 -44.61 -4.48 9.67
C GLY B 546 -43.84 -3.95 10.87
N PRO B 547 -44.52 -3.81 12.00
CA PRO B 547 -43.85 -3.33 13.21
C PRO B 547 -42.86 -4.35 13.76
N PRO B 548 -41.96 -3.94 14.63
CA PRO B 548 -40.99 -4.90 15.19
C PRO B 548 -41.67 -5.98 16.02
N HIS B 549 -41.02 -7.14 16.07
CA HIS B 549 -41.51 -8.28 16.86
C HIS B 549 -42.87 -8.75 16.37
N SER B 550 -43.12 -8.67 15.06
CA SER B 550 -44.40 -9.05 14.49
C SER B 550 -44.40 -10.41 13.83
N GLY B 551 -43.24 -11.01 13.60
CA GLY B 551 -43.18 -12.31 12.96
C GLY B 551 -43.02 -12.23 11.46
N LYS B 552 -42.02 -11.49 10.99
CA LYS B 552 -41.79 -11.35 9.55
C LYS B 552 -40.94 -12.48 8.99
N THR B 553 -39.90 -12.90 9.71
CA THR B 553 -38.99 -13.91 9.18
C THR B 553 -39.65 -15.28 9.11
N ALA B 554 -40.43 -15.64 10.13
CA ALA B 554 -41.06 -16.96 10.14
C ALA B 554 -42.00 -17.13 8.96
N LEU B 555 -42.82 -16.10 8.67
CA LEU B 555 -43.75 -16.20 7.56
C LEU B 555 -43.02 -16.29 6.22
N ALA B 556 -41.94 -15.51 6.05
CA ALA B 556 -41.17 -15.59 4.82
C ALA B 556 -40.56 -16.97 4.64
N ALA B 557 -39.99 -17.54 5.72
CA ALA B 557 -39.42 -18.87 5.63
C ALA B 557 -40.48 -19.91 5.31
N LYS B 558 -41.68 -19.78 5.91
CA LYS B 558 -42.75 -20.71 5.61
C LYS B 558 -43.18 -20.61 4.15
N ILE B 559 -43.29 -19.39 3.62
CA ILE B 559 -43.68 -19.22 2.23
C ILE B 559 -42.62 -19.84 1.31
N ALA B 560 -41.35 -19.64 1.65
CA ALA B 560 -40.28 -20.24 0.84
C ALA B 560 -40.34 -21.77 0.90
N GLU B 561 -40.57 -22.32 2.09
CA GLU B 561 -40.55 -23.77 2.25
C GLU B 561 -41.73 -24.43 1.55
N GLU B 562 -42.89 -23.78 1.55
CA GLU B 562 -44.09 -24.36 0.95
C GLU B 562 -44.16 -24.16 -0.56
N SER B 563 -43.03 -23.87 -1.22
CA SER B 563 -43.02 -23.62 -2.65
C SER B 563 -42.55 -24.82 -3.48
N ASN B 564 -41.77 -25.73 -2.88
CA ASN B 564 -41.30 -26.94 -3.53
C ASN B 564 -40.31 -26.66 -4.66
N PHE B 565 -39.71 -25.48 -4.70
CA PHE B 565 -38.68 -25.20 -5.68
C PHE B 565 -37.44 -26.05 -5.39
N PRO B 566 -36.69 -26.45 -6.43
CA PRO B 566 -35.49 -27.27 -6.19
C PRO B 566 -34.32 -26.50 -5.60
N PHE B 567 -34.33 -25.17 -5.62
CA PHE B 567 -33.26 -24.36 -5.06
C PHE B 567 -33.85 -23.34 -4.11
N ILE B 568 -33.33 -23.27 -2.90
CA ILE B 568 -33.78 -22.31 -1.90
C ILE B 568 -32.58 -21.90 -1.06
N LYS B 569 -32.50 -20.62 -0.74
CA LYS B 569 -31.38 -20.09 0.04
C LYS B 569 -31.84 -18.86 0.81
N ILE B 570 -31.24 -18.66 1.97
CA ILE B 570 -31.53 -17.54 2.86
C ILE B 570 -30.24 -16.79 3.15
N CYS B 571 -30.28 -15.47 3.02
CA CYS B 571 -29.11 -14.61 3.23
C CYS B 571 -29.40 -13.69 4.42
N SER B 572 -28.91 -14.08 5.60
CA SER B 572 -29.12 -13.32 6.82
C SER B 572 -27.83 -12.62 7.24
N PRO B 573 -27.93 -11.50 7.98
CA PRO B 573 -26.71 -10.78 8.38
C PRO B 573 -25.97 -11.39 9.56
N ASP B 574 -26.56 -12.35 10.26
CA ASP B 574 -25.93 -12.92 11.44
C ASP B 574 -24.79 -13.87 11.12
N LYS B 575 -24.58 -14.21 9.84
CA LYS B 575 -23.44 -15.00 9.41
C LYS B 575 -22.35 -14.14 8.77
N MET B 576 -22.42 -12.82 8.95
CA MET B 576 -21.43 -11.89 8.42
C MET B 576 -21.01 -10.90 9.50
N ILE B 577 -20.71 -11.39 10.69
CA ILE B 577 -20.32 -10.53 11.80
C ILE B 577 -18.87 -10.12 11.63
N GLY B 578 -18.61 -8.81 11.66
CA GLY B 578 -17.28 -8.28 11.51
C GLY B 578 -16.82 -8.10 10.08
N PHE B 579 -17.65 -8.44 9.10
CA PHE B 579 -17.27 -8.29 7.70
C PHE B 579 -17.19 -6.83 7.31
N SER B 580 -16.48 -6.56 6.21
CA SER B 580 -16.43 -5.25 5.60
C SER B 580 -17.41 -5.21 4.42
N GLU B 581 -17.52 -4.03 3.81
CA GLU B 581 -18.49 -3.87 2.73
C GLU B 581 -18.19 -4.79 1.55
N THR B 582 -16.92 -4.89 1.18
CA THR B 582 -16.55 -5.70 0.01
C THR B 582 -16.87 -7.16 0.25
N ALA B 583 -16.63 -7.67 1.45
CA ALA B 583 -16.95 -9.06 1.75
C ALA B 583 -18.45 -9.32 1.65
N LYS B 584 -19.26 -8.39 2.15
CA LYS B 584 -20.71 -8.54 2.02
C LYS B 584 -21.13 -8.56 0.55
N CYS B 585 -20.57 -7.66 -0.25
CA CYS B 585 -20.91 -7.65 -1.67
C CYS B 585 -20.54 -8.97 -2.34
N GLN B 586 -19.34 -9.47 -2.05
CA GLN B 586 -18.91 -10.73 -2.66
C GLN B 586 -19.81 -11.88 -2.24
N ALA B 587 -20.20 -11.94 -0.96
CA ALA B 587 -21.04 -13.03 -0.49
C ALA B 587 -22.40 -13.00 -1.18
N MET B 588 -23.03 -11.82 -1.22
CA MET B 588 -24.34 -11.73 -1.87
C MET B 588 -24.24 -12.09 -3.35
N LYS B 589 -23.22 -11.58 -4.03
CA LYS B 589 -23.06 -11.87 -5.45
C LYS B 589 -22.84 -13.36 -5.67
N LYS B 590 -22.09 -14.01 -4.78
CA LYS B 590 -21.88 -15.45 -4.91
C LYS B 590 -23.19 -16.23 -4.76
N ILE B 591 -24.01 -15.84 -3.77
CA ILE B 591 -25.29 -16.53 -3.60
C ILE B 591 -26.14 -16.38 -4.86
N PHE B 592 -26.22 -15.17 -5.40
CA PHE B 592 -27.05 -14.98 -6.60
C PHE B 592 -26.46 -15.72 -7.80
N ASP B 593 -25.14 -15.73 -7.94
CA ASP B 593 -24.51 -16.43 -9.05
C ASP B 593 -24.83 -17.92 -8.99
N ASP B 594 -24.77 -18.51 -7.80
CA ASP B 594 -25.21 -19.89 -7.66
C ASP B 594 -26.67 -20.04 -8.03
N ALA B 595 -27.49 -19.06 -7.65
CA ALA B 595 -28.92 -19.15 -7.94
C ALA B 595 -29.20 -19.12 -9.44
N TYR B 596 -28.30 -18.51 -10.23
CA TYR B 596 -28.57 -18.37 -11.66
C TYR B 596 -28.36 -19.65 -12.46
N LYS B 597 -27.80 -20.70 -11.87
CA LYS B 597 -27.47 -21.92 -12.61
C LYS B 597 -28.55 -22.99 -12.53
N SER B 598 -29.69 -22.71 -11.90
CA SER B 598 -30.79 -23.66 -11.83
C SER B 598 -31.95 -23.15 -12.69
N GLN B 599 -32.90 -24.04 -12.95
CA GLN B 599 -34.06 -23.72 -13.76
C GLN B 599 -35.25 -23.23 -12.94
N LEU B 600 -35.13 -23.23 -11.61
CA LEU B 600 -36.19 -22.72 -10.74
C LEU B 600 -35.55 -22.47 -9.38
N SER B 601 -35.64 -21.24 -8.88
CA SER B 601 -34.92 -20.89 -7.66
C SER B 601 -35.70 -19.85 -6.88
N CYS B 602 -35.36 -19.74 -5.59
CA CYS B 602 -35.97 -18.77 -4.69
C CYS B 602 -34.91 -18.33 -3.69
N VAL B 603 -34.83 -17.03 -3.45
CA VAL B 603 -33.84 -16.46 -2.53
C VAL B 603 -34.55 -15.56 -1.54
N VAL B 604 -34.18 -15.67 -0.27
CA VAL B 604 -34.74 -14.85 0.79
C VAL B 604 -33.65 -13.90 1.28
N VAL B 605 -33.96 -12.60 1.31
CA VAL B 605 -33.07 -11.57 1.84
C VAL B 605 -33.69 -11.05 3.11
N ASP B 606 -32.95 -11.15 4.22
CA ASP B 606 -33.50 -10.95 5.55
C ASP B 606 -32.91 -9.69 6.18
N ASP B 607 -33.79 -8.89 6.79
CA ASP B 607 -33.38 -7.71 7.55
C ASP B 607 -32.55 -6.76 6.68
N ILE B 608 -33.24 -6.21 5.67
CA ILE B 608 -32.56 -5.34 4.71
C ILE B 608 -31.94 -4.13 5.41
N GLU B 609 -32.50 -3.71 6.55
CA GLU B 609 -31.98 -2.53 7.23
C GLU B 609 -30.68 -2.80 7.98
N ARG B 610 -30.37 -4.06 8.28
CA ARG B 610 -29.11 -4.40 8.93
C ARG B 610 -27.98 -4.66 7.95
N LEU B 611 -28.30 -4.90 6.68
CA LEU B 611 -27.26 -5.09 5.67
C LEU B 611 -26.63 -3.77 5.26
N LEU B 612 -27.38 -2.68 5.29
CA LEU B 612 -26.88 -1.36 4.92
C LEU B 612 -26.21 -0.62 6.08
N ASP B 613 -26.30 -1.15 7.30
CA ASP B 613 -25.71 -0.51 8.48
C ASP B 613 -26.36 0.84 8.76
N TYR B 614 -27.68 0.85 8.85
CA TYR B 614 -28.42 2.08 9.09
C TYR B 614 -28.40 2.44 10.57
N VAL B 615 -28.27 3.74 10.86
CA VAL B 615 -28.36 4.26 12.21
C VAL B 615 -29.03 5.63 12.15
N PRO B 616 -30.10 5.88 12.90
CA PRO B 616 -30.84 7.14 12.72
C PRO B 616 -29.98 8.39 12.92
N ILE B 617 -29.03 8.35 13.86
CA ILE B 617 -28.08 9.46 13.97
C ILE B 617 -27.27 9.52 12.70
N GLY B 618 -26.98 10.74 12.24
CA GLY B 618 -26.37 10.92 10.94
C GLY B 618 -27.35 11.44 9.92
N PRO B 619 -27.91 10.54 9.08
CA PRO B 619 -27.81 9.07 9.09
C PRO B 619 -26.52 8.53 8.49
N ARG B 620 -26.18 7.29 8.83
N ARG B 620 -26.18 7.28 8.83
CA ARG B 620 -25.01 6.62 8.28
CA ARG B 620 -25.01 6.60 8.29
C ARG B 620 -25.41 5.25 7.75
C ARG B 620 -25.43 5.25 7.74
N PHE B 621 -24.79 4.84 6.65
CA PHE B 621 -25.06 3.53 6.05
C PHE B 621 -23.99 3.27 5.00
N SER B 622 -24.09 2.12 4.35
CA SER B 622 -23.17 1.70 3.31
C SER B 622 -23.81 1.94 1.95
N ASN B 623 -23.12 2.69 1.09
CA ASN B 623 -23.61 2.98 -0.25
C ASN B 623 -23.24 1.89 -1.25
N LEU B 624 -22.09 1.24 -1.07
CA LEU B 624 -21.70 0.17 -1.97
C LEU B 624 -22.70 -0.98 -1.94
N VAL B 625 -23.07 -1.42 -0.74
CA VAL B 625 -24.00 -2.54 -0.61
C VAL B 625 -25.37 -2.13 -1.15
N LEU B 626 -25.81 -0.90 -0.86
CA LEU B 626 -27.10 -0.45 -1.35
C LEU B 626 -27.15 -0.44 -2.87
N GLN B 627 -26.10 0.07 -3.50
CA GLN B 627 -26.07 0.12 -4.96
C GLN B 627 -26.01 -1.28 -5.56
N ALA B 628 -25.24 -2.18 -4.95
CA ALA B 628 -25.19 -3.55 -5.44
C ALA B 628 -26.57 -4.21 -5.35
N LEU B 629 -27.28 -3.98 -4.23
CA LEU B 629 -28.62 -4.55 -4.08
C LEU B 629 -29.59 -3.96 -5.10
N LEU B 630 -29.52 -2.64 -5.31
CA LEU B 630 -30.41 -2.01 -6.29
C LEU B 630 -30.16 -2.57 -7.69
N VAL B 631 -28.89 -2.85 -8.02
CA VAL B 631 -28.59 -3.43 -9.32
C VAL B 631 -29.10 -4.86 -9.41
N LEU B 632 -28.88 -5.67 -8.36
CA LEU B 632 -29.25 -7.07 -8.39
C LEU B 632 -30.77 -7.27 -8.38
N LEU B 633 -31.53 -6.30 -7.88
CA LEU B 633 -32.97 -6.46 -7.81
C LEU B 633 -33.66 -6.41 -9.18
N LYS B 634 -32.93 -6.04 -10.24
CA LYS B 634 -33.55 -5.85 -11.56
C LYS B 634 -32.73 -6.51 -12.67
N LYS B 635 -32.05 -7.61 -12.36
CA LYS B 635 -31.25 -8.35 -13.34
C LYS B 635 -31.92 -9.70 -13.56
N ALA B 636 -32.24 -9.99 -14.82
CA ALA B 636 -32.92 -11.24 -15.14
C ALA B 636 -31.92 -12.38 -15.30
N PRO B 637 -32.34 -13.62 -15.06
CA PRO B 637 -31.43 -14.75 -15.26
C PRO B 637 -31.29 -15.07 -16.73
N PRO B 638 -30.31 -15.91 -17.11
CA PRO B 638 -30.17 -16.27 -18.52
C PRO B 638 -31.45 -16.82 -19.12
N GLN B 639 -31.49 -16.96 -20.45
CA GLN B 639 -32.73 -17.24 -21.14
C GLN B 639 -33.34 -18.55 -20.64
N GLY B 640 -34.62 -18.51 -20.31
CA GLY B 640 -35.36 -19.70 -19.98
C GLY B 640 -35.38 -20.09 -18.51
N ARG B 641 -34.99 -19.19 -17.61
CA ARG B 641 -34.90 -19.52 -16.19
C ARG B 641 -35.66 -18.48 -15.37
N LYS B 642 -36.11 -18.90 -14.19
CA LYS B 642 -36.98 -18.11 -13.34
C LYS B 642 -36.28 -17.77 -12.04
N LEU B 643 -36.87 -16.84 -11.30
CA LEU B 643 -36.35 -16.41 -10.01
C LEU B 643 -37.47 -15.78 -9.20
N LEU B 644 -37.23 -15.63 -7.90
CA LEU B 644 -38.21 -15.02 -7.00
C LEU B 644 -37.48 -14.56 -5.75
N ILE B 645 -37.66 -13.28 -5.40
CA ILE B 645 -36.94 -12.66 -4.29
C ILE B 645 -37.94 -12.19 -3.25
N ILE B 646 -37.70 -12.55 -1.99
CA ILE B 646 -38.53 -12.14 -0.87
C ILE B 646 -37.64 -11.34 0.08
N GLY B 647 -38.05 -10.12 0.40
CA GLY B 647 -37.32 -9.29 1.33
C GLY B 647 -38.13 -9.01 2.58
N THR B 648 -37.46 -8.73 3.69
CA THR B 648 -38.12 -8.48 4.97
C THR B 648 -37.57 -7.19 5.56
N THR B 649 -38.47 -6.30 6.00
CA THR B 649 -38.02 -5.03 6.56
C THR B 649 -38.98 -4.59 7.65
N SER B 650 -38.54 -3.58 8.41
CA SER B 650 -39.33 -3.01 9.50
C SER B 650 -39.35 -1.49 9.50
N ARG B 651 -38.72 -0.85 8.52
CA ARG B 651 -38.59 0.61 8.44
C ARG B 651 -38.91 1.09 7.04
N LYS B 652 -40.06 0.66 6.51
CA LYS B 652 -40.41 0.95 5.12
C LYS B 652 -40.21 2.41 4.75
N ASP B 653 -40.33 3.33 5.71
CA ASP B 653 -40.22 4.75 5.38
C ASP B 653 -38.82 5.09 4.88
N VAL B 654 -37.79 4.60 5.57
CA VAL B 654 -36.42 4.87 5.13
C VAL B 654 -36.14 4.18 3.81
N LEU B 655 -36.68 2.97 3.62
CA LEU B 655 -36.53 2.29 2.33
C LEU B 655 -37.19 3.07 1.22
N GLN B 656 -38.24 3.82 1.54
CA GLN B 656 -38.88 4.68 0.54
C GLN B 656 -38.03 5.91 0.27
N GLU B 657 -37.36 6.44 1.30
CA GLU B 657 -36.52 7.62 1.09
C GLU B 657 -35.37 7.35 0.14
N MET B 658 -34.87 6.11 0.11
CA MET B 658 -33.72 5.76 -0.71
C MET B 658 -34.10 5.33 -2.13
N GLU B 659 -35.39 5.44 -2.49
CA GLU B 659 -35.86 5.05 -3.82
C GLU B 659 -35.64 3.56 -4.08
N MET B 660 -35.86 2.75 -3.06
CA MET B 660 -35.74 1.30 -3.18
C MET B 660 -37.07 0.62 -3.44
N LEU B 661 -38.20 1.27 -3.13
CA LEU B 661 -39.49 0.66 -3.35
C LEU B 661 -39.90 0.65 -4.83
N ASN B 662 -39.14 1.33 -5.69
CA ASN B 662 -39.38 1.20 -7.12
C ASN B 662 -38.97 -0.17 -7.63
N ALA B 663 -37.86 -0.70 -7.12
CA ALA B 663 -37.35 -1.99 -7.60
C ALA B 663 -38.35 -3.11 -7.31
N PHE B 664 -38.93 -3.12 -6.12
CA PHE B 664 -39.86 -4.17 -5.75
C PHE B 664 -41.16 -4.05 -6.54
N SER B 665 -41.82 -5.19 -6.75
CA SER B 665 -43.04 -5.22 -7.55
C SER B 665 -44.30 -5.13 -6.72
N THR B 666 -44.25 -5.51 -5.44
CA THR B 666 -45.42 -5.46 -4.57
C THR B 666 -44.94 -5.55 -3.13
N THR B 667 -45.87 -5.35 -2.21
CA THR B 667 -45.56 -5.39 -0.79
C THR B 667 -46.70 -6.06 -0.02
N ILE B 668 -46.36 -6.62 1.13
CA ILE B 668 -47.32 -7.26 2.03
C ILE B 668 -47.07 -6.73 3.44
N HIS B 669 -48.17 -6.57 4.19
CA HIS B 669 -48.15 -5.98 5.51
C HIS B 669 -48.54 -7.02 6.55
N VAL B 670 -47.70 -7.16 7.58
CA VAL B 670 -47.97 -8.10 8.66
C VAL B 670 -48.38 -7.32 9.91
N PRO B 671 -49.62 -7.45 10.38
CA PRO B 671 -50.06 -6.65 11.53
C PRO B 671 -49.76 -7.32 12.86
N ASN B 672 -50.02 -6.58 13.93
CA ASN B 672 -49.90 -7.06 15.30
C ASN B 672 -51.28 -7.47 15.83
N ILE B 673 -51.29 -7.90 17.09
CA ILE B 673 -52.55 -8.22 17.76
C ILE B 673 -53.23 -6.93 18.17
N ALA B 674 -54.50 -6.76 17.75
CA ALA B 674 -55.21 -5.52 18.01
C ALA B 674 -56.65 -5.75 18.48
N THR B 675 -56.87 -6.74 19.34
CA THR B 675 -58.20 -7.01 19.85
C THR B 675 -58.12 -8.09 20.92
N GLY B 676 -59.00 -8.00 21.91
CA GLY B 676 -58.99 -8.96 22.99
C GLY B 676 -59.29 -10.37 22.53
N GLU B 677 -60.21 -10.51 21.58
CA GLU B 677 -60.56 -11.84 21.07
C GLU B 677 -59.34 -12.55 20.51
N GLN B 678 -58.53 -11.84 19.73
CA GLN B 678 -57.35 -12.45 19.15
C GLN B 678 -56.35 -12.87 20.23
N LEU B 679 -56.18 -12.02 21.25
CA LEU B 679 -55.26 -12.35 22.34
C LEU B 679 -55.73 -13.62 23.06
N LEU B 680 -57.04 -13.70 23.36
CA LEU B 680 -57.55 -14.87 24.05
C LEU B 680 -57.42 -16.13 23.20
N GLU B 681 -57.68 -16.03 21.89
CA GLU B 681 -57.53 -17.18 21.02
C GLU B 681 -56.07 -17.62 20.95
N ALA B 682 -55.14 -16.67 20.90
CA ALA B 682 -53.73 -17.01 20.90
C ALA B 682 -53.33 -17.71 22.20
N LEU B 683 -53.82 -17.21 23.33
CA LEU B 683 -53.55 -17.88 24.60
C LEU B 683 -54.12 -19.29 24.62
N GLU B 684 -55.33 -19.48 24.08
CA GLU B 684 -55.93 -20.80 24.04
C GLU B 684 -55.08 -21.76 23.22
N LEU B 685 -54.71 -21.35 22.00
CA LEU B 685 -53.93 -22.23 21.14
C LEU B 685 -52.52 -22.45 21.67
N LEU B 686 -52.00 -21.52 22.46
CA LEU B 686 -50.64 -21.65 22.97
C LEU B 686 -50.57 -22.68 24.09
N GLY B 687 -51.65 -22.86 24.84
CA GLY B 687 -51.69 -23.86 25.89
C GLY B 687 -51.13 -23.40 27.21
N ASN B 688 -51.66 -22.31 27.76
CA ASN B 688 -51.21 -21.77 29.02
C ASN B 688 -52.41 -21.33 29.85
N PHE B 689 -52.20 -21.27 31.17
CA PHE B 689 -53.22 -20.81 32.11
C PHE B 689 -54.42 -21.75 32.12
N LYS B 690 -55.23 -21.67 33.17
CA LYS B 690 -56.33 -22.60 33.41
C LYS B 690 -57.67 -21.88 33.22
N ASP B 691 -58.76 -22.60 33.51
CA ASP B 691 -60.09 -22.09 33.23
C ASP B 691 -60.38 -20.82 34.02
N LYS B 692 -60.17 -20.86 35.34
CA LYS B 692 -60.48 -19.69 36.16
C LYS B 692 -59.57 -18.52 35.81
N GLU B 693 -58.27 -18.79 35.61
CA GLU B 693 -57.35 -17.73 35.21
C GLU B 693 -57.73 -17.16 33.85
N ARG B 694 -58.12 -18.02 32.92
CA ARG B 694 -58.53 -17.55 31.60
C ARG B 694 -59.76 -16.66 31.72
N THR B 695 -60.74 -17.06 32.54
CA THR B 695 -61.95 -16.26 32.70
C THR B 695 -61.62 -14.90 33.31
N THR B 696 -60.76 -14.88 34.33
CA THR B 696 -60.38 -13.61 34.94
C THR B 696 -59.68 -12.71 33.92
N ILE B 697 -58.74 -13.27 33.15
CA ILE B 697 -58.03 -12.46 32.16
C ILE B 697 -59.00 -11.92 31.12
N ALA B 698 -59.91 -12.76 30.63
CA ALA B 698 -60.86 -12.31 29.61
C ALA B 698 -61.76 -11.21 30.16
N GLN B 699 -62.26 -11.37 31.38
CA GLN B 699 -63.13 -10.35 31.95
C GLN B 699 -62.37 -9.05 32.19
N GLN B 700 -61.08 -9.13 32.53
CA GLN B 700 -60.32 -7.92 32.79
C GLN B 700 -59.95 -7.19 31.49
N VAL B 701 -59.58 -7.92 30.44
CA VAL B 701 -59.01 -7.31 29.26
C VAL B 701 -60.02 -7.06 28.13
N LYS B 702 -61.17 -7.72 28.16
CA LYS B 702 -62.12 -7.59 27.05
C LYS B 702 -62.60 -6.14 26.89
N GLY B 703 -62.56 -5.35 27.97
CA GLY B 703 -63.05 -3.98 27.88
C GLY B 703 -62.23 -3.11 26.97
N LYS B 704 -60.90 -3.22 27.05
CA LYS B 704 -59.98 -2.34 26.36
C LYS B 704 -59.34 -3.04 25.17
N LYS B 705 -58.40 -2.36 24.53
CA LYS B 705 -57.68 -2.86 23.38
C LYS B 705 -56.19 -3.00 23.70
N VAL B 706 -55.50 -3.80 22.89
CA VAL B 706 -54.10 -4.10 23.09
C VAL B 706 -53.35 -3.95 21.76
N TRP B 707 -52.03 -3.81 21.87
N TRP B 707 -52.03 -3.80 21.86
CA TRP B 707 -51.14 -3.66 20.72
CA TRP B 707 -51.16 -3.69 20.70
C TRP B 707 -49.80 -4.32 21.10
C TRP B 707 -49.82 -4.32 21.08
N ILE B 708 -49.65 -5.59 20.75
CA ILE B 708 -48.48 -6.37 21.12
C ILE B 708 -48.15 -7.35 20.00
N GLY B 709 -46.86 -7.50 19.73
CA GLY B 709 -46.41 -8.46 18.73
C GLY B 709 -46.40 -9.88 19.27
N ILE B 710 -46.41 -10.84 18.35
CA ILE B 710 -46.47 -12.25 18.74
C ILE B 710 -45.20 -12.64 19.47
N LYS B 711 -44.04 -12.19 19.00
CA LYS B 711 -42.78 -12.61 19.63
C LYS B 711 -42.68 -12.10 21.06
N LYS B 712 -43.21 -10.92 21.34
CA LYS B 712 -43.12 -10.36 22.68
C LYS B 712 -44.08 -11.06 23.65
N LEU B 713 -45.21 -11.56 23.14
CA LEU B 713 -46.16 -12.23 24.01
C LEU B 713 -45.54 -13.46 24.66
N LEU B 714 -44.75 -14.23 23.90
CA LEU B 714 -44.08 -15.39 24.47
C LEU B 714 -43.13 -14.98 25.58
N MET B 715 -42.38 -13.89 25.37
CA MET B 715 -41.44 -13.43 26.39
C MET B 715 -42.19 -13.00 27.66
N LEU B 716 -43.31 -12.29 27.50
CA LEU B 716 -44.08 -11.88 28.67
C LEU B 716 -44.62 -13.09 29.42
N ILE B 717 -45.12 -14.09 28.69
CA ILE B 717 -45.63 -15.30 29.33
C ILE B 717 -44.51 -15.98 30.13
N GLU B 718 -43.33 -16.11 29.51
CA GLU B 718 -42.21 -16.75 30.20
C GLU B 718 -41.81 -15.97 31.45
N MET B 719 -41.77 -14.64 31.35
CA MET B 719 -41.42 -13.83 32.51
C MET B 719 -42.43 -14.01 33.64
N SER B 720 -43.72 -14.02 33.31
CA SER B 720 -44.75 -14.13 34.34
C SER B 720 -44.88 -15.53 34.91
N LEU B 721 -44.41 -16.56 34.19
CA LEU B 721 -44.52 -17.92 34.66
C LEU B 721 -43.48 -18.31 35.70
N GLN B 722 -42.75 -17.33 36.26
CA GLN B 722 -41.68 -17.62 37.20
C GLN B 722 -42.07 -17.40 38.66
N MET B 723 -43.12 -16.63 38.93
CA MET B 723 -43.52 -16.33 40.29
C MET B 723 -44.29 -17.52 40.87
N ASP B 724 -44.84 -17.34 42.06
CA ASP B 724 -45.65 -18.38 42.68
C ASP B 724 -46.99 -18.49 41.97
N PRO B 725 -47.69 -19.61 42.13
CA PRO B 725 -48.98 -19.78 41.43
C PRO B 725 -50.01 -18.73 41.77
N GLU B 726 -49.89 -18.08 42.93
CA GLU B 726 -50.90 -17.11 43.33
C GLU B 726 -50.77 -15.80 42.55
N TYR B 727 -49.55 -15.33 42.31
CA TYR B 727 -49.29 -14.02 41.76
C TYR B 727 -49.04 -14.03 40.25
N ARG B 728 -49.27 -15.16 39.59
CA ARG B 728 -48.95 -15.24 38.16
C ARG B 728 -49.85 -14.32 37.34
N VAL B 729 -51.16 -14.40 37.54
CA VAL B 729 -52.09 -13.61 36.74
C VAL B 729 -51.86 -12.12 36.97
N ARG B 730 -51.65 -11.72 38.23
CA ARG B 730 -51.47 -10.31 38.53
C ARG B 730 -50.21 -9.76 37.86
N LYS B 731 -49.10 -10.51 37.93
CA LYS B 731 -47.88 -10.04 37.27
C LYS B 731 -48.04 -10.02 35.76
N PHE B 732 -48.73 -11.01 35.19
CA PHE B 732 -48.95 -11.01 33.75
C PHE B 732 -49.73 -9.77 33.33
N LEU B 733 -50.80 -9.46 34.06
CA LEU B 733 -51.59 -8.28 33.74
C LEU B 733 -50.77 -7.00 33.90
N ALA B 734 -49.97 -6.91 34.96
CA ALA B 734 -49.15 -5.72 35.16
C ALA B 734 -48.17 -5.53 34.02
N LEU B 735 -47.49 -6.61 33.61
CA LEU B 735 -46.53 -6.52 32.52
C LEU B 735 -47.22 -6.15 31.22
N LEU B 736 -48.38 -6.75 30.94
CA LEU B 736 -49.10 -6.43 29.72
C LEU B 736 -49.52 -4.96 29.69
N ARG B 737 -50.01 -4.46 30.83
CA ARG B 737 -50.43 -3.06 30.89
C ARG B 737 -49.24 -2.12 30.71
N GLU B 738 -48.10 -2.44 31.35
CA GLU B 738 -46.92 -1.58 31.22
C GLU B 738 -46.39 -1.60 29.80
N GLU B 739 -46.33 -2.77 29.18
CA GLU B 739 -45.80 -2.93 27.82
C GLU B 739 -46.91 -2.83 26.78
N GLY B 740 -47.65 -1.73 26.81
CA GLY B 740 -48.72 -1.50 25.85
C GLY B 740 -48.64 -0.14 25.21
N ALA B 741 -49.29 0.03 24.06
CA ALA B 741 -49.27 1.29 23.34
C ALA B 741 -50.31 1.30 22.23
N SER B 742 -50.30 2.35 21.41
CA SER B 742 -51.21 2.46 20.27
C SER B 742 -50.40 2.94 19.07
N PRO B 743 -50.89 2.72 17.85
CA PRO B 743 -50.20 3.14 16.61
C PRO B 743 -49.62 4.55 16.70
N GLN C 209 25.26 -9.25 -57.16
CA GLN C 209 24.59 -10.16 -56.24
C GLN C 209 23.69 -9.38 -55.29
N SER C 210 22.55 -8.94 -55.79
CA SER C 210 21.61 -8.18 -54.98
C SER C 210 21.05 -9.05 -53.85
N ILE C 211 20.72 -8.40 -52.74
CA ILE C 211 20.18 -9.12 -51.59
C ILE C 211 18.85 -9.77 -51.95
N ILE C 212 18.13 -9.20 -52.91
CA ILE C 212 16.81 -9.73 -53.26
C ILE C 212 16.95 -11.14 -53.82
N ASN C 213 15.98 -11.99 -53.47
CA ASN C 213 15.94 -13.35 -53.98
C ASN C 213 15.77 -13.32 -55.51
N PRO C 214 16.44 -14.23 -56.22
CA PRO C 214 16.32 -14.22 -57.70
C PRO C 214 14.91 -14.47 -58.21
N ASP C 215 14.02 -15.03 -57.39
CA ASP C 215 12.62 -15.23 -57.81
C ASP C 215 11.73 -14.87 -56.63
N TRP C 216 11.28 -13.61 -56.61
CA TRP C 216 10.40 -13.13 -55.55
C TRP C 216 9.44 -12.12 -56.16
N ASN C 217 8.14 -12.37 -56.00
CA ASN C 217 7.10 -11.45 -56.44
C ASN C 217 6.06 -11.30 -55.34
N PHE C 218 5.46 -10.10 -55.25
CA PHE C 218 4.52 -9.82 -54.17
C PHE C 218 3.31 -10.74 -54.21
N GLU C 219 2.97 -11.29 -55.38
CA GLU C 219 1.82 -12.19 -55.45
C GLU C 219 2.07 -13.48 -54.67
N LYS C 220 3.32 -13.98 -54.71
CA LYS C 220 3.64 -15.22 -54.02
C LYS C 220 3.72 -15.04 -52.51
N MET C 221 3.81 -13.79 -52.03
CA MET C 221 3.99 -13.57 -50.60
C MET C 221 2.82 -14.12 -49.79
N GLY C 222 1.59 -13.94 -50.29
CA GLY C 222 0.41 -14.40 -49.59
C GLY C 222 -0.20 -13.40 -48.64
N ILE C 223 0.14 -12.12 -48.76
CA ILE C 223 -0.39 -11.06 -47.91
C ILE C 223 -1.27 -10.16 -48.76
N GLY C 224 -2.49 -9.94 -48.31
CA GLY C 224 -3.44 -9.11 -49.04
C GLY C 224 -4.07 -8.07 -48.16
N GLY C 225 -4.21 -6.86 -48.71
CA GLY C 225 -4.76 -5.75 -47.97
C GLY C 225 -3.75 -4.90 -47.24
N LEU C 226 -2.45 -5.07 -47.52
CA LEU C 226 -1.38 -4.34 -46.87
C LEU C 226 -0.40 -3.80 -47.91
N ASP C 227 -0.94 -3.23 -49.00
CA ASP C 227 -0.09 -2.76 -50.09
C ASP C 227 0.71 -1.53 -49.68
N LYS C 228 0.04 -0.54 -49.10
CA LYS C 228 0.70 0.72 -48.76
C LYS C 228 1.78 0.51 -47.70
N GLU C 229 1.48 -0.29 -46.68
CA GLU C 229 2.45 -0.52 -45.62
C GLU C 229 3.72 -1.16 -46.17
N PHE C 230 3.56 -2.20 -47.00
CA PHE C 230 4.73 -2.86 -47.58
C PHE C 230 5.48 -1.92 -48.51
N SER C 231 4.76 -1.10 -49.28
CA SER C 231 5.43 -0.16 -50.17
C SER C 231 6.30 0.80 -49.38
N ASP C 232 5.76 1.35 -48.28
CA ASP C 232 6.53 2.28 -47.47
C ASP C 232 7.73 1.58 -46.83
N ILE C 233 7.53 0.36 -46.31
CA ILE C 233 8.63 -0.36 -45.68
C ILE C 233 9.74 -0.60 -46.68
N PHE C 234 9.38 -1.05 -47.90
CA PHE C 234 10.39 -1.29 -48.92
C PHE C 234 11.11 -0.01 -49.30
N ARG C 235 10.36 1.09 -49.45
CA ARG C 235 11.00 2.35 -49.84
C ARG C 235 12.00 2.81 -48.78
N ARG C 236 11.65 2.69 -47.50
CA ARG C 236 12.48 3.26 -46.44
C ARG C 236 13.62 2.35 -46.01
N ALA C 237 13.44 1.03 -46.07
CA ALA C 237 14.43 0.11 -45.52
C ALA C 237 15.23 -0.67 -46.56
N PHE C 238 14.71 -0.83 -47.77
CA PHE C 238 15.36 -1.65 -48.79
C PHE C 238 15.63 -0.87 -50.08
N ALA C 239 15.62 0.46 -50.03
CA ALA C 239 15.87 1.27 -51.21
C ALA C 239 17.36 1.53 -51.43
N SER C 240 18.14 1.68 -50.36
CA SER C 240 19.56 1.97 -50.47
C SER C 240 20.43 0.74 -50.66
N ARG C 241 19.85 -0.46 -50.52
CA ARG C 241 20.60 -1.70 -50.68
C ARG C 241 20.41 -2.33 -52.05
N VAL C 242 19.70 -1.66 -52.97
CA VAL C 242 19.53 -2.13 -54.33
C VAL C 242 20.06 -1.15 -55.36
N PHE C 243 20.32 0.10 -55.00
CA PHE C 243 20.86 1.07 -55.92
C PHE C 243 22.31 0.73 -56.24
N PRO C 244 22.83 1.19 -57.38
CA PRO C 244 24.22 0.91 -57.73
C PRO C 244 25.16 1.37 -56.62
N PRO C 245 26.17 0.57 -56.28
CA PRO C 245 27.02 0.93 -55.13
C PRO C 245 27.71 2.27 -55.27
N GLU C 246 28.14 2.64 -56.47
CA GLU C 246 28.93 3.87 -56.63
C GLU C 246 28.14 5.10 -56.24
N ILE C 247 26.88 5.19 -56.67
CA ILE C 247 26.08 6.37 -56.36
C ILE C 247 25.83 6.48 -54.86
N VAL C 248 25.51 5.36 -54.22
CA VAL C 248 25.28 5.37 -52.78
C VAL C 248 26.56 5.78 -52.06
N GLU C 249 27.70 5.30 -52.53
CA GLU C 249 28.98 5.68 -51.93
C GLU C 249 29.21 7.19 -52.07
N GLN C 250 28.90 7.74 -53.25
CA GLN C 250 29.06 9.18 -53.44
C GLN C 250 28.14 9.96 -52.51
N MET C 251 26.91 9.50 -52.34
CA MET C 251 25.97 10.21 -51.47
C MET C 251 26.46 10.22 -50.02
N GLY C 252 27.04 9.12 -49.56
CA GLY C 252 27.52 9.04 -48.19
C GLY C 252 26.39 8.99 -47.18
N CYS C 253 25.64 7.89 -47.18
CA CYS C 253 24.49 7.72 -46.30
C CYS C 253 24.60 6.38 -45.58
N LYS C 254 24.04 6.32 -44.38
CA LYS C 254 24.00 5.10 -43.58
C LYS C 254 22.62 4.47 -43.71
N HIS C 255 22.58 3.14 -43.64
CA HIS C 255 21.33 2.41 -43.80
C HIS C 255 20.53 2.40 -42.50
N VAL C 256 19.23 2.17 -42.63
CA VAL C 256 18.33 2.10 -41.49
C VAL C 256 18.47 0.73 -40.83
N LYS C 257 18.37 0.70 -39.50
CA LYS C 257 18.62 -0.51 -38.72
C LYS C 257 17.55 -0.70 -37.65
N GLY C 258 16.27 -0.57 -38.04
CA GLY C 258 15.21 -0.80 -37.08
C GLY C 258 13.81 -0.66 -37.65
N ILE C 259 12.91 -1.56 -37.25
CA ILE C 259 11.51 -1.53 -37.66
C ILE C 259 10.65 -1.96 -36.49
N LEU C 260 9.53 -1.27 -36.30
CA LEU C 260 8.55 -1.58 -35.25
C LEU C 260 7.18 -1.75 -35.88
N LEU C 261 6.38 -2.74 -35.37
CA LEU C 261 5.06 -3.05 -35.90
C LEU C 261 4.08 -3.18 -34.74
N TYR C 262 2.95 -2.48 -34.84
CA TYR C 262 1.98 -2.48 -33.75
C TYR C 262 0.56 -2.38 -34.29
N GLY C 263 -0.37 -2.93 -33.53
CA GLY C 263 -1.77 -2.92 -33.88
C GLY C 263 -2.59 -3.92 -33.09
N PRO C 264 -3.88 -3.97 -33.37
CA PRO C 264 -4.76 -4.90 -32.65
C PRO C 264 -4.41 -6.35 -32.98
N PRO C 265 -4.73 -7.28 -32.08
CA PRO C 265 -4.31 -8.68 -32.29
C PRO C 265 -4.92 -9.29 -33.54
N GLY C 266 -4.13 -10.12 -34.22
CA GLY C 266 -4.64 -10.93 -35.31
C GLY C 266 -4.75 -10.23 -36.64
N CYS C 267 -3.88 -9.26 -36.93
CA CYS C 267 -3.98 -8.47 -38.15
C CYS C 267 -2.82 -8.68 -39.12
N GLY C 268 -1.89 -9.58 -38.81
CA GLY C 268 -0.86 -9.94 -39.77
C GLY C 268 0.49 -9.28 -39.53
N LYS C 269 0.97 -9.25 -38.26
CA LYS C 269 2.29 -8.69 -37.89
C LYS C 269 3.37 -9.78 -37.92
N THR C 270 3.16 -11.01 -37.45
CA THR C 270 4.14 -12.09 -37.52
C THR C 270 4.26 -12.64 -38.93
N LEU C 271 3.15 -12.73 -39.64
CA LEU C 271 3.20 -13.16 -41.04
C LEU C 271 4.08 -12.23 -41.86
N LEU C 272 3.89 -10.93 -41.68
CA LEU C 272 4.69 -9.96 -42.43
C LEU C 272 6.17 -10.09 -42.08
N ALA C 273 6.49 -10.24 -40.79
CA ALA C 273 7.89 -10.37 -40.39
C ALA C 273 8.51 -11.64 -40.98
N ARG C 274 7.78 -12.76 -40.93
CA ARG C 274 8.30 -14.01 -41.46
C ARG C 274 8.52 -13.90 -42.97
N GLN C 275 7.59 -13.29 -43.69
CA GLN C 275 7.74 -13.17 -45.14
C GLN C 275 8.88 -12.22 -45.49
N ILE C 276 9.06 -11.15 -44.71
CA ILE C 276 10.21 -10.28 -44.94
C ILE C 276 11.50 -11.06 -44.73
N GLY C 277 11.56 -11.86 -43.66
CA GLY C 277 12.75 -12.68 -43.43
C GLY C 277 13.02 -13.64 -44.57
N LYS C 278 11.97 -14.23 -45.13
CA LYS C 278 12.14 -15.15 -46.25
C LYS C 278 12.44 -14.44 -47.56
N MET C 279 12.16 -13.15 -47.66
CA MET C 279 12.40 -12.42 -48.91
C MET C 279 13.88 -12.36 -49.26
N LEU C 280 14.74 -12.12 -48.27
CA LEU C 280 16.13 -11.78 -48.52
C LEU C 280 16.99 -13.04 -48.57
N ASN C 281 17.81 -13.13 -49.62
CA ASN C 281 18.78 -14.22 -49.72
C ASN C 281 20.06 -13.80 -49.01
N ALA C 282 20.01 -13.76 -47.67
CA ALA C 282 21.17 -13.39 -46.85
C ALA C 282 21.04 -14.14 -45.52
N ARG C 283 21.72 -15.29 -45.43
CA ARG C 283 21.66 -16.10 -44.23
C ARG C 283 20.21 -16.42 -43.89
N GLU C 284 19.93 -16.79 -42.64
CA GLU C 284 18.56 -16.99 -42.18
C GLU C 284 18.34 -16.21 -40.90
N PRO C 285 17.11 -15.76 -40.64
CA PRO C 285 16.86 -14.91 -39.48
C PRO C 285 17.07 -15.65 -38.17
N LYS C 286 17.38 -14.89 -37.13
CA LYS C 286 17.59 -15.40 -35.79
C LYS C 286 16.45 -14.91 -34.91
N VAL C 287 15.63 -15.84 -34.41
CA VAL C 287 14.39 -15.51 -33.73
C VAL C 287 14.61 -15.53 -32.22
N VAL C 288 13.86 -14.69 -31.53
CA VAL C 288 13.81 -14.67 -30.07
C VAL C 288 12.35 -14.78 -29.66
N ASN C 289 12.03 -15.81 -28.89
CA ASN C 289 10.65 -16.11 -28.52
C ASN C 289 10.38 -15.56 -27.13
N GLY C 290 9.69 -14.43 -27.05
CA GLY C 290 9.33 -13.82 -25.79
C GLY C 290 10.56 -13.56 -24.93
N PRO C 291 10.49 -13.85 -23.63
CA PRO C 291 11.68 -13.73 -22.77
C PRO C 291 12.52 -15.00 -22.76
N GLU C 292 12.99 -15.41 -23.94
CA GLU C 292 13.85 -16.57 -24.07
C GLU C 292 15.25 -16.31 -23.54
N ILE C 293 15.64 -15.05 -23.34
CA ILE C 293 16.96 -14.72 -22.83
C ILE C 293 16.81 -14.20 -21.39
N LEU C 294 16.97 -15.10 -20.43
CA LEU C 294 16.88 -14.75 -19.01
C LEU C 294 17.45 -15.90 -18.21
N ASN C 295 18.41 -15.60 -17.34
CA ASN C 295 19.04 -16.61 -16.50
C ASN C 295 19.03 -16.14 -15.05
N LYS C 296 19.48 -17.02 -14.15
CA LYS C 296 19.52 -16.73 -12.73
C LYS C 296 20.90 -16.30 -12.27
N TYR C 297 21.96 -16.89 -12.82
CA TYR C 297 23.30 -16.50 -12.42
C TYR C 297 23.58 -15.06 -12.79
N VAL C 298 24.31 -14.36 -11.92
CA VAL C 298 24.60 -12.94 -12.16
C VAL C 298 25.43 -12.81 -13.43
N GLY C 299 25.08 -11.81 -14.24
CA GLY C 299 25.84 -11.54 -15.45
C GLY C 299 25.77 -12.62 -16.51
N GLU C 300 24.57 -13.14 -16.77
CA GLU C 300 24.38 -14.13 -17.83
C GLU C 300 23.32 -13.74 -18.85
N SER C 301 22.34 -12.91 -18.48
CA SER C 301 21.38 -12.41 -19.46
C SER C 301 22.07 -11.51 -20.49
N GLU C 302 22.94 -10.62 -20.01
CA GLU C 302 23.65 -9.73 -20.93
C GLU C 302 24.62 -10.52 -21.80
N ALA C 303 25.22 -11.58 -21.25
CA ALA C 303 26.05 -12.46 -22.06
C ALA C 303 25.23 -13.10 -23.17
N ASN C 304 23.98 -13.45 -22.87
CA ASN C 304 23.08 -13.97 -23.90
C ASN C 304 22.80 -12.91 -24.96
N ILE C 305 22.59 -11.67 -24.53
CA ILE C 305 22.32 -10.60 -25.48
C ILE C 305 23.52 -10.38 -26.40
N ARG C 306 24.73 -10.46 -25.87
CA ARG C 306 25.93 -10.16 -26.64
C ARG C 306 26.26 -11.22 -27.69
N LYS C 307 25.65 -12.40 -27.63
CA LYS C 307 25.92 -13.44 -28.61
C LYS C 307 25.14 -13.26 -29.89
N LEU C 308 24.11 -12.40 -29.91
CA LEU C 308 23.31 -12.21 -31.10
C LEU C 308 24.04 -11.39 -32.17
N PHE C 309 24.94 -10.50 -31.75
CA PHE C 309 25.61 -9.58 -32.66
C PHE C 309 27.03 -10.03 -33.02
N ALA C 310 27.44 -11.23 -32.60
CA ALA C 310 28.83 -11.64 -32.78
C ALA C 310 29.19 -11.79 -34.26
N ASP C 311 28.37 -12.53 -35.01
CA ASP C 311 28.69 -12.79 -36.41
C ASP C 311 28.68 -11.51 -37.22
N ALA C 312 27.79 -10.58 -36.91
CA ALA C 312 27.76 -9.30 -37.62
C ALA C 312 29.07 -8.56 -37.45
N GLU C 313 29.59 -8.50 -36.22
CA GLU C 313 30.87 -7.85 -35.99
C GLU C 313 32.01 -8.58 -36.69
N GLU C 314 32.02 -9.91 -36.61
CA GLU C 314 33.07 -10.71 -37.23
C GLU C 314 33.12 -10.54 -38.74
N GLU C 315 31.98 -10.54 -39.42
CA GLU C 315 31.97 -10.38 -40.86
C GLU C 315 32.24 -8.94 -41.28
N GLN C 316 31.79 -7.96 -40.50
CA GLN C 316 32.17 -6.57 -40.74
C GLN C 316 33.66 -6.33 -40.64
N ARG C 317 34.31 -6.90 -39.63
N ARG C 317 34.31 -6.90 -39.63
CA ARG C 317 35.76 -6.78 -39.49
CA ARG C 317 35.76 -6.76 -39.50
C ARG C 317 36.51 -7.45 -40.64
C ARG C 317 36.52 -7.45 -40.64
N ARG C 318 36.08 -8.65 -41.04
CA ARG C 318 36.81 -9.39 -42.05
C ARG C 318 36.65 -8.79 -43.44
N LEU C 319 35.42 -8.43 -43.82
CA LEU C 319 35.14 -8.00 -45.19
C LEU C 319 34.94 -6.51 -45.34
N GLY C 320 34.37 -5.83 -44.34
CA GLY C 320 34.20 -4.38 -44.39
C GLY C 320 32.84 -4.00 -45.00
N ALA C 321 32.87 -3.49 -46.24
CA ALA C 321 31.68 -2.99 -46.91
C ALA C 321 31.10 -3.98 -47.90
N ASN C 322 31.57 -5.23 -47.91
CA ASN C 322 31.08 -6.27 -48.80
C ASN C 322 30.43 -7.40 -48.00
N SER C 323 29.70 -7.06 -46.96
CA SER C 323 29.09 -8.03 -46.07
C SER C 323 27.67 -8.35 -46.57
N GLY C 324 26.94 -9.19 -45.83
CA GLY C 324 25.57 -9.49 -46.13
C GLY C 324 24.67 -9.14 -44.96
N LEU C 325 23.40 -8.86 -45.23
CA LEU C 325 22.48 -8.41 -44.19
C LEU C 325 22.29 -9.50 -43.14
N HIS C 326 22.18 -9.08 -41.88
CA HIS C 326 21.92 -9.97 -40.75
C HIS C 326 20.63 -9.50 -40.10
N ILE C 327 19.69 -10.41 -39.88
CA ILE C 327 18.38 -10.07 -39.35
C ILE C 327 18.23 -10.64 -37.95
N ILE C 328 17.47 -9.92 -37.12
CA ILE C 328 17.18 -10.34 -35.75
C ILE C 328 15.74 -9.97 -35.46
N ILE C 329 14.93 -10.95 -35.04
CA ILE C 329 13.50 -10.77 -34.84
C ILE C 329 13.21 -10.91 -33.34
N PHE C 330 12.49 -9.92 -32.79
CA PHE C 330 12.20 -9.85 -31.36
C PHE C 330 10.68 -9.95 -31.17
N ASP C 331 10.19 -11.18 -31.01
CA ASP C 331 8.78 -11.38 -30.69
C ASP C 331 8.46 -10.82 -29.32
N GLU C 332 7.33 -10.16 -29.19
CA GLU C 332 6.90 -9.55 -27.91
C GLU C 332 8.03 -8.72 -27.32
N ILE C 333 8.42 -7.63 -27.96
CA ILE C 333 9.57 -6.85 -27.50
C ILE C 333 9.33 -6.29 -26.11
N ASP C 334 8.09 -5.92 -25.81
CA ASP C 334 7.78 -5.26 -24.51
C ASP C 334 7.83 -6.27 -23.38
N ALA C 335 8.25 -7.52 -23.61
CA ALA C 335 8.42 -8.46 -22.52
C ALA C 335 9.72 -8.21 -21.76
N ILE C 336 10.75 -7.72 -22.44
CA ILE C 336 12.05 -7.45 -21.84
C ILE C 336 12.42 -5.98 -21.89
N CYS C 337 12.16 -5.31 -23.01
CA CYS C 337 12.48 -3.90 -23.16
C CYS C 337 11.33 -3.06 -22.63
N LYS C 338 11.62 -2.22 -21.63
CA LYS C 338 10.61 -1.38 -21.02
C LYS C 338 11.28 -0.14 -20.45
N GLN C 339 10.46 0.86 -20.13
CA GLN C 339 10.98 2.13 -19.65
C GLN C 339 11.86 1.90 -18.43
N ARG C 340 13.05 2.51 -18.44
CA ARG C 340 13.97 2.39 -17.33
C ARG C 340 13.55 3.31 -16.18
N GLY C 341 13.74 2.83 -14.96
CA GLY C 341 13.39 3.60 -13.79
C GLY C 341 11.91 3.62 -13.46
N SER C 342 11.10 2.83 -14.17
CA SER C 342 9.67 2.80 -13.93
C SER C 342 9.34 1.45 -13.30
N MET C 343 9.70 0.33 -13.94
CA MET C 343 9.42 -0.97 -13.35
C MET C 343 10.43 -1.29 -12.25
N ALA C 344 9.94 -1.83 -11.15
CA ALA C 344 10.76 -2.12 -9.97
C ALA C 344 11.59 -3.36 -10.26
N GLY C 345 12.72 -3.17 -10.91
CA GLY C 345 13.66 -4.25 -11.15
C GLY C 345 14.53 -4.51 -9.94
N SER C 346 13.95 -5.11 -8.90
CA SER C 346 14.66 -5.34 -7.65
C SER C 346 15.99 -6.04 -7.89
N THR C 347 15.97 -7.13 -8.66
CA THR C 347 17.21 -7.81 -8.99
C THR C 347 18.12 -6.92 -9.84
N GLY C 348 17.54 -6.17 -10.77
CA GLY C 348 18.28 -5.26 -11.63
C GLY C 348 18.56 -5.79 -13.03
N VAL C 349 18.03 -6.97 -13.37
CA VAL C 349 18.26 -7.52 -14.70
C VAL C 349 17.57 -6.67 -15.76
N HIS C 350 16.40 -6.12 -15.42
CA HIS C 350 15.59 -5.44 -16.41
C HIS C 350 16.30 -4.19 -16.95
N ASP C 351 16.76 -3.33 -16.04
CA ASP C 351 17.46 -2.12 -16.47
C ASP C 351 18.77 -2.47 -17.20
N THR C 352 19.50 -3.45 -16.65
CA THR C 352 20.79 -3.82 -17.23
C THR C 352 20.63 -4.35 -18.64
N VAL C 353 19.59 -5.15 -18.88
CA VAL C 353 19.36 -5.69 -20.22
C VAL C 353 19.12 -4.57 -21.22
N VAL C 354 18.29 -3.59 -20.83
CA VAL C 354 18.00 -2.47 -21.71
C VAL C 354 19.28 -1.69 -22.00
N ASN C 355 20.09 -1.45 -20.96
CA ASN C 355 21.33 -0.71 -21.16
C ASN C 355 22.28 -1.45 -22.11
N GLN C 356 22.39 -2.77 -21.93
CA GLN C 356 23.26 -3.56 -22.81
C GLN C 356 22.77 -3.49 -24.25
N LEU C 357 21.46 -3.63 -24.46
CA LEU C 357 20.93 -3.58 -25.82
C LEU C 357 21.18 -2.21 -26.45
N LEU C 358 20.94 -1.14 -25.70
CA LEU C 358 21.17 0.21 -26.21
C LEU C 358 22.63 0.42 -26.56
N SER C 359 23.54 -0.03 -25.71
CA SER C 359 24.97 0.17 -25.97
C SER C 359 25.47 -0.71 -27.10
N LYS C 360 24.75 -1.80 -27.40
CA LYS C 360 25.20 -2.69 -28.47
C LYS C 360 24.66 -2.27 -29.83
N ILE C 361 23.45 -1.70 -29.88
CA ILE C 361 22.90 -1.28 -31.16
C ILE C 361 23.67 -0.09 -31.72
N ASP C 362 23.67 1.02 -30.99
CA ASP C 362 24.34 2.26 -31.40
C ASP C 362 25.33 2.65 -30.31
N GLY C 363 26.61 2.37 -30.55
CA GLY C 363 27.64 2.66 -29.57
C GLY C 363 28.89 3.26 -30.18
N VAL C 364 30.02 3.12 -29.48
CA VAL C 364 31.28 3.69 -29.98
C VAL C 364 31.68 3.02 -31.28
N GLU C 365 31.60 1.69 -31.35
CA GLU C 365 31.89 0.96 -32.58
C GLU C 365 30.66 0.99 -33.49
N GLN C 366 30.92 1.06 -34.80
CA GLN C 366 29.88 1.24 -35.79
C GLN C 366 29.65 -0.05 -36.57
N LEU C 367 28.38 -0.42 -36.74
CA LEU C 367 27.97 -1.55 -37.55
C LEU C 367 27.09 -1.06 -38.69
N ASN C 368 27.13 -1.79 -39.81
CA ASN C 368 26.38 -1.38 -41.00
C ASN C 368 25.69 -2.54 -41.70
N ASN C 369 25.61 -3.72 -41.08
CA ASN C 369 25.04 -4.89 -41.72
C ASN C 369 24.10 -5.63 -40.77
N ILE C 370 23.20 -4.89 -40.11
CA ILE C 370 22.22 -5.49 -39.22
C ILE C 370 20.85 -4.85 -39.47
N LEU C 371 19.81 -5.56 -39.05
CA LEU C 371 18.44 -5.09 -39.18
C LEU C 371 17.61 -5.77 -38.11
N VAL C 372 16.89 -4.98 -37.31
CA VAL C 372 16.15 -5.47 -36.15
C VAL C 372 14.67 -5.18 -36.35
N ILE C 373 13.83 -6.18 -36.14
CA ILE C 373 12.39 -6.08 -36.31
C ILE C 373 11.72 -6.42 -34.99
N GLY C 374 10.80 -5.56 -34.56
CA GLY C 374 10.06 -5.79 -33.32
C GLY C 374 8.58 -5.64 -33.52
N MET C 375 7.81 -6.47 -32.83
CA MET C 375 6.36 -6.49 -32.92
C MET C 375 5.77 -6.38 -31.52
N THR C 376 4.80 -5.50 -31.29
CA THR C 376 4.18 -5.27 -29.96
C THR C 376 2.76 -4.71 -30.05
N ASN C 377 1.83 -5.13 -29.17
CA ASN C 377 0.41 -4.64 -29.12
C ASN C 377 0.29 -3.44 -28.20
N ARG C 378 1.28 -3.28 -27.20
CA ARG C 378 1.27 -2.16 -26.27
C ARG C 378 2.47 -1.28 -26.57
N PRO C 379 2.37 -0.34 -27.54
CA PRO C 379 3.52 0.48 -27.95
C PRO C 379 3.69 1.73 -27.11
N ASP C 380 3.65 1.57 -25.78
CA ASP C 380 3.90 2.69 -24.87
C ASP C 380 4.81 2.33 -23.71
N LEU C 381 4.94 1.06 -23.32
CA LEU C 381 5.97 0.68 -22.36
C LEU C 381 7.37 0.80 -22.93
N ILE C 382 7.48 0.84 -24.29
CA ILE C 382 8.80 0.83 -24.90
C ILE C 382 9.58 2.07 -24.49
N ASP C 383 10.88 1.89 -24.31
CA ASP C 383 11.73 2.99 -23.86
C ASP C 383 11.78 4.09 -24.92
N GLU C 384 11.86 5.34 -24.45
CA GLU C 384 11.95 6.46 -25.38
C GLU C 384 13.32 6.55 -26.02
N ALA C 385 14.36 6.01 -25.36
CA ALA C 385 15.71 6.05 -25.90
C ALA C 385 15.94 5.00 -26.98
N LEU C 386 14.99 4.09 -27.20
CA LEU C 386 15.10 3.07 -28.24
C LEU C 386 14.27 3.39 -29.47
N LEU C 387 13.52 4.48 -29.46
CA LEU C 387 12.65 4.86 -30.58
C LEU C 387 13.05 6.23 -31.13
N ARG C 388 14.34 6.45 -31.30
CA ARG C 388 14.85 7.67 -31.91
C ARG C 388 15.45 7.37 -33.28
N PRO C 389 15.59 8.38 -34.15
CA PRO C 389 16.00 8.11 -35.52
C PRO C 389 17.29 7.33 -35.65
N GLY C 390 18.11 7.31 -34.60
CA GLY C 390 19.34 6.54 -34.65
C GLY C 390 19.11 5.05 -34.62
N ARG C 391 18.23 4.59 -33.72
CA ARG C 391 18.07 3.17 -33.44
C ARG C 391 16.93 2.52 -34.21
N LEU C 392 15.70 2.99 -34.00
CA LEU C 392 14.51 2.39 -34.61
C LEU C 392 13.71 3.50 -35.27
N GLU C 393 13.83 3.59 -36.59
CA GLU C 393 13.21 4.69 -37.34
C GLU C 393 11.79 4.35 -37.79
N VAL C 394 11.65 3.29 -38.58
CA VAL C 394 10.38 2.98 -39.22
C VAL C 394 9.46 2.31 -38.19
N LYS C 395 8.29 2.88 -37.99
CA LYS C 395 7.28 2.30 -37.11
C LYS C 395 5.94 2.33 -37.82
N MET C 396 5.26 1.18 -37.87
CA MET C 396 4.06 1.01 -38.67
C MET C 396 2.92 0.46 -37.83
N GLU C 397 1.71 0.82 -38.23
CA GLU C 397 0.48 0.37 -37.60
C GLU C 397 -0.30 -0.49 -38.58
N ILE C 398 -0.69 -1.68 -38.11
CA ILE C 398 -1.51 -2.59 -38.90
C ILE C 398 -2.93 -2.54 -38.35
N GLY C 399 -3.89 -2.18 -39.19
CA GLY C 399 -5.27 -1.99 -38.79
C GLY C 399 -6.22 -2.91 -39.54
N LEU C 400 -7.49 -2.79 -39.18
CA LEU C 400 -8.50 -3.64 -39.78
C LEU C 400 -8.64 -3.33 -41.27
N PRO C 401 -8.93 -4.32 -42.10
CA PRO C 401 -9.04 -4.08 -43.54
C PRO C 401 -10.41 -3.53 -43.93
N ASP C 402 -10.47 -3.02 -45.16
CA ASP C 402 -11.71 -2.55 -45.75
C ASP C 402 -12.22 -3.61 -46.72
N GLU C 403 -13.26 -3.27 -47.49
CA GLU C 403 -13.93 -4.26 -48.33
C GLU C 403 -12.95 -4.90 -49.32
N LYS C 404 -12.14 -4.08 -49.98
CA LYS C 404 -11.20 -4.62 -50.96
C LYS C 404 -10.18 -5.54 -50.29
N GLY C 405 -9.70 -5.16 -49.11
CA GLY C 405 -8.76 -6.02 -48.40
C GLY C 405 -9.38 -7.34 -48.01
N ARG C 406 -10.64 -7.32 -47.55
CA ARG C 406 -11.32 -8.56 -47.22
C ARG C 406 -11.49 -9.44 -48.46
N LEU C 407 -11.84 -8.83 -49.59
CA LEU C 407 -11.95 -9.61 -50.82
C LEU C 407 -10.62 -10.24 -51.19
N GLN C 408 -9.52 -9.49 -51.07
CA GLN C 408 -8.21 -10.05 -51.39
C GLN C 408 -7.85 -11.20 -50.46
N ILE C 409 -8.14 -11.06 -49.17
CA ILE C 409 -7.82 -12.13 -48.22
C ILE C 409 -8.62 -13.38 -48.56
N LEU C 410 -9.92 -13.21 -48.83
CA LEU C 410 -10.75 -14.36 -49.14
C LEU C 410 -10.30 -15.03 -50.43
N HIS C 411 -9.88 -14.23 -51.43
CA HIS C 411 -9.35 -14.82 -52.65
C HIS C 411 -8.07 -15.59 -52.39
N ILE C 412 -7.21 -15.07 -51.53
CA ILE C 412 -5.95 -15.75 -51.24
C ILE C 412 -6.21 -17.08 -50.55
N HIS C 413 -7.10 -17.10 -49.56
CA HIS C 413 -7.25 -18.30 -48.74
C HIS C 413 -7.95 -19.41 -49.51
N THR C 414 -8.98 -19.10 -50.28
CA THR C 414 -9.70 -20.10 -51.07
C THR C 414 -9.15 -20.12 -52.49
N ALA C 415 -7.91 -20.60 -52.60
CA ALA C 415 -7.21 -20.70 -53.87
C ALA C 415 -6.91 -22.14 -54.28
N ARG C 416 -6.50 -22.99 -53.33
CA ARG C 416 -6.21 -24.38 -53.67
C ARG C 416 -7.50 -25.16 -53.92
N MET C 417 -8.56 -24.86 -53.16
CA MET C 417 -9.82 -25.56 -53.34
C MET C 417 -10.40 -25.31 -54.72
N ARG C 418 -10.34 -24.06 -55.19
N ARG C 418 -10.34 -24.06 -55.19
CA ARG C 418 -10.86 -23.75 -56.52
CA ARG C 418 -10.85 -23.74 -56.51
C ARG C 418 -10.09 -24.46 -57.61
C ARG C 418 -10.09 -24.46 -57.61
N GLY C 419 -8.80 -24.71 -57.40
CA GLY C 419 -8.01 -25.38 -58.42
C GLY C 419 -8.46 -26.80 -58.68
N HIS C 420 -8.89 -27.51 -57.64
CA HIS C 420 -9.25 -28.92 -57.73
C HIS C 420 -10.75 -29.13 -57.84
N GLN C 421 -11.50 -28.11 -58.25
CA GLN C 421 -12.95 -28.21 -58.44
C GLN C 421 -13.63 -28.72 -57.18
N LEU C 422 -13.17 -28.23 -56.02
CA LEU C 422 -13.76 -28.57 -54.74
C LEU C 422 -14.72 -27.50 -54.23
N LEU C 423 -14.99 -26.47 -55.03
CA LEU C 423 -15.89 -25.39 -54.67
C LEU C 423 -17.07 -25.38 -55.63
N SER C 424 -18.28 -25.41 -55.08
CA SER C 424 -19.48 -25.36 -55.89
C SER C 424 -19.71 -23.95 -56.42
N ALA C 425 -20.43 -23.86 -57.54
CA ALA C 425 -20.76 -22.57 -58.12
C ALA C 425 -21.81 -21.81 -57.32
N ASP C 426 -22.44 -22.46 -56.34
CA ASP C 426 -23.47 -21.80 -55.55
C ASP C 426 -22.89 -20.68 -54.69
N VAL C 427 -21.63 -20.78 -54.29
CA VAL C 427 -21.02 -19.84 -53.37
C VAL C 427 -20.39 -18.70 -54.17
N ASP C 428 -20.61 -17.47 -53.69
CA ASP C 428 -20.05 -16.27 -54.29
C ASP C 428 -19.19 -15.55 -53.25
N ILE C 429 -18.13 -14.90 -53.72
CA ILE C 429 -17.20 -14.25 -52.82
C ILE C 429 -17.60 -12.80 -52.53
N LYS C 430 -18.28 -12.14 -53.46
CA LYS C 430 -18.70 -10.76 -53.22
C LYS C 430 -19.69 -10.68 -52.07
N GLU C 431 -20.63 -11.64 -52.01
CA GLU C 431 -21.57 -11.66 -50.90
C GLU C 431 -20.85 -11.89 -49.58
N LEU C 432 -19.84 -12.77 -49.57
CA LEU C 432 -19.08 -13.00 -48.35
C LEU C 432 -18.34 -11.73 -47.93
N ALA C 433 -17.76 -11.01 -48.89
CA ALA C 433 -17.04 -9.78 -48.55
C ALA C 433 -17.99 -8.74 -47.99
N VAL C 434 -19.17 -8.58 -48.59
CA VAL C 434 -20.10 -7.55 -48.15
C VAL C 434 -20.69 -7.92 -46.78
N GLU C 435 -21.11 -9.17 -46.61
CA GLU C 435 -21.86 -9.56 -45.43
C GLU C 435 -21.02 -9.56 -44.16
N THR C 436 -19.70 -9.57 -44.26
CA THR C 436 -18.80 -9.63 -43.12
C THR C 436 -18.13 -8.28 -42.95
N LYS C 437 -18.32 -7.66 -41.77
CA LYS C 437 -17.87 -6.31 -41.51
C LYS C 437 -16.99 -6.28 -40.27
N ASN C 438 -15.90 -5.52 -40.34
CA ASN C 438 -14.96 -5.37 -39.23
C ASN C 438 -14.31 -6.71 -38.86
N PHE C 439 -14.21 -7.62 -39.81
CA PHE C 439 -13.52 -8.89 -39.59
C PHE C 439 -12.02 -8.69 -39.75
N SER C 440 -11.24 -9.19 -38.80
CA SER C 440 -9.80 -9.15 -38.91
C SER C 440 -9.33 -10.21 -39.91
N GLY C 441 -8.02 -10.27 -40.13
CA GLY C 441 -7.47 -11.25 -41.05
C GLY C 441 -7.46 -12.67 -40.50
N ALA C 442 -7.52 -12.83 -39.19
CA ALA C 442 -7.47 -14.14 -38.56
C ALA C 442 -8.85 -14.78 -38.40
N GLU C 443 -9.92 -14.09 -38.76
CA GLU C 443 -11.26 -14.62 -38.63
C GLU C 443 -11.86 -15.08 -39.94
N LEU C 444 -11.47 -14.49 -41.07
CA LEU C 444 -11.88 -15.03 -42.36
C LEU C 444 -11.33 -16.44 -42.56
N GLU C 445 -10.07 -16.64 -42.17
CA GLU C 445 -9.49 -17.99 -42.22
C GLU C 445 -10.25 -18.95 -41.34
N GLY C 446 -10.62 -18.51 -40.13
CA GLY C 446 -11.40 -19.37 -39.25
C GLY C 446 -12.75 -19.73 -39.83
N LEU C 447 -13.40 -18.75 -40.46
CA LEU C 447 -14.69 -19.01 -41.11
C LEU C 447 -14.54 -20.05 -42.21
N VAL C 448 -13.52 -19.90 -43.06
CA VAL C 448 -13.31 -20.87 -44.13
C VAL C 448 -13.03 -22.26 -43.55
N ARG C 449 -12.21 -22.31 -42.50
CA ARG C 449 -11.86 -23.59 -41.88
C ARG C 449 -13.10 -24.26 -41.30
N ALA C 450 -13.96 -23.49 -40.63
CA ALA C 450 -15.18 -24.06 -40.07
C ALA C 450 -16.10 -24.58 -41.17
N ALA C 451 -16.23 -23.83 -42.26
CA ALA C 451 -17.05 -24.31 -43.38
C ALA C 451 -16.51 -25.63 -43.92
N GLN C 452 -15.20 -25.71 -44.12
CA GLN C 452 -14.61 -26.95 -44.61
C GLN C 452 -14.82 -28.09 -43.62
N SER C 453 -14.66 -27.82 -42.33
CA SER C 453 -14.85 -28.87 -41.33
C SER C 453 -16.26 -29.41 -41.37
N THR C 454 -17.26 -28.53 -41.46
CA THR C 454 -18.64 -28.99 -41.55
C THR C 454 -18.85 -29.81 -42.82
N ALA C 455 -18.32 -29.33 -43.95
CA ALA C 455 -18.53 -30.04 -45.21
C ALA C 455 -17.95 -31.44 -45.15
N MET C 456 -16.74 -31.59 -44.60
CA MET C 456 -16.15 -32.93 -44.49
C MET C 456 -16.89 -33.78 -43.47
N ASN C 457 -17.33 -33.19 -42.36
CA ASN C 457 -18.07 -33.95 -41.35
C ASN C 457 -19.42 -34.44 -41.88
N ARG C 458 -19.96 -33.81 -42.92
CA ARG C 458 -21.22 -34.27 -43.48
C ARG C 458 -21.13 -35.73 -43.92
N HIS C 459 -20.03 -36.10 -44.58
CA HIS C 459 -19.91 -37.44 -45.12
C HIS C 459 -19.73 -38.48 -44.01
N ILE C 460 -18.89 -38.18 -43.02
CA ILE C 460 -18.60 -39.17 -41.99
C ILE C 460 -19.85 -39.48 -41.20
N LYS C 461 -20.15 -40.79 -41.06
CA LYS C 461 -21.31 -41.27 -40.31
C LYS C 461 -20.78 -42.27 -39.26
N ALA C 462 -20.47 -41.76 -38.07
CA ALA C 462 -19.98 -42.60 -36.99
C ALA C 462 -20.25 -41.91 -35.66
N SER C 463 -20.86 -42.64 -34.73
CA SER C 463 -21.19 -42.10 -33.42
C SER C 463 -20.38 -42.78 -32.32
N THR C 464 -20.45 -44.11 -32.26
CA THR C 464 -19.71 -44.84 -31.23
C THR C 464 -18.43 -45.44 -31.79
N LYS C 465 -18.54 -46.18 -32.90
CA LYS C 465 -17.40 -46.78 -33.56
C LYS C 465 -17.07 -45.93 -34.79
N VAL C 466 -15.87 -45.36 -34.80
CA VAL C 466 -15.46 -44.47 -35.88
C VAL C 466 -15.52 -45.21 -37.21
N GLU C 467 -16.02 -44.54 -38.24
CA GLU C 467 -16.20 -45.13 -39.55
C GLU C 467 -16.30 -44.02 -40.57
N VAL C 468 -15.55 -44.15 -41.66
CA VAL C 468 -15.52 -43.17 -42.73
C VAL C 468 -16.20 -43.76 -43.96
N ASP C 469 -17.19 -43.05 -44.49
CA ASP C 469 -17.92 -43.49 -45.67
C ASP C 469 -17.17 -43.05 -46.92
N MET C 470 -16.19 -43.87 -47.30
CA MET C 470 -15.32 -43.56 -48.44
C MET C 470 -16.13 -43.40 -49.72
N GLU C 471 -17.26 -44.10 -49.81
CA GLU C 471 -18.10 -44.02 -51.00
C GLU C 471 -18.61 -42.61 -51.21
N LYS C 472 -19.07 -41.96 -50.14
CA LYS C 472 -19.59 -40.60 -50.27
C LYS C 472 -18.47 -39.58 -50.41
N ALA C 473 -17.26 -39.93 -49.97
CA ALA C 473 -16.14 -39.02 -50.07
C ALA C 473 -15.66 -38.86 -51.51
N GLU C 474 -16.17 -39.68 -52.42
CA GLU C 474 -15.75 -39.61 -53.82
C GLU C 474 -16.07 -38.25 -54.41
N SER C 475 -17.24 -37.70 -54.10
CA SER C 475 -17.66 -36.39 -54.59
C SER C 475 -17.87 -35.48 -53.40
N LEU C 476 -16.92 -34.58 -53.16
CA LEU C 476 -16.97 -33.65 -52.04
C LEU C 476 -17.07 -32.23 -52.59
N GLN C 477 -17.99 -31.45 -52.03
CA GLN C 477 -18.13 -30.05 -52.42
C GLN C 477 -18.74 -29.29 -51.25
N VAL C 478 -18.49 -27.98 -51.22
CA VAL C 478 -18.95 -27.11 -50.16
C VAL C 478 -19.93 -26.11 -50.76
N THR C 479 -21.09 -25.95 -50.13
CA THR C 479 -22.15 -25.07 -50.61
C THR C 479 -22.31 -23.88 -49.66
N ARG C 480 -23.29 -23.03 -49.99
CA ARG C 480 -23.53 -21.84 -49.18
C ARG C 480 -24.01 -22.20 -47.79
N GLY C 481 -24.66 -23.36 -47.63
CA GLY C 481 -25.18 -23.73 -46.33
C GLY C 481 -24.11 -23.79 -45.26
N ASP C 482 -22.96 -24.37 -45.60
CA ASP C 482 -21.88 -24.47 -44.63
C ASP C 482 -21.39 -23.09 -44.20
N PHE C 483 -21.21 -22.18 -45.17
CA PHE C 483 -20.74 -20.84 -44.84
C PHE C 483 -21.76 -20.11 -43.96
N LEU C 484 -23.04 -20.20 -44.29
CA LEU C 484 -24.06 -19.53 -43.48
C LEU C 484 -24.12 -20.12 -42.07
N ALA C 485 -24.05 -21.44 -41.96
CA ALA C 485 -24.09 -22.06 -40.63
C ALA C 485 -22.89 -21.64 -39.80
N SER C 486 -21.70 -21.60 -40.42
CA SER C 486 -20.51 -21.16 -39.68
C SER C 486 -20.63 -19.71 -39.26
N LEU C 487 -21.16 -18.85 -40.15
CA LEU C 487 -21.34 -17.44 -39.80
C LEU C 487 -22.28 -17.29 -38.61
N GLU C 488 -23.38 -18.03 -38.61
CA GLU C 488 -24.37 -17.86 -37.55
C GLU C 488 -23.91 -18.46 -36.23
N ASN C 489 -23.28 -19.63 -36.27
CA ASN C 489 -23.04 -20.40 -35.06
C ASN C 489 -21.61 -20.30 -34.52
N ASP C 490 -20.59 -20.33 -35.39
CA ASP C 490 -19.23 -20.58 -34.94
C ASP C 490 -18.45 -19.30 -34.64
N ILE C 491 -18.28 -18.45 -35.63
CA ILE C 491 -17.33 -17.34 -35.55
C ILE C 491 -18.02 -16.11 -34.97
N LYS C 492 -17.37 -15.46 -34.01
CA LYS C 492 -17.89 -14.27 -33.34
C LYS C 492 -16.85 -13.17 -33.40
N PRO C 493 -17.03 -12.13 -34.21
CA PRO C 493 -16.01 -11.07 -34.28
C PRO C 493 -15.93 -10.29 -32.98
N ALA C 494 -14.75 -9.70 -32.75
CA ALA C 494 -14.50 -8.92 -31.55
C ALA C 494 -14.75 -7.44 -31.74
N PHE C 495 -14.53 -6.90 -32.94
CA PHE C 495 -14.78 -5.51 -33.24
C PHE C 495 -16.07 -5.30 -34.02
N GLY C 496 -16.93 -6.32 -34.10
CA GLY C 496 -18.18 -6.23 -34.79
C GLY C 496 -19.36 -6.16 -33.83
N THR C 497 -20.53 -6.52 -34.35
CA THR C 497 -21.78 -6.47 -33.59
C THR C 497 -22.31 -7.89 -33.38
N ASN C 498 -22.78 -8.16 -32.16
CA ASN C 498 -23.33 -9.45 -31.79
C ASN C 498 -24.83 -9.33 -31.55
N GLN C 499 -25.54 -10.42 -31.82
CA GLN C 499 -26.99 -10.42 -31.80
C GLN C 499 -27.59 -10.65 -30.41
N GLU C 500 -26.79 -11.06 -29.43
CA GLU C 500 -27.35 -11.31 -28.10
C GLU C 500 -27.67 -10.02 -27.36
N ASP C 501 -26.91 -8.94 -27.62
CA ASP C 501 -27.14 -7.69 -26.92
C ASP C 501 -28.54 -7.15 -27.21
N TYR C 502 -28.96 -7.18 -28.47
CA TYR C 502 -30.28 -6.69 -28.83
C TYR C 502 -31.39 -7.69 -28.49
N ALA C 503 -31.04 -8.91 -28.09
CA ALA C 503 -32.05 -9.87 -27.66
C ALA C 503 -32.26 -9.85 -26.16
N SER C 504 -31.24 -9.45 -25.38
CA SER C 504 -31.38 -9.40 -23.93
C SER C 504 -32.07 -8.14 -23.44
N TYR C 505 -32.19 -7.11 -24.28
CA TYR C 505 -32.75 -5.83 -23.88
C TYR C 505 -34.13 -5.55 -24.47
N ILE C 506 -34.34 -5.83 -25.76
CA ILE C 506 -35.66 -5.72 -26.36
C ILE C 506 -36.31 -7.09 -26.19
N MET C 507 -36.92 -7.30 -25.02
CA MET C 507 -37.39 -8.62 -24.65
C MET C 507 -38.75 -8.95 -25.29
N ASN C 508 -39.70 -8.02 -25.21
CA ASN C 508 -41.05 -8.25 -25.69
C ASN C 508 -41.38 -7.42 -26.92
N GLY C 509 -40.37 -7.11 -27.74
CA GLY C 509 -40.63 -6.38 -28.96
C GLY C 509 -41.02 -4.94 -28.70
N ILE C 510 -41.57 -4.30 -29.72
CA ILE C 510 -42.05 -2.93 -29.65
C ILE C 510 -43.41 -2.86 -30.33
N ILE C 511 -44.39 -2.29 -29.64
CA ILE C 511 -45.75 -2.15 -30.15
C ILE C 511 -46.12 -0.68 -30.19
N LYS C 512 -46.79 -0.26 -31.26
CA LYS C 512 -47.15 1.15 -31.46
C LYS C 512 -48.51 1.39 -30.80
N TRP C 513 -48.48 1.91 -29.57
CA TRP C 513 -49.69 2.27 -28.86
C TRP C 513 -50.08 3.73 -29.01
N GLY C 514 -49.30 4.50 -29.78
CA GLY C 514 -49.60 5.91 -29.92
C GLY C 514 -48.60 6.57 -30.85
N ASP C 515 -48.71 7.90 -30.92
CA ASP C 515 -47.88 8.71 -31.81
C ASP C 515 -46.46 8.91 -31.29
N PRO C 516 -46.25 9.05 -29.97
CA PRO C 516 -44.89 9.38 -29.49
C PRO C 516 -43.81 8.41 -29.95
N VAL C 517 -44.13 7.12 -30.10
CA VAL C 517 -43.13 6.16 -30.50
C VAL C 517 -42.54 6.51 -31.86
N THR C 518 -43.41 6.86 -32.82
CA THR C 518 -42.94 7.23 -34.14
C THR C 518 -42.08 8.49 -34.09
N ARG C 519 -42.48 9.46 -33.25
CA ARG C 519 -41.70 10.68 -33.12
C ARG C 519 -40.29 10.38 -32.63
N VAL C 520 -40.19 9.54 -31.58
CA VAL C 520 -38.87 9.22 -31.04
C VAL C 520 -38.02 8.51 -32.08
N LEU C 521 -38.61 7.54 -32.78
CA LEU C 521 -37.85 6.79 -33.77
C LEU C 521 -37.39 7.69 -34.91
N ASP C 522 -38.26 8.60 -35.37
CA ASP C 522 -37.89 9.50 -36.45
C ASP C 522 -36.77 10.44 -36.03
N ASP C 523 -36.83 10.96 -34.81
CA ASP C 523 -35.75 11.82 -34.34
C ASP C 523 -34.43 11.06 -34.27
N GLY C 524 -34.47 9.82 -33.79
CA GLY C 524 -33.27 9.00 -33.78
C GLY C 524 -32.70 8.80 -35.17
N GLU C 525 -33.58 8.54 -36.14
CA GLU C 525 -33.13 8.35 -37.52
C GLU C 525 -32.48 9.61 -38.06
N LEU C 526 -33.07 10.77 -37.77
CA LEU C 526 -32.50 12.03 -38.23
C LEU C 526 -31.11 12.24 -37.64
N LEU C 527 -30.94 11.95 -36.36
CA LEU C 527 -29.62 12.12 -35.75
C LEU C 527 -28.61 11.16 -36.35
N VAL C 528 -29.02 9.91 -36.62
CA VAL C 528 -28.12 8.94 -37.23
C VAL C 528 -27.67 9.44 -38.61
N GLN C 529 -28.63 9.92 -39.40
N GLN C 529 -28.63 9.91 -39.41
CA GLN C 529 -28.28 10.45 -40.72
CA GLN C 529 -28.28 10.45 -40.72
C GLN C 529 -27.32 11.63 -40.60
C GLN C 529 -27.32 11.62 -40.59
N GLN C 530 -27.55 12.50 -39.62
CA GLN C 530 -26.65 13.64 -39.43
C GLN C 530 -25.23 13.16 -39.14
N THR C 531 -25.08 12.21 -38.22
CA THR C 531 -23.73 11.80 -37.85
C THR C 531 -23.04 11.06 -38.99
N LYS C 532 -23.79 10.34 -39.82
CA LYS C 532 -23.18 9.55 -40.87
C LYS C 532 -22.71 10.39 -42.06
N ASN C 533 -23.43 11.46 -42.40
CA ASN C 533 -23.18 12.19 -43.64
C ASN C 533 -22.85 13.66 -43.43
N SER C 534 -21.95 13.96 -42.49
CA SER C 534 -21.65 15.36 -42.23
C SER C 534 -20.23 15.50 -41.71
N ASP C 535 -19.58 16.58 -42.13
CA ASP C 535 -18.32 17.06 -41.57
C ASP C 535 -18.61 18.35 -40.81
N ARG C 536 -17.60 18.84 -40.07
CA ARG C 536 -17.73 19.93 -39.11
C ARG C 536 -18.43 19.50 -37.84
N THR C 537 -18.84 18.24 -37.73
CA THR C 537 -19.56 17.73 -36.58
C THR C 537 -19.42 16.22 -36.52
N PRO C 538 -18.23 15.70 -36.21
CA PRO C 538 -18.02 14.25 -36.17
C PRO C 538 -18.46 13.57 -34.88
N LEU C 539 -18.88 14.32 -33.87
CA LEU C 539 -19.31 13.74 -32.59
C LEU C 539 -20.62 14.40 -32.18
N VAL C 540 -21.68 13.60 -32.08
CA VAL C 540 -22.99 14.08 -31.66
C VAL C 540 -23.52 13.15 -30.57
N SER C 541 -24.16 13.73 -29.56
CA SER C 541 -24.72 12.97 -28.45
C SER C 541 -26.15 13.41 -28.20
N VAL C 542 -26.94 12.51 -27.62
CA VAL C 542 -28.35 12.75 -27.35
C VAL C 542 -28.70 12.09 -26.02
N LEU C 543 -29.76 12.58 -25.39
CA LEU C 543 -30.22 12.09 -24.10
C LEU C 543 -31.68 11.71 -24.18
N LEU C 544 -32.01 10.53 -23.67
CA LEU C 544 -33.38 10.01 -23.64
C LEU C 544 -33.82 9.99 -22.17
N GLU C 545 -34.72 10.90 -21.81
CA GLU C 545 -35.11 11.08 -20.41
C GLU C 545 -36.63 11.01 -20.29
N GLY C 546 -37.08 10.53 -19.13
CA GLY C 546 -38.49 10.40 -18.85
C GLY C 546 -38.72 9.80 -17.48
N PRO C 547 -39.99 9.63 -17.10
CA PRO C 547 -40.30 9.02 -15.80
C PRO C 547 -40.00 7.54 -15.81
N PRO C 548 -39.87 6.93 -14.62
CA PRO C 548 -39.49 5.52 -14.57
C PRO C 548 -40.59 4.61 -15.11
N HIS C 549 -40.16 3.43 -15.56
CA HIS C 549 -41.04 2.41 -16.13
C HIS C 549 -41.69 2.87 -17.43
N SER C 550 -41.09 3.85 -18.11
CA SER C 550 -41.66 4.38 -19.35
C SER C 550 -41.21 3.63 -20.58
N GLY C 551 -40.15 2.83 -20.49
CA GLY C 551 -39.68 2.05 -21.62
C GLY C 551 -38.68 2.79 -22.49
N LYS C 552 -37.64 3.35 -21.87
CA LYS C 552 -36.65 4.14 -22.58
C LYS C 552 -35.32 3.43 -22.76
N THR C 553 -35.19 2.19 -22.29
CA THR C 553 -34.00 1.38 -22.57
C THR C 553 -34.21 0.43 -23.73
N ALA C 554 -35.46 0.09 -24.06
CA ALA C 554 -35.74 -0.71 -25.24
C ALA C 554 -35.90 0.14 -26.49
N LEU C 555 -35.90 1.47 -26.35
CA LEU C 555 -35.97 2.36 -27.51
C LEU C 555 -34.59 2.80 -27.95
N ALA C 556 -33.67 3.05 -27.01
CA ALA C 556 -32.29 3.36 -27.38
C ALA C 556 -31.65 2.20 -28.12
N ALA C 557 -31.86 0.97 -27.63
CA ALA C 557 -31.32 -0.20 -28.30
C ALA C 557 -31.94 -0.38 -29.68
N LYS C 558 -33.25 -0.12 -29.81
CA LYS C 558 -33.90 -0.21 -31.11
C LYS C 558 -33.33 0.83 -32.08
N ILE C 559 -33.10 2.05 -31.59
CA ILE C 559 -32.53 3.09 -32.44
C ILE C 559 -31.14 2.69 -32.90
N ALA C 560 -30.33 2.16 -31.99
CA ALA C 560 -28.98 1.72 -32.36
C ALA C 560 -29.04 0.58 -33.37
N GLU C 561 -29.98 -0.35 -33.19
CA GLU C 561 -30.04 -1.53 -34.04
C GLU C 561 -30.33 -1.19 -35.49
N GLU C 562 -31.03 -0.08 -35.75
CA GLU C 562 -31.42 0.29 -37.10
C GLU C 562 -30.42 1.21 -37.79
N SER C 563 -29.33 1.57 -37.12
CA SER C 563 -28.34 2.44 -37.74
C SER C 563 -27.49 1.68 -38.74
N ASN C 564 -27.32 0.38 -38.57
CA ASN C 564 -26.49 -0.46 -39.42
C ASN C 564 -25.01 -0.08 -39.37
N PHE C 565 -24.59 0.58 -38.29
CA PHE C 565 -23.18 0.85 -38.11
C PHE C 565 -22.42 -0.45 -37.89
N PRO C 566 -21.19 -0.57 -38.40
CA PRO C 566 -20.45 -1.82 -38.19
C PRO C 566 -20.17 -2.14 -36.74
N PHE C 567 -19.98 -1.13 -35.89
CA PHE C 567 -19.60 -1.32 -34.49
C PHE C 567 -20.69 -0.74 -33.60
N ILE C 568 -21.27 -1.57 -32.74
CA ILE C 568 -22.27 -1.14 -31.76
C ILE C 568 -21.96 -1.82 -30.44
N LYS C 569 -22.02 -1.07 -29.35
CA LYS C 569 -21.68 -1.60 -28.04
C LYS C 569 -22.54 -0.89 -27.00
N ILE C 570 -22.92 -1.63 -25.97
CA ILE C 570 -23.77 -1.12 -24.88
C ILE C 570 -23.00 -1.21 -23.58
N CYS C 571 -22.86 -0.07 -22.90
CA CYS C 571 -22.19 0.01 -21.62
C CYS C 571 -23.24 0.12 -20.53
N SER C 572 -23.33 -0.89 -19.67
CA SER C 572 -24.37 -0.99 -18.66
C SER C 572 -23.77 -1.30 -17.30
N PRO C 573 -24.44 -0.92 -16.22
CA PRO C 573 -23.94 -1.25 -14.88
C PRO C 573 -24.19 -2.69 -14.45
N ASP C 574 -24.91 -3.48 -15.24
CA ASP C 574 -25.16 -4.87 -14.89
C ASP C 574 -23.85 -5.67 -14.79
N LYS C 575 -22.78 -5.20 -15.42
CA LYS C 575 -21.51 -5.91 -15.45
C LYS C 575 -20.46 -5.26 -14.56
N MET C 576 -20.88 -4.43 -13.61
CA MET C 576 -19.96 -3.74 -12.71
C MET C 576 -20.49 -3.78 -11.28
N ILE C 577 -20.97 -4.94 -10.84
CA ILE C 577 -21.50 -5.08 -9.49
C ILE C 577 -20.34 -5.25 -8.52
N GLY C 578 -20.26 -4.37 -7.53
CA GLY C 578 -19.20 -4.41 -6.54
C GLY C 578 -17.91 -3.74 -6.95
N PHE C 579 -17.84 -3.18 -8.15
CA PHE C 579 -16.63 -2.51 -8.61
C PHE C 579 -16.39 -1.22 -7.82
N SER C 580 -15.13 -0.84 -7.72
CA SER C 580 -14.76 0.43 -7.11
C SER C 580 -14.87 1.53 -8.16
N GLU C 581 -14.37 2.73 -7.84
CA GLU C 581 -14.41 3.82 -8.80
C GLU C 581 -13.41 3.61 -9.93
N THR C 582 -12.18 3.19 -9.58
CA THR C 582 -11.13 3.06 -10.58
C THR C 582 -11.49 1.99 -11.62
N ALA C 583 -12.06 0.87 -11.17
CA ALA C 583 -12.43 -0.19 -12.10
C ALA C 583 -13.49 0.30 -13.09
N LYS C 584 -14.48 1.05 -12.60
CA LYS C 584 -15.50 1.59 -13.49
C LYS C 584 -14.90 2.54 -14.51
N CYS C 585 -14.01 3.43 -14.06
CA CYS C 585 -13.37 4.35 -14.99
C CYS C 585 -12.57 3.60 -16.04
N GLN C 586 -11.82 2.58 -15.63
N GLN C 586 -11.83 2.57 -15.63
CA GLN C 586 -11.02 1.81 -16.58
CA GLN C 586 -11.02 1.80 -16.57
C GLN C 586 -11.90 1.08 -17.58
C GLN C 586 -11.89 1.08 -17.59
N ALA C 587 -13.01 0.51 -17.13
CA ALA C 587 -13.91 -0.19 -18.05
C ALA C 587 -14.49 0.76 -19.08
N MET C 588 -14.94 1.94 -18.65
CA MET C 588 -15.47 2.91 -19.58
C MET C 588 -14.41 3.35 -20.58
N LYS C 589 -13.19 3.61 -20.09
CA LYS C 589 -12.12 4.04 -20.97
C LYS C 589 -11.78 2.97 -21.99
N LYS C 590 -11.78 1.70 -21.57
CA LYS C 590 -11.51 0.62 -22.52
C LYS C 590 -12.58 0.54 -23.60
N ILE C 591 -13.85 0.66 -23.21
CA ILE C 591 -14.91 0.60 -24.20
C ILE C 591 -14.74 1.73 -25.22
N PHE C 592 -14.48 2.94 -24.75
CA PHE C 592 -14.34 4.07 -25.68
C PHE C 592 -13.07 3.94 -26.52
N ASP C 593 -11.98 3.42 -25.95
CA ASP C 593 -10.77 3.22 -26.73
C ASP C 593 -11.00 2.24 -27.86
N ASP C 594 -11.73 1.16 -27.59
CA ASP C 594 -12.10 0.24 -28.67
C ASP C 594 -12.98 0.94 -29.70
N ALA C 595 -13.92 1.77 -29.24
CA ALA C 595 -14.79 2.47 -30.17
C ALA C 595 -14.02 3.40 -31.09
N TYR C 596 -12.91 3.96 -30.61
CA TYR C 596 -12.09 4.87 -31.41
C TYR C 596 -11.29 4.17 -32.52
N LYS C 597 -11.50 2.89 -32.83
CA LYS C 597 -10.68 2.17 -33.80
C LYS C 597 -11.46 1.74 -35.04
N SER C 598 -12.61 2.36 -35.31
CA SER C 598 -13.44 2.01 -36.44
C SER C 598 -13.92 3.28 -37.14
N GLN C 599 -14.41 3.12 -38.36
CA GLN C 599 -14.86 4.26 -39.15
C GLN C 599 -16.16 4.85 -38.60
N LEU C 600 -17.12 4.00 -38.26
CA LEU C 600 -18.39 4.42 -37.69
C LEU C 600 -18.64 3.65 -36.41
N SER C 601 -19.22 4.33 -35.42
CA SER C 601 -19.40 3.73 -34.11
C SER C 601 -20.60 4.35 -33.41
N CYS C 602 -21.32 3.50 -32.66
CA CYS C 602 -22.40 3.93 -31.81
C CYS C 602 -22.20 3.31 -30.43
N VAL C 603 -22.44 4.10 -29.39
CA VAL C 603 -22.26 3.65 -28.00
C VAL C 603 -23.47 4.09 -27.20
N VAL C 604 -23.96 3.20 -26.34
CA VAL C 604 -25.14 3.45 -25.52
C VAL C 604 -24.73 3.41 -24.05
N VAL C 605 -25.07 4.46 -23.32
CA VAL C 605 -24.82 4.55 -21.88
C VAL C 605 -26.16 4.44 -21.17
N ASP C 606 -26.26 3.49 -20.25
CA ASP C 606 -27.52 3.05 -19.68
C ASP C 606 -27.57 3.41 -18.21
N ASP C 607 -28.68 4.02 -17.78
CA ASP C 607 -28.93 4.33 -16.38
C ASP C 607 -27.77 5.15 -15.79
N ILE C 608 -27.64 6.37 -16.29
CA ILE C 608 -26.53 7.24 -15.90
C ILE C 608 -26.50 7.44 -14.39
N GLU C 609 -27.66 7.40 -13.74
CA GLU C 609 -27.69 7.65 -12.29
C GLU C 609 -27.14 6.49 -11.49
N ARG C 610 -27.22 5.26 -12.02
CA ARG C 610 -26.63 4.12 -11.35
C ARG C 610 -25.12 4.04 -11.54
N LEU C 611 -24.59 4.69 -12.58
CA LEU C 611 -23.15 4.74 -12.78
C LEU C 611 -22.48 5.71 -11.82
N LEU C 612 -23.13 6.83 -11.52
CA LEU C 612 -22.60 7.81 -10.59
C LEU C 612 -22.79 7.43 -9.13
N ASP C 613 -23.57 6.38 -8.85
CA ASP C 613 -23.80 5.92 -7.48
C ASP C 613 -24.58 6.96 -6.68
N TYR C 614 -25.65 7.48 -7.26
CA TYR C 614 -26.41 8.55 -6.63
C TYR C 614 -27.41 8.01 -5.61
N VAL C 615 -27.60 8.77 -4.53
CA VAL C 615 -28.60 8.46 -3.52
C VAL C 615 -29.13 9.78 -2.97
N PRO C 616 -30.45 9.99 -2.89
CA PRO C 616 -30.94 11.32 -2.50
C PRO C 616 -30.45 11.80 -1.14
N ILE C 617 -30.22 10.90 -0.19
CA ILE C 617 -29.74 11.32 1.12
C ILE C 617 -28.29 11.78 1.00
N GLY C 618 -27.94 12.83 1.75
CA GLY C 618 -26.68 13.50 1.64
C GLY C 618 -26.70 14.76 0.77
N PRO C 619 -26.74 14.64 -0.56
CA PRO C 619 -26.63 13.46 -1.42
C PRO C 619 -25.21 12.91 -1.51
N ARG C 620 -25.05 11.67 -1.94
N ARG C 620 -25.06 11.65 -1.92
CA ARG C 620 -23.74 11.04 -2.10
CA ARG C 620 -23.75 11.04 -2.10
C ARG C 620 -23.61 10.49 -3.51
C ARG C 620 -23.63 10.52 -3.52
N PHE C 621 -22.44 10.68 -4.10
CA PHE C 621 -22.17 10.18 -5.44
C PHE C 621 -20.67 10.11 -5.64
N SER C 622 -20.25 9.68 -6.83
CA SER C 622 -18.86 9.54 -7.18
C SER C 622 -18.42 10.71 -8.05
N ASN C 623 -17.24 11.26 -7.77
CA ASN C 623 -16.73 12.40 -8.51
C ASN C 623 -15.80 11.98 -9.65
N LEU C 624 -14.99 10.93 -9.44
CA LEU C 624 -14.10 10.49 -10.50
C LEU C 624 -14.90 10.08 -11.74
N VAL C 625 -15.96 9.30 -11.57
CA VAL C 625 -16.74 8.84 -12.70
C VAL C 625 -17.46 10.01 -13.36
N LEU C 626 -17.96 10.96 -12.57
CA LEU C 626 -18.65 12.11 -13.14
C LEU C 626 -17.69 12.93 -14.00
N GLN C 627 -16.48 13.18 -13.50
CA GLN C 627 -15.52 13.95 -14.28
C GLN C 627 -15.10 13.21 -15.53
N ALA C 628 -14.88 11.88 -15.42
CA ALA C 628 -14.52 11.11 -16.60
C ALA C 628 -15.63 11.19 -17.66
N LEU C 629 -16.88 11.05 -17.24
CA LEU C 629 -17.99 11.13 -18.18
C LEU C 629 -18.06 12.52 -18.81
N LEU C 630 -17.86 13.57 -18.01
CA LEU C 630 -17.98 14.92 -18.52
C LEU C 630 -16.88 15.24 -19.52
N VAL C 631 -15.68 14.67 -19.33
CA VAL C 631 -14.58 14.93 -20.25
C VAL C 631 -14.51 13.95 -21.40
N LEU C 632 -15.29 12.85 -21.36
CA LEU C 632 -15.32 11.88 -22.44
C LEU C 632 -16.43 12.16 -23.46
N LEU C 633 -17.27 13.17 -23.21
CA LEU C 633 -18.34 13.54 -24.13
C LEU C 633 -17.92 14.62 -25.11
N LYS C 634 -16.67 15.10 -25.04
CA LYS C 634 -16.18 16.13 -25.93
C LYS C 634 -14.94 15.71 -26.72
N LYS C 635 -14.29 14.62 -26.35
CA LYS C 635 -13.12 14.14 -27.07
C LYS C 635 -13.54 13.58 -28.43
N ALA C 636 -13.02 14.15 -29.50
CA ALA C 636 -13.40 13.71 -30.84
C ALA C 636 -12.52 12.55 -31.31
N PRO C 637 -13.04 11.67 -32.17
CA PRO C 637 -12.22 10.56 -32.65
C PRO C 637 -11.10 11.07 -33.55
N PRO C 638 -9.99 10.35 -33.63
CA PRO C 638 -8.85 10.84 -34.42
C PRO C 638 -9.10 10.76 -35.92
N GLN C 639 -8.52 11.72 -36.63
CA GLN C 639 -8.36 11.69 -38.09
C GLN C 639 -9.65 11.25 -38.80
N GLY C 640 -10.67 12.08 -38.63
CA GLY C 640 -11.89 11.94 -39.40
C GLY C 640 -12.60 10.61 -39.25
N ARG C 641 -13.02 10.29 -38.03
CA ARG C 641 -13.83 9.11 -37.76
C ARG C 641 -15.06 9.55 -36.96
N LYS C 642 -16.22 9.00 -37.31
CA LYS C 642 -17.46 9.44 -36.70
C LYS C 642 -17.70 8.69 -35.39
N LEU C 643 -18.73 9.13 -34.67
CA LEU C 643 -19.09 8.53 -33.39
C LEU C 643 -20.44 9.08 -32.95
N LEU C 644 -21.26 8.21 -32.37
CA LEU C 644 -22.55 8.62 -31.84
C LEU C 644 -22.72 8.03 -30.44
N ILE C 645 -23.29 8.81 -29.54
CA ILE C 645 -23.49 8.41 -28.15
C ILE C 645 -24.95 8.65 -27.78
N ILE C 646 -25.58 7.64 -27.18
CA ILE C 646 -26.96 7.74 -26.72
C ILE C 646 -26.99 7.39 -25.24
N GLY C 647 -27.37 8.35 -24.41
CA GLY C 647 -27.43 8.15 -22.96
C GLY C 647 -28.87 8.15 -22.49
N THR C 648 -29.17 7.32 -21.48
CA THR C 648 -30.51 7.22 -20.93
C THR C 648 -30.49 7.52 -19.44
N THR C 649 -31.53 8.20 -18.97
CA THR C 649 -31.65 8.56 -17.55
C THR C 649 -33.12 8.76 -17.22
N SER C 650 -33.40 8.81 -15.92
CA SER C 650 -34.76 9.02 -15.43
C SER C 650 -34.92 10.22 -14.52
N ARG C 651 -33.83 10.83 -14.06
CA ARG C 651 -33.86 11.98 -13.15
C ARG C 651 -33.08 13.11 -13.82
N LYS C 652 -33.79 13.93 -14.61
CA LYS C 652 -33.14 15.00 -15.35
C LYS C 652 -32.74 16.16 -14.47
N ASP C 653 -33.47 16.41 -13.38
CA ASP C 653 -33.17 17.56 -12.53
C ASP C 653 -31.78 17.43 -11.90
N VAL C 654 -31.41 16.23 -11.48
CA VAL C 654 -30.08 16.03 -10.89
C VAL C 654 -29.00 16.32 -11.93
N LEU C 655 -29.18 15.81 -13.14
CA LEU C 655 -28.20 16.04 -14.19
C LEU C 655 -28.08 17.52 -14.50
N GLN C 656 -29.21 18.23 -14.54
CA GLN C 656 -29.17 19.67 -14.77
C GLN C 656 -28.41 20.37 -13.64
N GLU C 657 -28.65 19.94 -12.40
CA GLU C 657 -27.97 20.56 -11.26
C GLU C 657 -26.46 20.29 -11.28
N MET C 658 -26.05 19.17 -11.86
CA MET C 658 -24.63 18.86 -11.98
C MET C 658 -23.98 19.53 -13.18
N GLU C 659 -24.70 20.36 -13.92
CA GLU C 659 -24.17 21.01 -15.12
C GLU C 659 -23.73 19.98 -16.15
N MET C 660 -24.50 18.89 -16.25
CA MET C 660 -24.21 17.82 -17.20
C MET C 660 -25.06 17.90 -18.47
N LEU C 661 -25.95 18.89 -18.57
CA LEU C 661 -26.78 19.04 -19.75
C LEU C 661 -26.16 19.96 -20.80
N ASN C 662 -25.00 20.56 -20.50
CA ASN C 662 -24.26 21.29 -21.53
C ASN C 662 -23.53 20.35 -22.47
N ALA C 663 -23.02 19.22 -21.95
CA ALA C 663 -22.27 18.29 -22.78
C ALA C 663 -23.14 17.70 -23.89
N PHE C 664 -24.37 17.33 -23.56
CA PHE C 664 -25.26 16.72 -24.54
C PHE C 664 -25.72 17.77 -25.56
N SER C 665 -25.95 17.31 -26.78
CA SER C 665 -26.30 18.21 -27.87
C SER C 665 -27.81 18.37 -28.06
N THR C 666 -28.62 17.48 -27.52
CA THR C 666 -30.07 17.58 -27.66
C THR C 666 -30.72 16.72 -26.58
N THR C 667 -32.04 16.55 -26.66
CA THR C 667 -32.79 15.79 -25.67
C THR C 667 -34.09 15.32 -26.29
N ILE C 668 -34.54 14.14 -25.85
CA ILE C 668 -35.79 13.55 -26.32
C ILE C 668 -36.59 13.10 -25.11
N HIS C 669 -37.91 13.06 -25.25
CA HIS C 669 -38.83 12.79 -24.16
C HIS C 669 -39.63 11.53 -24.45
N VAL C 670 -39.73 10.64 -23.48
CA VAL C 670 -40.46 9.40 -23.59
C VAL C 670 -41.59 9.41 -22.56
N PRO C 671 -42.84 9.66 -23.00
CA PRO C 671 -43.94 9.81 -22.04
C PRO C 671 -44.64 8.51 -21.67
N ASN C 672 -45.59 8.58 -20.74
CA ASN C 672 -46.39 7.45 -20.32
C ASN C 672 -47.69 7.40 -21.11
N ILE C 673 -48.49 6.38 -20.82
CA ILE C 673 -49.84 6.29 -21.38
C ILE C 673 -50.74 7.25 -20.62
N ALA C 674 -51.38 8.18 -21.34
CA ALA C 674 -52.17 9.23 -20.73
C ALA C 674 -53.66 9.06 -20.98
N THR C 675 -54.06 8.93 -22.24
CA THR C 675 -55.48 8.84 -22.57
C THR C 675 -55.97 7.39 -22.52
N GLY C 676 -57.25 7.24 -22.20
CA GLY C 676 -57.82 5.89 -22.11
C GLY C 676 -57.80 5.14 -23.42
N GLU C 677 -58.06 5.83 -24.53
CA GLU C 677 -58.02 5.17 -25.83
C GLU C 677 -56.66 4.52 -26.08
N GLN C 678 -55.58 5.17 -25.63
CA GLN C 678 -54.26 4.58 -25.77
C GLN C 678 -54.15 3.28 -24.97
N LEU C 679 -54.71 3.27 -23.76
CA LEU C 679 -54.72 2.04 -22.96
C LEU C 679 -55.48 0.93 -23.67
N LEU C 680 -56.64 1.26 -24.24
CA LEU C 680 -57.42 0.27 -24.96
C LEU C 680 -56.65 -0.28 -26.16
N GLU C 681 -55.98 0.61 -26.89
CA GLU C 681 -55.20 0.17 -28.05
C GLU C 681 -54.05 -0.74 -27.61
N ALA C 682 -53.40 -0.40 -26.51
CA ALA C 682 -52.32 -1.24 -26.00
C ALA C 682 -52.84 -2.62 -25.61
N LEU C 683 -54.00 -2.66 -24.93
CA LEU C 683 -54.60 -3.93 -24.57
C LEU C 683 -54.94 -4.75 -25.81
N GLU C 684 -55.46 -4.10 -26.85
CA GLU C 684 -55.77 -4.79 -28.09
C GLU C 684 -54.53 -5.39 -28.73
N LEU C 685 -53.44 -4.62 -28.75
CA LEU C 685 -52.22 -5.07 -29.41
C LEU C 685 -51.56 -6.21 -28.64
N LEU C 686 -51.60 -6.14 -27.31
CA LEU C 686 -50.91 -7.15 -26.49
C LEU C 686 -51.50 -8.53 -26.70
N GLY C 687 -52.82 -8.63 -26.87
CA GLY C 687 -53.47 -9.92 -27.00
C GLY C 687 -53.98 -10.45 -25.68
N ASN C 688 -54.81 -9.65 -25.00
CA ASN C 688 -55.28 -9.95 -23.66
C ASN C 688 -56.77 -9.61 -23.60
N PHE C 689 -57.34 -9.43 -22.40
CA PHE C 689 -58.79 -9.47 -22.19
C PHE C 689 -59.53 -8.94 -23.40
N LYS C 690 -60.47 -9.73 -23.91
CA LYS C 690 -61.14 -9.45 -25.17
C LYS C 690 -62.61 -9.81 -25.05
N ASP C 691 -63.36 -9.56 -26.13
CA ASP C 691 -64.79 -9.81 -26.14
C ASP C 691 -65.50 -8.82 -25.21
N LYS C 692 -66.52 -9.26 -24.49
CA LYS C 692 -67.21 -8.38 -23.56
C LYS C 692 -66.29 -7.82 -22.49
N GLU C 693 -65.18 -8.50 -22.21
CA GLU C 693 -64.24 -8.01 -21.21
C GLU C 693 -63.69 -6.64 -21.63
N ARG C 694 -63.33 -6.50 -22.90
CA ARG C 694 -62.84 -5.22 -23.39
C ARG C 694 -63.89 -4.13 -23.22
N THR C 695 -65.15 -4.46 -23.53
CA THR C 695 -66.22 -3.49 -23.40
C THR C 695 -66.37 -3.02 -21.95
N THR C 696 -66.44 -3.97 -21.02
CA THR C 696 -66.64 -3.60 -19.62
C THR C 696 -65.44 -2.82 -19.09
N ILE C 697 -64.24 -3.14 -19.55
CA ILE C 697 -63.07 -2.34 -19.18
C ILE C 697 -63.20 -0.93 -19.73
N ALA C 698 -63.67 -0.81 -20.97
CA ALA C 698 -63.80 0.50 -21.61
C ALA C 698 -64.80 1.37 -20.87
N GLN C 699 -65.91 0.78 -20.41
CA GLN C 699 -66.96 1.59 -19.77
C GLN C 699 -66.43 2.31 -18.54
N GLN C 700 -65.62 1.63 -17.74
CA GLN C 700 -65.17 2.15 -16.45
C GLN C 700 -63.93 3.04 -16.55
N VAL C 701 -63.28 3.09 -17.72
CA VAL C 701 -62.02 3.81 -17.85
C VAL C 701 -62.19 5.02 -18.77
N LYS C 702 -63.04 4.89 -19.78
CA LYS C 702 -63.17 5.96 -20.78
C LYS C 702 -63.49 7.30 -20.16
N GLY C 703 -64.22 7.31 -19.04
CA GLY C 703 -64.62 8.55 -18.40
C GLY C 703 -63.64 9.05 -17.36
N LYS C 704 -62.35 9.05 -17.68
CA LYS C 704 -61.34 9.56 -16.76
C LYS C 704 -59.96 9.56 -17.40
N LYS C 705 -58.96 10.04 -16.66
CA LYS C 705 -57.58 10.10 -17.13
C LYS C 705 -56.77 9.00 -16.46
N VAL C 706 -55.75 8.51 -17.17
CA VAL C 706 -54.89 7.44 -16.68
C VAL C 706 -53.44 7.87 -16.83
N TRP C 707 -52.59 7.27 -16.00
N TRP C 707 -52.58 7.28 -15.99
CA TRP C 707 -51.16 7.60 -15.97
CA TRP C 707 -51.16 7.60 -16.02
C TRP C 707 -50.35 6.38 -15.57
C TRP C 707 -50.36 6.38 -15.58
N ILE C 708 -49.84 5.62 -16.55
CA ILE C 708 -49.13 4.38 -16.26
C ILE C 708 -48.15 4.09 -17.39
N GLY C 709 -47.01 3.46 -17.04
CA GLY C 709 -46.04 3.04 -18.02
C GLY C 709 -46.32 1.65 -18.55
N ILE C 710 -45.65 1.32 -19.66
CA ILE C 710 -45.88 0.03 -20.31
C ILE C 710 -45.30 -1.11 -19.48
N LYS C 711 -44.10 -0.92 -18.94
CA LYS C 711 -43.48 -1.98 -18.16
C LYS C 711 -44.31 -2.35 -16.93
N LYS C 712 -45.08 -1.38 -16.40
CA LYS C 712 -45.98 -1.68 -15.30
C LYS C 712 -47.29 -2.28 -15.79
N LEU C 713 -47.74 -1.88 -16.97
CA LEU C 713 -48.96 -2.47 -17.52
C LEU C 713 -48.79 -3.96 -17.77
N LEU C 714 -47.63 -4.37 -18.29
CA LEU C 714 -47.39 -5.80 -18.50
C LEU C 714 -47.44 -6.55 -17.19
N MET C 715 -46.81 -6.00 -16.14
CA MET C 715 -46.80 -6.68 -14.85
C MET C 715 -48.21 -6.79 -14.28
N LEU C 716 -49.01 -5.73 -14.38
CA LEU C 716 -50.38 -5.80 -13.89
C LEU C 716 -51.19 -6.83 -14.65
N ILE C 717 -51.05 -6.87 -15.97
CA ILE C 717 -51.80 -7.83 -16.77
C ILE C 717 -51.43 -9.26 -16.37
N GLU C 718 -50.13 -9.52 -16.19
CA GLU C 718 -49.71 -10.86 -15.79
C GLU C 718 -50.16 -11.21 -14.39
N MET C 719 -50.17 -10.24 -13.47
CA MET C 719 -50.58 -10.51 -12.10
C MET C 719 -52.07 -10.78 -11.99
N SER C 720 -52.89 -10.17 -12.86
CA SER C 720 -54.33 -10.32 -12.75
C SER C 720 -54.86 -11.58 -13.41
N LEU C 721 -54.02 -12.40 -14.04
CA LEU C 721 -54.46 -13.58 -14.76
C LEU C 721 -54.39 -14.85 -13.93
N GLN C 722 -54.04 -14.77 -12.65
CA GLN C 722 -53.84 -15.94 -11.81
C GLN C 722 -55.10 -16.34 -11.04
N MET C 723 -56.21 -15.63 -11.24
CA MET C 723 -57.46 -15.95 -10.57
C MET C 723 -58.36 -16.78 -11.50
N ASP C 724 -59.51 -17.18 -10.97
CA ASP C 724 -60.47 -17.92 -11.76
C ASP C 724 -61.07 -17.01 -12.84
N PRO C 725 -61.65 -17.59 -13.90
CA PRO C 725 -62.17 -16.76 -14.99
C PRO C 725 -63.49 -16.09 -14.65
N GLU C 726 -63.57 -15.47 -13.47
CA GLU C 726 -64.74 -14.71 -13.07
C GLU C 726 -64.39 -13.43 -12.34
N TYR C 727 -63.16 -13.26 -11.86
CA TYR C 727 -62.76 -12.06 -11.12
C TYR C 727 -61.53 -11.39 -11.73
N ARG C 728 -61.10 -11.81 -12.91
CA ARG C 728 -59.89 -11.23 -13.51
C ARG C 728 -60.08 -9.75 -13.79
N VAL C 729 -61.22 -9.37 -14.37
CA VAL C 729 -61.46 -7.98 -14.70
C VAL C 729 -61.54 -7.12 -13.45
N ARG C 730 -62.21 -7.64 -12.40
CA ARG C 730 -62.32 -6.88 -11.17
C ARG C 730 -60.96 -6.61 -10.55
N LYS C 731 -60.10 -7.64 -10.51
CA LYS C 731 -58.76 -7.45 -9.96
C LYS C 731 -57.94 -6.50 -10.81
N PHE C 732 -58.05 -6.60 -12.14
CA PHE C 732 -57.32 -5.67 -13.00
C PHE C 732 -57.74 -4.24 -12.74
N LEU C 733 -59.06 -4.00 -12.64
CA LEU C 733 -59.54 -2.65 -12.40
C LEU C 733 -59.11 -2.14 -11.03
N ALA C 734 -59.14 -2.99 -10.01
CA ALA C 734 -58.69 -2.58 -8.68
C ALA C 734 -57.21 -2.20 -8.70
N LEU C 735 -56.38 -3.03 -9.35
CA LEU C 735 -54.96 -2.73 -9.43
C LEU C 735 -54.71 -1.45 -10.20
N LEU C 736 -55.43 -1.23 -11.29
CA LEU C 736 -55.29 0.00 -12.05
C LEU C 736 -55.68 1.21 -11.20
N ARG C 737 -56.78 1.10 -10.45
CA ARG C 737 -57.21 2.20 -9.60
C ARG C 737 -56.16 2.51 -8.54
N GLU C 738 -55.55 1.48 -7.95
CA GLU C 738 -54.52 1.70 -6.96
C GLU C 738 -53.21 2.23 -7.57
N GLU C 739 -52.96 1.95 -8.85
CA GLU C 739 -51.70 2.31 -9.48
C GLU C 739 -51.80 3.53 -10.38
N GLY C 740 -52.94 3.74 -11.04
CA GLY C 740 -53.07 4.86 -11.95
C GLY C 740 -53.18 6.20 -11.22
N ALA C 741 -52.17 6.50 -10.41
CA ALA C 741 -52.17 7.70 -9.58
C ALA C 741 -51.63 8.89 -10.37
N SER C 742 -51.89 10.08 -9.84
CA SER C 742 -51.47 11.34 -10.44
C SER C 742 -51.89 11.42 -11.91
N PRO C 743 -53.20 11.34 -12.21
CA PRO C 743 -53.64 11.43 -13.60
C PRO C 743 -53.26 12.75 -14.26
N ARG D 208 59.32 15.12 -25.27
CA ARG D 208 59.47 16.05 -26.38
C ARG D 208 58.37 15.84 -27.42
N GLN D 209 58.06 14.57 -27.70
CA GLN D 209 57.02 14.26 -28.67
C GLN D 209 55.69 14.86 -28.23
N SER D 210 54.99 15.49 -29.18
CA SER D 210 53.72 16.12 -28.88
C SER D 210 52.63 15.07 -28.69
N ILE D 211 51.58 15.45 -27.96
CA ILE D 211 50.45 14.56 -27.71
C ILE D 211 49.33 14.75 -28.71
N ILE D 212 49.40 15.77 -29.56
CA ILE D 212 48.45 15.98 -30.65
C ILE D 212 49.07 15.45 -31.93
N ASN D 213 48.24 14.84 -32.78
CA ASN D 213 48.74 14.32 -34.05
C ASN D 213 49.26 15.47 -34.92
N PRO D 214 50.31 15.23 -35.69
CA PRO D 214 50.85 16.33 -36.53
C PRO D 214 49.82 16.90 -37.48
N ASP D 215 48.95 16.07 -38.05
CA ASP D 215 47.91 16.50 -38.97
C ASP D 215 46.58 16.47 -38.22
N TRP D 216 46.02 17.65 -37.97
CA TRP D 216 44.75 17.75 -37.24
C TRP D 216 44.07 19.04 -37.64
N ASN D 217 42.75 19.07 -37.47
CA ASN D 217 41.97 20.25 -37.84
C ASN D 217 40.57 20.09 -37.25
N PHE D 218 40.08 21.14 -36.58
CA PHE D 218 38.78 21.06 -35.94
C PHE D 218 37.67 20.76 -36.95
N GLU D 219 37.85 21.17 -38.21
CA GLU D 219 36.85 20.89 -39.23
C GLU D 219 36.82 19.42 -39.61
N LYS D 220 37.95 18.72 -39.49
CA LYS D 220 38.03 17.34 -39.96
C LYS D 220 37.08 16.44 -39.18
N MET D 221 37.01 16.62 -37.86
CA MET D 221 36.26 15.68 -37.03
C MET D 221 34.79 15.65 -37.41
N GLY D 222 34.20 16.80 -37.69
CA GLY D 222 32.83 16.85 -38.18
C GLY D 222 31.81 16.92 -37.08
N ILE D 223 31.99 17.85 -36.14
CA ILE D 223 31.02 18.10 -35.07
C ILE D 223 30.73 19.59 -35.06
N GLY D 224 29.45 19.95 -35.04
CA GLY D 224 29.05 21.34 -35.10
C GLY D 224 27.96 21.71 -34.12
N GLY D 225 28.05 22.90 -33.54
CA GLY D 225 27.08 23.36 -32.57
C GLY D 225 27.50 23.20 -31.13
N LEU D 226 28.75 22.82 -30.86
CA LEU D 226 29.24 22.60 -29.51
C LEU D 226 30.61 23.24 -29.33
N ASP D 227 30.80 24.42 -29.90
CA ASP D 227 32.10 25.07 -29.82
C ASP D 227 32.47 25.41 -28.38
N LYS D 228 31.52 25.93 -27.60
CA LYS D 228 31.81 26.31 -26.23
C LYS D 228 32.17 25.10 -25.38
N GLU D 229 31.45 23.99 -25.56
CA GLU D 229 31.74 22.79 -24.78
C GLU D 229 33.14 22.28 -25.06
N PHE D 230 33.52 22.24 -26.34
CA PHE D 230 34.86 21.77 -26.69
C PHE D 230 35.92 22.73 -26.17
N SER D 231 35.67 24.03 -26.24
CA SER D 231 36.64 24.99 -25.72
C SER D 231 36.87 24.78 -24.23
N ASP D 232 35.79 24.63 -23.46
CA ASP D 232 35.93 24.42 -22.03
C ASP D 232 36.63 23.09 -21.73
N ILE D 233 36.27 22.04 -22.46
CA ILE D 233 36.92 20.74 -22.24
C ILE D 233 38.41 20.84 -22.48
N PHE D 234 38.80 21.45 -23.61
CA PHE D 234 40.22 21.61 -23.92
C PHE D 234 40.94 22.48 -22.90
N ARG D 235 40.34 23.56 -22.43
CA ARG D 235 40.95 24.40 -21.42
C ARG D 235 41.15 23.69 -20.09
N ARG D 236 40.17 22.92 -19.63
CA ARG D 236 40.25 22.32 -18.30
C ARG D 236 40.86 20.92 -18.29
N ALA D 237 41.12 20.33 -19.46
CA ALA D 237 41.62 18.96 -19.49
C ALA D 237 43.00 18.86 -20.13
N PHE D 238 43.17 19.47 -21.30
CA PHE D 238 44.38 19.28 -22.10
C PHE D 238 45.25 20.53 -22.16
N ALA D 239 45.13 21.41 -21.16
CA ALA D 239 46.00 22.59 -21.13
C ALA D 239 47.34 22.30 -20.48
N SER D 240 47.38 21.35 -19.53
CA SER D 240 48.62 21.01 -18.84
C SER D 240 49.47 20.00 -19.59
N ARG D 241 48.94 19.36 -20.63
CA ARG D 241 49.68 18.38 -21.40
C ARG D 241 50.31 18.96 -22.66
N VAL D 242 50.19 20.27 -22.87
CA VAL D 242 50.74 20.91 -24.07
C VAL D 242 51.79 21.97 -23.73
N PHE D 243 51.76 22.56 -22.54
CA PHE D 243 52.72 23.58 -22.19
C PHE D 243 54.10 22.94 -21.98
N PRO D 244 55.18 23.72 -22.11
CA PRO D 244 56.52 23.16 -21.89
C PRO D 244 56.63 22.51 -20.52
N PRO D 245 57.24 21.31 -20.44
CA PRO D 245 57.27 20.60 -19.15
C PRO D 245 57.83 21.42 -18.00
N GLU D 246 58.82 22.28 -18.26
CA GLU D 246 59.55 22.93 -17.18
C GLU D 246 58.62 23.76 -16.30
N ILE D 247 57.76 24.57 -16.93
CA ILE D 247 56.86 25.43 -16.15
C ILE D 247 55.80 24.59 -15.44
N VAL D 248 55.26 23.58 -16.12
CA VAL D 248 54.22 22.76 -15.51
C VAL D 248 54.76 22.04 -14.27
N GLU D 249 56.02 21.59 -14.34
CA GLU D 249 56.63 20.87 -13.23
C GLU D 249 57.03 21.78 -12.08
N GLN D 250 56.98 23.11 -12.26
CA GLN D 250 57.36 24.06 -11.24
C GLN D 250 56.17 24.58 -10.44
N MET D 251 54.97 24.06 -10.69
CA MET D 251 53.78 24.49 -9.98
C MET D 251 53.23 23.45 -9.02
N GLY D 252 53.63 22.20 -9.14
CA GLY D 252 53.12 21.16 -8.26
C GLY D 252 51.64 20.89 -8.44
N CYS D 253 51.16 20.81 -9.68
CA CYS D 253 49.76 20.58 -9.99
C CYS D 253 49.57 19.20 -10.60
N LYS D 254 48.52 18.51 -10.17
CA LYS D 254 48.18 17.19 -10.66
C LYS D 254 47.16 17.31 -11.79
N HIS D 255 47.36 16.53 -12.85
CA HIS D 255 46.48 16.59 -14.00
C HIS D 255 45.08 16.11 -13.64
N VAL D 256 44.08 16.65 -14.36
CA VAL D 256 42.71 16.22 -14.17
C VAL D 256 42.51 14.85 -14.84
N LYS D 257 41.78 13.97 -14.16
CA LYS D 257 41.60 12.61 -14.64
C LYS D 257 40.14 12.17 -14.57
N GLY D 258 39.21 12.99 -15.08
CA GLY D 258 37.81 12.60 -15.11
C GLY D 258 36.91 13.56 -15.86
N ILE D 259 36.00 13.01 -16.67
CA ILE D 259 35.04 13.80 -17.42
C ILE D 259 33.70 13.09 -17.41
N LEU D 260 32.62 13.86 -17.31
CA LEU D 260 31.27 13.31 -17.35
C LEU D 260 30.41 14.16 -18.28
N LEU D 261 29.70 13.49 -19.19
CA LEU D 261 28.81 14.14 -20.16
C LEU D 261 27.41 13.58 -19.97
N TYR D 262 26.41 14.45 -19.99
CA TYR D 262 25.03 14.02 -19.81
C TYR D 262 24.10 14.94 -20.58
N GLY D 263 22.90 14.42 -20.88
CA GLY D 263 21.90 15.16 -21.60
C GLY D 263 20.84 14.24 -22.18
N PRO D 264 19.85 14.81 -22.84
CA PRO D 264 18.79 13.99 -23.46
C PRO D 264 19.33 13.21 -24.65
N PRO D 265 18.67 12.12 -25.05
CA PRO D 265 19.22 11.29 -26.13
C PRO D 265 19.37 12.05 -27.43
N GLY D 266 20.42 11.71 -28.17
CA GLY D 266 20.59 12.20 -29.53
C GLY D 266 21.22 13.56 -29.67
N CYS D 267 21.96 14.04 -28.67
CA CYS D 267 22.54 15.37 -28.69
C CYS D 267 24.04 15.37 -28.92
N GLY D 268 24.63 14.23 -29.23
CA GLY D 268 26.04 14.20 -29.62
C GLY D 268 27.03 14.01 -28.49
N LYS D 269 26.87 12.95 -27.71
CA LYS D 269 27.82 12.60 -26.66
C LYS D 269 28.82 11.54 -27.10
N THR D 270 28.33 10.39 -27.56
CA THR D 270 29.23 9.35 -28.05
C THR D 270 30.09 9.87 -29.18
N LEU D 271 29.57 10.78 -30.00
CA LEU D 271 30.39 11.40 -31.04
C LEU D 271 31.55 12.17 -30.42
N LEU D 272 31.27 12.93 -29.36
CA LEU D 272 32.34 13.67 -28.68
C LEU D 272 33.39 12.72 -28.12
N ALA D 273 32.95 11.64 -27.47
CA ALA D 273 33.91 10.70 -26.91
C ALA D 273 34.76 10.05 -28.00
N ARG D 274 34.12 9.65 -29.10
CA ARG D 274 34.86 9.01 -30.19
C ARG D 274 35.87 9.97 -30.80
N GLN D 275 35.48 11.22 -31.02
CA GLN D 275 36.41 12.18 -31.61
C GLN D 275 37.55 12.52 -30.65
N ILE D 276 37.25 12.60 -29.36
CA ILE D 276 38.32 12.83 -28.37
C ILE D 276 39.30 11.67 -28.40
N GLY D 277 38.80 10.43 -28.44
CA GLY D 277 39.69 9.30 -28.53
C GLY D 277 40.54 9.30 -29.79
N LYS D 278 39.93 9.66 -30.92
CA LYS D 278 40.66 9.67 -32.18
C LYS D 278 41.71 10.78 -32.23
N MET D 279 41.45 11.91 -31.59
CA MET D 279 42.34 13.06 -31.70
C MET D 279 43.73 12.74 -31.11
N LEU D 280 43.76 12.08 -29.97
CA LEU D 280 45.01 11.93 -29.22
C LEU D 280 46.00 11.04 -29.96
N ASN D 281 47.27 11.38 -29.83
CA ASN D 281 48.37 10.56 -30.35
C ASN D 281 48.83 9.55 -29.32
N ALA D 282 47.88 8.77 -28.81
CA ALA D 282 48.12 7.78 -27.76
C ALA D 282 47.67 6.42 -28.24
N ARG D 283 47.70 5.44 -27.34
CA ARG D 283 47.27 4.09 -27.67
C ARG D 283 45.76 4.04 -27.84
N GLU D 284 45.30 2.97 -28.48
CA GLU D 284 43.87 2.82 -28.75
C GLU D 284 43.09 2.80 -27.44
N PRO D 285 42.05 3.61 -27.29
CA PRO D 285 41.30 3.63 -26.02
C PRO D 285 40.62 2.30 -25.76
N LYS D 286 40.48 1.98 -24.48
CA LYS D 286 39.81 0.76 -24.03
C LYS D 286 38.38 1.10 -23.64
N VAL D 287 37.42 0.63 -24.44
CA VAL D 287 36.01 0.99 -24.29
C VAL D 287 35.28 -0.13 -23.59
N VAL D 288 34.30 0.24 -22.77
CA VAL D 288 33.45 -0.70 -22.05
C VAL D 288 32.02 -0.48 -22.52
N ASN D 289 31.45 -1.50 -23.18
CA ASN D 289 30.11 -1.40 -23.76
C ASN D 289 29.06 -1.73 -22.69
N GLY D 290 28.77 -0.73 -21.87
CA GLY D 290 27.80 -0.88 -20.81
C GLY D 290 28.26 -1.84 -19.74
N PRO D 291 27.34 -2.54 -19.09
CA PRO D 291 27.72 -3.48 -18.04
C PRO D 291 28.33 -4.76 -18.60
N GLU D 292 29.53 -4.65 -19.15
CA GLU D 292 30.23 -5.76 -19.76
C GLU D 292 31.31 -6.35 -18.85
N ILE D 293 31.31 -5.97 -17.57
CA ILE D 293 32.37 -6.38 -16.66
C ILE D 293 31.78 -7.16 -15.49
N LEU D 294 30.70 -7.87 -15.75
CA LEU D 294 30.02 -8.67 -14.73
C LEU D 294 30.22 -10.15 -15.01
N ASN D 295 30.42 -10.93 -13.96
CA ASN D 295 30.71 -12.35 -14.08
C ASN D 295 29.98 -13.11 -12.98
N LYS D 296 29.73 -14.40 -13.24
CA LYS D 296 28.95 -15.20 -12.29
C LYS D 296 29.77 -15.59 -11.08
N TYR D 297 31.05 -15.92 -11.27
CA TYR D 297 31.88 -16.39 -10.17
C TYR D 297 32.07 -15.29 -9.13
N VAL D 298 32.23 -15.70 -7.87
CA VAL D 298 32.39 -14.75 -6.79
C VAL D 298 33.79 -14.15 -6.83
N GLY D 299 33.88 -12.83 -6.79
CA GLY D 299 35.14 -12.14 -6.79
C GLY D 299 35.76 -11.91 -8.15
N GLU D 300 35.13 -12.37 -9.22
CA GLU D 300 35.64 -12.14 -10.57
C GLU D 300 35.08 -10.88 -11.21
N SER D 301 34.00 -10.32 -10.66
CA SER D 301 33.49 -9.06 -11.17
C SER D 301 34.49 -7.93 -10.91
N GLU D 302 35.11 -7.93 -9.73
CA GLU D 302 36.10 -6.90 -9.42
C GLU D 302 37.41 -7.13 -10.18
N ALA D 303 37.82 -8.39 -10.31
CA ALA D 303 39.04 -8.69 -11.06
C ALA D 303 38.95 -8.21 -12.50
N ASN D 304 37.75 -8.10 -13.05
CA ASN D 304 37.59 -7.56 -14.39
C ASN D 304 37.72 -6.04 -14.42
N ILE D 305 37.23 -5.36 -13.38
CA ILE D 305 37.34 -3.90 -13.30
C ILE D 305 38.71 -3.46 -12.81
N ARG D 306 39.59 -4.39 -12.45
CA ARG D 306 40.94 -4.07 -12.01
C ARG D 306 41.99 -4.37 -13.06
N LYS D 307 41.62 -5.02 -14.17
N LYS D 307 41.62 -5.00 -14.16
CA LYS D 307 42.56 -5.28 -15.25
CA LYS D 307 42.54 -5.29 -15.25
C LYS D 307 42.65 -4.13 -16.26
C LYS D 307 42.62 -4.16 -16.28
N LEU D 308 41.81 -3.11 -16.12
CA LEU D 308 41.84 -1.98 -17.04
C LEU D 308 42.96 -1.00 -16.73
N PHE D 309 43.57 -1.09 -15.55
CA PHE D 309 44.59 -0.16 -15.10
C PHE D 309 45.97 -0.80 -15.00
N ALA D 310 46.15 -2.01 -15.52
CA ALA D 310 47.43 -2.70 -15.38
C ALA D 310 48.52 -2.03 -16.21
N ASP D 311 48.22 -1.75 -17.49
CA ASP D 311 49.23 -1.16 -18.37
C ASP D 311 49.68 0.21 -17.85
N ALA D 312 48.73 1.03 -17.40
CA ALA D 312 49.08 2.35 -16.90
C ALA D 312 50.04 2.25 -15.71
N GLU D 313 49.70 1.40 -14.74
CA GLU D 313 50.54 1.26 -13.56
C GLU D 313 51.93 0.74 -13.93
N GLU D 314 51.98 -0.28 -14.78
CA GLU D 314 53.27 -0.84 -15.17
C GLU D 314 54.13 0.20 -15.87
N GLU D 315 53.54 0.95 -16.82
CA GLU D 315 54.31 1.95 -17.54
C GLU D 315 54.78 3.06 -16.63
N GLN D 316 53.94 3.50 -15.70
CA GLN D 316 54.36 4.54 -14.76
C GLN D 316 55.52 4.04 -13.89
N ARG D 317 55.43 2.81 -13.39
CA ARG D 317 56.51 2.27 -12.59
C ARG D 317 57.76 1.99 -13.41
N ARG D 318 57.63 1.93 -14.74
CA ARG D 318 58.80 1.65 -15.58
C ARG D 318 59.52 2.93 -15.98
N LEU D 319 58.83 3.85 -16.65
CA LEU D 319 59.44 5.12 -17.08
C LEU D 319 59.27 6.19 -16.00
N GLY D 320 58.03 6.51 -15.66
CA GLY D 320 57.77 7.51 -14.65
C GLY D 320 57.88 8.94 -15.17
N ALA D 321 56.80 9.72 -15.04
CA ALA D 321 56.74 11.14 -15.34
C ALA D 321 56.95 11.46 -16.83
N ASN D 322 57.07 10.44 -17.70
CA ASN D 322 57.25 10.70 -19.11
C ASN D 322 56.44 9.72 -19.97
N SER D 323 55.44 9.08 -19.39
CA SER D 323 54.65 8.08 -20.09
C SER D 323 53.46 8.74 -20.80
N GLY D 324 52.94 8.04 -21.81
CA GLY D 324 51.83 8.54 -22.58
C GLY D 324 50.51 8.41 -21.83
N LEU D 325 49.46 8.91 -22.47
CA LEU D 325 48.14 8.89 -21.86
C LEU D 325 47.46 7.54 -22.08
N HIS D 326 46.63 7.16 -21.11
CA HIS D 326 45.83 5.95 -21.18
C HIS D 326 44.36 6.34 -21.01
N ILE D 327 43.61 6.28 -22.10
CA ILE D 327 42.22 6.73 -22.14
C ILE D 327 41.31 5.54 -21.91
N ILE D 328 40.32 5.71 -21.04
CA ILE D 328 39.31 4.70 -20.77
C ILE D 328 37.93 5.34 -20.96
N ILE D 329 37.05 4.66 -21.67
CA ILE D 329 35.73 5.18 -22.01
C ILE D 329 34.67 4.27 -21.40
N PHE D 330 33.75 4.87 -20.65
CA PHE D 330 32.64 4.15 -20.04
C PHE D 330 31.34 4.59 -20.71
N ASP D 331 30.62 3.62 -21.28
CA ASP D 331 29.32 3.87 -21.88
C ASP D 331 28.22 3.51 -20.89
N GLU D 332 27.25 4.40 -20.74
CA GLU D 332 26.16 4.21 -19.78
C GLU D 332 26.73 3.87 -18.40
N ILE D 333 27.47 4.83 -17.84
CA ILE D 333 28.12 4.62 -16.55
C ILE D 333 27.08 4.29 -15.48
N ASP D 334 25.82 4.68 -15.70
CA ASP D 334 24.76 4.39 -14.74
C ASP D 334 24.44 2.91 -14.65
N ALA D 335 24.94 2.08 -15.57
CA ALA D 335 24.60 0.66 -15.56
C ALA D 335 25.30 -0.07 -14.41
N ILE D 336 26.57 0.26 -14.15
CA ILE D 336 27.36 -0.42 -13.15
C ILE D 336 27.56 0.43 -11.90
N CYS D 337 27.76 1.73 -12.07
CA CYS D 337 28.04 2.64 -10.95
C CYS D 337 26.75 3.34 -10.57
N LYS D 338 26.13 2.90 -9.45
CA LYS D 338 24.92 3.50 -8.92
C LYS D 338 25.09 3.71 -7.42
N GLN D 339 24.07 4.30 -6.81
CA GLN D 339 24.12 4.60 -5.37
C GLN D 339 24.48 3.35 -4.58
N ARG D 340 25.08 3.55 -3.41
CA ARG D 340 25.46 2.46 -2.53
C ARG D 340 24.43 2.37 -1.41
N GLY D 341 23.91 1.16 -1.19
CA GLY D 341 22.80 0.93 -0.29
C GLY D 341 21.46 0.81 -0.98
N SER D 342 21.36 1.26 -2.25
CA SER D 342 20.18 1.02 -3.06
C SER D 342 20.31 -0.33 -3.74
N MET D 343 19.32 -0.70 -4.56
CA MET D 343 19.33 -1.98 -5.26
C MET D 343 19.58 -3.11 -4.25
N ALA D 344 18.81 -3.07 -3.16
CA ALA D 344 18.94 -4.05 -2.08
C ALA D 344 18.35 -5.38 -2.54
N GLY D 345 19.11 -6.05 -3.39
CA GLY D 345 18.70 -7.34 -3.93
C GLY D 345 19.40 -8.49 -3.23
N SER D 346 20.41 -9.06 -3.87
CA SER D 346 21.15 -10.18 -3.30
C SER D 346 22.52 -10.24 -3.96
N THR D 347 23.44 -10.91 -3.28
CA THR D 347 24.80 -11.15 -3.76
C THR D 347 25.67 -9.90 -3.67
N GLY D 348 25.07 -8.75 -3.37
CA GLY D 348 25.83 -7.53 -3.14
C GLY D 348 26.94 -7.24 -4.13
N VAL D 349 26.85 -7.75 -5.35
CA VAL D 349 27.93 -7.53 -6.32
C VAL D 349 28.03 -6.07 -6.71
N HIS D 350 26.89 -5.38 -6.82
CA HIS D 350 26.90 -4.00 -7.28
C HIS D 350 27.62 -3.09 -6.28
N ASP D 351 27.40 -3.31 -4.99
CA ASP D 351 28.01 -2.45 -3.99
C ASP D 351 29.50 -2.71 -3.87
N THR D 352 29.97 -3.87 -4.36
CA THR D 352 31.38 -4.21 -4.25
C THR D 352 32.20 -3.72 -5.44
N VAL D 353 31.56 -3.39 -6.55
CA VAL D 353 32.27 -2.87 -7.73
C VAL D 353 32.51 -1.38 -7.61
N VAL D 354 31.55 -0.65 -7.03
CA VAL D 354 31.71 0.79 -6.83
C VAL D 354 32.90 1.05 -5.92
N ASN D 355 33.04 0.26 -4.86
CA ASN D 355 34.16 0.44 -3.94
C ASN D 355 35.49 0.22 -4.64
N GLN D 356 35.57 -0.83 -5.47
CA GLN D 356 36.81 -1.09 -6.19
C GLN D 356 37.14 0.06 -7.15
N LEU D 357 36.13 0.55 -7.88
CA LEU D 357 36.37 1.65 -8.80
C LEU D 357 36.84 2.89 -8.06
N LEU D 358 36.14 3.33 -7.04
CA LEU D 358 36.60 4.45 -6.23
C LEU D 358 38.03 4.17 -5.77
N SER D 359 38.36 3.05 -5.13
CA SER D 359 39.69 2.87 -4.56
C SER D 359 40.77 2.87 -5.64
N LYS D 360 40.43 2.47 -6.87
CA LYS D 360 41.42 2.44 -7.93
C LYS D 360 41.57 3.77 -8.66
N ILE D 361 40.52 4.58 -8.72
CA ILE D 361 40.64 5.88 -9.38
C ILE D 361 41.66 6.75 -8.67
N ASP D 362 41.58 6.80 -7.34
CA ASP D 362 42.57 7.52 -6.53
C ASP D 362 42.54 6.96 -5.12
N GLY D 363 43.66 6.40 -4.69
CA GLY D 363 43.77 5.78 -3.38
C GLY D 363 45.16 5.89 -2.83
N VAL D 364 45.62 4.83 -2.15
CA VAL D 364 46.95 4.85 -1.56
C VAL D 364 48.02 4.97 -2.64
N GLU D 365 47.76 4.47 -3.83
CA GLU D 365 48.70 4.50 -4.93
C GLU D 365 48.39 5.67 -5.86
N GLN D 366 49.44 6.24 -6.45
CA GLN D 366 49.33 7.44 -7.26
C GLN D 366 49.44 7.10 -8.75
N LEU D 367 48.61 7.75 -9.56
CA LEU D 367 48.61 7.58 -11.00
C LEU D 367 48.41 8.95 -11.65
N ASN D 368 49.16 9.22 -12.73
CA ASN D 368 49.07 10.49 -13.42
C ASN D 368 49.13 10.33 -14.93
N ASN D 369 48.66 9.20 -15.47
CA ASN D 369 48.62 8.99 -16.91
C ASN D 369 47.32 8.31 -17.31
N ILE D 370 46.20 8.70 -16.68
CA ILE D 370 44.91 8.12 -16.97
C ILE D 370 43.88 9.23 -17.13
N LEU D 371 42.78 8.90 -17.80
CA LEU D 371 41.69 9.85 -18.03
C LEU D 371 40.44 9.05 -18.37
N VAL D 372 39.42 9.14 -17.53
CA VAL D 372 38.19 8.36 -17.69
C VAL D 372 37.06 9.29 -18.12
N ILE D 373 36.28 8.82 -19.08
CA ILE D 373 35.15 9.57 -19.62
C ILE D 373 33.88 8.76 -19.39
N GLY D 374 32.86 9.41 -18.85
CA GLY D 374 31.58 8.78 -18.59
C GLY D 374 30.46 9.51 -19.30
N MET D 375 29.44 8.75 -19.70
CA MET D 375 28.29 9.30 -20.40
C MET D 375 27.03 8.67 -19.85
N THR D 376 26.03 9.50 -19.54
CA THR D 376 24.80 9.02 -18.94
C THR D 376 23.65 9.94 -19.33
N ASN D 377 22.43 9.40 -19.24
CA ASN D 377 21.21 10.16 -19.45
C ASN D 377 20.47 10.48 -18.17
N ARG D 378 20.85 9.87 -17.05
N ARG D 378 20.86 9.87 -17.05
CA ARG D 378 20.20 10.06 -15.75
CA ARG D 378 20.19 10.07 -15.76
C ARG D 378 21.27 10.41 -14.73
C ARG D 378 21.27 10.41 -14.73
N PRO D 379 21.79 11.64 -14.76
CA PRO D 379 22.89 12.02 -13.86
C PRO D 379 22.50 12.18 -12.40
N ASP D 380 21.26 11.90 -12.01
CA ASP D 380 20.83 12.00 -10.63
C ASP D 380 20.97 10.69 -9.87
N LEU D 381 21.47 9.63 -10.51
CA LEU D 381 21.66 8.34 -9.87
C LEU D 381 23.11 8.01 -9.59
N ILE D 382 24.06 8.76 -10.16
CA ILE D 382 25.47 8.45 -9.95
C ILE D 382 25.84 8.71 -8.50
N ASP D 383 26.80 7.92 -8.00
CA ASP D 383 27.23 8.06 -6.62
C ASP D 383 27.89 9.42 -6.39
N GLU D 384 27.67 9.97 -5.20
CA GLU D 384 28.18 11.28 -4.85
C GLU D 384 29.69 11.29 -4.59
N ALA D 385 30.28 10.22 -4.14
CA ALA D 385 31.71 10.19 -3.85
C ALA D 385 32.50 10.02 -5.11
N LEU D 386 31.86 9.77 -6.27
CA LEU D 386 32.55 9.67 -7.55
C LEU D 386 32.59 11.01 -8.29
N LEU D 387 32.05 12.07 -7.70
CA LEU D 387 32.00 13.38 -8.37
C LEU D 387 32.77 14.45 -7.62
N ARG D 388 33.42 14.12 -6.50
CA ARG D 388 34.21 15.11 -5.79
C ARG D 388 35.39 15.53 -6.65
N PRO D 389 35.83 16.79 -6.58
CA PRO D 389 36.99 17.21 -7.38
C PRO D 389 38.19 16.29 -7.18
N GLY D 390 38.60 15.66 -8.24
CA GLY D 390 39.69 14.70 -8.18
C GLY D 390 39.36 13.38 -8.85
N ARG D 391 38.12 12.92 -8.73
CA ARG D 391 37.69 11.69 -9.42
C ARG D 391 37.09 12.05 -10.78
N LEU D 392 36.03 12.85 -10.78
CA LEU D 392 35.38 13.34 -11.99
C LEU D 392 35.09 14.81 -11.77
N GLU D 393 36.00 15.66 -12.18
CA GLU D 393 35.88 17.08 -11.91
C GLU D 393 35.03 17.80 -12.95
N VAL D 394 35.33 17.60 -14.23
CA VAL D 394 34.63 18.31 -15.29
C VAL D 394 33.29 17.62 -15.55
N LYS D 395 32.20 18.37 -15.41
CA LYS D 395 30.85 17.87 -15.65
C LYS D 395 30.17 18.79 -16.66
N MET D 396 30.24 18.41 -17.93
CA MET D 396 29.66 19.21 -19.00
C MET D 396 28.15 18.95 -19.07
N GLU D 397 27.49 19.57 -20.03
CA GLU D 397 26.05 19.39 -20.21
C GLU D 397 25.70 19.64 -21.67
N ILE D 398 25.41 18.58 -22.39
CA ILE D 398 25.07 18.68 -23.81
C ILE D 398 23.56 18.87 -23.93
N GLY D 399 23.15 19.97 -24.57
CA GLY D 399 21.76 20.31 -24.72
C GLY D 399 21.35 20.44 -26.18
N LEU D 400 20.09 20.80 -26.37
CA LEU D 400 19.55 20.94 -27.71
C LEU D 400 20.19 22.13 -28.42
N PRO D 401 20.34 22.07 -29.74
CA PRO D 401 20.98 23.16 -30.48
C PRO D 401 20.04 24.34 -30.70
N ASP D 402 20.64 25.47 -31.04
CA ASP D 402 19.93 26.67 -31.42
C ASP D 402 19.85 26.74 -32.95
N GLU D 403 19.32 27.84 -33.47
CA GLU D 403 19.13 27.96 -34.92
C GLU D 403 20.46 27.90 -35.66
N LYS D 404 21.47 28.62 -35.16
CA LYS D 404 22.79 28.56 -35.80
C LYS D 404 23.38 27.16 -35.71
N GLY D 405 23.18 26.49 -34.56
CA GLY D 405 23.61 25.11 -34.45
C GLY D 405 22.90 24.21 -35.45
N ARG D 406 21.60 24.44 -35.65
CA ARG D 406 20.86 23.67 -36.65
C ARG D 406 21.44 23.90 -38.04
N LEU D 407 21.77 25.15 -38.37
CA LEU D 407 22.36 25.44 -39.67
C LEU D 407 23.69 24.72 -39.84
N GLN D 408 24.54 24.76 -38.81
CA GLN D 408 25.83 24.08 -38.90
C GLN D 408 25.66 22.58 -39.07
N ILE D 409 24.75 21.98 -38.29
CA ILE D 409 24.53 20.54 -38.40
C ILE D 409 24.04 20.18 -39.79
N LEU D 410 23.09 20.96 -40.32
CA LEU D 410 22.57 20.68 -41.65
C LEU D 410 23.66 20.82 -42.70
N HIS D 411 24.53 21.83 -42.57
N HIS D 411 24.51 21.84 -42.58
CA HIS D 411 25.59 22.02 -43.56
CA HIS D 411 25.60 22.04 -43.53
C HIS D 411 26.71 20.99 -43.45
C HIS D 411 26.61 20.90 -43.48
N ILE D 412 26.88 20.37 -42.28
CA ILE D 412 27.87 19.30 -42.17
C ILE D 412 27.43 18.06 -42.94
N HIS D 413 26.15 17.71 -42.83
CA HIS D 413 25.62 16.47 -43.41
C HIS D 413 25.24 16.61 -44.87
N THR D 414 25.37 17.80 -45.46
CA THR D 414 25.09 18.03 -46.88
C THR D 414 26.32 18.60 -47.57
N ALA D 415 27.49 18.03 -47.28
CA ALA D 415 28.74 18.50 -47.86
C ALA D 415 29.31 17.56 -48.91
N ARG D 416 29.02 16.26 -48.82
CA ARG D 416 29.50 15.30 -49.81
C ARG D 416 28.58 15.17 -51.01
N MET D 417 27.39 15.77 -50.97
CA MET D 417 26.49 15.76 -52.11
C MET D 417 26.67 16.97 -53.01
N ARG D 418 26.79 18.16 -52.41
CA ARG D 418 27.03 19.36 -53.22
C ARG D 418 28.32 19.27 -54.00
N GLY D 419 29.29 18.49 -53.51
CA GLY D 419 30.56 18.34 -54.18
C GLY D 419 30.54 17.44 -55.39
N HIS D 420 29.38 16.87 -55.73
CA HIS D 420 29.25 16.01 -56.91
C HIS D 420 28.04 16.37 -57.75
N GLN D 421 27.50 17.59 -57.58
CA GLN D 421 26.35 18.06 -58.35
C GLN D 421 25.16 17.11 -58.20
N LEU D 422 24.98 16.58 -57.00
CA LEU D 422 23.87 15.68 -56.70
C LEU D 422 22.70 16.39 -56.03
N LEU D 423 22.80 17.70 -55.79
CA LEU D 423 21.76 18.44 -55.10
C LEU D 423 21.36 19.64 -55.95
N SER D 424 20.07 19.76 -56.24
CA SER D 424 19.58 20.85 -57.05
C SER D 424 19.74 22.18 -56.32
N ALA D 425 19.96 23.24 -57.10
CA ALA D 425 20.09 24.58 -56.55
C ALA D 425 18.79 25.14 -56.01
N ASP D 426 17.66 24.48 -56.27
CA ASP D 426 16.38 24.96 -55.78
C ASP D 426 16.34 24.95 -54.26
N VAL D 427 16.91 23.91 -53.63
CA VAL D 427 16.86 23.80 -52.18
C VAL D 427 17.62 24.95 -51.54
N ASP D 428 17.06 25.50 -50.47
CA ASP D 428 17.68 26.57 -49.70
C ASP D 428 17.73 26.15 -48.24
N ILE D 429 18.90 26.30 -47.62
CA ILE D 429 19.11 25.76 -46.29
C ILE D 429 18.47 26.64 -45.22
N LYS D 430 18.31 27.93 -45.47
CA LYS D 430 17.72 28.82 -44.48
C LYS D 430 16.30 28.40 -44.13
N GLU D 431 15.51 28.04 -45.15
CA GLU D 431 14.14 27.60 -44.89
C GLU D 431 14.13 26.33 -44.04
N LEU D 432 15.02 25.39 -44.35
CA LEU D 432 15.09 24.16 -43.56
C LEU D 432 15.45 24.47 -42.12
N ALA D 433 16.42 25.37 -41.91
CA ALA D 433 16.79 25.73 -40.54
C ALA D 433 15.66 26.42 -39.82
N VAL D 434 14.82 27.17 -40.54
CA VAL D 434 13.74 27.91 -39.90
C VAL D 434 12.60 26.96 -39.51
N GLU D 435 12.13 26.14 -40.46
CA GLU D 435 10.99 25.28 -40.19
C GLU D 435 11.31 24.25 -39.10
N THR D 436 12.53 23.70 -39.12
CA THR D 436 12.90 22.64 -38.19
C THR D 436 13.01 23.22 -36.79
N LYS D 437 11.97 23.00 -35.97
CA LYS D 437 11.93 23.48 -34.60
C LYS D 437 11.96 22.30 -33.64
N ASN D 438 12.71 22.44 -32.56
CA ASN D 438 12.86 21.39 -31.55
C ASN D 438 13.48 20.13 -32.16
N PHE D 439 14.49 20.32 -33.01
CA PHE D 439 15.14 19.25 -33.72
C PHE D 439 16.55 19.04 -33.18
N SER D 440 16.93 17.79 -32.99
CA SER D 440 18.28 17.42 -32.59
C SER D 440 19.08 17.02 -33.83
N GLY D 441 20.38 16.77 -33.62
CA GLY D 441 21.23 16.38 -34.74
C GLY D 441 20.79 15.08 -35.38
N ALA D 442 20.42 14.10 -34.56
CA ALA D 442 19.98 12.82 -35.09
C ALA D 442 18.75 12.98 -35.97
N GLU D 443 17.81 13.84 -35.55
CA GLU D 443 16.60 14.03 -36.34
C GLU D 443 16.89 14.73 -37.66
N LEU D 444 17.83 15.69 -37.66
CA LEU D 444 18.22 16.33 -38.92
C LEU D 444 18.87 15.33 -39.86
N GLU D 445 19.75 14.47 -39.33
CA GLU D 445 20.34 13.44 -40.18
C GLU D 445 19.27 12.49 -40.71
N GLY D 446 18.30 12.13 -39.87
CA GLY D 446 17.22 11.27 -40.33
C GLY D 446 16.39 11.93 -41.42
N LEU D 447 16.15 13.23 -41.30
CA LEU D 447 15.41 13.95 -42.34
C LEU D 447 16.18 13.92 -43.66
N VAL D 448 17.49 14.17 -43.60
CA VAL D 448 18.29 14.12 -44.82
C VAL D 448 18.24 12.72 -45.43
N ARG D 449 18.35 11.69 -44.58
CA ARG D 449 18.32 10.32 -45.07
C ARG D 449 16.97 10.00 -45.73
N ALA D 450 15.87 10.44 -45.12
CA ALA D 450 14.55 10.19 -45.70
C ALA D 450 14.41 10.89 -47.04
N ALA D 451 14.89 12.13 -47.13
CA ALA D 451 14.85 12.83 -48.41
C ALA D 451 15.63 12.07 -49.48
N GLN D 452 16.84 11.61 -49.13
CA GLN D 452 17.62 10.85 -50.09
C GLN D 452 16.91 9.57 -50.51
N SER D 453 16.30 8.87 -49.55
CA SER D 453 15.63 7.61 -49.88
C SER D 453 14.44 7.84 -50.81
N THR D 454 13.63 8.87 -50.53
CA THR D 454 12.49 9.13 -51.39
C THR D 454 12.94 9.61 -52.77
N ALA D 455 14.07 10.32 -52.85
CA ALA D 455 14.61 10.69 -54.15
C ALA D 455 15.06 9.45 -54.93
N MET D 456 15.71 8.51 -54.24
CA MET D 456 16.19 7.31 -54.91
C MET D 456 15.02 6.44 -55.39
N ASN D 457 13.96 6.35 -54.59
CA ASN D 457 12.92 5.36 -54.85
C ASN D 457 12.21 5.58 -56.18
N ARG D 458 12.31 6.77 -56.78
CA ARG D 458 11.58 7.05 -58.01
C ARG D 458 12.08 6.21 -59.18
N HIS D 459 13.27 5.63 -59.09
CA HIS D 459 13.86 4.88 -60.19
C HIS D 459 13.78 3.37 -59.98
N ILE D 460 12.86 2.92 -59.13
CA ILE D 460 12.71 1.50 -58.81
C ILE D 460 11.28 1.08 -59.12
N LYS D 461 11.13 -0.02 -59.85
CA LYS D 461 9.83 -0.58 -60.18
C LYS D 461 9.61 -1.85 -59.36
N ALA D 462 8.52 -1.88 -58.61
CA ALA D 462 8.16 -3.03 -57.79
C ALA D 462 6.84 -3.61 -58.29
N SER D 463 6.36 -4.65 -57.60
CA SER D 463 5.15 -5.41 -57.89
C SER D 463 5.34 -6.34 -59.09
N THR D 464 6.46 -6.27 -59.80
CA THR D 464 6.77 -7.16 -60.92
C THR D 464 8.21 -7.63 -60.78
N LYS D 465 8.58 -8.09 -59.58
CA LYS D 465 9.96 -8.34 -59.20
C LYS D 465 10.64 -7.00 -58.95
N VAL D 466 11.95 -7.02 -58.71
CA VAL D 466 12.71 -5.80 -58.46
C VAL D 466 13.51 -5.48 -59.71
N GLU D 467 13.15 -4.39 -60.38
CA GLU D 467 13.83 -3.93 -61.59
C GLU D 467 14.21 -2.47 -61.42
N VAL D 468 15.49 -2.17 -61.61
CA VAL D 468 16.02 -0.83 -61.46
C VAL D 468 16.52 -0.36 -62.82
N ASP D 469 16.03 0.80 -63.26
CA ASP D 469 16.42 1.33 -64.56
C ASP D 469 17.86 1.85 -64.50
N MET D 470 18.68 1.41 -65.44
CA MET D 470 20.08 1.82 -65.51
C MET D 470 20.32 2.93 -66.51
N GLU D 471 19.28 3.44 -67.16
CA GLU D 471 19.41 4.50 -68.15
C GLU D 471 19.22 5.88 -67.54
N LYS D 472 18.10 6.10 -66.83
CA LYS D 472 17.83 7.38 -66.20
C LYS D 472 18.54 7.55 -64.86
N ALA D 473 19.21 6.52 -64.36
CA ALA D 473 19.86 6.61 -63.06
C ALA D 473 21.02 7.59 -63.04
N GLU D 474 21.49 8.05 -64.20
CA GLU D 474 22.59 9.00 -64.27
C GLU D 474 22.13 10.45 -64.15
N SER D 475 20.83 10.69 -64.03
CA SER D 475 20.27 12.03 -63.89
C SER D 475 19.53 12.19 -62.57
N LEU D 476 20.14 11.68 -61.49
CA LEU D 476 19.52 11.75 -60.18
C LEU D 476 19.64 13.15 -59.60
N GLN D 477 18.57 13.63 -58.98
CA GLN D 477 18.54 14.95 -58.36
C GLN D 477 17.64 14.89 -57.14
N VAL D 478 17.87 15.83 -56.22
CA VAL D 478 17.09 15.95 -55.00
C VAL D 478 16.38 17.29 -55.03
N THR D 479 15.04 17.26 -54.92
CA THR D 479 14.21 18.44 -55.09
C THR D 479 13.63 18.88 -53.76
N ARG D 480 13.18 20.14 -53.71
CA ARG D 480 12.55 20.67 -52.50
C ARG D 480 11.28 19.90 -52.16
N GLY D 481 10.56 19.42 -53.16
CA GLY D 481 9.35 18.66 -52.89
C GLY D 481 9.62 17.43 -52.05
N ASP D 482 10.74 16.74 -52.32
CA ASP D 482 11.10 15.57 -51.53
C ASP D 482 11.32 15.95 -50.07
N PHE D 483 12.05 17.05 -49.84
CA PHE D 483 12.31 17.50 -48.47
C PHE D 483 10.99 17.83 -47.76
N LEU D 484 10.11 18.56 -48.44
CA LEU D 484 8.85 18.94 -47.80
C LEU D 484 8.00 17.72 -47.49
N ALA D 485 7.90 16.77 -48.44
CA ALA D 485 7.11 15.57 -48.19
C ALA D 485 7.68 14.76 -47.05
N SER D 486 9.00 14.59 -47.01
CA SER D 486 9.61 13.86 -45.91
C SER D 486 9.35 14.56 -44.58
N LEU D 487 9.42 15.88 -44.56
CA LEU D 487 9.14 16.63 -43.33
C LEU D 487 7.70 16.42 -42.88
N GLU D 488 6.76 16.42 -43.82
CA GLU D 488 5.34 16.37 -43.48
C GLU D 488 4.79 14.96 -43.34
N ASN D 489 5.57 13.91 -43.61
CA ASN D 489 5.07 12.55 -43.55
C ASN D 489 5.72 11.72 -42.44
N ASP D 490 7.05 11.61 -42.42
CA ASP D 490 7.72 10.61 -41.59
C ASP D 490 8.39 11.20 -40.35
N ILE D 491 9.29 12.17 -40.53
CA ILE D 491 10.08 12.66 -39.42
C ILE D 491 9.20 13.50 -38.50
N LYS D 492 9.30 13.25 -37.20
CA LYS D 492 8.51 13.97 -36.21
C LYS D 492 9.31 14.13 -34.92
N PRO D 493 9.55 15.35 -34.45
CA PRO D 493 10.30 15.53 -33.21
C PRO D 493 9.48 15.06 -32.00
N ALA D 494 10.15 15.04 -30.85
CA ALA D 494 9.52 14.59 -29.61
C ALA D 494 9.84 15.53 -28.45
N PHE D 495 9.76 16.84 -28.67
CA PHE D 495 10.01 17.83 -27.62
C PHE D 495 9.26 19.10 -28.01
N GLY D 496 8.13 19.35 -27.33
CA GLY D 496 7.31 20.51 -27.58
C GLY D 496 5.93 20.14 -28.12
N THR D 497 5.39 21.03 -28.94
CA THR D 497 4.09 20.82 -29.57
C THR D 497 4.24 20.95 -31.08
N ASN D 498 3.41 20.19 -31.80
CA ASN D 498 3.53 20.06 -33.25
C ASN D 498 2.28 20.56 -33.94
N GLN D 499 2.39 20.72 -35.27
CA GLN D 499 1.30 21.29 -36.05
C GLN D 499 0.03 20.47 -35.96
N GLU D 500 0.15 19.15 -35.79
CA GLU D 500 -1.02 18.28 -35.72
C GLU D 500 -1.88 18.53 -34.49
N ASP D 501 -1.37 19.31 -33.52
CA ASP D 501 -2.14 19.70 -32.35
C ASP D 501 -2.93 20.99 -32.59
N TYR D 502 -2.31 22.00 -33.20
CA TYR D 502 -3.04 23.18 -33.62
C TYR D 502 -4.13 22.80 -34.61
N ALA D 503 -3.83 21.88 -35.52
CA ALA D 503 -4.85 21.42 -36.46
C ALA D 503 -5.99 20.70 -35.75
N SER D 504 -5.78 20.29 -34.49
CA SER D 504 -6.82 19.61 -33.73
C SER D 504 -7.62 20.54 -32.83
N TYR D 505 -7.02 21.65 -32.37
CA TYR D 505 -7.76 22.60 -31.53
C TYR D 505 -8.47 23.66 -32.36
N ILE D 506 -7.77 24.26 -33.33
CA ILE D 506 -8.39 25.24 -34.22
C ILE D 506 -8.95 24.43 -35.39
N MET D 507 -10.16 23.91 -35.22
CA MET D 507 -10.70 22.96 -36.18
C MET D 507 -11.26 23.64 -37.42
N ASN D 508 -12.21 24.55 -37.24
CA ASN D 508 -12.90 25.20 -38.36
C ASN D 508 -12.37 26.60 -38.65
N GLY D 509 -11.15 26.91 -38.22
CA GLY D 509 -10.55 28.19 -38.53
C GLY D 509 -11.13 29.31 -37.70
N ILE D 510 -10.76 30.53 -38.07
CA ILE D 510 -11.22 31.75 -37.42
C ILE D 510 -11.88 32.63 -38.47
N ILE D 511 -13.08 33.11 -38.17
CA ILE D 511 -13.82 34.01 -39.05
C ILE D 511 -14.12 35.28 -38.28
N LYS D 512 -13.90 36.43 -38.92
CA LYS D 512 -14.07 37.73 -38.27
C LYS D 512 -15.52 38.17 -38.47
N TRP D 513 -16.37 37.85 -37.50
CA TRP D 513 -17.76 38.28 -37.54
C TRP D 513 -18.01 39.58 -36.80
N GLY D 514 -17.00 40.12 -36.12
CA GLY D 514 -17.16 41.38 -35.41
C GLY D 514 -15.84 41.81 -34.82
N ASP D 515 -15.83 43.03 -34.29
CA ASP D 515 -14.61 43.61 -33.73
C ASP D 515 -14.10 42.92 -32.46
N PRO D 516 -14.91 42.19 -31.68
CA PRO D 516 -14.34 41.53 -30.49
C PRO D 516 -13.15 40.64 -30.82
N VAL D 517 -13.18 39.95 -31.96
CA VAL D 517 -12.08 39.06 -32.32
C VAL D 517 -10.80 39.86 -32.50
N THR D 518 -10.89 40.97 -33.23
CA THR D 518 -9.72 41.82 -33.44
C THR D 518 -9.22 42.39 -32.13
N ARG D 519 -10.13 42.80 -31.25
CA ARG D 519 -9.72 43.34 -29.96
C ARG D 519 -8.95 42.30 -29.15
N VAL D 520 -9.47 41.08 -29.08
CA VAL D 520 -8.80 40.03 -28.32
C VAL D 520 -7.43 39.74 -28.91
N LEU D 521 -7.34 39.64 -30.24
CA LEU D 521 -6.06 39.33 -30.87
C LEU D 521 -5.04 40.44 -30.63
N ASP D 522 -5.47 41.70 -30.70
CA ASP D 522 -4.54 42.81 -30.43
C ASP D 522 -4.07 42.80 -28.99
N ASP D 523 -4.96 42.52 -28.04
CA ASP D 523 -4.52 42.43 -26.66
C ASP D 523 -3.49 41.33 -26.47
N GLY D 524 -3.73 40.17 -27.09
CA GLY D 524 -2.74 39.11 -27.04
C GLY D 524 -1.41 39.51 -27.63
N GLU D 525 -1.44 40.22 -28.75
CA GLU D 525 -0.20 40.70 -29.37
C GLU D 525 0.57 41.60 -28.42
N LEU D 526 -0.13 42.54 -27.77
CA LEU D 526 0.55 43.44 -26.84
C LEU D 526 1.17 42.66 -25.68
N LEU D 527 0.43 41.68 -25.14
CA LEU D 527 0.98 40.91 -24.02
C LEU D 527 2.23 40.14 -24.43
N VAL D 528 2.20 39.51 -25.60
CA VAL D 528 3.36 38.73 -26.03
C VAL D 528 4.55 39.65 -26.26
N GLN D 529 4.34 40.82 -26.86
CA GLN D 529 5.44 41.76 -27.05
C GLN D 529 6.02 42.19 -25.72
N GLN D 530 5.16 42.50 -24.75
CA GLN D 530 5.65 42.92 -23.43
C GLN D 530 6.52 41.85 -22.81
N THR D 531 6.05 40.61 -22.81
CA THR D 531 6.86 39.55 -22.20
C THR D 531 8.15 39.34 -22.97
N LYS D 532 8.14 39.50 -24.29
CA LYS D 532 9.35 39.29 -25.07
C LYS D 532 10.42 40.34 -24.76
N ASN D 533 10.03 41.62 -24.81
N ASN D 533 10.04 41.63 -24.78
CA ASN D 533 11.01 42.70 -24.69
CA ASN D 533 11.03 42.68 -24.71
C ASN D 533 11.29 43.09 -23.25
C ASN D 533 11.19 43.31 -23.32
N SER D 534 10.27 43.07 -22.39
CA SER D 534 10.42 43.60 -21.04
C SER D 534 11.39 42.75 -20.23
N ASP D 535 12.11 43.41 -19.31
CA ASP D 535 13.09 42.74 -18.47
C ASP D 535 12.81 42.86 -16.97
N ARG D 536 11.97 43.82 -16.55
CA ARG D 536 11.55 43.91 -15.17
C ARG D 536 10.55 42.83 -14.78
N THR D 537 9.80 42.30 -15.75
CA THR D 537 8.74 41.33 -15.49
C THR D 537 8.95 40.11 -16.37
N PRO D 538 9.77 39.15 -15.94
CA PRO D 538 9.98 37.94 -16.74
C PRO D 538 8.80 36.98 -16.77
N LEU D 539 7.82 37.15 -15.88
CA LEU D 539 6.66 36.27 -15.82
C LEU D 539 5.40 37.11 -16.02
N VAL D 540 4.54 36.68 -16.95
CA VAL D 540 3.29 37.36 -17.25
C VAL D 540 2.18 36.31 -17.34
N SER D 541 0.99 36.67 -16.86
CA SER D 541 -0.16 35.78 -16.89
C SER D 541 -1.35 36.51 -17.47
N VAL D 542 -2.33 35.74 -17.94
CA VAL D 542 -3.55 36.30 -18.51
C VAL D 542 -4.64 35.25 -18.40
N LEU D 543 -5.89 35.71 -18.28
CA LEU D 543 -7.05 34.83 -18.13
C LEU D 543 -8.07 35.17 -19.20
N LEU D 544 -8.53 34.15 -19.93
CA LEU D 544 -9.57 34.30 -20.93
C LEU D 544 -10.88 33.78 -20.36
N GLU D 545 -11.87 34.66 -20.24
CA GLU D 545 -13.12 34.35 -19.59
C GLU D 545 -14.30 34.68 -20.49
N GLY D 546 -15.43 34.04 -20.24
CA GLY D 546 -16.63 34.27 -20.99
C GLY D 546 -17.66 33.16 -20.79
N PRO D 547 -18.80 33.28 -21.46
CA PRO D 547 -19.84 32.24 -21.35
C PRO D 547 -19.42 30.96 -22.06
N PRO D 548 -20.11 29.86 -21.80
CA PRO D 548 -19.79 28.62 -22.52
C PRO D 548 -20.12 28.70 -23.99
N HIS D 549 -19.35 27.96 -24.80
CA HIS D 549 -19.55 27.89 -26.25
C HIS D 549 -19.24 29.24 -26.91
N SER D 550 -18.21 29.93 -26.43
CA SER D 550 -17.84 31.23 -26.97
C SER D 550 -16.67 31.18 -27.94
N GLY D 551 -15.71 30.29 -27.73
CA GLY D 551 -14.55 30.20 -28.60
C GLY D 551 -13.25 30.52 -27.89
N LYS D 552 -13.18 30.21 -26.60
CA LYS D 552 -11.99 30.57 -25.82
C LYS D 552 -10.78 29.75 -26.23
N THR D 553 -10.94 28.43 -26.33
CA THR D 553 -9.79 27.57 -26.58
C THR D 553 -9.16 27.86 -27.94
N ALA D 554 -10.00 28.04 -28.97
CA ALA D 554 -9.46 28.33 -30.29
C ALA D 554 -8.70 29.65 -30.31
N LEU D 555 -9.25 30.68 -29.67
CA LEU D 555 -8.58 31.97 -29.63
C LEU D 555 -7.25 31.88 -28.88
N ALA D 556 -7.23 31.17 -27.75
CA ALA D 556 -6.00 31.02 -27.00
C ALA D 556 -4.95 30.28 -27.84
N ALA D 557 -5.36 29.22 -28.53
CA ALA D 557 -4.43 28.48 -29.37
C ALA D 557 -3.88 29.36 -30.49
N LYS D 558 -4.75 30.17 -31.11
CA LYS D 558 -4.29 31.06 -32.17
C LYS D 558 -3.31 32.10 -31.64
N ILE D 559 -3.60 32.67 -30.47
CA ILE D 559 -2.69 33.65 -29.88
C ILE D 559 -1.34 33.01 -29.59
N ALA D 560 -1.34 31.79 -29.06
CA ALA D 560 -0.08 31.10 -28.81
C ALA D 560 0.67 30.83 -30.11
N GLU D 561 -0.04 30.38 -31.14
CA GLU D 561 0.60 30.02 -32.39
C GLU D 561 1.24 31.23 -33.07
N GLU D 562 0.55 32.38 -33.04
CA GLU D 562 1.04 33.56 -33.73
C GLU D 562 2.15 34.29 -32.98
N SER D 563 2.75 33.66 -31.97
CA SER D 563 3.82 34.28 -31.19
C SER D 563 5.21 33.92 -31.68
N ASN D 564 5.36 32.83 -32.43
CA ASN D 564 6.65 32.41 -32.97
C ASN D 564 7.68 32.20 -31.85
N PHE D 565 7.24 31.65 -30.73
CA PHE D 565 8.16 31.29 -29.67
C PHE D 565 8.79 29.93 -29.96
N PRO D 566 9.98 29.67 -29.42
CA PRO D 566 10.60 28.34 -29.65
C PRO D 566 9.82 27.20 -29.01
N PHE D 567 9.48 27.33 -27.73
CA PHE D 567 8.80 26.28 -26.98
C PHE D 567 7.34 26.69 -26.76
N ILE D 568 6.42 25.83 -27.19
CA ILE D 568 4.99 26.06 -26.99
C ILE D 568 4.37 24.73 -26.57
N LYS D 569 3.51 24.77 -25.56
CA LYS D 569 2.89 23.56 -25.02
C LYS D 569 1.45 23.87 -24.64
N ILE D 570 0.62 22.82 -24.65
CA ILE D 570 -0.79 22.93 -24.28
C ILE D 570 -1.09 21.82 -23.27
N CYS D 571 -1.60 22.21 -22.11
CA CYS D 571 -1.88 21.28 -21.01
C CYS D 571 -3.40 21.18 -20.84
N SER D 572 -4.01 20.25 -21.56
CA SER D 572 -5.44 20.04 -21.53
C SER D 572 -5.80 18.91 -20.59
N PRO D 573 -7.05 18.83 -20.13
CA PRO D 573 -7.44 17.82 -19.14
C PRO D 573 -7.90 16.49 -19.72
N ASP D 574 -7.90 16.31 -21.03
CA ASP D 574 -8.35 15.07 -21.64
C ASP D 574 -7.21 14.08 -21.86
N LYS D 575 -5.98 14.42 -21.47
CA LYS D 575 -4.86 13.49 -21.51
C LYS D 575 -4.64 12.78 -20.18
N MET D 576 -5.47 13.06 -19.18
CA MET D 576 -5.32 12.51 -17.83
C MET D 576 -6.66 12.03 -17.31
N ILE D 577 -7.37 11.25 -18.11
CA ILE D 577 -8.66 10.70 -17.71
C ILE D 577 -8.43 9.58 -16.69
N GLY D 578 -9.10 9.68 -15.55
CA GLY D 578 -8.98 8.69 -14.50
C GLY D 578 -7.84 8.91 -13.53
N PHE D 579 -7.01 9.92 -13.76
CA PHE D 579 -5.89 10.18 -12.87
C PHE D 579 -6.38 10.66 -11.50
N SER D 580 -5.57 10.40 -10.48
CA SER D 580 -5.83 10.89 -9.14
C SER D 580 -5.17 12.27 -8.98
N GLU D 581 -5.13 12.78 -7.76
CA GLU D 581 -4.52 14.10 -7.53
C GLU D 581 -3.02 14.06 -7.75
N THR D 582 -2.34 13.04 -7.21
CA THR D 582 -0.89 12.99 -7.31
C THR D 582 -0.43 12.88 -8.76
N ALA D 583 -1.11 12.06 -9.56
CA ALA D 583 -0.74 11.92 -10.95
C ALA D 583 -0.89 13.24 -11.71
N LYS D 584 -1.99 13.96 -11.45
CA LYS D 584 -2.19 15.25 -12.11
C LYS D 584 -1.12 16.25 -11.69
N CYS D 585 -0.78 16.29 -10.41
CA CYS D 585 0.26 17.20 -9.95
C CYS D 585 1.60 16.86 -10.60
N GLN D 586 1.94 15.58 -10.69
CA GLN D 586 3.19 15.19 -11.31
C GLN D 586 3.22 15.55 -12.79
N ALA D 587 2.10 15.33 -13.50
CA ALA D 587 2.06 15.68 -14.92
C ALA D 587 2.23 17.18 -15.13
N MET D 588 1.54 17.99 -14.32
CA MET D 588 1.68 19.44 -14.45
C MET D 588 3.10 19.88 -14.14
N LYS D 589 3.71 19.32 -13.10
CA LYS D 589 5.07 19.67 -12.76
C LYS D 589 6.03 19.30 -13.89
N LYS D 590 5.85 18.13 -14.49
CA LYS D 590 6.72 17.73 -15.59
C LYS D 590 6.55 18.66 -16.78
N ILE D 591 5.32 19.04 -17.10
CA ILE D 591 5.11 19.95 -18.23
C ILE D 591 5.75 21.30 -17.96
N PHE D 592 5.70 21.77 -16.71
CA PHE D 592 6.28 23.08 -16.40
C PHE D 592 7.80 23.03 -16.34
N ASP D 593 8.38 21.91 -15.94
CA ASP D 593 9.84 21.85 -15.78
C ASP D 593 10.55 22.08 -17.09
N ASP D 594 10.04 21.50 -18.19
CA ASP D 594 10.69 21.68 -19.48
C ASP D 594 10.73 23.14 -19.90
N ALA D 595 9.68 23.91 -19.57
CA ALA D 595 9.65 25.31 -19.94
C ALA D 595 10.73 26.13 -19.22
N TYR D 596 11.31 25.59 -18.15
CA TYR D 596 12.39 26.26 -17.45
C TYR D 596 13.77 25.96 -18.05
N LYS D 597 13.84 25.09 -19.04
CA LYS D 597 15.08 24.75 -19.71
C LYS D 597 15.15 25.32 -21.13
N SER D 598 14.44 26.40 -21.39
CA SER D 598 14.45 27.10 -22.67
C SER D 598 14.78 28.57 -22.43
N GLN D 599 14.69 29.37 -23.48
CA GLN D 599 15.04 30.79 -23.40
C GLN D 599 13.82 31.68 -23.19
N LEU D 600 12.73 31.43 -23.92
CA LEU D 600 11.48 32.12 -23.69
C LEU D 600 10.35 31.24 -24.17
N SER D 601 9.37 30.98 -23.31
CA SER D 601 8.38 29.94 -23.57
C SER D 601 6.97 30.41 -23.21
N CYS D 602 5.99 29.69 -23.75
CA CYS D 602 4.58 29.95 -23.51
C CYS D 602 3.87 28.64 -23.18
N VAL D 603 2.88 28.73 -22.30
CA VAL D 603 2.13 27.57 -21.84
C VAL D 603 0.65 27.94 -21.75
N VAL D 604 -0.20 26.97 -22.08
CA VAL D 604 -1.65 27.15 -22.11
C VAL D 604 -2.28 26.18 -21.12
N VAL D 605 -3.18 26.69 -20.29
CA VAL D 605 -3.93 25.89 -19.32
C VAL D 605 -5.41 26.16 -19.59
N ASP D 606 -6.05 25.27 -20.34
CA ASP D 606 -7.44 25.47 -20.74
C ASP D 606 -8.36 24.61 -19.88
N ASP D 607 -9.56 25.14 -19.64
CA ASP D 607 -10.57 24.47 -18.83
C ASP D 607 -10.04 24.21 -17.42
N ILE D 608 -9.77 25.30 -16.71
CA ILE D 608 -9.24 25.19 -15.34
C ILE D 608 -10.24 24.47 -14.44
N GLU D 609 -11.54 24.72 -14.65
CA GLU D 609 -12.55 24.14 -13.77
C GLU D 609 -12.60 22.62 -13.88
N ARG D 610 -12.02 22.04 -14.93
CA ARG D 610 -11.94 20.59 -15.03
C ARG D 610 -10.65 20.04 -14.46
N LEU D 611 -9.57 20.83 -14.44
CA LEU D 611 -8.33 20.37 -13.85
C LEU D 611 -8.52 20.06 -12.37
N LEU D 612 -9.21 20.94 -11.66
CA LEU D 612 -9.66 20.68 -10.30
C LEU D 612 -11.14 20.34 -10.36
N ASP D 613 -11.52 19.18 -9.85
CA ASP D 613 -12.83 18.62 -10.13
C ASP D 613 -13.93 19.39 -9.39
N TYR D 614 -14.50 20.40 -10.04
CA TYR D 614 -15.54 21.21 -9.42
C TYR D 614 -16.92 20.64 -9.72
N VAL D 615 -17.81 20.73 -8.73
CA VAL D 615 -19.19 20.30 -8.89
C VAL D 615 -20.05 21.16 -7.97
N PRO D 616 -21.08 21.86 -8.48
CA PRO D 616 -21.83 22.79 -7.62
C PRO D 616 -22.41 22.13 -6.38
N ILE D 617 -22.91 20.90 -6.48
CA ILE D 617 -23.35 20.19 -5.28
C ILE D 617 -22.16 20.01 -4.36
N GLY D 618 -22.38 20.22 -3.06
CA GLY D 618 -21.28 20.29 -2.13
C GLY D 618 -21.04 21.71 -1.66
N PRO D 619 -20.05 22.40 -2.24
CA PRO D 619 -19.22 22.02 -3.40
C PRO D 619 -18.09 21.07 -3.08
N ARG D 620 -17.62 20.32 -4.08
N ARG D 620 -17.59 20.35 -4.08
CA ARG D 620 -16.50 19.41 -3.94
CA ARG D 620 -16.50 19.41 -3.93
C ARG D 620 -15.45 19.75 -4.98
C ARG D 620 -15.45 19.68 -4.99
N PHE D 621 -14.18 19.69 -4.58
CA PHE D 621 -13.08 19.96 -5.51
C PHE D 621 -11.80 19.38 -4.91
N SER D 622 -10.68 19.65 -5.58
CA SER D 622 -9.38 19.15 -5.16
C SER D 622 -8.55 20.30 -4.61
N ASN D 623 -7.99 20.11 -3.42
CA ASN D 623 -7.17 21.14 -2.79
C ASN D 623 -5.70 21.04 -3.19
N LEU D 624 -5.20 19.83 -3.38
CA LEU D 624 -3.81 19.65 -3.77
C LEU D 624 -3.52 20.34 -5.10
N VAL D 625 -4.39 20.12 -6.10
CA VAL D 625 -4.18 20.71 -7.41
C VAL D 625 -4.34 22.22 -7.34
N LEU D 626 -5.31 22.70 -6.56
CA LEU D 626 -5.49 24.14 -6.43
C LEU D 626 -4.26 24.80 -5.84
N GLN D 627 -3.68 24.21 -4.80
CA GLN D 627 -2.48 24.79 -4.20
C GLN D 627 -1.29 24.70 -5.13
N ALA D 628 -1.15 23.59 -5.86
CA ALA D 628 -0.08 23.49 -6.84
C ALA D 628 -0.20 24.59 -7.89
N LEU D 629 -1.41 24.83 -8.39
CA LEU D 629 -1.61 25.89 -9.37
C LEU D 629 -1.30 27.26 -8.77
N LEU D 630 -1.77 27.51 -7.53
CA LEU D 630 -1.53 28.82 -6.93
C LEU D 630 -0.06 29.07 -6.68
N VAL D 631 0.72 28.01 -6.47
CA VAL D 631 2.16 28.18 -6.25
C VAL D 631 2.90 28.33 -7.57
N LEU D 632 2.49 27.58 -8.60
CA LEU D 632 3.21 27.60 -9.87
C LEU D 632 2.96 28.88 -10.67
N LEU D 633 1.97 29.68 -10.30
CA LEU D 633 1.64 30.90 -11.03
C LEU D 633 2.43 32.11 -10.55
N LYS D 634 3.27 31.96 -9.52
CA LYS D 634 4.02 33.07 -8.96
C LYS D 634 5.51 32.77 -8.83
N LYS D 635 5.96 31.64 -9.36
CA LYS D 635 7.36 31.23 -9.26
C LYS D 635 8.05 31.56 -10.58
N ALA D 636 9.04 32.45 -10.53
CA ALA D 636 9.72 32.89 -11.74
C ALA D 636 10.74 31.86 -12.19
N PRO D 637 11.04 31.81 -13.49
CA PRO D 637 12.02 30.85 -13.99
C PRO D 637 13.44 31.30 -13.67
N PRO D 638 14.45 30.50 -14.02
CA PRO D 638 15.83 30.88 -13.72
C PRO D 638 16.20 32.22 -14.32
N GLN D 639 17.37 32.71 -13.93
CA GLN D 639 17.80 34.05 -14.32
C GLN D 639 17.90 34.17 -15.84
N GLY D 640 17.39 35.28 -16.36
CA GLY D 640 17.49 35.56 -17.77
C GLY D 640 16.56 34.76 -18.65
N ARG D 641 15.47 34.23 -18.11
CA ARG D 641 14.53 33.42 -18.86
C ARG D 641 13.12 33.95 -18.64
N LYS D 642 12.26 33.73 -19.62
CA LYS D 642 10.95 34.38 -19.68
C LYS D 642 9.85 33.38 -20.02
N LEU D 643 8.70 33.56 -19.38
CA LEU D 643 7.59 32.63 -19.51
C LEU D 643 6.28 33.40 -19.63
N LEU D 644 5.35 32.86 -20.40
CA LEU D 644 4.01 33.42 -20.54
C LEU D 644 3.00 32.30 -20.31
N ILE D 645 1.94 32.60 -19.57
CA ILE D 645 0.92 31.62 -19.22
C ILE D 645 -0.44 32.16 -19.64
N ILE D 646 -1.20 31.36 -20.37
CA ILE D 646 -2.55 31.73 -20.82
C ILE D 646 -3.52 30.70 -20.28
N GLY D 647 -4.42 31.14 -19.39
CA GLY D 647 -5.40 30.27 -18.78
C GLY D 647 -6.80 30.61 -19.25
N THR D 648 -7.60 29.58 -19.50
CA THR D 648 -8.98 29.75 -19.95
C THR D 648 -9.93 29.09 -18.97
N THR D 649 -11.11 29.71 -18.80
CA THR D 649 -12.12 29.22 -17.87
C THR D 649 -13.48 29.72 -18.35
N SER D 650 -14.52 29.32 -17.61
CA SER D 650 -15.87 29.77 -17.90
C SER D 650 -16.66 30.15 -16.65
N ARG D 651 -16.08 30.05 -15.46
CA ARG D 651 -16.74 30.37 -14.20
C ARG D 651 -15.82 31.32 -13.43
N LYS D 652 -15.99 32.62 -13.66
CA LYS D 652 -15.10 33.61 -13.05
C LYS D 652 -15.40 33.78 -11.57
N ASP D 653 -16.67 33.71 -11.19
CA ASP D 653 -17.03 33.96 -9.79
C ASP D 653 -16.43 32.91 -8.87
N VAL D 654 -16.44 31.65 -9.29
CA VAL D 654 -15.84 30.59 -8.47
C VAL D 654 -14.36 30.85 -8.26
N LEU D 655 -13.65 31.22 -9.33
CA LEU D 655 -12.23 31.54 -9.17
C LEU D 655 -12.04 32.73 -8.25
N GLN D 656 -12.95 33.70 -8.29
CA GLN D 656 -12.87 34.82 -7.36
C GLN D 656 -13.02 34.33 -5.92
N GLU D 657 -13.93 33.39 -5.68
CA GLU D 657 -14.14 32.89 -4.33
C GLU D 657 -12.96 32.10 -3.79
N MET D 658 -12.09 31.59 -4.67
CA MET D 658 -10.92 30.82 -4.26
C MET D 658 -9.67 31.67 -4.09
N GLU D 659 -9.79 32.99 -4.23
CA GLU D 659 -8.63 33.88 -4.16
C GLU D 659 -7.62 33.54 -5.26
N MET D 660 -8.13 33.17 -6.43
CA MET D 660 -7.29 32.82 -7.57
C MET D 660 -7.33 33.88 -8.68
N LEU D 661 -8.11 34.94 -8.51
CA LEU D 661 -8.25 35.97 -9.54
C LEU D 661 -7.27 37.12 -9.35
N ASN D 662 -6.49 37.13 -8.28
CA ASN D 662 -5.42 38.11 -8.13
C ASN D 662 -4.06 37.55 -8.47
N ALA D 663 -3.91 36.22 -8.52
CA ALA D 663 -2.67 35.62 -9.00
C ALA D 663 -2.46 35.88 -10.49
N PHE D 664 -3.51 36.19 -11.23
CA PHE D 664 -3.41 36.52 -12.63
C PHE D 664 -3.12 38.01 -12.81
N SER D 665 -2.36 38.33 -13.84
CA SER D 665 -1.94 39.72 -14.07
C SER D 665 -3.07 40.57 -14.65
N THR D 666 -3.90 39.98 -15.51
CA THR D 666 -4.98 40.72 -16.16
C THR D 666 -6.07 39.74 -16.56
N THR D 667 -7.00 40.20 -17.39
CA THR D 667 -8.14 39.38 -17.80
C THR D 667 -8.70 39.93 -19.10
N ILE D 668 -9.20 39.02 -19.95
CA ILE D 668 -9.78 39.37 -21.23
C ILE D 668 -11.14 38.68 -21.33
N HIS D 669 -12.11 39.37 -21.93
CA HIS D 669 -13.49 38.91 -22.00
C HIS D 669 -13.82 38.51 -23.44
N VAL D 670 -14.41 37.32 -23.60
CA VAL D 670 -14.77 36.78 -24.90
C VAL D 670 -16.31 36.73 -24.99
N PRO D 671 -16.96 37.64 -25.70
CA PRO D 671 -18.41 37.72 -25.65
C PRO D 671 -19.10 36.81 -26.66
N ASN D 672 -20.43 36.78 -26.57
CA ASN D 672 -21.29 36.02 -27.47
C ASN D 672 -21.84 36.94 -28.55
N ILE D 673 -22.44 36.32 -29.57
CA ILE D 673 -23.13 37.09 -30.61
C ILE D 673 -24.36 37.73 -29.99
N ALA D 674 -24.50 39.05 -30.19
CA ALA D 674 -25.54 39.80 -29.49
C ALA D 674 -26.23 40.81 -30.39
N THR D 675 -26.37 40.52 -31.68
CA THR D 675 -27.05 41.45 -32.59
C THR D 675 -27.32 40.75 -33.90
N GLY D 676 -28.43 41.14 -34.54
CA GLY D 676 -28.83 40.50 -35.78
C GLY D 676 -27.81 40.67 -36.90
N GLU D 677 -27.20 41.87 -36.98
CA GLU D 677 -26.21 42.11 -38.02
C GLU D 677 -25.03 41.14 -37.89
N GLN D 678 -24.57 40.90 -36.66
CA GLN D 678 -23.46 39.96 -36.47
C GLN D 678 -23.86 38.55 -36.88
N LEU D 679 -25.09 38.13 -36.57
CA LEU D 679 -25.56 36.83 -36.99
C LEU D 679 -25.59 36.72 -38.51
N LEU D 680 -26.09 37.75 -39.19
CA LEU D 680 -26.14 37.73 -40.64
C LEU D 680 -24.73 37.68 -41.22
N GLU D 681 -23.80 38.44 -40.64
CA GLU D 681 -22.42 38.42 -41.12
C GLU D 681 -21.80 37.03 -40.94
N ALA D 682 -22.05 36.39 -39.80
CA ALA D 682 -21.53 35.05 -39.57
C ALA D 682 -22.09 34.07 -40.59
N LEU D 683 -23.41 34.13 -40.84
CA LEU D 683 -24.01 33.24 -41.83
C LEU D 683 -23.44 33.48 -43.21
N GLU D 684 -23.24 34.75 -43.58
CA GLU D 684 -22.68 35.06 -44.90
C GLU D 684 -21.27 34.51 -45.03
N LEU D 685 -20.44 34.69 -44.00
CA LEU D 685 -19.07 34.22 -44.08
C LEU D 685 -19.00 32.69 -44.11
N LEU D 686 -19.88 32.02 -43.35
CA LEU D 686 -19.85 30.56 -43.31
C LEU D 686 -20.15 29.98 -44.70
N GLY D 687 -21.13 30.52 -45.40
CA GLY D 687 -21.46 30.07 -46.73
C GLY D 687 -22.69 29.19 -46.78
N ASN D 688 -23.71 29.53 -46.01
CA ASN D 688 -24.94 28.76 -45.95
C ASN D 688 -26.13 29.70 -46.00
N PHE D 689 -27.26 29.17 -46.46
CA PHE D 689 -28.50 29.94 -46.59
C PHE D 689 -28.25 31.21 -47.42
N LYS D 690 -27.90 31.01 -48.67
CA LYS D 690 -27.53 32.10 -49.56
C LYS D 690 -28.73 32.51 -50.42
N ASP D 691 -28.47 33.45 -51.35
CA ASP D 691 -29.48 34.10 -52.18
C ASP D 691 -30.77 34.33 -51.39
N LYS D 692 -31.93 34.02 -51.99
CA LYS D 692 -33.20 34.43 -51.40
C LYS D 692 -33.40 33.84 -50.01
N GLU D 693 -32.89 32.63 -49.77
CA GLU D 693 -33.06 32.01 -48.46
C GLU D 693 -32.53 32.91 -47.35
N ARG D 694 -31.50 33.71 -47.63
CA ARG D 694 -30.98 34.63 -46.64
C ARG D 694 -31.98 35.73 -46.30
N THR D 695 -32.63 36.31 -47.31
CA THR D 695 -33.50 37.46 -47.08
C THR D 695 -34.54 37.16 -46.01
N THR D 696 -35.21 36.01 -46.13
CA THR D 696 -36.22 35.64 -45.15
C THR D 696 -35.65 35.69 -43.73
N ILE D 697 -34.46 35.11 -43.54
CA ILE D 697 -33.87 35.09 -42.21
C ILE D 697 -33.67 36.51 -41.70
N ALA D 698 -33.30 37.43 -42.60
CA ALA D 698 -33.11 38.82 -42.20
C ALA D 698 -34.42 39.46 -41.77
N GLN D 699 -35.53 39.07 -42.40
CA GLN D 699 -36.79 39.76 -42.14
C GLN D 699 -37.26 39.56 -40.70
N GLN D 700 -37.11 38.36 -40.16
CA GLN D 700 -37.67 38.01 -38.87
C GLN D 700 -36.65 38.00 -37.74
N VAL D 701 -35.43 38.46 -38.00
CA VAL D 701 -34.35 38.43 -37.01
C VAL D 701 -33.88 39.82 -36.62
N LYS D 702 -33.82 40.74 -37.59
CA LYS D 702 -33.28 42.07 -37.31
C LYS D 702 -34.11 42.84 -36.29
N GLY D 703 -35.37 42.47 -36.08
CA GLY D 703 -36.24 43.23 -35.22
C GLY D 703 -36.21 42.81 -33.76
N LYS D 704 -35.08 42.31 -33.30
CA LYS D 704 -34.91 41.90 -31.90
C LYS D 704 -33.43 41.61 -31.67
N LYS D 705 -33.11 41.10 -30.48
CA LYS D 705 -31.76 40.73 -30.11
C LYS D 705 -31.64 39.22 -29.96
N VAL D 706 -30.41 38.73 -30.04
CA VAL D 706 -30.11 37.31 -29.94
C VAL D 706 -28.96 37.12 -28.97
N TRP D 707 -28.81 35.88 -28.49
N TRP D 707 -28.82 35.89 -28.47
CA TRP D 707 -27.76 35.51 -27.53
CA TRP D 707 -27.74 35.53 -27.56
C TRP D 707 -27.38 34.06 -27.83
C TRP D 707 -27.37 34.07 -27.83
N ILE D 708 -26.34 33.88 -28.64
CA ILE D 708 -25.91 32.54 -29.05
C ILE D 708 -24.42 32.55 -29.28
N GLY D 709 -23.77 31.43 -28.97
CA GLY D 709 -22.35 31.27 -29.22
C GLY D 709 -22.10 30.90 -30.68
N ILE D 710 -20.84 30.61 -30.97
CA ILE D 710 -20.45 30.26 -32.34
C ILE D 710 -20.51 28.75 -32.57
N LYS D 711 -20.10 27.96 -31.57
CA LYS D 711 -20.19 26.50 -31.69
C LYS D 711 -21.64 26.06 -31.87
N LYS D 712 -22.53 26.58 -31.02
CA LYS D 712 -23.94 26.24 -31.13
C LYS D 712 -24.51 26.67 -32.46
N LEU D 713 -24.00 27.77 -33.04
CA LEU D 713 -24.49 28.18 -34.36
C LEU D 713 -24.17 27.13 -35.41
N LEU D 714 -22.94 26.61 -35.40
CA LEU D 714 -22.59 25.54 -36.32
C LEU D 714 -23.45 24.30 -36.08
N MET D 715 -23.68 23.96 -34.81
N MET D 715 -23.68 23.97 -34.80
CA MET D 715 -24.52 22.80 -34.51
CA MET D 715 -24.52 22.81 -34.50
C MET D 715 -25.93 22.98 -35.05
C MET D 715 -25.93 22.98 -35.05
N LEU D 716 -26.51 24.16 -34.86
CA LEU D 716 -27.86 24.40 -35.37
C LEU D 716 -27.91 24.35 -36.88
N ILE D 717 -26.90 24.91 -37.55
CA ILE D 717 -26.88 24.86 -39.01
C ILE D 717 -26.83 23.42 -39.49
N GLU D 718 -25.96 22.61 -38.88
CA GLU D 718 -25.86 21.22 -39.28
C GLU D 718 -27.16 20.47 -39.03
N MET D 719 -27.80 20.73 -37.90
CA MET D 719 -29.09 20.09 -37.63
C MET D 719 -30.13 20.47 -38.68
N SER D 720 -30.14 21.75 -39.07
CA SER D 720 -31.15 22.23 -40.02
C SER D 720 -30.93 21.64 -41.41
N LEU D 721 -29.67 21.46 -41.81
CA LEU D 721 -29.40 21.04 -43.19
C LEU D 721 -29.88 19.62 -43.49
N GLN D 722 -30.26 18.83 -42.50
CA GLN D 722 -30.63 17.44 -42.76
C GLN D 722 -32.05 17.28 -43.25
N MET D 723 -32.88 18.32 -43.15
CA MET D 723 -34.25 18.22 -43.62
C MET D 723 -34.31 18.42 -45.14
N ASP D 724 -35.45 18.07 -45.71
CA ASP D 724 -35.63 18.20 -47.15
C ASP D 724 -35.63 19.68 -47.54
N PRO D 725 -35.25 20.00 -48.79
CA PRO D 725 -35.15 21.42 -49.17
C PRO D 725 -36.50 22.08 -49.31
N GLU D 726 -36.85 22.91 -48.31
CA GLU D 726 -38.11 23.62 -48.25
C GLU D 726 -38.39 24.00 -46.79
N TYR D 727 -38.13 23.07 -45.88
CA TYR D 727 -38.36 23.26 -44.46
C TYR D 727 -37.08 23.57 -43.69
N ARG D 728 -35.98 23.84 -44.39
CA ARG D 728 -34.72 24.10 -43.71
C ARG D 728 -34.75 25.43 -42.95
N VAL D 729 -35.23 26.49 -43.61
CA VAL D 729 -35.27 27.80 -42.96
C VAL D 729 -36.24 27.77 -41.78
N ARG D 730 -37.38 27.12 -41.93
CA ARG D 730 -38.34 27.05 -40.84
C ARG D 730 -37.75 26.31 -39.64
N LYS D 731 -37.09 25.18 -39.88
CA LYS D 731 -36.47 24.44 -38.78
C LYS D 731 -35.37 25.27 -38.13
N PHE D 732 -34.57 25.98 -38.92
CA PHE D 732 -33.51 26.81 -38.34
C PHE D 732 -34.10 27.89 -37.45
N LEU D 733 -35.16 28.55 -37.91
CA LEU D 733 -35.77 29.61 -37.12
C LEU D 733 -36.38 29.05 -35.84
N ALA D 734 -37.03 27.88 -35.93
CA ALA D 734 -37.61 27.27 -34.73
C ALA D 734 -36.52 26.91 -33.73
N LEU D 735 -35.42 26.32 -34.20
CA LEU D 735 -34.33 25.95 -33.32
C LEU D 735 -33.72 27.19 -32.65
N LEU D 736 -33.54 28.27 -33.43
CA LEU D 736 -33.00 29.50 -32.86
C LEU D 736 -33.94 30.07 -31.81
N ARG D 737 -35.25 30.05 -32.09
CA ARG D 737 -36.22 30.59 -31.12
C ARG D 737 -36.25 29.75 -29.85
N GLU D 738 -36.02 28.44 -29.96
CA GLU D 738 -35.96 27.61 -28.76
C GLU D 738 -34.82 28.05 -27.84
N GLU D 739 -33.67 28.36 -28.42
CA GLU D 739 -32.50 28.81 -27.65
C GLU D 739 -32.57 30.31 -27.40
N GLY D 740 -33.64 30.72 -26.73
CA GLY D 740 -33.86 32.13 -26.43
C GLY D 740 -33.63 32.45 -24.96
N ALA D 741 -32.67 33.33 -24.69
CA ALA D 741 -32.35 33.73 -23.33
C ALA D 741 -31.58 35.05 -23.38
N SER D 742 -31.07 35.46 -22.23
CA SER D 742 -30.31 36.70 -22.12
C SER D 742 -29.60 36.69 -20.78
N PRO D 743 -28.61 37.59 -20.58
CA PRO D 743 -27.88 37.64 -19.31
C PRO D 743 -28.80 37.86 -18.11
N GLN E 209 63.39 6.46 22.49
CA GLN E 209 62.61 6.21 21.29
C GLN E 209 61.69 5.01 21.49
N SER E 210 60.42 5.27 21.77
CA SER E 210 59.44 4.20 21.89
C SER E 210 58.72 3.97 20.58
N ILE E 211 57.99 4.98 20.11
CA ILE E 211 57.28 4.89 18.83
C ILE E 211 57.56 6.14 18.00
N ILE E 212 57.33 7.32 18.60
CA ILE E 212 57.33 8.57 17.84
C ILE E 212 58.68 8.81 17.20
N ASN E 213 58.68 9.54 16.10
CA ASN E 213 59.86 9.92 15.34
C ASN E 213 60.15 11.41 15.48
N PRO E 214 61.37 11.84 15.20
CA PRO E 214 61.75 13.24 15.50
C PRO E 214 60.89 14.28 14.80
N ASP E 215 60.48 14.04 13.56
CA ASP E 215 59.84 15.07 12.74
C ASP E 215 58.35 15.10 13.00
N TRP E 216 57.91 15.93 13.96
CA TRP E 216 56.50 16.05 14.29
C TRP E 216 55.96 17.43 13.95
N ASN E 217 56.32 17.98 12.79
CA ASN E 217 55.79 19.27 12.36
C ASN E 217 54.29 19.16 12.12
N PHE E 218 53.87 18.13 11.38
CA PHE E 218 52.48 17.89 11.03
C PHE E 218 52.02 18.82 9.92
N GLU E 219 52.87 19.78 9.52
CA GLU E 219 52.61 20.53 8.30
C GLU E 219 53.60 20.15 7.22
N LYS E 220 54.78 19.68 7.62
CA LYS E 220 55.74 19.13 6.67
C LYS E 220 55.16 17.92 5.96
N MET E 221 54.45 17.07 6.70
CA MET E 221 53.81 15.91 6.08
C MET E 221 52.80 16.36 5.03
N GLY E 222 51.97 17.35 5.35
CA GLY E 222 51.00 17.87 4.40
C GLY E 222 49.62 18.08 5.00
N ILE E 223 49.42 17.67 6.25
CA ILE E 223 48.12 17.85 6.88
C ILE E 223 47.84 19.33 7.07
N GLY E 224 46.56 19.68 7.05
CA GLY E 224 46.16 21.08 7.14
C GLY E 224 45.54 21.45 8.46
N GLY E 225 44.28 21.90 8.44
CA GLY E 225 43.62 22.39 9.62
C GLY E 225 42.98 21.32 10.47
N LEU E 226 43.74 20.27 10.79
CA LEU E 226 43.28 19.19 11.67
C LEU E 226 44.36 18.99 12.73
N ASP E 227 44.29 19.76 13.81
CA ASP E 227 45.25 19.68 14.91
C ASP E 227 44.61 19.19 16.20
N LYS E 228 43.39 19.65 16.51
CA LYS E 228 42.71 19.17 17.70
C LYS E 228 42.37 17.70 17.59
N GLU E 229 42.04 17.23 16.39
CA GLU E 229 41.69 15.83 16.19
C GLU E 229 42.86 14.92 16.56
N PHE E 230 44.06 15.26 16.09
CA PHE E 230 45.23 14.43 16.40
C PHE E 230 45.53 14.45 17.89
N SER E 231 45.37 15.61 18.53
CA SER E 231 45.60 15.69 19.97
C SER E 231 44.62 14.79 20.72
N ASP E 232 43.35 14.80 20.32
CA ASP E 232 42.37 13.93 20.95
C ASP E 232 42.70 12.47 20.70
N ILE E 233 43.16 12.14 19.49
CA ILE E 233 43.54 10.75 19.18
C ILE E 233 44.67 10.31 20.11
N PHE E 234 45.67 11.17 20.27
CA PHE E 234 46.80 10.83 21.12
C PHE E 234 46.37 10.70 22.58
N ARG E 235 45.45 11.56 23.02
CA ARG E 235 44.97 11.50 24.40
C ARG E 235 44.23 10.21 24.67
N ARG E 236 43.26 9.88 23.81
CA ARG E 236 42.44 8.69 24.03
C ARG E 236 43.27 7.42 23.93
N ALA E 237 44.07 7.29 22.87
CA ALA E 237 44.91 6.14 22.65
C ALA E 237 46.30 6.61 22.22
N PHE E 238 47.22 5.66 22.11
CA PHE E 238 48.60 5.94 21.73
C PHE E 238 49.35 6.70 22.82
N ALA E 239 48.75 6.80 24.01
CA ALA E 239 49.37 7.48 25.15
C ALA E 239 49.88 6.51 26.20
N SER E 240 49.05 5.56 26.62
CA SER E 240 49.51 4.55 27.57
C SER E 240 50.67 3.76 27.00
N ARG E 241 50.76 3.68 25.67
CA ARG E 241 51.84 2.95 25.02
C ARG E 241 53.20 3.60 25.23
N VAL E 242 53.25 4.86 25.69
CA VAL E 242 54.51 5.52 26.01
C VAL E 242 54.50 5.92 27.48
N PHE E 243 54.94 5.01 28.34
CA PHE E 243 54.94 5.17 29.79
C PHE E 243 55.82 4.07 30.37
N PRO E 244 56.12 4.09 31.67
CA PRO E 244 56.85 2.98 32.26
C PRO E 244 55.96 1.75 32.38
N PRO E 245 56.42 0.58 31.89
CA PRO E 245 55.56 -0.61 31.96
C PRO E 245 55.10 -0.95 33.37
N GLU E 246 55.94 -0.67 34.37
CA GLU E 246 55.55 -0.95 35.75
C GLU E 246 54.33 -0.13 36.15
N ILE E 247 54.29 1.15 35.75
CA ILE E 247 53.16 2.00 36.10
C ILE E 247 51.88 1.42 35.51
N VAL E 248 51.93 0.99 34.25
CA VAL E 248 50.77 0.38 33.62
C VAL E 248 50.39 -0.89 34.37
N GLU E 249 51.37 -1.68 34.79
CA GLU E 249 51.10 -2.91 35.49
C GLU E 249 50.38 -2.67 36.80
N GLN E 250 50.78 -1.62 37.53
CA GLN E 250 50.14 -1.33 38.81
C GLN E 250 48.66 -1.04 38.62
N MET E 251 48.32 -0.26 37.60
CA MET E 251 46.92 0.03 37.30
C MET E 251 46.23 -1.14 36.61
N GLY E 252 46.98 -2.06 36.02
CA GLY E 252 46.41 -3.25 35.41
C GLY E 252 45.40 -2.94 34.33
N CYS E 253 45.74 -2.03 33.43
CA CYS E 253 44.87 -1.62 32.33
C CYS E 253 45.47 -2.08 31.01
N LYS E 254 44.65 -2.71 30.18
CA LYS E 254 45.10 -3.19 28.89
C LYS E 254 45.02 -2.08 27.85
N HIS E 255 45.70 -2.28 26.72
CA HIS E 255 45.81 -1.25 25.71
C HIS E 255 44.52 -1.14 24.87
N VAL E 256 44.56 -0.32 23.82
CA VAL E 256 43.43 -0.13 22.92
C VAL E 256 43.91 -0.41 21.51
N LYS E 257 43.12 -1.16 20.74
CA LYS E 257 43.49 -1.61 19.41
C LYS E 257 42.34 -1.40 18.43
N GLY E 258 41.75 -0.20 18.44
CA GLY E 258 40.67 0.09 17.51
C GLY E 258 40.39 1.56 17.33
N ILE E 259 40.34 2.00 16.08
CA ILE E 259 39.99 3.38 15.73
C ILE E 259 39.14 3.36 14.47
N LEU E 260 38.13 4.21 14.42
CA LEU E 260 37.27 4.34 13.24
C LEU E 260 37.24 5.80 12.84
N LEU E 261 37.66 6.10 11.60
CA LEU E 261 37.66 7.45 11.06
C LEU E 261 36.59 7.54 9.99
N TYR E 262 35.60 8.39 10.22
CA TYR E 262 34.46 8.53 9.29
C TYR E 262 34.23 10.01 9.05
N GLY E 263 33.81 10.42 7.85
CA GLY E 263 33.58 11.84 7.53
C GLY E 263 33.24 12.08 6.08
N PRO E 264 32.74 13.22 5.73
CA PRO E 264 32.21 13.47 4.40
C PRO E 264 33.28 13.31 3.33
N PRO E 265 32.93 13.14 2.05
CA PRO E 265 33.89 12.90 0.99
C PRO E 265 34.95 13.99 0.85
N GLY E 266 36.25 13.66 0.73
CA GLY E 266 37.28 14.66 0.53
C GLY E 266 37.62 15.43 1.78
N CYS E 267 38.21 14.76 2.78
CA CYS E 267 38.60 15.43 4.01
C CYS E 267 40.05 15.15 4.39
N GLY E 268 40.61 14.01 3.93
CA GLY E 268 42.02 13.74 4.15
C GLY E 268 42.32 12.42 4.84
N LYS E 269 41.36 11.50 4.85
CA LYS E 269 41.56 10.23 5.51
C LYS E 269 42.73 9.46 4.90
N THR E 270 42.73 9.30 3.58
CA THR E 270 43.80 8.56 2.92
C THR E 270 45.14 9.26 3.10
N LEU E 271 45.19 10.57 2.98
CA LEU E 271 46.42 11.31 3.25
C LEU E 271 46.87 11.09 4.69
N LEU E 272 45.92 11.03 5.62
CA LEU E 272 46.27 10.79 7.01
C LEU E 272 46.94 9.43 7.17
N ALA E 273 46.41 8.40 6.50
CA ALA E 273 47.04 7.09 6.58
C ALA E 273 48.44 7.10 5.96
N ARG E 274 48.58 7.75 4.82
CA ARG E 274 49.88 7.77 4.15
C ARG E 274 50.93 8.47 5.01
N GLN E 275 50.53 9.56 5.68
CA GLN E 275 51.48 10.27 6.52
C GLN E 275 51.71 9.56 7.85
N ILE E 276 50.72 8.82 8.34
CA ILE E 276 50.92 8.00 9.54
C ILE E 276 51.92 6.91 9.26
N GLY E 277 51.92 6.39 8.04
CA GLY E 277 52.89 5.36 7.68
C GLY E 277 54.33 5.81 7.82
N LYS E 278 54.56 7.12 7.89
CA LYS E 278 55.91 7.68 7.98
C LYS E 278 56.29 8.06 9.41
N MET E 279 55.39 8.70 10.15
CA MET E 279 55.64 9.08 11.55
C MET E 279 55.42 7.89 12.48
N LEU E 280 56.38 6.97 12.46
CA LEU E 280 56.40 5.85 13.39
C LEU E 280 57.72 5.11 13.24
N ASN E 281 58.26 4.64 14.36
CA ASN E 281 59.53 3.92 14.38
C ASN E 281 59.32 2.41 14.44
N ALA E 282 58.26 1.92 13.80
CA ALA E 282 57.98 0.50 13.72
C ALA E 282 57.93 0.08 12.25
N ARG E 283 57.69 -1.20 12.02
CA ARG E 283 57.62 -1.70 10.66
C ARG E 283 56.45 -1.06 9.91
N GLU E 284 56.59 -1.00 8.60
CA GLU E 284 55.58 -0.33 7.78
C GLU E 284 54.22 -1.00 7.95
N PRO E 285 53.16 -0.24 8.20
CA PRO E 285 51.84 -0.85 8.39
C PRO E 285 51.34 -1.52 7.12
N LYS E 286 50.54 -2.56 7.30
CA LYS E 286 49.97 -3.30 6.18
C LYS E 286 48.60 -2.74 5.83
N VAL E 287 48.44 -2.32 4.58
CA VAL E 287 47.23 -1.63 4.14
C VAL E 287 46.48 -2.52 3.16
N VAL E 288 45.15 -2.63 3.37
CA VAL E 288 44.27 -3.38 2.50
C VAL E 288 43.40 -2.40 1.75
N ASN E 289 43.52 -2.39 0.43
CA ASN E 289 42.91 -1.39 -0.45
C ASN E 289 41.63 -1.97 -1.05
N GLY E 290 40.51 -1.73 -0.37
CA GLY E 290 39.22 -2.13 -0.88
C GLY E 290 39.01 -3.63 -0.81
N PRO E 291 38.05 -4.14 -1.60
CA PRO E 291 37.73 -5.59 -1.59
C PRO E 291 38.63 -6.43 -2.49
N GLU E 292 39.84 -6.69 -2.02
CA GLU E 292 40.77 -7.61 -2.68
C GLU E 292 40.95 -8.89 -1.87
N ILE E 293 40.08 -9.14 -0.89
CA ILE E 293 40.17 -10.32 -0.06
C ILE E 293 39.34 -11.48 -0.60
N LEU E 294 38.37 -11.21 -1.46
CA LEU E 294 37.48 -12.25 -1.97
C LEU E 294 38.15 -12.99 -3.12
N ASN E 295 38.04 -14.32 -3.10
CA ASN E 295 38.60 -15.16 -4.13
C ASN E 295 37.57 -16.16 -4.62
N LYS E 296 37.67 -16.53 -5.90
CA LYS E 296 36.69 -17.44 -6.49
C LYS E 296 36.72 -18.81 -5.83
N TYR E 297 37.92 -19.31 -5.52
CA TYR E 297 38.04 -20.64 -4.95
C TYR E 297 37.42 -20.69 -3.55
N VAL E 298 37.19 -21.90 -3.07
CA VAL E 298 36.53 -22.13 -1.79
C VAL E 298 37.57 -22.13 -0.69
N GLY E 299 37.32 -21.35 0.36
CA GLY E 299 38.20 -21.29 1.51
C GLY E 299 39.42 -20.41 1.34
N GLU E 300 39.50 -19.62 0.28
CA GLU E 300 40.66 -18.77 0.06
C GLU E 300 40.50 -17.39 0.71
N SER E 301 39.27 -16.94 0.95
CA SER E 301 39.09 -15.67 1.66
C SER E 301 39.62 -15.77 3.08
N GLU E 302 39.36 -16.88 3.76
CA GLU E 302 39.90 -17.08 5.10
C GLU E 302 41.41 -17.16 5.07
N ALA E 303 41.97 -17.79 4.03
CA ALA E 303 43.43 -17.80 3.89
C ALA E 303 43.98 -16.39 3.73
N ASN E 304 43.33 -15.57 2.91
CA ASN E 304 43.76 -14.19 2.74
C ASN E 304 43.71 -13.43 4.07
N ILE E 305 42.64 -13.62 4.83
CA ILE E 305 42.51 -12.95 6.12
C ILE E 305 43.59 -13.43 7.08
N ARG E 306 43.94 -14.73 7.01
CA ARG E 306 44.90 -15.29 7.96
C ARG E 306 46.29 -14.71 7.76
N LYS E 307 46.72 -14.53 6.52
CA LYS E 307 48.09 -14.13 6.23
C LYS E 307 48.39 -12.68 6.60
N LEU E 308 47.49 -11.97 7.28
CA LEU E 308 47.77 -10.61 7.72
C LEU E 308 48.27 -10.55 9.15
N PHE E 309 47.83 -11.47 10.01
CA PHE E 309 48.17 -11.44 11.43
C PHE E 309 49.25 -12.45 11.80
N ALA E 310 49.83 -13.14 10.82
CA ALA E 310 50.82 -14.17 11.14
C ALA E 310 52.03 -13.57 11.85
N ASP E 311 52.51 -12.42 11.38
CA ASP E 311 53.68 -11.80 12.01
C ASP E 311 53.39 -11.44 13.45
N ALA E 312 52.20 -10.92 13.73
CA ALA E 312 51.86 -10.57 15.12
C ALA E 312 51.88 -11.79 16.01
N GLU E 313 51.28 -12.90 15.55
CA GLU E 313 51.27 -14.12 16.34
C GLU E 313 52.68 -14.63 16.61
N GLU E 314 53.50 -14.68 15.56
CA GLU E 314 54.87 -15.18 15.71
C GLU E 314 55.66 -14.29 16.67
N GLU E 315 55.52 -12.97 16.53
CA GLU E 315 56.25 -12.05 17.38
C GLU E 315 55.82 -12.18 18.84
N GLN E 316 54.51 -12.29 19.08
CA GLN E 316 54.04 -12.44 20.44
C GLN E 316 54.50 -13.75 21.05
N ARG E 317 54.50 -14.84 20.29
CA ARG E 317 55.00 -16.12 20.80
C ARG E 317 56.48 -16.00 21.13
N ARG E 318 57.26 -15.43 20.22
CA ARG E 318 58.70 -15.33 20.40
C ARG E 318 59.04 -14.49 21.63
N LEU E 319 58.36 -13.36 21.79
CA LEU E 319 58.62 -12.41 22.85
C LEU E 319 57.30 -11.86 23.37
N GLY E 320 57.24 -11.67 24.69
CA GLY E 320 56.02 -11.17 25.32
C GLY E 320 56.22 -9.87 26.08
N ALA E 321 55.22 -8.99 26.01
CA ALA E 321 55.13 -7.76 26.79
C ALA E 321 56.07 -6.66 26.30
N ASN E 322 56.95 -6.95 25.33
CA ASN E 322 57.81 -5.92 24.76
C ASN E 322 57.94 -6.07 23.25
N SER E 323 56.98 -6.70 22.58
CA SER E 323 57.11 -6.99 21.15
C SER E 323 57.21 -5.71 20.33
N GLY E 324 56.26 -4.80 20.50
CA GLY E 324 56.14 -3.63 19.67
C GLY E 324 54.72 -3.49 19.12
N LEU E 325 54.60 -2.71 18.05
CA LEU E 325 53.31 -2.40 17.45
C LEU E 325 53.31 -2.77 15.98
N HIS E 326 52.29 -3.50 15.56
CA HIS E 326 52.00 -3.77 14.15
C HIS E 326 50.68 -3.11 13.80
N ILE E 327 50.68 -2.26 12.78
CA ILE E 327 49.53 -1.46 12.40
C ILE E 327 48.99 -1.97 11.07
N ILE E 328 47.69 -2.24 11.03
CA ILE E 328 47.00 -2.64 9.81
C ILE E 328 45.89 -1.63 9.53
N ILE E 329 45.75 -1.28 8.25
CA ILE E 329 44.80 -0.27 7.80
C ILE E 329 43.84 -0.93 6.82
N PHE E 330 42.56 -0.64 6.97
CA PHE E 330 41.50 -1.14 6.09
C PHE E 330 40.88 0.07 5.39
N ASP E 331 41.32 0.30 4.15
CA ASP E 331 40.71 1.36 3.34
C ASP E 331 39.39 0.86 2.76
N GLU E 332 38.33 1.62 2.92
CA GLU E 332 36.97 1.22 2.48
C GLU E 332 36.66 -0.07 3.23
N ILE E 333 36.55 -0.01 4.57
CA ILE E 333 36.16 -1.17 5.36
C ILE E 333 34.72 -1.56 5.10
N ASP E 334 33.89 -0.69 4.58
CA ASP E 334 32.46 -1.01 4.40
C ASP E 334 32.33 -2.01 3.25
N ALA E 335 33.33 -2.26 2.41
CA ALA E 335 33.17 -3.22 1.33
C ALA E 335 32.95 -4.63 1.85
N ILE E 336 33.70 -5.03 2.88
CA ILE E 336 33.71 -6.41 3.34
C ILE E 336 33.00 -6.61 4.66
N CYS E 337 32.61 -5.55 5.36
CA CYS E 337 31.98 -5.65 6.67
C CYS E 337 30.58 -5.04 6.58
N LYS E 338 29.60 -5.87 6.20
CA LYS E 338 28.19 -5.49 6.17
C LYS E 338 27.41 -6.37 7.14
N GLN E 339 26.10 -6.17 7.17
CA GLN E 339 25.25 -6.96 8.05
C GLN E 339 25.40 -8.44 7.71
N ARG E 340 25.58 -9.26 8.76
CA ARG E 340 25.90 -10.67 8.55
C ARG E 340 24.75 -11.40 7.87
N GLY E 341 23.52 -11.20 8.35
CA GLY E 341 22.41 -11.99 7.88
C GLY E 341 21.54 -11.33 6.82
N SER E 342 21.77 -10.05 6.56
CA SER E 342 20.92 -9.33 5.62
C SER E 342 21.02 -9.92 4.22
N MET E 343 22.23 -10.23 3.77
CA MET E 343 22.42 -10.76 2.43
C MET E 343 21.81 -12.16 2.32
N ALA E 344 21.12 -12.41 1.21
CA ALA E 344 20.47 -13.68 0.96
C ALA E 344 21.18 -14.50 -0.12
N GLY E 345 22.40 -14.12 -0.49
CA GLY E 345 23.12 -14.86 -1.51
C GLY E 345 23.37 -16.30 -1.09
N SER E 346 23.42 -17.18 -2.08
CA SER E 346 23.62 -18.60 -1.79
C SER E 346 24.95 -18.83 -1.08
N THR E 347 26.00 -18.19 -1.55
CA THR E 347 27.31 -18.29 -0.88
C THR E 347 27.36 -17.33 0.30
N GLY E 348 28.00 -17.78 1.37
CA GLY E 348 28.12 -16.99 2.59
C GLY E 348 29.53 -16.51 2.84
N VAL E 349 30.21 -16.06 1.78
CA VAL E 349 31.61 -15.64 1.92
C VAL E 349 31.72 -14.45 2.88
N HIS E 350 30.83 -13.48 2.73
CA HIS E 350 30.89 -12.28 3.56
C HIS E 350 30.77 -12.64 5.04
N ASP E 351 29.82 -13.51 5.37
CA ASP E 351 29.65 -13.92 6.77
C ASP E 351 30.91 -14.60 7.28
N THR E 352 31.51 -15.46 6.48
CA THR E 352 32.71 -16.17 6.92
C THR E 352 33.85 -15.20 7.19
N VAL E 353 34.07 -14.23 6.28
CA VAL E 353 35.18 -13.30 6.50
C VAL E 353 34.91 -12.43 7.72
N VAL E 354 33.67 -11.98 7.90
CA VAL E 354 33.35 -11.16 9.07
C VAL E 354 33.59 -11.95 10.35
N ASN E 355 33.14 -13.20 10.39
CA ASN E 355 33.34 -14.02 11.57
C ASN E 355 34.81 -14.25 11.85
N GLN E 356 35.60 -14.54 10.80
CA GLN E 356 37.02 -14.75 10.99
C GLN E 356 37.71 -13.50 11.53
N LEU E 357 37.38 -12.33 10.96
CA LEU E 357 37.99 -11.09 11.45
C LEU E 357 37.60 -10.83 12.89
N LEU E 358 36.33 -11.02 13.24
CA LEU E 358 35.91 -10.79 14.61
C LEU E 358 36.60 -11.74 15.58
N SER E 359 36.72 -13.01 15.19
CA SER E 359 37.41 -13.97 16.05
C SER E 359 38.88 -13.59 16.23
N LYS E 360 39.55 -13.17 15.16
CA LYS E 360 40.96 -12.83 15.27
C LYS E 360 41.15 -11.59 16.14
N ILE E 361 40.36 -10.54 15.91
CA ILE E 361 40.52 -9.32 16.68
C ILE E 361 40.10 -9.53 18.13
N ASP E 362 38.95 -10.17 18.34
CA ASP E 362 38.44 -10.46 19.67
C ASP E 362 38.14 -11.95 19.78
N GLY E 363 38.61 -12.57 20.85
CA GLY E 363 38.39 -13.98 21.05
C GLY E 363 39.16 -14.49 22.25
N VAL E 364 39.11 -15.80 22.43
CA VAL E 364 39.82 -16.42 23.56
C VAL E 364 41.31 -16.16 23.44
N GLU E 365 41.86 -16.35 22.24
CA GLU E 365 43.25 -16.01 22.00
C GLU E 365 43.46 -14.51 22.17
N GLN E 366 44.61 -14.13 22.71
CA GLN E 366 44.87 -12.76 23.10
C GLN E 366 45.93 -12.13 22.18
N LEU E 367 45.66 -10.89 21.78
CA LEU E 367 46.59 -10.07 21.02
C LEU E 367 46.80 -8.75 21.75
N ASN E 368 48.05 -8.29 21.80
CA ASN E 368 48.36 -7.04 22.48
C ASN E 368 49.36 -6.18 21.72
N ASN E 369 49.71 -6.54 20.48
CA ASN E 369 50.67 -5.77 19.69
C ASN E 369 50.11 -5.49 18.29
N ILE E 370 48.80 -5.27 18.19
CA ILE E 370 48.13 -5.01 16.92
C ILE E 370 47.25 -3.78 17.06
N LEU E 371 47.25 -2.92 16.02
CA LEU E 371 46.38 -1.75 15.96
C LEU E 371 45.72 -1.70 14.59
N VAL E 372 44.40 -1.70 14.56
CA VAL E 372 43.62 -1.75 13.34
C VAL E 372 42.91 -0.41 13.15
N ILE E 373 43.03 0.16 11.96
CA ILE E 373 42.41 1.44 11.63
C ILE E 373 41.62 1.26 10.35
N GLY E 374 40.30 1.44 10.42
CA GLY E 374 39.41 1.26 9.27
C GLY E 374 38.80 2.59 8.89
N MET E 375 38.54 2.76 7.59
CA MET E 375 38.05 4.03 7.07
C MET E 375 36.80 3.83 6.22
N THR E 376 35.87 4.79 6.29
CA THR E 376 34.63 4.70 5.54
C THR E 376 34.03 6.10 5.40
N ASN E 377 33.43 6.37 4.24
CA ASN E 377 32.64 7.59 4.09
C ASN E 377 31.28 7.48 4.75
N ARG E 378 30.61 6.33 4.64
CA ARG E 378 29.24 6.16 5.15
C ARG E 378 29.27 5.14 6.27
N PRO E 379 29.24 5.55 7.54
CA PRO E 379 29.20 4.57 8.63
C PRO E 379 27.87 3.85 8.75
N ASP E 380 26.88 4.12 8.00
CA ASP E 380 25.57 3.50 8.04
C ASP E 380 25.63 2.00 7.78
N LEU E 381 26.42 1.58 6.80
CA LEU E 381 26.50 0.18 6.41
C LEU E 381 27.63 -0.54 7.14
N ILE E 382 27.63 -0.45 8.47
CA ILE E 382 28.61 -1.12 9.32
C ILE E 382 27.86 -1.94 10.35
N ASP E 383 28.15 -3.24 10.41
CA ASP E 383 27.49 -4.11 11.37
C ASP E 383 27.85 -3.72 12.80
N GLU E 384 26.86 -3.74 13.68
CA GLU E 384 27.08 -3.30 15.06
C GLU E 384 28.09 -4.20 15.78
N ALA E 385 28.18 -5.47 15.39
CA ALA E 385 29.06 -6.38 16.09
C ALA E 385 30.51 -5.90 16.05
N LEU E 386 30.95 -5.41 14.90
CA LEU E 386 32.32 -4.91 14.78
C LEU E 386 32.56 -3.67 15.64
N LEU E 387 31.50 -2.98 16.05
CA LEU E 387 31.63 -1.78 16.87
C LEU E 387 31.45 -2.07 18.36
N ARG E 388 31.38 -3.33 18.75
CA ARG E 388 31.20 -3.66 20.15
C ARG E 388 32.41 -3.18 20.96
N PRO E 389 32.21 -2.72 22.20
CA PRO E 389 33.36 -2.25 22.98
C PRO E 389 34.43 -3.32 23.12
N GLY E 390 35.68 -2.88 23.08
CA GLY E 390 36.82 -3.77 23.12
C GLY E 390 37.40 -4.12 21.76
N ARG E 391 36.70 -3.76 20.67
CA ARG E 391 37.18 -4.04 19.32
C ARG E 391 37.46 -2.75 18.55
N LEU E 392 36.48 -1.86 18.43
CA LEU E 392 36.65 -0.59 17.74
C LEU E 392 36.00 0.52 18.57
N GLU E 393 36.33 0.55 19.87
CA GLU E 393 35.64 1.45 20.79
C GLU E 393 35.82 2.91 20.40
N VAL E 394 37.03 3.30 20.02
CA VAL E 394 37.29 4.71 19.72
C VAL E 394 36.61 5.09 18.41
N LYS E 395 36.09 6.31 18.35
CA LYS E 395 35.42 6.81 17.15
C LYS E 395 35.67 8.31 17.06
N MET E 396 36.24 8.74 15.93
CA MET E 396 36.53 10.14 15.70
C MET E 396 36.03 10.54 14.32
N GLU E 397 35.62 11.81 14.19
CA GLU E 397 35.05 12.33 12.96
C GLU E 397 35.93 13.46 12.43
N ILE E 398 36.19 13.42 11.12
CA ILE E 398 36.96 14.47 10.45
C ILE E 398 35.98 15.38 9.72
N GLY E 399 35.57 16.46 10.37
CA GLY E 399 34.59 17.36 9.81
C GLY E 399 35.20 18.35 8.85
N LEU E 400 34.37 19.29 8.40
CA LEU E 400 34.83 20.30 7.45
C LEU E 400 35.79 21.26 8.14
N PRO E 401 36.70 21.87 7.38
CA PRO E 401 37.65 22.80 7.97
C PRO E 401 37.00 24.11 8.38
N ASP E 402 37.64 24.81 9.30
CA ASP E 402 37.15 26.08 9.80
C ASP E 402 37.77 27.22 8.99
N GLU E 403 37.41 28.45 9.34
CA GLU E 403 37.96 29.61 8.63
C GLU E 403 39.47 29.69 8.79
N LYS E 404 39.97 29.47 10.01
CA LYS E 404 41.41 29.54 10.24
C LYS E 404 42.14 28.40 9.54
N GLY E 405 41.55 27.20 9.55
CA GLY E 405 42.19 26.07 8.89
C GLY E 405 42.29 26.24 7.38
N ARG E 406 41.31 26.91 6.78
CA ARG E 406 41.36 27.14 5.34
C ARG E 406 42.59 27.94 4.95
N LEU E 407 43.01 28.87 5.81
CA LEU E 407 44.22 29.64 5.53
C LEU E 407 45.43 28.73 5.45
N GLN E 408 45.56 27.80 6.40
CA GLN E 408 46.66 26.84 6.36
C GLN E 408 46.57 25.95 5.13
N ILE E 409 45.37 25.51 4.79
CA ILE E 409 45.20 24.67 3.60
C ILE E 409 45.69 25.41 2.36
N LEU E 410 45.29 26.68 2.22
CA LEU E 410 45.69 27.45 1.05
C LEU E 410 47.20 27.67 1.03
N HIS E 411 47.81 27.94 2.18
CA HIS E 411 49.27 28.10 2.20
C HIS E 411 49.97 26.81 1.79
N ILE E 412 49.48 25.67 2.27
CA ILE E 412 50.15 24.39 1.98
C ILE E 412 50.10 24.10 0.50
N HIS E 413 49.01 24.46 -0.17
CA HIS E 413 48.79 24.12 -1.57
C HIS E 413 49.35 25.15 -2.54
N THR E 414 50.03 26.19 -2.04
CA THR E 414 50.57 27.22 -2.93
C THR E 414 51.98 27.66 -2.53
N ALA E 415 52.67 26.91 -1.67
CA ALA E 415 54.02 27.30 -1.27
C ALA E 415 54.98 27.26 -2.45
N ARG E 416 54.89 26.20 -3.27
CA ARG E 416 55.78 26.07 -4.41
C ARG E 416 55.62 27.21 -5.38
N MET E 417 54.37 27.63 -5.63
CA MET E 417 54.12 28.72 -6.56
C MET E 417 54.79 30.01 -6.10
N ARG E 418 54.69 30.32 -4.81
N ARG E 418 54.69 30.31 -4.80
CA ARG E 418 55.31 31.52 -4.28
CA ARG E 418 55.32 31.52 -4.29
C ARG E 418 56.83 31.39 -4.19
C ARG E 418 56.83 31.38 -4.23
N GLY E 419 57.34 30.16 -4.09
CA GLY E 419 58.78 29.98 -4.00
C GLY E 419 59.52 30.43 -5.25
N HIS E 420 58.95 30.14 -6.42
CA HIS E 420 59.59 30.43 -7.69
C HIS E 420 59.11 31.73 -8.33
N GLN E 421 58.32 32.53 -7.60
CA GLN E 421 57.76 33.77 -8.13
C GLN E 421 56.96 33.48 -9.40
N LEU E 422 55.77 32.93 -9.18
CA LEU E 422 54.76 32.77 -10.21
C LEU E 422 53.39 33.24 -9.75
N LEU E 423 53.34 33.97 -8.63
CA LEU E 423 52.10 34.45 -8.04
C LEU E 423 52.16 35.97 -7.95
N SER E 424 51.14 36.63 -8.47
CA SER E 424 51.11 38.09 -8.45
C SER E 424 50.93 38.60 -7.02
N ALA E 425 51.43 39.82 -6.79
CA ALA E 425 51.28 40.44 -5.48
C ALA E 425 49.85 40.89 -5.21
N ASP E 426 49.03 41.02 -6.25
CA ASP E 426 47.65 41.46 -6.06
C ASP E 426 46.86 40.42 -5.26
N VAL E 427 47.08 39.13 -5.51
CA VAL E 427 46.31 38.09 -4.85
C VAL E 427 46.53 38.16 -3.35
N ASP E 428 45.44 38.05 -2.60
CA ASP E 428 45.47 38.04 -1.15
C ASP E 428 44.86 36.73 -0.65
N ILE E 429 45.65 35.96 0.09
CA ILE E 429 45.19 34.66 0.56
C ILE E 429 44.05 34.81 1.56
N LYS E 430 44.15 35.82 2.44
CA LYS E 430 43.11 36.01 3.46
C LYS E 430 41.76 36.30 2.81
N GLU E 431 41.76 37.13 1.77
CA GLU E 431 40.51 37.44 1.09
C GLU E 431 39.88 36.19 0.50
N LEU E 432 40.69 35.34 -0.15
CA LEU E 432 40.17 34.11 -0.72
C LEU E 432 39.64 33.18 0.37
N ALA E 433 40.36 33.08 1.49
CA ALA E 433 39.89 32.24 2.59
C ALA E 433 38.55 32.73 3.11
N VAL E 434 38.39 34.04 3.26
CA VAL E 434 37.11 34.59 3.72
C VAL E 434 36.00 34.30 2.71
N GLU E 435 36.31 34.49 1.42
CA GLU E 435 35.27 34.33 0.40
C GLU E 435 34.75 32.90 0.32
N THR E 436 35.65 31.93 0.40
CA THR E 436 35.28 30.52 0.25
C THR E 436 34.87 29.96 1.60
N LYS E 437 33.59 29.60 1.72
CA LYS E 437 33.04 29.02 2.94
C LYS E 437 32.34 27.72 2.60
N ASN E 438 32.28 26.81 3.58
CA ASN E 438 31.73 25.47 3.37
C ASN E 438 32.51 24.72 2.30
N PHE E 439 33.82 24.93 2.28
CA PHE E 439 34.70 24.31 1.31
C PHE E 439 35.58 23.27 1.99
N SER E 440 35.77 22.14 1.34
CA SER E 440 36.64 21.07 1.82
C SER E 440 37.96 21.12 1.07
N GLY E 441 39.00 20.54 1.67
CA GLY E 441 40.33 20.57 1.12
C GLY E 441 40.39 20.28 -0.37
N ALA E 442 39.62 19.30 -0.82
CA ALA E 442 39.61 18.95 -2.24
C ALA E 442 39.15 20.11 -3.10
N GLU E 443 38.09 20.80 -2.68
CA GLU E 443 37.58 21.93 -3.45
C GLU E 443 38.56 23.11 -3.40
N LEU E 444 39.22 23.29 -2.26
CA LEU E 444 40.23 24.34 -2.14
C LEU E 444 41.37 24.10 -3.12
N GLU E 445 41.83 22.85 -3.23
CA GLU E 445 42.87 22.53 -4.20
C GLU E 445 42.37 22.66 -5.63
N GLY E 446 41.12 22.28 -5.87
CA GLY E 446 40.56 22.42 -7.21
C GLY E 446 40.47 23.86 -7.65
N LEU E 447 40.21 24.77 -6.71
CA LEU E 447 40.18 26.19 -7.02
C LEU E 447 41.52 26.65 -7.59
N VAL E 448 42.61 26.28 -6.90
CA VAL E 448 43.95 26.64 -7.32
C VAL E 448 44.24 26.01 -8.67
N ARG E 449 43.84 24.76 -8.85
CA ARG E 449 44.11 24.08 -10.11
C ARG E 449 43.39 24.78 -11.27
N ALA E 450 42.14 25.18 -11.06
CA ALA E 450 41.39 25.85 -12.11
C ALA E 450 41.99 27.22 -12.43
N ALA E 451 42.42 27.95 -11.40
CA ALA E 451 43.06 29.24 -11.64
C ALA E 451 44.33 29.07 -12.46
N GLN E 452 45.14 28.07 -12.09
CA GLN E 452 46.34 27.79 -12.89
C GLN E 452 45.98 27.42 -14.32
N SER E 453 44.95 26.59 -14.50
CA SER E 453 44.56 26.11 -15.81
C SER E 453 44.15 27.28 -16.71
N THR E 454 43.37 28.22 -16.19
CA THR E 454 42.99 29.38 -17.00
C THR E 454 44.21 30.26 -17.28
N ALA E 455 45.08 30.43 -16.28
CA ALA E 455 46.31 31.18 -16.51
C ALA E 455 47.17 30.50 -17.59
N MET E 456 47.24 29.17 -17.53
CA MET E 456 47.97 28.42 -18.54
C MET E 456 47.36 28.61 -19.92
N ASN E 457 46.03 28.56 -20.00
CA ASN E 457 45.31 28.66 -21.25
C ASN E 457 45.48 30.04 -21.89
N ARG E 458 45.70 31.06 -21.07
CA ARG E 458 45.84 32.41 -21.61
C ARG E 458 46.89 32.47 -22.72
N HIS E 459 48.00 31.74 -22.57
CA HIS E 459 49.11 31.82 -23.51
C HIS E 459 49.22 30.59 -24.41
N ILE E 460 48.13 29.83 -24.57
CA ILE E 460 48.09 28.72 -25.51
C ILE E 460 46.71 28.72 -26.15
N LYS E 461 46.64 29.15 -27.41
CA LYS E 461 45.36 29.32 -28.08
C LYS E 461 45.54 29.05 -29.58
N ALA E 462 44.68 28.18 -30.11
CA ALA E 462 44.65 27.91 -31.53
C ALA E 462 43.45 27.00 -31.85
N SER E 463 42.86 27.17 -33.03
CA SER E 463 41.70 26.40 -33.45
C SER E 463 42.02 25.47 -34.62
N THR E 464 42.52 26.02 -35.73
CA THR E 464 42.89 25.16 -36.86
C THR E 464 44.01 24.20 -36.47
N LYS E 465 45.02 24.70 -35.75
CA LYS E 465 46.11 23.88 -35.24
C LYS E 465 46.22 24.05 -33.73
N VAL E 466 47.28 23.51 -33.14
CA VAL E 466 47.56 23.70 -31.72
C VAL E 466 49.03 24.13 -31.64
N GLU E 467 49.28 25.29 -31.04
CA GLU E 467 50.62 25.85 -30.93
C GLU E 467 50.72 26.74 -29.72
N VAL E 468 51.76 26.53 -28.91
CA VAL E 468 52.00 27.40 -27.76
C VAL E 468 52.42 28.79 -28.24
N ASP E 469 52.34 29.77 -27.34
CA ASP E 469 52.63 31.15 -27.71
C ASP E 469 54.13 31.34 -27.88
N MET E 470 54.72 30.62 -28.83
CA MET E 470 56.14 30.76 -29.18
C MET E 470 57.03 30.63 -27.95
N GLU E 471 56.52 29.96 -26.90
CA GLU E 471 57.26 29.81 -25.65
C GLU E 471 57.77 31.16 -25.15
N LYS E 472 57.09 32.25 -25.52
CA LYS E 472 57.41 33.58 -25.03
C LYS E 472 56.69 33.92 -23.74
N ALA E 473 55.83 33.04 -23.25
CA ALA E 473 55.09 33.25 -22.01
C ALA E 473 55.86 32.70 -20.81
N GLU E 474 57.12 33.09 -20.67
CA GLU E 474 57.92 32.71 -19.53
C GLU E 474 57.70 33.63 -18.33
N SER E 475 56.91 34.70 -18.50
CA SER E 475 56.52 35.58 -17.40
C SER E 475 55.11 35.29 -16.91
N LEU E 476 54.58 34.10 -17.20
CA LEU E 476 53.22 33.74 -16.85
C LEU E 476 52.93 34.06 -15.39
N GLN E 477 51.97 34.96 -15.16
CA GLN E 477 51.57 35.39 -13.83
C GLN E 477 50.08 35.18 -13.66
N VAL E 478 49.69 34.80 -12.45
CA VAL E 478 48.29 34.55 -12.11
C VAL E 478 47.79 35.74 -11.31
N THR E 479 46.69 36.33 -11.77
CA THR E 479 46.07 37.48 -11.12
C THR E 479 44.83 37.04 -10.34
N ARG E 480 44.31 37.97 -9.53
CA ARG E 480 43.09 37.68 -8.78
C ARG E 480 41.89 37.56 -9.69
N GLY E 481 41.96 38.10 -10.90
CA GLY E 481 40.86 37.93 -11.84
C GLY E 481 40.61 36.47 -12.17
N ASP E 482 41.69 35.70 -12.34
CA ASP E 482 41.54 34.26 -12.59
C ASP E 482 40.83 33.58 -11.43
N PHE E 483 41.24 33.88 -10.20
CA PHE E 483 40.60 33.26 -9.04
C PHE E 483 39.13 33.63 -8.96
N LEU E 484 38.81 34.91 -9.19
CA LEU E 484 37.41 35.34 -9.13
C LEU E 484 36.58 34.66 -10.21
N ALA E 485 37.11 34.57 -11.43
CA ALA E 485 36.38 33.93 -12.51
C ALA E 485 36.15 32.45 -12.20
N SER E 486 37.18 31.77 -11.68
CA SER E 486 37.03 30.36 -11.33
C SER E 486 36.01 30.17 -10.22
N LEU E 487 36.00 31.08 -9.24
CA LEU E 487 35.06 30.97 -8.12
C LEU E 487 33.62 31.17 -8.55
N GLU E 488 33.38 31.66 -9.77
CA GLU E 488 32.04 31.96 -10.25
C GLU E 488 31.49 30.92 -11.21
N ASN E 489 32.34 30.16 -11.89
CA ASN E 489 31.89 29.27 -12.96
C ASN E 489 32.53 27.88 -12.89
N ASP E 490 33.60 27.70 -12.13
CA ASP E 490 34.34 26.45 -12.16
C ASP E 490 34.02 25.56 -10.96
N ILE E 491 34.17 26.08 -9.75
CA ILE E 491 34.01 25.29 -8.53
C ILE E 491 32.81 25.83 -7.76
N LYS E 492 31.90 24.92 -7.38
CA LYS E 492 30.74 25.26 -6.60
C LYS E 492 30.61 24.30 -5.42
N PRO E 493 30.49 24.79 -4.19
CA PRO E 493 30.45 23.88 -3.04
C PRO E 493 29.26 22.96 -3.10
N ALA E 494 29.45 21.73 -2.58
CA ALA E 494 28.40 20.73 -2.53
C ALA E 494 27.54 20.84 -1.28
N PHE E 495 28.05 21.43 -0.21
CA PHE E 495 27.26 21.58 1.00
C PHE E 495 26.05 22.47 0.78
N GLY E 496 26.10 23.33 -0.23
CA GLY E 496 25.03 24.24 -0.54
C GLY E 496 25.40 25.68 -0.27
N THR E 497 24.55 26.59 -0.74
CA THR E 497 24.75 28.02 -0.57
C THR E 497 23.39 28.69 -0.46
N ASN E 498 23.38 30.02 -0.48
CA ASN E 498 22.13 30.78 -0.38
C ASN E 498 22.05 31.90 -1.40
N GLN E 499 22.98 31.97 -2.35
CA GLN E 499 22.98 33.07 -3.32
C GLN E 499 21.73 33.04 -4.19
N GLU E 500 21.31 31.86 -4.62
CA GLU E 500 20.17 31.78 -5.53
C GLU E 500 18.92 32.36 -4.89
N ASP E 501 18.62 31.95 -3.66
CA ASP E 501 17.42 32.46 -2.98
C ASP E 501 17.54 33.96 -2.76
N TYR E 502 18.72 34.43 -2.34
CA TYR E 502 18.88 35.86 -2.04
C TYR E 502 18.66 36.71 -3.29
N ALA E 503 19.19 36.27 -4.43
CA ALA E 503 19.03 37.02 -5.67
C ALA E 503 17.68 36.79 -6.32
N SER E 504 16.94 35.75 -5.93
CA SER E 504 15.62 35.52 -6.48
C SER E 504 14.51 36.19 -5.69
N TYR E 505 14.72 36.46 -4.40
CA TYR E 505 13.69 37.10 -3.59
C TYR E 505 13.75 38.62 -3.67
N ILE E 506 14.92 39.20 -3.45
CA ILE E 506 15.11 40.64 -3.63
C ILE E 506 15.56 40.89 -5.06
N MET E 507 14.61 41.02 -5.98
CA MET E 507 14.96 41.07 -7.39
C MET E 507 15.31 42.50 -7.83
N ASN E 508 14.40 43.45 -7.59
CA ASN E 508 14.57 44.81 -8.06
C ASN E 508 15.07 45.76 -6.97
N GLY E 509 15.70 45.23 -5.94
CA GLY E 509 16.25 46.07 -4.89
C GLY E 509 15.16 46.62 -3.98
N ILE E 510 15.59 47.52 -3.10
CA ILE E 510 14.70 48.15 -2.13
C ILE E 510 14.93 49.65 -2.21
N ILE E 511 13.87 50.40 -2.52
CA ILE E 511 13.94 51.85 -2.61
C ILE E 511 13.24 52.46 -1.40
N LYS E 512 13.41 53.76 -1.21
CA LYS E 512 12.83 54.47 -0.06
C LYS E 512 11.74 55.40 -0.58
N TRP E 513 10.50 54.94 -0.54
CA TRP E 513 9.36 55.75 -0.95
C TRP E 513 8.63 56.39 0.22
N GLY E 514 9.09 56.16 1.45
CA GLY E 514 8.44 56.76 2.61
C GLY E 514 9.09 56.29 3.88
N ASP E 515 8.64 56.90 4.98
CA ASP E 515 9.14 56.54 6.31
C ASP E 515 8.92 55.08 6.66
N PRO E 516 7.78 54.45 6.32
CA PRO E 516 7.54 53.08 6.79
C PRO E 516 8.69 52.11 6.50
N VAL E 517 9.39 52.26 5.38
CA VAL E 517 10.51 51.37 5.09
C VAL E 517 11.57 51.50 6.18
N THR E 518 11.95 52.73 6.50
CA THR E 518 12.96 52.96 7.53
C THR E 518 12.47 52.46 8.89
N ARG E 519 11.19 52.69 9.20
CA ARG E 519 10.65 52.23 10.48
C ARG E 519 10.74 50.72 10.60
N VAL E 520 10.34 50.00 9.55
CA VAL E 520 10.37 48.54 9.58
C VAL E 520 11.80 48.05 9.72
N LEU E 521 12.74 48.65 8.96
CA LEU E 521 14.13 48.22 9.04
C LEU E 521 14.69 48.45 10.44
N ASP E 522 14.37 49.59 11.05
CA ASP E 522 14.86 49.88 12.39
C ASP E 522 14.30 48.89 13.40
N ASP E 523 13.01 48.57 13.30
CA ASP E 523 12.43 47.60 14.22
C ASP E 523 13.08 46.23 14.08
N GLY E 524 13.32 45.81 12.83
CA GLY E 524 14.01 44.55 12.62
C GLY E 524 15.40 44.54 13.22
N GLU E 525 16.14 45.63 13.05
CA GLU E 525 17.48 45.72 13.64
C GLU E 525 17.41 45.65 15.16
N LEU E 526 16.44 46.33 15.76
CA LEU E 526 16.30 46.27 17.21
C LEU E 526 16.02 44.85 17.68
N LEU E 527 15.14 44.13 16.96
CA LEU E 527 14.85 42.75 17.34
C LEU E 527 16.10 41.87 17.23
N VAL E 528 16.88 42.05 16.15
CA VAL E 528 18.10 41.27 15.98
C VAL E 528 19.07 41.55 17.13
N GLN E 529 19.24 42.83 17.47
CA GLN E 529 20.11 43.16 18.60
C GLN E 529 19.62 42.51 19.88
N GLN E 530 18.29 42.52 20.10
CA GLN E 530 17.74 41.92 21.31
C GLN E 530 18.06 40.43 21.39
N THR E 531 17.88 39.71 20.28
CA THR E 531 18.20 38.28 20.31
C THR E 531 19.69 38.03 20.39
N LYS E 532 20.52 39.01 20.01
CA LYS E 532 21.96 38.81 20.07
C LYS E 532 22.46 38.79 21.51
N ASN E 533 21.97 39.69 22.36
CA ASN E 533 22.52 39.88 23.69
C ASN E 533 21.47 39.73 24.79
N SER E 534 20.67 38.67 24.72
CA SER E 534 19.65 38.40 25.72
C SER E 534 20.05 37.19 26.56
N ASP E 535 19.55 37.15 27.79
CA ASP E 535 19.85 36.08 28.73
C ASP E 535 18.63 35.30 29.17
N ARG E 536 17.52 35.97 29.46
CA ARG E 536 16.29 35.31 29.87
C ARG E 536 15.37 34.96 28.70
N THR E 537 15.65 35.46 27.50
CA THR E 537 14.80 35.26 26.33
C THR E 537 15.67 34.81 25.17
N PRO E 538 16.06 33.52 25.15
CA PRO E 538 16.88 33.03 24.03
C PRO E 538 16.11 32.81 22.74
N LEU E 539 14.79 32.81 22.76
CA LEU E 539 13.96 32.59 21.59
C LEU E 539 13.07 33.80 21.37
N VAL E 540 13.10 34.36 20.16
CA VAL E 540 12.34 35.55 19.81
C VAL E 540 11.69 35.34 18.45
N SER E 541 10.44 35.81 18.31
CA SER E 541 9.69 35.66 17.08
C SER E 541 9.03 36.98 16.73
N VAL E 542 8.69 37.14 15.46
CA VAL E 542 8.05 38.36 14.96
C VAL E 542 7.23 37.99 13.73
N LEU E 543 6.15 38.74 13.50
CA LEU E 543 5.26 38.51 12.37
C LEU E 543 5.13 39.79 11.56
N LEU E 544 5.49 39.73 10.27
CA LEU E 544 5.30 40.83 9.34
C LEU E 544 3.94 40.67 8.67
N GLU E 545 3.08 41.69 8.80
CA GLU E 545 1.70 41.59 8.37
C GLU E 545 1.32 42.78 7.50
N GLY E 546 0.57 42.52 6.44
CA GLY E 546 0.11 43.57 5.56
C GLY E 546 -0.78 43.06 4.44
N PRO E 547 -1.30 43.97 3.63
CA PRO E 547 -2.15 43.57 2.51
C PRO E 547 -1.32 42.95 1.40
N PRO E 548 -1.95 42.28 0.44
CA PRO E 548 -1.20 41.64 -0.64
C PRO E 548 -0.49 42.65 -1.52
N HIS E 549 0.64 42.25 -2.07
CA HIS E 549 1.45 43.09 -2.95
C HIS E 549 1.91 44.36 -2.22
N SER E 550 2.66 44.14 -1.14
CA SER E 550 3.22 45.23 -0.35
C SER E 550 4.71 45.10 -0.10
N GLY E 551 5.34 44.01 -0.54
CA GLY E 551 6.76 43.82 -0.32
C GLY E 551 7.09 43.35 1.08
N LYS E 552 6.59 42.15 1.44
CA LYS E 552 6.90 41.57 2.75
C LYS E 552 8.06 40.59 2.67
N THR E 553 8.11 39.76 1.63
CA THR E 553 9.21 38.80 1.49
C THR E 553 10.54 39.54 1.31
N ALA E 554 10.56 40.57 0.47
CA ALA E 554 11.79 41.32 0.26
C ALA E 554 12.27 41.97 1.56
N LEU E 555 11.35 42.58 2.32
CA LEU E 555 11.73 43.22 3.57
C LEU E 555 12.23 42.18 4.58
N ALA E 556 11.58 41.02 4.64
CA ALA E 556 12.04 39.98 5.57
C ALA E 556 13.45 39.50 5.19
N ALA E 557 13.69 39.28 3.90
CA ALA E 557 15.01 38.84 3.47
C ALA E 557 16.06 39.90 3.76
N LYS E 558 15.72 41.18 3.54
CA LYS E 558 16.67 42.25 3.83
C LYS E 558 16.98 42.33 5.32
N ILE E 559 15.94 42.17 6.16
CA ILE E 559 16.15 42.20 7.60
C ILE E 559 17.07 41.05 8.03
N ALA E 560 16.85 39.87 7.44
CA ALA E 560 17.75 38.75 7.74
C ALA E 560 19.17 39.05 7.29
N GLU E 561 19.32 39.66 6.10
CA GLU E 561 20.65 39.94 5.57
C GLU E 561 21.41 40.94 6.42
N GLU E 562 20.73 41.99 6.90
CA GLU E 562 21.40 43.00 7.71
C GLU E 562 22.13 42.37 8.88
N SER E 563 21.56 41.31 9.45
CA SER E 563 22.25 40.55 10.50
C SER E 563 23.29 39.63 9.87
N ASN E 564 24.36 39.40 10.62
CA ASN E 564 25.48 38.57 10.18
C ASN E 564 25.52 37.24 10.95
N PHE E 565 24.36 36.67 11.22
CA PHE E 565 24.32 35.39 11.91
C PHE E 565 24.96 34.31 11.03
N PRO E 566 25.76 33.41 11.61
CA PRO E 566 26.42 32.37 10.79
C PRO E 566 25.46 31.47 10.05
N PHE E 567 24.23 31.29 10.55
CA PHE E 567 23.25 30.40 9.93
C PHE E 567 22.01 31.21 9.57
N ILE E 568 21.61 31.16 8.31
CA ILE E 568 20.41 31.83 7.83
C ILE E 568 19.70 30.88 6.86
N LYS E 569 18.39 30.74 7.01
CA LYS E 569 17.65 29.86 6.11
C LYS E 569 16.25 30.41 5.87
N ILE E 570 15.72 30.09 4.68
CA ILE E 570 14.38 30.50 4.27
C ILE E 570 13.62 29.25 3.84
N CYS E 571 12.49 29.00 4.49
CA CYS E 571 11.65 27.84 4.18
C CYS E 571 10.40 28.36 3.48
N SER E 572 10.27 28.05 2.19
CA SER E 572 9.18 28.56 1.37
C SER E 572 8.48 27.40 0.67
N PRO E 573 7.20 27.57 0.31
CA PRO E 573 6.47 26.47 -0.36
C PRO E 573 6.96 26.19 -1.77
N ASP E 574 7.83 27.02 -2.35
CA ASP E 574 8.28 26.78 -3.71
C ASP E 574 8.96 25.42 -3.86
N LYS E 575 9.50 24.89 -2.77
CA LYS E 575 10.23 23.62 -2.79
C LYS E 575 9.35 22.42 -2.43
N MET E 576 8.06 22.64 -2.17
CA MET E 576 7.15 21.60 -1.70
C MET E 576 5.91 21.53 -2.58
N ILE E 577 6.11 21.49 -3.89
CA ILE E 577 4.98 21.39 -4.83
C ILE E 577 4.58 19.93 -4.95
N GLY E 578 3.35 19.63 -4.56
CA GLY E 578 2.83 18.27 -4.61
C GLY E 578 3.11 17.44 -3.37
N PHE E 579 3.71 18.02 -2.33
CA PHE E 579 4.03 17.27 -1.12
C PHE E 579 2.79 17.08 -0.25
N SER E 580 2.62 15.87 0.27
CA SER E 580 1.59 15.62 1.26
C SER E 580 2.02 16.22 2.60
N GLU E 581 1.05 16.32 3.53
CA GLU E 581 1.32 16.99 4.79
C GLU E 581 2.46 16.33 5.55
N THR E 582 2.61 15.01 5.44
CA THR E 582 3.71 14.32 6.12
C THR E 582 5.05 14.83 5.62
N ALA E 583 5.21 14.97 4.31
CA ALA E 583 6.48 15.46 3.76
C ALA E 583 6.75 16.89 4.21
N LYS E 584 5.71 17.72 4.26
CA LYS E 584 5.89 19.09 4.73
C LYS E 584 6.38 19.10 6.19
N CYS E 585 5.76 18.28 7.04
CA CYS E 585 6.19 18.21 8.42
C CYS E 585 7.64 17.75 8.52
N GLN E 586 8.00 16.73 7.74
CA GLN E 586 9.37 16.23 7.78
C GLN E 586 10.37 17.29 7.34
N ALA E 587 10.05 18.03 6.27
CA ALA E 587 10.96 19.06 5.78
C ALA E 587 11.15 20.16 6.82
N MET E 588 10.06 20.62 7.42
CA MET E 588 10.18 21.67 8.44
C MET E 588 10.99 21.16 9.64
N LYS E 589 10.72 19.94 10.07
CA LYS E 589 11.45 19.37 11.19
C LYS E 589 12.94 19.28 10.89
N LYS E 590 13.29 18.84 9.68
CA LYS E 590 14.70 18.74 9.32
C LYS E 590 15.37 20.11 9.29
N ILE E 591 14.70 21.12 8.74
CA ILE E 591 15.29 22.45 8.69
C ILE E 591 15.54 22.96 10.09
N PHE E 592 14.56 22.81 10.99
CA PHE E 592 14.76 23.30 12.35
C PHE E 592 15.83 22.51 13.08
N ASP E 593 15.88 21.20 12.87
CA ASP E 593 16.91 20.38 13.50
C ASP E 593 18.30 20.82 13.07
N ASP E 594 18.48 21.10 11.77
CA ASP E 594 19.74 21.65 11.33
C ASP E 594 20.02 23.00 11.98
N ALA E 595 18.99 23.83 12.12
CA ALA E 595 19.15 25.13 12.76
C ALA E 595 19.55 25.00 14.23
N TYR E 596 19.27 23.86 14.87
CA TYR E 596 19.57 23.67 16.28
C TYR E 596 21.04 23.31 16.55
N LYS E 597 21.92 23.44 15.57
CA LYS E 597 23.32 23.06 15.76
C LYS E 597 24.27 24.23 15.56
N SER E 598 23.94 25.39 16.14
CA SER E 598 24.82 26.54 16.03
C SER E 598 24.55 27.48 17.20
N GLN E 599 25.50 28.39 17.43
CA GLN E 599 25.36 29.37 18.50
C GLN E 599 24.49 30.55 18.09
N LEU E 600 24.16 30.68 16.81
CA LEU E 600 23.28 31.74 16.33
C LEU E 600 22.58 31.24 15.07
N SER E 601 21.34 31.65 14.89
CA SER E 601 20.53 31.16 13.79
C SER E 601 19.46 32.17 13.42
N CYS E 602 18.88 31.99 12.25
CA CYS E 602 17.78 32.83 11.78
C CYS E 602 17.01 32.06 10.71
N VAL E 603 15.71 31.92 10.90
CA VAL E 603 14.86 31.15 10.00
C VAL E 603 13.69 32.02 9.57
N VAL E 604 13.38 32.00 8.29
CA VAL E 604 12.28 32.76 7.71
C VAL E 604 11.22 31.79 7.23
N VAL E 605 9.97 32.02 7.63
CA VAL E 605 8.82 31.24 7.19
C VAL E 605 7.89 32.22 6.49
N ASP E 606 7.91 32.22 5.16
CA ASP E 606 7.15 33.17 4.38
C ASP E 606 5.91 32.49 3.78
N ASP E 607 4.83 33.25 3.69
CA ASP E 607 3.56 32.76 3.14
C ASP E 607 3.06 31.56 3.94
N ILE E 608 2.72 31.82 5.20
CA ILE E 608 2.22 30.76 6.07
C ILE E 608 0.94 30.17 5.52
N GLU E 609 0.03 31.03 5.02
CA GLU E 609 -1.27 30.55 4.58
C GLU E 609 -1.16 29.56 3.43
N ARG E 610 -0.03 29.54 2.72
CA ARG E 610 0.20 28.53 1.69
C ARG E 610 0.84 27.26 2.25
N LEU E 611 1.29 27.29 3.50
CA LEU E 611 1.83 26.10 4.14
C LEU E 611 0.74 25.24 4.77
N LEU E 612 -0.31 25.86 5.29
CA LEU E 612 -1.44 25.13 5.88
C LEU E 612 -2.46 24.69 4.83
N ASP E 613 -2.28 25.08 3.57
CA ASP E 613 -3.22 24.74 2.51
C ASP E 613 -4.62 25.24 2.84
N TYR E 614 -4.73 26.56 2.97
CA TYR E 614 -5.96 27.21 3.40
C TYR E 614 -6.77 27.66 2.20
N VAL E 615 -8.05 27.32 2.17
CA VAL E 615 -8.99 27.81 1.17
C VAL E 615 -10.26 28.25 1.90
N PRO E 616 -10.84 29.41 1.57
CA PRO E 616 -11.94 29.94 2.38
C PRO E 616 -13.30 29.30 2.12
N ILE E 617 -13.36 28.17 1.43
CA ILE E 617 -14.62 27.47 1.17
C ILE E 617 -14.69 26.32 2.19
N GLY E 618 -15.32 26.61 3.32
CA GLY E 618 -15.65 25.60 4.31
C GLY E 618 -15.27 25.97 5.74
N PRO E 619 -14.06 26.51 5.95
CA PRO E 619 -12.84 26.47 5.14
C PRO E 619 -12.12 25.14 5.32
N ARG E 620 -11.08 24.85 4.53
N ARG E 620 -11.12 24.84 4.51
CA ARG E 620 -10.37 23.58 4.61
CA ARG E 620 -10.35 23.62 4.61
C ARG E 620 -8.87 23.85 4.72
C ARG E 620 -8.88 23.94 4.84
N PHE E 621 -8.20 23.07 5.57
CA PHE E 621 -6.77 23.21 5.79
C PHE E 621 -6.26 21.88 6.38
N SER E 622 -4.97 21.87 6.73
CA SER E 622 -4.32 20.68 7.27
C SER E 622 -3.94 20.91 8.72
N ASN E 623 -4.21 19.90 9.55
CA ASN E 623 -4.00 20.02 10.99
C ASN E 623 -2.59 19.62 11.42
N LEU E 624 -1.97 18.65 10.75
CA LEU E 624 -0.64 18.22 11.15
C LEU E 624 0.35 19.38 11.07
N VAL E 625 0.35 20.11 9.96
CA VAL E 625 1.28 21.21 9.79
C VAL E 625 0.99 22.32 10.79
N LEU E 626 -0.30 22.61 11.03
CA LEU E 626 -0.65 23.64 11.98
C LEU E 626 -0.14 23.31 13.38
N GLN E 627 -0.32 22.06 13.81
CA GLN E 627 0.15 21.67 15.13
C GLN E 627 1.67 21.67 15.22
N ALA E 628 2.34 21.21 14.17
CA ALA E 628 3.80 21.25 14.16
C ALA E 628 4.30 22.68 14.28
N LEU E 629 3.68 23.60 13.54
CA LEU E 629 4.10 25.00 13.61
C LEU E 629 3.78 25.62 14.96
N LEU E 630 2.67 25.22 15.58
CA LEU E 630 2.32 25.76 16.89
C LEU E 630 3.25 25.21 17.97
N VAL E 631 3.81 24.03 17.77
CA VAL E 631 4.72 23.46 18.76
C VAL E 631 6.16 23.93 18.55
N LEU E 632 6.57 24.20 17.31
CA LEU E 632 7.94 24.60 17.02
C LEU E 632 8.20 26.08 17.31
N LEU E 633 7.16 26.86 17.60
CA LEU E 633 7.32 28.27 17.93
C LEU E 633 7.47 28.51 19.43
N LYS E 634 7.55 27.45 20.22
CA LYS E 634 7.55 27.57 21.68
C LYS E 634 8.67 26.80 22.36
N LYS E 635 9.29 25.83 21.71
CA LYS E 635 10.35 25.04 22.34
C LYS E 635 11.69 25.73 22.18
N ALA E 636 12.42 25.86 23.28
CA ALA E 636 13.70 26.54 23.28
C ALA E 636 14.80 25.61 22.81
N PRO E 637 15.90 26.15 22.29
CA PRO E 637 17.00 25.31 21.81
C PRO E 637 17.87 24.83 22.96
N PRO E 638 18.86 23.98 22.70
CA PRO E 638 19.71 23.49 23.79
C PRO E 638 20.43 24.63 24.48
N GLN E 639 20.72 24.41 25.76
CA GLN E 639 21.29 25.45 26.60
C GLN E 639 22.43 26.18 25.89
N GLY E 640 22.53 27.48 26.14
CA GLY E 640 23.57 28.29 25.54
C GLY E 640 23.48 28.45 24.04
N ARG E 641 22.27 28.69 23.52
CA ARG E 641 22.10 28.91 22.09
C ARG E 641 20.95 29.88 21.88
N LYS E 642 20.89 30.45 20.68
CA LYS E 642 19.90 31.46 20.34
C LYS E 642 19.24 31.10 19.02
N LEU E 643 18.05 31.66 18.80
CA LEU E 643 17.28 31.38 17.60
C LEU E 643 16.31 32.52 17.36
N LEU E 644 16.13 32.87 16.09
CA LEU E 644 15.19 33.91 15.68
C LEU E 644 14.37 33.40 14.51
N ILE E 645 13.05 33.66 14.57
CA ILE E 645 12.11 33.18 13.57
C ILE E 645 11.30 34.38 13.08
N ILE E 646 11.28 34.60 11.77
CA ILE E 646 10.52 35.69 11.16
C ILE E 646 9.46 35.07 10.26
N GLY E 647 8.20 35.36 10.53
CA GLY E 647 7.08 34.83 9.78
C GLY E 647 6.38 35.90 8.98
N THR E 648 5.86 35.52 7.82
CA THR E 648 5.17 36.44 6.93
C THR E 648 3.79 35.90 6.60
N THR E 649 2.80 36.79 6.59
CA THR E 649 1.42 36.41 6.28
C THR E 649 0.69 37.59 5.66
N SER E 650 -0.42 37.29 5.01
CA SER E 650 -1.25 38.30 4.35
C SER E 650 -2.68 38.31 4.88
N ARG E 651 -3.03 37.43 5.81
CA ARG E 651 -4.38 37.35 6.37
C ARG E 651 -4.26 37.17 7.88
N LYS E 652 -4.32 38.28 8.62
CA LYS E 652 -4.18 38.21 10.07
C LYS E 652 -5.40 37.59 10.74
N ASP E 653 -6.59 37.88 10.24
CA ASP E 653 -7.81 37.39 10.90
C ASP E 653 -7.83 35.87 10.95
N VAL E 654 -7.42 35.21 9.86
CA VAL E 654 -7.41 33.75 9.83
C VAL E 654 -6.50 33.21 10.93
N LEU E 655 -5.30 33.77 11.05
CA LEU E 655 -4.38 33.31 12.10
C LEU E 655 -4.97 33.58 13.48
N GLN E 656 -5.62 34.73 13.66
CA GLN E 656 -6.19 35.06 14.96
C GLN E 656 -7.27 34.05 15.34
N GLU E 657 -8.09 33.62 14.38
CA GLU E 657 -9.14 32.66 14.67
C GLU E 657 -8.56 31.33 15.16
N MET E 658 -7.47 30.88 14.55
CA MET E 658 -6.84 29.63 14.94
C MET E 658 -6.05 29.73 16.23
N GLU E 659 -6.01 30.91 16.86
CA GLU E 659 -5.26 31.12 18.09
C GLU E 659 -3.76 30.88 17.88
N MET E 660 -3.22 31.49 16.82
CA MET E 660 -1.80 31.46 16.54
C MET E 660 -1.13 32.81 16.76
N LEU E 661 -1.90 33.90 16.88
CA LEU E 661 -1.33 35.22 17.03
C LEU E 661 -0.73 35.46 18.41
N ASN E 662 -0.98 34.58 19.38
CA ASN E 662 -0.39 34.72 20.69
C ASN E 662 0.93 33.96 20.85
N ALA E 663 1.17 32.95 20.01
CA ALA E 663 2.44 32.25 20.04
C ALA E 663 3.59 33.18 19.65
N PHE E 664 3.33 34.15 18.78
CA PHE E 664 4.34 35.11 18.39
C PHE E 664 4.56 36.12 19.51
N SER E 665 5.63 36.91 19.38
CA SER E 665 5.97 37.94 20.36
C SER E 665 5.49 39.32 19.93
N THR E 666 5.66 39.69 18.67
CA THR E 666 5.20 40.99 18.17
C THR E 666 4.83 40.87 16.71
N THR E 667 4.05 41.86 16.26
CA THR E 667 3.65 41.98 14.87
C THR E 667 3.97 43.39 14.38
N ILE E 668 4.49 43.48 13.16
CA ILE E 668 4.85 44.76 12.55
C ILE E 668 4.12 44.88 11.21
N HIS E 669 3.56 46.07 10.98
CA HIS E 669 2.65 46.33 9.87
C HIS E 669 3.42 46.92 8.68
N VAL E 670 3.13 46.40 7.50
CA VAL E 670 3.77 46.83 6.26
C VAL E 670 2.69 47.44 5.36
N PRO E 671 2.59 48.77 5.29
CA PRO E 671 1.54 49.38 4.47
C PRO E 671 1.98 49.61 3.03
N ASN E 672 1.08 50.13 2.20
CA ASN E 672 1.36 50.45 0.81
C ASN E 672 1.12 51.93 0.56
N ILE E 673 1.43 52.37 -0.66
CA ILE E 673 1.33 53.78 -1.01
C ILE E 673 -0.06 54.29 -0.71
N ALA E 674 -0.14 55.43 -0.02
CA ALA E 674 -1.44 55.98 0.38
C ALA E 674 -1.49 57.50 0.24
N THR E 675 -0.77 58.07 -0.74
CA THR E 675 -0.79 59.51 -0.92
C THR E 675 -0.07 59.86 -2.21
N GLY E 676 -0.48 60.98 -2.81
CA GLY E 676 0.11 61.38 -4.08
C GLY E 676 1.59 61.69 -3.99
N GLU E 677 2.01 62.31 -2.89
CA GLU E 677 3.43 62.61 -2.70
C GLU E 677 4.26 61.34 -2.76
N GLN E 678 3.80 60.28 -2.10
CA GLN E 678 4.54 59.02 -2.10
C GLN E 678 4.62 58.43 -3.51
N LEU E 679 3.52 58.50 -4.26
CA LEU E 679 3.53 57.97 -5.62
C LEU E 679 4.52 58.74 -6.50
N LEU E 680 4.51 60.08 -6.40
CA LEU E 680 5.42 60.88 -7.20
C LEU E 680 6.87 60.60 -6.82
N GLU E 681 7.15 60.47 -5.52
CA GLU E 681 8.52 60.17 -5.10
C GLU E 681 8.96 58.80 -5.59
N ALA E 682 8.06 57.81 -5.53
CA ALA E 682 8.38 56.48 -6.03
C ALA E 682 8.67 56.51 -7.52
N LEU E 683 7.86 57.24 -8.29
CA LEU E 683 8.12 57.39 -9.72
C LEU E 683 9.44 58.09 -9.99
N GLU E 684 9.78 59.13 -9.23
CA GLU E 684 11.06 59.81 -9.39
C GLU E 684 12.24 58.89 -9.10
N LEU E 685 12.16 58.08 -8.03
CA LEU E 685 13.24 57.18 -7.68
C LEU E 685 13.39 56.02 -8.65
N LEU E 686 12.39 55.77 -9.51
CA LEU E 686 12.48 54.72 -10.51
C LEU E 686 12.97 55.22 -11.86
N GLY E 687 12.67 56.47 -12.22
CA GLY E 687 13.12 57.01 -13.48
C GLY E 687 12.44 56.38 -14.69
N ASN E 688 11.11 56.45 -14.74
CA ASN E 688 10.34 55.93 -15.86
C ASN E 688 9.60 57.02 -16.60
N PHE E 689 8.81 57.84 -15.91
CA PHE E 689 8.17 59.01 -16.49
C PHE E 689 8.90 60.26 -16.00
N LYS E 690 9.27 61.13 -16.94
CA LYS E 690 10.11 62.27 -16.61
C LYS E 690 9.70 63.46 -17.47
N ASP E 691 10.12 64.65 -17.04
CA ASP E 691 9.83 65.89 -17.76
C ASP E 691 8.36 66.25 -17.64
N LYS E 692 7.77 66.75 -18.74
CA LYS E 692 6.38 67.18 -18.71
C LYS E 692 5.41 66.05 -18.38
N GLU E 693 5.77 64.81 -18.72
CA GLU E 693 4.89 63.69 -18.40
C GLU E 693 4.65 63.59 -16.90
N ARG E 694 5.72 63.65 -16.11
CA ARG E 694 5.58 63.67 -14.66
C ARG E 694 4.84 64.89 -14.15
N THR E 695 4.99 66.04 -14.81
CA THR E 695 4.25 67.22 -14.42
C THR E 695 2.74 67.02 -14.58
N THR E 696 2.30 66.49 -15.73
CA THR E 696 0.87 66.26 -15.92
C THR E 696 0.38 65.16 -14.98
N ILE E 697 1.20 64.13 -14.74
CA ILE E 697 0.80 63.08 -13.81
C ILE E 697 0.60 63.66 -12.41
N ALA E 698 1.51 64.53 -11.97
CA ALA E 698 1.38 65.16 -10.66
C ALA E 698 0.16 66.06 -10.60
N GLN E 699 -0.10 66.80 -11.67
CA GLN E 699 -1.28 67.66 -11.69
C GLN E 699 -2.55 66.85 -11.55
N GLN E 700 -2.63 65.71 -12.25
CA GLN E 700 -3.84 64.90 -12.22
C GLN E 700 -3.98 64.13 -10.91
N VAL E 701 -2.87 63.68 -10.33
CA VAL E 701 -2.94 62.75 -9.20
C VAL E 701 -3.49 63.45 -7.96
N LYS E 702 -3.14 64.72 -7.77
CA LYS E 702 -3.53 65.44 -6.56
C LYS E 702 -5.00 65.26 -6.26
N GLY E 703 -5.30 64.70 -5.09
CA GLY E 703 -6.65 64.41 -4.68
C GLY E 703 -7.04 62.96 -4.94
N LYS E 704 -8.01 62.49 -4.17
CA LYS E 704 -8.63 61.17 -4.23
C LYS E 704 -7.74 60.10 -3.60
N LYS E 705 -6.50 60.40 -3.20
CA LYS E 705 -5.62 59.42 -2.58
C LYS E 705 -5.42 58.22 -3.48
N VAL E 706 -4.67 57.22 -3.02
CA VAL E 706 -4.37 56.03 -3.82
C VAL E 706 -4.15 54.87 -2.87
N TRP E 707 -4.39 53.65 -3.36
CA TRP E 707 -4.27 52.44 -2.57
C TRP E 707 -3.57 51.35 -3.37
N ILE E 708 -2.44 51.69 -4.00
CA ILE E 708 -1.71 50.77 -4.86
C ILE E 708 -0.42 50.34 -4.17
N GLY E 709 -0.13 49.05 -4.23
CA GLY E 709 1.11 48.53 -3.68
C GLY E 709 2.28 48.68 -4.64
N ILE E 710 3.48 48.35 -4.15
CA ILE E 710 4.69 48.58 -4.93
C ILE E 710 4.75 47.61 -6.11
N LYS E 711 4.43 46.34 -5.87
CA LYS E 711 4.51 45.34 -6.95
C LYS E 711 3.55 45.68 -8.07
N LYS E 712 2.31 46.04 -7.72
CA LYS E 712 1.33 46.41 -8.74
C LYS E 712 1.77 47.66 -9.48
N LEU E 713 2.38 48.62 -8.77
CA LEU E 713 2.88 49.81 -9.44
C LEU E 713 3.97 49.46 -10.45
N LEU E 714 4.88 48.58 -10.06
CA LEU E 714 5.93 48.16 -11.00
C LEU E 714 5.34 47.45 -12.20
N MET E 715 4.24 46.71 -12.00
CA MET E 715 3.62 46.03 -13.13
C MET E 715 2.91 47.01 -14.05
N LEU E 716 2.16 47.96 -13.49
CA LEU E 716 1.43 48.94 -14.30
C LEU E 716 2.35 49.91 -15.02
N ILE E 717 3.50 50.26 -14.45
CA ILE E 717 4.48 51.08 -15.15
C ILE E 717 5.06 50.39 -16.36
N GLU E 718 5.28 49.07 -16.31
CA GLU E 718 5.76 48.30 -17.44
C GLU E 718 4.67 48.05 -18.48
N MET E 719 3.43 47.83 -18.05
CA MET E 719 2.36 47.59 -19.00
C MET E 719 2.09 48.82 -19.86
N SER E 720 2.29 50.02 -19.30
CA SER E 720 1.94 51.24 -20.01
C SER E 720 2.97 51.59 -21.09
N LEU E 721 4.21 51.11 -20.93
CA LEU E 721 5.30 51.53 -21.81
C LEU E 721 5.34 50.71 -23.09
N GLN E 722 4.24 50.04 -23.43
CA GLN E 722 4.17 49.25 -24.66
C GLN E 722 3.36 49.93 -25.75
N MET E 723 2.99 51.18 -25.56
CA MET E 723 2.23 51.96 -26.54
C MET E 723 3.13 53.01 -27.17
N ASP E 724 2.54 53.83 -28.03
CA ASP E 724 3.28 54.92 -28.64
C ASP E 724 3.49 56.04 -27.62
N PRO E 725 4.49 56.91 -27.85
CA PRO E 725 4.80 57.93 -26.84
C PRO E 725 3.64 58.84 -26.51
N GLU E 726 2.74 59.09 -27.46
CA GLU E 726 1.65 60.02 -27.23
C GLU E 726 0.54 59.47 -26.34
N TYR E 727 0.46 58.15 -26.17
CA TYR E 727 -0.65 57.53 -25.45
C TYR E 727 -0.22 56.90 -24.13
N ARG E 728 1.05 56.98 -23.75
CA ARG E 728 1.50 56.30 -22.54
C ARG E 728 0.85 56.88 -21.29
N VAL E 729 0.81 58.21 -21.18
CA VAL E 729 0.29 58.84 -19.97
C VAL E 729 -1.18 58.51 -19.79
N ARG E 730 -1.96 58.60 -20.86
CA ARG E 730 -3.39 58.32 -20.76
C ARG E 730 -3.63 56.87 -20.35
N LYS E 731 -2.90 55.94 -20.95
CA LYS E 731 -3.07 54.53 -20.59
C LYS E 731 -2.70 54.29 -19.14
N PHE E 732 -1.59 54.89 -18.67
CA PHE E 732 -1.20 54.72 -17.28
C PHE E 732 -2.26 55.27 -16.34
N LEU E 733 -2.79 56.45 -16.64
CA LEU E 733 -3.82 57.03 -15.79
C LEU E 733 -5.08 56.18 -15.77
N ALA E 734 -5.48 55.65 -16.93
CA ALA E 734 -6.66 54.79 -16.97
C ALA E 734 -6.45 53.53 -16.14
N LEU E 735 -5.27 52.91 -16.28
CA LEU E 735 -4.99 51.72 -15.49
C LEU E 735 -5.01 52.02 -14.00
N LEU E 736 -4.40 53.13 -13.59
CA LEU E 736 -4.39 53.48 -12.17
C LEU E 736 -5.79 53.74 -11.66
N ARG E 737 -6.61 54.46 -12.44
CA ARG E 737 -7.97 54.74 -12.02
C ARG E 737 -8.80 53.47 -11.88
N GLU E 738 -8.66 52.55 -12.84
CA GLU E 738 -9.48 51.34 -12.82
C GLU E 738 -9.01 50.38 -11.73
N GLU E 739 -7.76 49.92 -11.83
CA GLU E 739 -7.27 48.92 -10.89
C GLU E 739 -7.18 49.49 -9.47
N GLY E 740 -6.79 50.75 -9.34
CA GLY E 740 -6.56 51.37 -8.04
C GLY E 740 -7.59 51.02 -6.99
N ALA E 741 -8.85 50.94 -7.39
CA ALA E 741 -9.92 50.55 -6.48
C ALA E 741 -9.92 51.52 -5.28
N SER E 742 -10.45 51.09 -4.14
CA SER E 742 -10.53 51.89 -2.94
C SER E 742 -10.19 51.02 -1.74
N PRO E 743 -9.73 51.62 -0.64
CA PRO E 743 -9.40 50.85 0.56
C PRO E 743 -10.63 50.32 1.29
N ILE F 212 23.03 -29.74 48.61
CA ILE F 212 22.39 -28.54 49.12
C ILE F 212 23.44 -27.45 49.33
N ASN F 213 23.33 -26.38 48.54
CA ASN F 213 24.26 -25.25 48.59
C ASN F 213 23.45 -23.96 48.56
N PRO F 214 22.84 -23.58 49.69
CA PRO F 214 22.08 -22.32 49.77
C PRO F 214 22.95 -21.12 50.14
N ASP F 215 24.02 -20.90 49.39
CA ASP F 215 24.90 -19.76 49.59
C ASP F 215 24.51 -18.66 48.61
N TRP F 216 24.35 -17.44 49.13
CA TRP F 216 23.81 -16.33 48.36
C TRP F 216 24.65 -15.08 48.54
N ASN F 217 25.97 -15.23 48.39
CA ASN F 217 26.88 -14.09 48.28
C ASN F 217 26.93 -13.52 46.86
N PHE F 218 25.93 -13.85 46.03
CA PHE F 218 25.95 -13.45 44.63
C PHE F 218 25.97 -11.94 44.48
N GLU F 219 25.18 -11.23 45.29
CA GLU F 219 25.14 -9.77 45.19
C GLU F 219 26.50 -9.16 45.46
N LYS F 220 27.22 -9.67 46.46
CA LYS F 220 28.58 -9.23 46.76
C LYS F 220 29.64 -10.08 46.08
N MET F 221 29.24 -11.10 45.32
CA MET F 221 30.22 -11.93 44.62
C MET F 221 30.90 -11.13 43.51
N GLY F 222 30.19 -10.16 42.93
CA GLY F 222 30.71 -9.39 41.82
C GLY F 222 29.65 -8.98 40.82
N ILE F 223 28.43 -9.50 40.98
CA ILE F 223 27.28 -9.09 40.17
C ILE F 223 26.17 -8.68 41.12
N GLY F 224 25.62 -7.49 40.90
CA GLY F 224 24.56 -6.97 41.75
C GLY F 224 23.23 -7.67 41.53
N GLY F 225 22.67 -7.51 40.34
CA GLY F 225 21.42 -8.19 40.03
C GLY F 225 20.32 -7.78 40.98
N LEU F 226 19.59 -8.78 41.49
CA LEU F 226 18.46 -8.55 42.37
C LEU F 226 18.47 -9.61 43.46
N ASP F 227 17.79 -9.30 44.57
CA ASP F 227 17.71 -10.19 45.73
C ASP F 227 16.44 -11.03 45.72
N LYS F 228 15.97 -11.40 44.53
CA LYS F 228 14.76 -12.22 44.40
C LYS F 228 14.94 -13.43 43.48
N GLU F 229 15.86 -13.38 42.51
CA GLU F 229 16.01 -14.48 41.56
C GLU F 229 16.45 -15.76 42.26
N PHE F 230 17.37 -15.65 43.21
CA PHE F 230 18.02 -16.83 43.77
C PHE F 230 17.01 -17.79 44.40
N SER F 231 16.04 -17.25 45.14
CA SER F 231 15.08 -18.09 45.84
C SER F 231 14.35 -19.00 44.85
N ASP F 232 13.79 -18.40 43.79
CA ASP F 232 13.09 -19.18 42.79
C ASP F 232 14.03 -20.17 42.11
N ILE F 233 15.20 -19.69 41.68
CA ILE F 233 16.11 -20.53 40.90
C ILE F 233 16.45 -21.79 41.68
N PHE F 234 16.86 -21.63 42.93
CA PHE F 234 17.33 -22.78 43.69
C PHE F 234 16.23 -23.57 44.37
N ARG F 235 15.06 -23.00 44.65
CA ARG F 235 13.96 -23.87 45.04
C ARG F 235 13.64 -24.82 43.90
N ARG F 236 13.60 -24.31 42.67
CA ARG F 236 13.33 -25.19 41.53
C ARG F 236 14.45 -26.20 41.33
N ALA F 237 15.71 -25.77 41.42
CA ALA F 237 16.83 -26.68 41.21
C ALA F 237 16.84 -27.79 42.28
N PHE F 238 16.63 -27.42 43.54
CA PHE F 238 16.61 -28.42 44.60
C PHE F 238 15.44 -29.38 44.43
N ALA F 239 14.25 -28.85 44.12
CA ALA F 239 13.13 -29.73 43.83
C ALA F 239 13.49 -30.71 42.72
N SER F 240 14.25 -30.24 41.72
CA SER F 240 14.58 -31.09 40.59
C SER F 240 15.54 -32.21 40.99
N ARG F 241 16.73 -31.85 41.47
CA ARG F 241 17.85 -32.78 41.50
C ARG F 241 18.32 -33.21 42.89
N VAL F 242 17.79 -32.61 43.96
CA VAL F 242 18.32 -32.93 45.29
C VAL F 242 18.08 -34.39 45.64
N PHE F 243 16.88 -34.89 45.37
CA PHE F 243 16.51 -36.21 45.83
C PHE F 243 17.33 -37.30 45.12
N PRO F 244 17.47 -38.46 45.73
CA PRO F 244 18.23 -39.53 45.08
C PRO F 244 17.56 -39.96 43.79
N PRO F 245 18.32 -40.50 42.85
CA PRO F 245 17.72 -40.84 41.54
C PRO F 245 16.56 -41.83 41.63
N GLU F 246 16.64 -42.82 42.52
CA GLU F 246 15.66 -43.90 42.48
C GLU F 246 14.26 -43.42 42.90
N ILE F 247 14.18 -42.58 43.92
CA ILE F 247 12.87 -42.10 44.36
C ILE F 247 12.25 -41.21 43.29
N VAL F 248 13.07 -40.36 42.65
CA VAL F 248 12.56 -39.51 41.58
C VAL F 248 12.06 -40.37 40.43
N GLU F 249 12.82 -41.41 40.07
CA GLU F 249 12.39 -42.30 39.00
C GLU F 249 11.07 -42.97 39.36
N GLN F 250 10.93 -43.43 40.61
CA GLN F 250 9.69 -44.06 41.03
C GLN F 250 8.52 -43.08 40.94
N MET F 251 8.72 -41.84 41.36
CA MET F 251 7.65 -40.85 41.30
C MET F 251 7.41 -40.35 39.89
N GLY F 252 8.31 -40.63 38.96
CA GLY F 252 8.09 -40.28 37.56
C GLY F 252 8.01 -38.79 37.30
N CYS F 253 8.89 -38.00 37.90
CA CYS F 253 8.93 -36.57 37.69
C CYS F 253 10.04 -36.23 36.69
N LYS F 254 9.83 -35.18 35.92
CA LYS F 254 10.77 -34.76 34.88
C LYS F 254 11.69 -33.68 35.43
N HIS F 255 12.99 -33.87 35.26
CA HIS F 255 13.95 -32.87 35.68
C HIS F 255 13.85 -31.63 34.80
N VAL F 256 14.10 -30.47 35.40
CA VAL F 256 14.07 -29.21 34.67
C VAL F 256 15.38 -29.06 33.91
N LYS F 257 15.30 -28.93 32.59
CA LYS F 257 16.47 -28.81 31.72
C LYS F 257 16.23 -27.64 30.79
N GLY F 258 16.67 -26.45 31.20
CA GLY F 258 16.55 -25.26 30.37
C GLY F 258 16.29 -24.01 31.17
N ILE F 259 17.08 -22.97 30.90
CA ILE F 259 16.91 -21.66 31.53
C ILE F 259 17.09 -20.59 30.46
N LEU F 260 16.14 -19.67 30.38
CA LEU F 260 16.19 -18.58 29.41
C LEU F 260 16.59 -17.30 30.12
N LEU F 261 17.59 -16.61 29.58
CA LEU F 261 18.06 -15.33 30.10
C LEU F 261 18.02 -14.31 28.98
N TYR F 262 17.44 -13.14 29.27
CA TYR F 262 17.43 -12.08 28.28
C TYR F 262 17.52 -10.72 28.95
N GLY F 263 17.81 -9.70 28.14
CA GLY F 263 17.94 -8.35 28.63
C GLY F 263 18.87 -7.52 27.77
N PRO F 264 19.01 -6.23 28.09
CA PRO F 264 19.92 -5.39 27.32
C PRO F 264 21.36 -5.81 27.53
N PRO F 265 22.23 -5.55 26.57
CA PRO F 265 23.63 -6.00 26.71
C PRO F 265 24.36 -5.21 27.78
N GLY F 266 25.45 -5.82 28.27
CA GLY F 266 26.31 -5.18 29.24
C GLY F 266 25.90 -5.34 30.69
N CYS F 267 24.86 -6.11 30.98
CA CYS F 267 24.38 -6.29 32.34
C CYS F 267 25.07 -7.43 33.07
N GLY F 268 25.93 -8.19 32.41
CA GLY F 268 26.65 -9.27 33.06
C GLY F 268 25.92 -10.59 33.05
N LYS F 269 25.22 -10.87 31.95
CA LYS F 269 24.51 -12.15 31.84
C LYS F 269 25.49 -13.32 31.82
N THR F 270 26.61 -13.17 31.09
CA THR F 270 27.59 -14.24 31.03
C THR F 270 28.20 -14.50 32.40
N LEU F 271 28.41 -13.44 33.19
CA LEU F 271 28.91 -13.65 34.56
C LEU F 271 27.94 -14.45 35.38
N LEU F 272 26.63 -14.16 35.27
CA LEU F 272 25.64 -14.93 36.01
C LEU F 272 25.61 -16.38 35.55
N ALA F 273 25.71 -16.61 34.25
CA ALA F 273 25.72 -17.98 33.73
C ALA F 273 26.94 -18.74 34.27
N ARG F 274 28.11 -18.11 34.23
CA ARG F 274 29.32 -18.75 34.74
C ARG F 274 29.17 -19.04 36.22
N GLN F 275 28.64 -18.10 36.99
CA GLN F 275 28.48 -18.32 38.42
C GLN F 275 27.56 -19.50 38.69
N ILE F 276 26.38 -19.52 38.06
CA ILE F 276 25.42 -20.58 38.32
C ILE F 276 25.99 -21.93 37.91
N GLY F 277 26.74 -21.97 36.81
CA GLY F 277 27.39 -23.21 36.42
C GLY F 277 28.42 -23.65 37.44
N LYS F 278 29.15 -22.69 38.02
CA LYS F 278 30.19 -23.02 38.99
C LYS F 278 29.59 -23.57 40.29
N MET F 279 28.57 -22.89 40.82
CA MET F 279 28.13 -23.20 42.19
C MET F 279 27.59 -24.62 42.27
N LEU F 280 26.90 -25.08 41.23
CA LEU F 280 26.57 -26.49 41.12
C LEU F 280 27.82 -27.30 40.83
N ASN F 281 27.97 -28.44 41.51
CA ASN F 281 29.13 -29.29 41.30
C ASN F 281 28.98 -30.06 39.99
N ALA F 282 29.46 -29.46 38.91
CA ALA F 282 29.31 -30.02 37.56
C ALA F 282 30.66 -29.97 36.86
N ARG F 283 30.65 -30.33 35.58
CA ARG F 283 31.86 -30.29 34.77
C ARG F 283 32.16 -28.87 34.32
N GLU F 284 33.39 -28.66 33.88
CA GLU F 284 33.77 -27.35 33.36
C GLU F 284 32.86 -26.99 32.19
N PRO F 285 32.37 -25.76 32.12
CA PRO F 285 31.43 -25.41 31.05
C PRO F 285 32.11 -25.35 29.69
N LYS F 286 31.30 -25.56 28.65
CA LYS F 286 31.73 -25.40 27.26
C LYS F 286 30.88 -24.31 26.63
N VAL F 287 31.53 -23.40 25.91
CA VAL F 287 30.89 -22.20 25.38
C VAL F 287 30.79 -22.31 23.87
N VAL F 288 29.61 -22.01 23.34
CA VAL F 288 29.37 -21.94 21.90
C VAL F 288 28.66 -20.63 21.59
N ASN F 289 29.11 -19.97 20.52
CA ASN F 289 28.55 -18.69 20.12
C ASN F 289 27.25 -18.88 19.34
N GLY F 290 26.77 -17.83 18.69
CA GLY F 290 25.46 -17.82 18.09
C GLY F 290 25.47 -18.11 16.60
N PRO F 291 25.44 -17.04 15.78
CA PRO F 291 25.18 -17.23 14.35
C PRO F 291 26.17 -18.13 13.64
N GLU F 292 27.35 -18.37 14.23
CA GLU F 292 28.31 -19.25 13.57
C GLU F 292 27.75 -20.64 13.33
N ILE F 293 26.76 -21.06 14.13
CA ILE F 293 26.14 -22.36 13.92
C ILE F 293 25.50 -22.42 12.55
N LEU F 294 24.92 -21.31 12.09
CA LEU F 294 24.31 -21.24 10.76
C LEU F 294 25.38 -21.00 9.70
N ASN F 295 26.33 -21.94 9.64
CA ASN F 295 27.42 -21.84 8.69
C ASN F 295 26.89 -21.92 7.26
N LYS F 296 27.54 -21.21 6.35
CA LYS F 296 27.12 -21.22 4.95
C LYS F 296 27.09 -22.64 4.41
N TYR F 297 28.04 -23.48 4.82
CA TYR F 297 28.07 -24.86 4.38
C TYR F 297 26.87 -25.60 4.93
N VAL F 298 26.17 -26.33 4.06
CA VAL F 298 24.99 -27.10 4.46
C VAL F 298 25.44 -28.48 4.90
N GLY F 299 24.91 -28.93 6.04
CA GLY F 299 25.31 -30.18 6.65
C GLY F 299 26.23 -30.02 7.84
N GLU F 300 26.93 -28.89 7.95
CA GLU F 300 27.72 -28.63 9.15
C GLU F 300 26.82 -28.49 10.37
N SER F 301 25.68 -27.84 10.21
CA SER F 301 24.72 -27.60 11.29
C SER F 301 24.05 -28.86 11.78
N GLU F 302 24.44 -30.03 11.27
CA GLU F 302 23.97 -31.31 11.77
C GLU F 302 25.08 -32.05 12.52
N ALA F 303 26.21 -32.29 11.85
CA ALA F 303 27.31 -33.00 12.50
C ALA F 303 27.87 -32.20 13.68
N ASN F 304 28.08 -30.89 13.49
CA ASN F 304 28.64 -30.09 14.57
C ASN F 304 27.72 -30.04 15.78
N ILE F 305 26.42 -29.87 15.54
CA ILE F 305 25.47 -29.83 16.65
C ILE F 305 25.39 -31.20 17.33
N ARG F 306 25.45 -32.28 16.54
CA ARG F 306 25.36 -33.61 17.11
C ARG F 306 26.60 -33.95 17.94
N LYS F 307 27.76 -33.40 17.57
CA LYS F 307 28.98 -33.73 18.31
C LYS F 307 28.91 -33.26 19.75
N LEU F 308 28.39 -32.05 19.98
CA LEU F 308 28.30 -31.53 21.33
C LEU F 308 27.48 -32.44 22.21
N PHE F 309 26.29 -32.83 21.75
CA PHE F 309 25.42 -33.69 22.55
C PHE F 309 25.97 -35.10 22.64
N ALA F 310 26.68 -35.58 21.62
CA ALA F 310 27.27 -36.91 21.67
C ALA F 310 28.37 -36.99 22.73
N ASP F 311 29.10 -35.88 22.92
CA ASP F 311 30.14 -35.88 23.94
C ASP F 311 29.58 -36.25 25.31
N ALA F 312 28.43 -35.68 25.67
CA ALA F 312 27.78 -36.01 26.93
C ALA F 312 27.02 -37.33 26.85
N GLU F 313 26.49 -37.67 25.68
CA GLU F 313 25.71 -38.90 25.54
C GLU F 313 26.57 -40.13 25.76
N GLU F 314 27.81 -40.12 25.26
CA GLU F 314 28.69 -41.25 25.49
C GLU F 314 28.91 -41.47 26.98
N GLU F 315 29.19 -40.40 27.72
CA GLU F 315 29.40 -40.51 29.15
C GLU F 315 28.14 -40.98 29.87
N GLN F 316 26.97 -40.45 29.47
CA GLN F 316 25.74 -40.86 30.11
C GLN F 316 25.45 -42.34 29.88
N ARG F 317 25.66 -42.81 28.65
CA ARG F 317 25.46 -44.22 28.35
C ARG F 317 26.43 -45.09 29.14
N ARG F 318 27.70 -44.68 29.20
CA ARG F 318 28.71 -45.50 29.87
C ARG F 318 28.44 -45.59 31.37
N LEU F 319 28.17 -44.44 32.01
CA LEU F 319 28.00 -44.40 33.45
C LEU F 319 26.56 -44.66 33.90
N GLY F 320 25.61 -44.77 32.96
CA GLY F 320 24.24 -45.03 33.33
C GLY F 320 23.52 -43.79 33.81
N ALA F 321 22.40 -44.02 34.50
CA ALA F 321 21.58 -42.92 35.00
C ALA F 321 22.34 -42.06 36.00
N ASN F 322 23.07 -42.69 36.91
CA ASN F 322 23.82 -41.97 37.94
C ASN F 322 25.03 -41.31 37.31
N SER F 323 24.92 -40.02 37.01
CA SER F 323 26.00 -39.29 36.36
C SER F 323 25.86 -37.81 36.69
N GLY F 324 26.94 -37.07 36.41
CA GLY F 324 26.95 -35.65 36.68
C GLY F 324 26.15 -34.86 35.66
N LEU F 325 26.04 -33.56 35.93
CA LEU F 325 25.26 -32.65 35.08
C LEU F 325 26.20 -31.89 34.16
N HIS F 326 25.86 -31.86 32.87
CA HIS F 326 26.61 -31.12 31.87
C HIS F 326 25.85 -29.85 31.52
N ILE F 327 26.57 -28.73 31.47
CA ILE F 327 25.98 -27.42 31.25
C ILE F 327 26.41 -26.94 29.86
N ILE F 328 25.42 -26.63 29.02
CA ILE F 328 25.64 -26.08 27.69
C ILE F 328 25.04 -24.68 27.65
N ILE F 329 25.77 -23.73 27.08
CA ILE F 329 25.33 -22.35 26.98
C ILE F 329 25.24 -21.98 25.50
N PHE F 330 24.06 -21.53 25.08
CA PHE F 330 23.81 -21.13 23.70
C PHE F 330 23.39 -19.66 23.72
N ASP F 331 24.16 -18.82 23.04
CA ASP F 331 23.94 -17.38 23.05
C ASP F 331 23.45 -16.91 21.69
N GLU F 332 22.62 -15.86 21.71
CA GLU F 332 22.00 -15.32 20.51
C GLU F 332 21.11 -16.36 19.84
N ILE F 333 20.19 -16.90 20.64
CA ILE F 333 19.31 -17.95 20.15
C ILE F 333 18.35 -17.42 19.10
N ASP F 334 17.89 -16.17 19.26
CA ASP F 334 16.88 -15.62 18.35
C ASP F 334 17.32 -15.69 16.89
N ALA F 335 18.62 -15.57 16.63
CA ALA F 335 19.09 -15.55 15.25
C ALA F 335 18.78 -16.86 14.53
N ILE F 336 19.17 -17.99 15.13
CA ILE F 336 18.97 -19.28 14.48
C ILE F 336 17.48 -19.63 14.46
N CYS F 337 16.76 -19.33 15.53
CA CYS F 337 15.34 -19.64 15.63
C CYS F 337 14.55 -18.51 14.95
N LYS F 338 14.06 -18.77 13.75
CA LYS F 338 13.30 -17.77 13.01
C LYS F 338 12.41 -18.44 11.95
N THR F 347 16.36 -20.91 2.67
CA THR F 347 15.82 -20.28 3.87
C THR F 347 15.30 -21.31 4.86
N GLY F 348 15.34 -22.58 4.47
CA GLY F 348 14.87 -23.66 5.31
C GLY F 348 15.86 -24.14 6.35
N VAL F 349 17.06 -23.56 6.41
CA VAL F 349 18.06 -24.01 7.37
C VAL F 349 17.58 -23.76 8.79
N HIS F 350 16.88 -22.66 9.02
CA HIS F 350 16.44 -22.31 10.37
C HIS F 350 15.56 -23.42 10.96
N ASP F 351 14.56 -23.86 10.20
CA ASP F 351 13.62 -24.84 10.73
C ASP F 351 14.29 -26.17 11.01
N THR F 352 15.12 -26.65 10.08
CA THR F 352 15.80 -27.92 10.30
C THR F 352 16.75 -27.83 11.49
N VAL F 353 17.47 -26.73 11.62
CA VAL F 353 18.38 -26.56 12.75
C VAL F 353 17.60 -26.57 14.06
N VAL F 354 16.48 -25.85 14.12
CA VAL F 354 15.70 -25.78 15.33
C VAL F 354 15.17 -27.17 15.69
N ASN F 355 14.64 -27.89 14.71
CA ASN F 355 14.10 -29.22 14.98
C ASN F 355 15.19 -30.18 15.43
N GLN F 356 16.37 -30.12 14.79
CA GLN F 356 17.46 -31.01 15.18
C GLN F 356 17.94 -30.71 16.59
N LEU F 357 18.02 -29.43 16.95
CA LEU F 357 18.39 -29.08 18.32
C LEU F 357 17.34 -29.56 19.32
N LEU F 358 16.05 -29.39 18.98
CA LEU F 358 14.98 -29.79 19.88
C LEU F 358 14.88 -31.30 20.02
N SER F 359 15.37 -32.05 19.04
CA SER F 359 15.30 -33.51 19.12
C SER F 359 15.91 -34.04 20.41
N LYS F 360 17.10 -33.54 20.77
CA LYS F 360 17.75 -34.00 21.98
C LYS F 360 16.95 -33.62 23.22
N ILE F 361 16.44 -32.39 23.27
CA ILE F 361 15.70 -31.94 24.44
C ILE F 361 14.29 -32.53 24.47
N ASP F 362 13.75 -32.89 23.31
CA ASP F 362 12.39 -33.42 23.25
C ASP F 362 12.25 -34.66 24.13
N GLY F 363 13.32 -35.41 24.35
CA GLY F 363 13.30 -36.62 25.13
C GLY F 363 13.50 -37.89 24.35
N VAL F 364 13.60 -37.82 23.02
CA VAL F 364 13.83 -39.02 22.22
C VAL F 364 15.15 -39.67 22.61
N GLU F 365 16.20 -38.86 22.79
CA GLU F 365 17.49 -39.39 23.19
C GLU F 365 17.51 -39.78 24.67
N GLN F 366 16.55 -39.32 25.45
CA GLN F 366 16.37 -39.66 26.86
C GLN F 366 17.45 -39.05 27.75
N LEU F 367 18.43 -38.35 27.17
CA LEU F 367 19.52 -37.80 27.96
C LEU F 367 19.00 -36.94 29.09
N ASN F 368 19.35 -37.32 30.32
CA ASN F 368 18.84 -36.67 31.52
C ASN F 368 19.83 -35.68 32.13
N ASN F 369 20.97 -35.43 31.48
CA ASN F 369 21.99 -34.52 31.99
C ASN F 369 22.27 -33.46 30.93
N ILE F 370 21.45 -32.42 30.92
CA ILE F 370 21.64 -31.27 30.05
C ILE F 370 20.99 -30.06 30.72
N LEU F 371 21.66 -28.91 30.63
CA LEU F 371 21.19 -27.67 31.23
C LEU F 371 21.34 -26.52 30.23
N VAL F 372 20.86 -26.75 29.01
CA VAL F 372 20.98 -25.77 27.94
C VAL F 372 20.46 -24.42 28.43
N ILE F 373 21.34 -23.42 28.46
CA ILE F 373 20.99 -22.07 28.90
C ILE F 373 20.95 -21.18 27.67
N GLY F 374 19.77 -20.64 27.36
CA GLY F 374 19.57 -19.82 26.19
C GLY F 374 19.62 -18.35 26.52
N MET F 375 20.64 -17.67 25.99
CA MET F 375 20.86 -16.24 26.21
C MET F 375 20.44 -15.48 24.97
N THR F 376 19.62 -14.44 25.16
CA THR F 376 19.13 -13.69 24.01
C THR F 376 18.85 -12.26 24.42
N ASN F 377 18.76 -11.38 23.41
CA ASN F 377 18.42 -9.99 23.63
C ASN F 377 17.11 -9.58 22.97
N ARG F 378 16.54 -10.40 22.10
CA ARG F 378 15.27 -10.12 21.42
C ARG F 378 14.24 -11.16 21.82
N PRO F 379 13.37 -10.90 22.80
CA PRO F 379 12.32 -11.87 23.13
C PRO F 379 11.24 -11.97 22.08
N ASP F 380 11.19 -11.06 21.11
CA ASP F 380 10.16 -11.05 20.09
C ASP F 380 10.52 -11.85 18.85
N LEU F 381 11.75 -12.36 18.76
CA LEU F 381 12.23 -13.10 17.59
C LEU F 381 12.68 -14.51 17.99
N ILE F 382 11.86 -15.18 18.80
CA ILE F 382 12.15 -16.54 19.26
C ILE F 382 10.95 -17.42 18.88
N ASP F 383 11.24 -18.60 18.34
CA ASP F 383 10.19 -19.52 17.96
C ASP F 383 9.36 -19.90 19.18
N GLU F 384 8.04 -19.86 19.02
CA GLU F 384 7.15 -20.22 20.13
C GLU F 384 7.25 -21.70 20.45
N ALA F 385 7.49 -22.55 19.45
CA ALA F 385 7.61 -23.98 19.70
C ALA F 385 8.76 -24.27 20.65
N LEU F 386 9.88 -23.57 20.48
CA LEU F 386 11.01 -23.74 21.38
C LEU F 386 10.68 -23.31 22.81
N LEU F 387 9.64 -22.51 23.00
CA LEU F 387 9.24 -22.02 24.30
C LEU F 387 8.13 -22.84 24.94
N ARG F 388 7.73 -23.95 24.31
CA ARG F 388 6.63 -24.75 24.81
C ARG F 388 7.01 -25.39 26.15
N PRO F 389 6.01 -25.73 26.97
CA PRO F 389 6.31 -26.35 28.27
C PRO F 389 7.10 -27.63 28.13
N GLY F 390 7.99 -27.87 29.07
CA GLY F 390 8.83 -29.05 29.08
C GLY F 390 10.13 -28.92 28.34
N ARG F 391 10.36 -27.80 27.65
CA ARG F 391 11.61 -27.56 26.92
C ARG F 391 12.41 -26.44 27.57
N LEU F 392 11.82 -25.24 27.69
CA LEU F 392 12.44 -24.10 28.37
C LEU F 392 11.39 -23.57 29.34
N GLU F 393 11.34 -24.14 30.54
CA GLU F 393 10.27 -23.81 31.48
C GLU F 393 10.46 -22.44 32.11
N VAL F 394 11.68 -22.11 32.52
CA VAL F 394 11.95 -20.93 33.34
C VAL F 394 12.69 -19.90 32.51
N LYS F 395 12.24 -18.65 32.61
CA LYS F 395 12.82 -17.52 31.89
C LYS F 395 12.99 -16.35 32.85
N MET F 396 13.94 -15.47 32.52
CA MET F 396 14.20 -14.32 33.38
C MET F 396 14.89 -13.22 32.58
N GLU F 397 14.77 -12.00 33.10
CA GLU F 397 15.27 -10.80 32.46
C GLU F 397 16.20 -10.06 33.40
N ILE F 398 17.31 -9.58 32.86
CA ILE F 398 18.27 -8.76 33.59
C ILE F 398 17.96 -7.29 33.31
N GLY F 399 17.76 -6.53 34.37
CA GLY F 399 17.40 -5.13 34.27
C GLY F 399 18.61 -4.23 34.14
N LEU F 400 18.43 -2.95 34.50
CA LEU F 400 19.49 -1.98 34.46
C LEU F 400 20.63 -2.40 35.39
N PRO F 401 21.81 -1.80 35.28
CA PRO F 401 22.90 -2.12 36.23
C PRO F 401 22.58 -1.72 37.66
N ASP F 402 21.49 -0.99 37.89
CA ASP F 402 21.05 -0.63 39.23
C ASP F 402 21.94 0.46 39.82
N GLU F 403 21.33 1.48 40.41
CA GLU F 403 22.12 2.53 41.06
C GLU F 403 22.94 1.97 42.20
N LYS F 404 22.32 1.12 43.04
CA LYS F 404 23.07 0.48 44.11
C LYS F 404 24.03 -0.57 43.55
N GLY F 405 23.61 -1.31 42.53
CA GLY F 405 24.53 -2.21 41.85
C GLY F 405 25.66 -1.47 41.17
N ARG F 406 25.36 -0.30 40.61
CA ARG F 406 26.40 0.55 40.04
C ARG F 406 27.38 0.99 41.12
N LEU F 407 26.86 1.37 42.28
CA LEU F 407 27.73 1.72 43.39
C LEU F 407 28.63 0.55 43.79
N GLN F 408 28.06 -0.66 43.83
CA GLN F 408 28.84 -1.82 44.22
C GLN F 408 29.94 -2.13 43.22
N ILE F 409 29.63 -2.08 41.92
CA ILE F 409 30.64 -2.36 40.90
C ILE F 409 31.75 -1.31 40.95
N LEU F 410 31.36 -0.03 41.09
CA LEU F 410 32.37 1.01 41.19
C LEU F 410 33.22 0.83 42.44
N HIS F 411 32.60 0.40 43.54
CA HIS F 411 33.35 0.15 44.77
C HIS F 411 34.37 -0.97 44.55
N ILE F 412 33.96 -2.05 43.87
CA ILE F 412 34.88 -3.16 43.64
C ILE F 412 36.05 -2.69 42.76
N HIS F 413 35.75 -1.98 41.68
CA HIS F 413 36.82 -1.53 40.78
C HIS F 413 37.75 -0.55 41.48
N THR F 414 37.19 0.39 42.25
CA THR F 414 38.02 1.35 42.96
C THR F 414 38.81 0.70 44.09
N ALA F 415 38.31 -0.38 44.68
CA ALA F 415 39.12 -1.13 45.65
C ALA F 415 40.28 -1.82 44.96
N ARG F 416 40.03 -2.41 43.79
CA ARG F 416 41.12 -2.96 42.99
C ARG F 416 42.16 -1.88 42.71
N MET F 417 41.70 -0.67 42.41
CA MET F 417 42.62 0.43 42.15
C MET F 417 43.41 0.81 43.40
N ARG F 418 42.71 1.01 44.52
CA ARG F 418 43.33 1.41 45.77
C ARG F 418 44.27 0.34 46.32
N GLY F 419 44.18 -0.90 45.83
CA GLY F 419 45.13 -1.92 46.26
C GLY F 419 46.56 -1.43 46.27
N HIS F 420 46.89 -0.45 45.43
CA HIS F 420 48.21 0.18 45.41
C HIS F 420 48.17 1.62 45.91
N GLN F 421 47.08 2.03 46.54
CA GLN F 421 46.92 3.39 47.08
C GLN F 421 47.07 4.46 45.99
N LEU F 422 46.86 4.09 44.73
CA LEU F 422 47.04 5.05 43.64
C LEU F 422 45.90 6.05 43.58
N LEU F 423 44.69 5.64 43.97
CA LEU F 423 43.54 6.53 43.91
C LEU F 423 43.65 7.61 44.98
N SER F 424 43.42 8.86 44.57
CA SER F 424 43.45 9.97 45.51
C SER F 424 42.19 9.97 46.38
N ALA F 425 42.34 10.43 47.62
CA ALA F 425 41.21 10.48 48.53
C ALA F 425 40.09 11.38 48.00
N ASP F 426 40.45 12.36 47.17
CA ASP F 426 39.44 13.26 46.61
C ASP F 426 38.39 12.52 45.80
N VAL F 427 38.73 11.37 45.23
CA VAL F 427 37.80 10.60 44.41
C VAL F 427 36.80 9.93 45.34
N ASP F 428 35.51 10.17 45.09
CA ASP F 428 34.43 9.60 45.89
C ASP F 428 33.50 8.81 44.99
N ILE F 429 33.13 7.61 45.44
CA ILE F 429 32.29 6.74 44.63
C ILE F 429 30.86 7.27 44.55
N LYS F 430 30.36 7.88 45.62
CA LYS F 430 28.94 8.21 45.69
C LYS F 430 28.55 9.24 44.64
N GLU F 431 29.27 10.36 44.56
CA GLU F 431 28.91 11.40 43.62
C GLU F 431 29.07 10.91 42.18
N LEU F 432 30.12 10.15 41.90
CA LEU F 432 30.30 9.58 40.57
C LEU F 432 29.11 8.69 40.21
N ALA F 433 28.77 7.74 41.08
CA ALA F 433 27.65 6.86 40.82
C ALA F 433 26.37 7.65 40.59
N VAL F 434 26.19 8.75 41.33
CA VAL F 434 25.04 9.62 41.10
C VAL F 434 25.09 10.21 39.70
N GLU F 435 26.25 10.68 39.28
CA GLU F 435 26.38 11.31 37.96
C GLU F 435 26.18 10.30 36.84
N THR F 436 26.86 9.16 36.93
CA THR F 436 26.77 8.15 35.88
C THR F 436 25.43 7.41 35.97
N LYS F 437 24.61 7.52 34.95
CA LYS F 437 23.27 6.93 34.94
C LYS F 437 23.15 5.92 33.82
N ASN F 438 22.74 4.70 34.18
CA ASN F 438 22.52 3.62 33.21
C ASN F 438 23.78 3.37 32.37
N PHE F 439 24.94 3.42 33.02
CA PHE F 439 26.20 3.03 32.39
C PHE F 439 26.42 1.55 32.67
N SER F 440 26.40 0.73 31.63
CA SER F 440 26.64 -0.70 31.79
C SER F 440 28.02 -0.92 32.41
N GLY F 441 28.24 -2.14 32.89
CA GLY F 441 29.54 -2.47 33.48
C GLY F 441 30.68 -2.21 32.52
N ALA F 442 30.49 -2.59 31.24
CA ALA F 442 31.50 -2.29 30.24
C ALA F 442 31.68 -0.79 30.07
N GLU F 443 30.58 -0.03 30.09
CA GLU F 443 30.69 1.42 29.96
C GLU F 443 31.37 2.04 31.18
N LEU F 444 31.10 1.52 32.37
CA LEU F 444 31.77 2.03 33.57
C LEU F 444 33.27 1.72 33.51
N GLU F 445 33.63 0.52 33.06
CA GLU F 445 35.04 0.19 32.90
C GLU F 445 35.69 1.11 31.86
N GLY F 446 34.96 1.41 30.78
CA GLY F 446 35.47 2.35 29.79
C GLY F 446 35.68 3.73 30.37
N LEU F 447 34.77 4.18 31.24
CA LEU F 447 34.94 5.47 31.90
C LEU F 447 36.19 5.47 32.76
N VAL F 448 36.41 4.38 33.51
CA VAL F 448 37.61 4.28 34.34
C VAL F 448 38.86 4.30 33.46
N ARG F 449 38.81 3.59 32.33
CA ARG F 449 39.94 3.56 31.40
C ARG F 449 40.22 4.96 30.87
N ALA F 450 39.17 5.68 30.49
CA ALA F 450 39.35 7.04 29.97
C ALA F 450 39.92 7.96 31.04
N ALA F 451 39.48 7.80 32.28
CA ALA F 451 40.04 8.59 33.37
C ALA F 451 41.54 8.32 33.53
N GLN F 452 41.92 7.05 33.53
CA GLN F 452 43.33 6.72 33.63
C GLN F 452 44.12 7.30 32.46
N SER F 453 43.56 7.19 31.25
CA SER F 453 44.27 7.68 30.07
C SER F 453 44.45 9.19 30.13
N THR F 454 43.42 9.93 30.54
CA THR F 454 43.55 11.39 30.59
C THR F 454 44.49 11.81 31.73
N ALA F 455 44.47 11.10 32.85
CA ALA F 455 45.43 11.39 33.91
C ALA F 455 46.86 11.18 33.42
N MET F 456 47.10 10.07 32.72
CA MET F 456 48.43 9.80 32.18
C MET F 456 48.79 10.82 31.09
N ASN F 457 47.80 11.34 30.36
CA ASN F 457 48.09 12.39 29.39
C ASN F 457 48.55 13.66 30.09
N ARG F 458 47.79 14.09 31.10
CA ARG F 458 48.24 15.23 31.89
C ARG F 458 49.66 14.98 32.43
N HIS F 459 49.93 13.74 32.81
CA HIS F 459 51.24 13.40 33.36
C HIS F 459 52.35 13.56 32.33
N ILE F 460 52.17 12.97 31.14
CA ILE F 460 53.21 13.01 30.12
C ILE F 460 53.39 14.43 29.61
N LYS F 461 52.32 15.20 29.52
CA LYS F 461 52.44 16.58 29.05
C LYS F 461 53.22 17.46 30.02
N ALA F 462 53.45 17.00 31.24
CA ALA F 462 54.20 17.77 32.22
C ALA F 462 55.59 18.12 31.68
N MET F 470 61.48 12.28 36.84
CA MET F 470 60.64 11.12 37.12
C MET F 470 59.84 11.32 38.40
N GLU F 471 60.07 12.43 39.08
CA GLU F 471 59.29 12.74 40.28
C GLU F 471 57.80 12.73 39.99
N LYS F 472 57.40 13.19 38.80
CA LYS F 472 56.00 13.12 38.43
C LYS F 472 55.48 11.70 38.51
N ALA F 473 56.19 10.75 37.88
CA ALA F 473 55.72 9.37 37.87
C ALA F 473 55.51 8.85 39.28
N GLU F 474 56.41 9.19 40.21
CA GLU F 474 56.21 8.85 41.61
C GLU F 474 55.01 9.59 42.20
N SER F 475 54.65 10.74 41.64
CA SER F 475 53.52 11.53 42.11
C SER F 475 52.23 11.25 41.35
N LEU F 476 52.20 10.20 40.53
CA LEU F 476 51.01 9.89 39.73
C LEU F 476 49.81 9.61 40.61
N GLN F 477 48.79 10.47 40.53
CA GLN F 477 47.55 10.29 41.26
C GLN F 477 46.39 10.74 40.40
N VAL F 478 45.28 10.01 40.47
CA VAL F 478 44.08 10.34 39.71
C VAL F 478 43.16 11.18 40.60
N THR F 479 42.71 12.31 40.07
CA THR F 479 41.89 13.26 40.81
C THR F 479 40.47 13.29 40.25
N ARG F 480 39.59 14.00 40.97
CA ARG F 480 38.20 14.10 40.55
C ARG F 480 38.05 14.86 39.24
N GLY F 481 38.92 15.84 39.00
CA GLY F 481 38.83 16.59 37.76
C GLY F 481 39.02 15.71 36.54
N ASP F 482 39.96 14.78 36.60
CA ASP F 482 40.16 13.86 35.49
C ASP F 482 38.93 12.99 35.28
N PHE F 483 38.32 12.53 36.38
CA PHE F 483 37.10 11.73 36.27
C PHE F 483 36.00 12.52 35.56
N LEU F 484 35.82 13.78 35.98
CA LEU F 484 34.77 14.61 35.37
C LEU F 484 35.06 14.85 33.90
N ALA F 485 36.32 15.14 33.57
CA ALA F 485 36.67 15.39 32.17
C ALA F 485 36.41 14.17 31.31
N SER F 486 36.81 12.99 31.79
CA SER F 486 36.57 11.77 31.04
C SER F 486 35.08 11.52 30.87
N LEU F 487 34.30 11.71 31.94
CA LEU F 487 32.86 11.49 31.86
C LEU F 487 32.23 12.42 30.84
N GLU F 488 32.62 13.70 30.84
CA GLU F 488 32.00 14.66 29.94
C GLU F 488 32.48 14.52 28.50
N ASN F 489 33.67 13.96 28.28
CA ASN F 489 34.25 13.91 26.95
C ASN F 489 34.08 12.56 26.26
N ASP F 490 34.54 11.49 26.88
CA ASP F 490 34.75 10.24 26.15
C ASP F 490 33.57 9.29 26.22
N ILE F 491 32.80 9.29 27.31
CA ILE F 491 31.72 8.32 27.53
C ILE F 491 30.39 9.03 27.38
N LYS F 492 29.47 8.38 26.65
CA LYS F 492 28.12 8.91 26.43
C LYS F 492 27.11 8.09 27.22
N PRO F 493 26.23 8.73 27.99
CA PRO F 493 25.29 7.96 28.81
C PRO F 493 24.27 7.18 28.00
N ALA F 494 23.42 6.41 28.69
CA ALA F 494 22.37 5.64 28.05
C ALA F 494 20.96 6.03 28.50
N PHE F 495 20.81 6.60 29.70
CA PHE F 495 19.48 6.99 30.18
C PHE F 495 19.63 7.98 31.32
N GLY F 496 19.08 9.17 31.15
CA GLY F 496 18.96 10.15 32.21
C GLY F 496 18.08 11.31 31.80
N THR F 497 17.11 11.65 32.63
CA THR F 497 16.13 12.68 32.26
C THR F 497 15.83 13.66 33.39
N ASN F 498 15.82 13.21 34.65
CA ASN F 498 15.24 14.00 35.71
C ASN F 498 15.91 15.37 35.85
N GLN F 499 17.24 15.38 35.97
CA GLN F 499 17.93 16.64 36.20
C GLN F 499 17.75 17.59 35.00
N GLU F 500 17.92 17.08 33.79
CA GLU F 500 17.75 17.92 32.61
C GLU F 500 16.31 18.38 32.45
N ASP F 501 15.34 17.51 32.76
CA ASP F 501 13.95 17.91 32.71
C ASP F 501 13.68 19.07 33.64
N TYR F 502 14.11 18.95 34.91
CA TYR F 502 13.88 20.02 35.87
C TYR F 502 14.60 21.30 35.46
N ALA F 503 15.82 21.18 34.93
CA ALA F 503 16.55 22.36 34.50
C ALA F 503 15.85 23.06 33.34
N SER F 504 15.30 22.28 32.41
CA SER F 504 14.69 22.87 31.22
C SER F 504 13.32 23.46 31.51
N TYR F 505 12.55 22.84 32.40
CA TYR F 505 11.17 23.28 32.60
C TYR F 505 11.08 24.45 33.59
N ILE F 506 11.83 24.38 34.69
CA ILE F 506 11.92 25.49 35.64
C ILE F 506 13.20 26.24 35.29
N MET F 507 13.07 27.21 34.39
CA MET F 507 14.24 27.89 33.84
C MET F 507 14.69 29.08 34.70
N ASN F 508 13.75 29.78 35.34
CA ASN F 508 14.08 30.95 36.15
C ASN F 508 13.60 30.80 37.60
N GLY F 509 13.38 29.57 38.05
CA GLY F 509 13.00 29.34 39.43
C GLY F 509 11.66 29.96 39.78
N ILE F 510 11.16 29.69 40.98
CA ILE F 510 9.89 30.23 41.45
C ILE F 510 10.18 31.48 42.27
N ILE F 511 9.50 32.58 41.93
CA ILE F 511 9.67 33.86 42.60
C ILE F 511 8.32 34.28 43.14
N LYS F 512 8.13 34.15 44.45
CA LYS F 512 6.86 34.51 45.07
C LYS F 512 6.55 35.98 44.85
N TRP F 513 5.32 36.28 44.42
CA TRP F 513 4.85 37.64 44.28
C TRP F 513 3.56 37.92 45.04
N GLY F 514 2.86 36.89 45.51
CA GLY F 514 1.63 37.09 46.23
C GLY F 514 1.23 35.86 46.99
N ASP F 515 -0.07 35.76 47.28
CA ASP F 515 -0.64 34.67 48.05
C ASP F 515 -0.85 33.41 47.22
N PRO F 516 -1.32 33.50 45.98
CA PRO F 516 -1.71 32.29 45.25
C PRO F 516 -0.62 31.24 45.16
N VAL F 517 0.64 31.64 45.04
CA VAL F 517 1.73 30.66 44.93
C VAL F 517 1.75 29.75 46.14
N THR F 518 1.64 30.34 47.33
CA THR F 518 1.67 29.56 48.55
C THR F 518 0.49 28.60 48.61
N ARG F 519 -0.70 29.06 48.23
CA ARG F 519 -1.88 28.18 48.25
C ARG F 519 -1.69 27.00 47.31
N VAL F 520 -1.21 27.26 46.09
CA VAL F 520 -1.02 26.18 45.13
C VAL F 520 -0.01 25.17 45.67
N LEU F 521 1.12 25.66 46.19
CA LEU F 521 2.14 24.74 46.68
C LEU F 521 1.62 23.93 47.87
N ASP F 522 0.90 24.57 48.78
CA ASP F 522 0.38 23.85 49.94
C ASP F 522 -0.63 22.79 49.54
N ASP F 523 -1.51 23.11 48.59
CA ASP F 523 -2.47 22.12 48.11
C ASP F 523 -1.76 20.94 47.46
N GLY F 524 -0.73 21.22 46.66
CA GLY F 524 0.05 20.14 46.07
C GLY F 524 0.67 19.24 47.13
N GLU F 525 1.26 19.85 48.15
CA GLU F 525 1.87 19.06 49.23
C GLU F 525 0.85 18.21 49.95
N LEU F 526 -0.34 18.78 50.22
CA LEU F 526 -1.37 18.03 50.92
C LEU F 526 -1.85 16.86 50.08
N LEU F 527 -1.99 17.05 48.77
CA LEU F 527 -2.41 15.95 47.91
C LEU F 527 -1.33 14.87 47.83
N VAL F 528 -0.07 15.27 47.80
CA VAL F 528 1.02 14.30 47.83
C VAL F 528 0.95 13.48 49.12
N GLN F 529 0.73 14.15 50.26
N GLN F 529 0.72 14.15 50.25
CA GLN F 529 0.59 13.42 51.51
CA GLN F 529 0.59 13.42 51.51
C GLN F 529 -0.59 12.46 51.47
C GLN F 529 -0.59 12.46 51.47
N GLN F 530 -1.72 12.90 50.90
CA GLN F 530 -2.88 12.04 50.82
C GLN F 530 -2.59 10.78 50.01
N THR F 531 -1.91 10.93 48.87
CA THR F 531 -1.64 9.76 48.04
C THR F 531 -0.54 8.88 48.62
N LYS F 532 0.35 9.45 49.45
CA LYS F 532 1.46 8.66 49.97
C LYS F 532 0.97 7.51 50.85
N ASN F 533 0.13 7.80 51.83
CA ASN F 533 -0.29 6.82 52.83
C ASN F 533 -1.81 6.85 52.95
N SER F 534 -2.48 5.98 52.20
CA SER F 534 -3.92 5.84 52.29
C SER F 534 -4.32 4.47 51.75
N ASP F 535 -5.50 4.02 52.15
CA ASP F 535 -6.07 2.77 51.68
C ASP F 535 -7.50 3.01 51.22
N ARG F 536 -7.93 2.21 50.25
CA ARG F 536 -9.22 2.33 49.57
C ARG F 536 -9.22 3.47 48.56
N THR F 537 -8.12 4.21 48.42
CA THR F 537 -8.01 5.27 47.42
C THR F 537 -6.56 5.35 46.95
N PRO F 538 -6.13 4.40 46.13
CA PRO F 538 -4.74 4.38 45.64
C PRO F 538 -4.49 5.19 44.39
N LEU F 539 -5.48 5.89 43.86
CA LEU F 539 -5.32 6.71 42.65
C LEU F 539 -5.87 8.10 42.91
N VAL F 540 -5.11 9.12 42.54
CA VAL F 540 -5.50 10.52 42.73
C VAL F 540 -5.12 11.30 41.49
N SER F 541 -5.99 12.22 41.08
CA SER F 541 -5.77 13.05 39.90
C SER F 541 -6.02 14.51 40.24
N VAL F 542 -5.35 15.40 39.50
CA VAL F 542 -5.45 16.84 39.70
C VAL F 542 -5.48 17.52 38.35
N LEU F 543 -5.92 18.78 38.36
CA LEU F 543 -5.94 19.60 37.14
C LEU F 543 -5.63 21.04 37.52
N LEU F 544 -4.59 21.60 36.90
CA LEU F 544 -4.22 23.00 37.07
C LEU F 544 -4.69 23.76 35.84
N GLU F 545 -5.66 24.66 36.03
CA GLU F 545 -6.26 25.40 34.93
C GLU F 545 -6.22 26.89 35.22
N GLY F 546 -5.92 27.68 34.19
CA GLY F 546 -5.85 29.11 34.31
C GLY F 546 -5.60 29.77 32.97
N PRO F 547 -5.55 31.10 32.95
CA PRO F 547 -5.33 31.82 31.69
C PRO F 547 -3.94 31.56 31.15
N PRO F 548 -3.73 31.74 29.85
CA PRO F 548 -2.42 31.45 29.26
C PRO F 548 -1.35 32.42 29.75
N HIS F 549 -0.11 31.95 29.70
CA HIS F 549 1.06 32.69 30.18
C HIS F 549 1.01 32.96 31.67
N SER F 550 0.28 32.13 32.43
CA SER F 550 0.12 32.31 33.87
C SER F 550 1.11 31.50 34.68
N GLY F 551 1.97 30.71 34.05
CA GLY F 551 2.98 29.95 34.76
C GLY F 551 2.43 28.71 35.43
N LYS F 552 1.93 27.76 34.64
CA LYS F 552 1.38 26.50 35.15
C LYS F 552 2.38 25.36 35.09
N THR F 553 3.14 25.25 34.01
CA THR F 553 4.09 24.15 33.87
C THR F 553 5.15 24.20 34.96
N ALA F 554 5.67 25.41 35.25
CA ALA F 554 6.70 25.54 36.28
C ALA F 554 6.17 25.11 37.65
N LEU F 555 4.95 25.55 37.99
CA LEU F 555 4.38 25.17 39.28
C LEU F 555 4.14 23.68 39.36
N ALA F 556 3.65 23.08 38.26
CA ALA F 556 3.44 21.63 38.26
C ALA F 556 4.76 20.89 38.46
N ALA F 557 5.81 21.32 37.76
CA ALA F 557 7.12 20.68 37.92
C ALA F 557 7.65 20.85 39.33
N LYS F 558 7.46 22.02 39.93
CA LYS F 558 7.90 22.23 41.31
C LYS F 558 7.16 21.31 42.26
N ILE F 559 5.84 21.18 42.08
CA ILE F 559 5.07 20.30 42.96
C ILE F 559 5.53 18.86 42.80
N ALA F 560 5.78 18.43 41.57
CA ALA F 560 6.28 17.07 41.35
C ALA F 560 7.64 16.87 42.01
N GLU F 561 8.52 17.86 41.91
CA GLU F 561 9.87 17.70 42.47
C GLU F 561 9.85 17.70 43.98
N GLU F 562 8.97 18.50 44.60
CA GLU F 562 8.96 18.58 46.05
C GLU F 562 8.79 17.21 46.69
N SER F 563 7.92 16.38 46.10
CA SER F 563 7.81 15.00 46.56
C SER F 563 9.07 14.23 46.22
N ASN F 564 9.36 13.20 47.02
CA ASN F 564 10.56 12.40 46.87
C ASN F 564 10.24 11.01 46.34
N PHE F 565 9.31 10.93 45.40
CA PHE F 565 8.91 9.64 44.85
C PHE F 565 10.08 9.03 44.08
N PRO F 566 10.26 7.71 44.15
CA PRO F 566 11.36 7.08 43.39
C PRO F 566 11.26 7.30 41.89
N PHE F 567 10.05 7.37 41.34
CA PHE F 567 9.83 7.44 39.90
C PHE F 567 9.08 8.73 39.57
N ILE F 568 9.59 9.49 38.60
CA ILE F 568 8.96 10.70 38.12
C ILE F 568 9.19 10.80 36.62
N LYS F 569 8.18 11.29 35.91
CA LYS F 569 8.26 11.41 34.46
C LYS F 569 7.32 12.51 34.00
N ILE F 570 7.64 13.10 32.85
CA ILE F 570 6.83 14.16 32.25
C ILE F 570 6.53 13.78 30.81
N CYS F 571 5.24 13.78 30.46
CA CYS F 571 4.79 13.47 29.11
C CYS F 571 4.31 14.77 28.47
N SER F 572 5.07 15.27 27.50
CA SER F 572 4.80 16.54 26.86
C SER F 572 4.79 16.40 25.35
N PRO F 573 4.07 17.25 24.64
CA PRO F 573 3.99 17.14 23.18
C PRO F 573 5.24 17.61 22.45
N ASP F 574 6.17 18.28 23.13
CA ASP F 574 7.37 18.77 22.46
C ASP F 574 8.20 17.63 21.87
N LYS F 575 8.01 16.41 22.33
CA LYS F 575 8.78 15.26 21.87
C LYS F 575 8.01 14.38 20.90
N MET F 576 6.87 14.85 20.39
CA MET F 576 6.03 14.10 19.45
C MET F 576 5.64 14.97 18.28
N ILE F 577 6.61 15.68 17.70
CA ILE F 577 6.34 16.54 16.55
C ILE F 577 6.22 15.68 15.31
N GLY F 578 5.09 15.83 14.59
CA GLY F 578 4.85 15.08 13.38
C GLY F 578 4.27 13.70 13.58
N PHE F 579 4.06 13.26 14.83
CA PHE F 579 3.54 11.94 15.09
C PHE F 579 2.08 11.84 14.64
N SER F 580 1.61 10.60 14.54
CA SER F 580 0.21 10.31 14.26
C SER F 580 -0.49 9.89 15.54
N GLU F 581 -1.80 9.66 15.44
CA GLU F 581 -2.60 9.33 16.63
C GLU F 581 -2.09 8.04 17.27
N THR F 582 -1.84 7.01 16.46
CA THR F 582 -1.45 5.72 17.00
C THR F 582 -0.11 5.81 17.72
N ALA F 583 0.85 6.54 17.16
CA ALA F 583 2.15 6.67 17.81
C ALA F 583 2.02 7.40 19.15
N LYS F 584 1.18 8.44 19.21
CA LYS F 584 0.97 9.14 20.47
C LYS F 584 0.35 8.22 21.51
N CYS F 585 -0.66 7.43 21.11
CA CYS F 585 -1.25 6.49 22.04
C CYS F 585 -0.21 5.49 22.55
N GLN F 586 0.62 4.98 21.64
CA GLN F 586 1.64 4.02 22.04
C GLN F 586 2.63 4.62 23.02
N ALA F 587 3.07 5.86 22.77
CA ALA F 587 4.03 6.49 23.66
C ALA F 587 3.43 6.70 25.05
N MET F 588 2.19 7.20 25.12
CA MET F 588 1.56 7.42 26.41
C MET F 588 1.38 6.10 27.16
N LYS F 589 0.93 5.06 26.44
CA LYS F 589 0.75 3.76 27.08
C LYS F 589 2.07 3.22 27.60
N LYS F 590 3.16 3.40 26.84
CA LYS F 590 4.46 2.94 27.31
C LYS F 590 4.88 3.67 28.57
N ILE F 591 4.67 4.98 28.63
CA ILE F 591 5.06 5.74 29.81
C ILE F 591 4.28 5.22 31.03
N PHE F 592 2.96 5.04 30.87
CA PHE F 592 2.17 4.57 32.01
C PHE F 592 2.57 3.15 32.41
N ASP F 593 2.83 2.28 31.43
CA ASP F 593 3.24 0.92 31.74
C ASP F 593 4.53 0.90 32.55
N ASP F 594 5.49 1.76 32.17
CA ASP F 594 6.69 1.91 32.98
C ASP F 594 6.35 2.41 34.37
N ALA F 595 5.41 3.35 34.48
CA ALA F 595 5.03 3.88 35.78
C ALA F 595 4.34 2.86 36.66
N TYR F 596 3.85 1.76 36.11
CA TYR F 596 3.16 0.73 36.89
C TYR F 596 4.11 -0.23 37.60
N LYS F 597 5.42 -0.04 37.49
CA LYS F 597 6.36 -1.00 38.08
C LYS F 597 6.82 -0.61 39.48
N SER F 598 7.03 0.67 39.74
CA SER F 598 7.57 1.09 41.02
C SER F 598 6.48 1.04 42.10
N GLN F 599 6.93 1.08 43.36
CA GLN F 599 5.99 1.02 44.48
C GLN F 599 5.05 2.22 44.49
N LEU F 600 5.57 3.41 44.22
CA LEU F 600 4.75 4.61 44.15
C LEU F 600 5.40 5.58 43.16
N SER F 601 4.58 6.30 42.40
CA SER F 601 5.08 7.09 41.30
C SER F 601 4.16 8.27 41.03
N CYS F 602 4.69 9.27 40.33
CA CYS F 602 3.96 10.46 39.93
C CYS F 602 4.20 10.73 38.46
N VAL F 603 3.17 11.19 37.77
CA VAL F 603 3.23 11.48 36.34
C VAL F 603 2.61 12.84 36.09
N VAL F 604 3.15 13.55 35.09
CA VAL F 604 2.70 14.89 34.73
C VAL F 604 2.38 14.92 33.25
N VAL F 605 1.22 15.49 32.91
CA VAL F 605 0.82 15.70 31.52
C VAL F 605 0.45 17.17 31.37
N ASP F 606 1.19 17.88 30.51
CA ASP F 606 1.01 19.31 30.33
C ASP F 606 0.55 19.62 28.91
N ASP F 607 -0.23 20.69 28.77
CA ASP F 607 -0.81 21.08 27.50
C ASP F 607 -1.66 19.94 26.92
N ILE F 608 -2.74 19.63 27.64
CA ILE F 608 -3.63 18.56 27.21
C ILE F 608 -4.24 18.90 25.85
N GLU F 609 -4.57 20.18 25.62
CA GLU F 609 -5.18 20.56 24.36
C GLU F 609 -4.23 20.41 23.18
N ARG F 610 -2.92 20.35 23.41
CA ARG F 610 -1.98 20.03 22.35
C ARG F 610 -1.78 18.52 22.19
N LEU F 611 -1.98 17.77 23.26
CA LEU F 611 -1.87 16.32 23.17
C LEU F 611 -2.91 15.75 22.20
N LEU F 612 -4.14 16.25 22.27
CA LEU F 612 -5.20 15.93 21.33
C LEU F 612 -5.43 17.20 20.52
N ASP F 613 -4.91 17.22 19.28
CA ASP F 613 -4.92 18.43 18.47
C ASP F 613 -6.30 19.07 18.45
N TYR F 614 -6.39 20.28 18.98
CA TYR F 614 -7.66 21.00 19.05
C TYR F 614 -7.56 22.30 18.26
N VAL F 615 -8.61 22.59 17.49
CA VAL F 615 -8.70 23.83 16.72
C VAL F 615 -10.11 24.38 16.87
N PRO F 616 -10.28 25.67 17.15
CA PRO F 616 -11.65 26.20 17.34
C PRO F 616 -12.54 26.02 16.13
N ILE F 617 -11.98 25.95 14.93
CA ILE F 617 -12.78 25.79 13.72
C ILE F 617 -13.22 24.34 13.61
N GLY F 618 -14.50 24.14 13.27
CA GLY F 618 -15.14 22.86 13.30
C GLY F 618 -15.94 22.56 14.55
N PRO F 619 -15.31 22.27 15.70
CA PRO F 619 -13.88 22.04 15.98
C PRO F 619 -13.40 20.67 15.51
N ARG F 620 -12.09 20.43 15.54
N ARG F 620 -12.09 20.44 15.51
CA ARG F 620 -11.50 19.16 15.13
CA ARG F 620 -11.53 19.15 15.13
C ARG F 620 -10.57 18.67 16.22
C ARG F 620 -10.60 18.67 16.25
N PHE F 621 -10.59 17.36 16.47
CA PHE F 621 -9.73 16.77 17.48
C PHE F 621 -9.56 15.29 17.21
N SER F 622 -8.72 14.65 18.01
CA SER F 622 -8.43 13.23 17.91
C SER F 622 -9.26 12.47 18.91
N ASN F 623 -10.12 11.57 18.41
CA ASN F 623 -10.98 10.79 19.30
C ASN F 623 -10.20 9.66 19.97
N LEU F 624 -9.24 9.06 19.26
CA LEU F 624 -8.50 7.94 19.81
C LEU F 624 -7.73 8.35 21.07
N VAL F 625 -7.02 9.48 20.99
CA VAL F 625 -6.23 9.93 22.13
C VAL F 625 -7.13 10.32 23.30
N LEU F 626 -8.25 10.97 23.00
CA LEU F 626 -9.19 11.35 24.06
C LEU F 626 -9.72 10.12 24.78
N GLN F 627 -10.10 9.09 24.03
CA GLN F 627 -10.63 7.88 24.65
C GLN F 627 -9.55 7.17 25.46
N ALA F 628 -8.32 7.11 24.94
CA ALA F 628 -7.23 6.48 25.69
C ALA F 628 -6.99 7.22 27.00
N LEU F 629 -6.99 8.56 26.97
CA LEU F 629 -6.79 9.33 28.18
C LEU F 629 -7.92 9.09 29.18
N LEU F 630 -9.17 9.08 28.69
CA LEU F 630 -10.30 8.86 29.58
C LEU F 630 -10.22 7.49 30.24
N VAL F 631 -9.78 6.47 29.49
CA VAL F 631 -9.67 5.13 30.06
C VAL F 631 -8.53 5.06 31.06
N LEU F 632 -7.39 5.70 30.77
CA LEU F 632 -6.23 5.62 31.63
C LEU F 632 -6.39 6.45 32.90
N LEU F 633 -7.22 7.49 32.88
CA LEU F 633 -7.34 8.35 34.05
C LEU F 633 -8.04 7.68 35.23
N LYS F 634 -8.67 6.53 35.04
CA LYS F 634 -9.40 5.86 36.11
C LYS F 634 -9.12 4.37 36.11
N LYS F 635 -7.85 4.00 35.98
CA LYS F 635 -7.43 2.60 36.02
C LYS F 635 -6.43 2.45 37.16
N ALA F 636 -6.78 1.64 38.15
CA ALA F 636 -5.93 1.48 39.31
C ALA F 636 -4.71 0.62 38.98
N PRO F 637 -3.57 0.89 39.60
CA PRO F 637 -2.38 0.07 39.34
C PRO F 637 -2.51 -1.29 39.98
N PRO F 638 -1.52 -2.17 39.83
CA PRO F 638 -1.60 -3.49 40.46
C PRO F 638 -1.78 -3.37 41.96
N GLN F 639 -2.20 -4.48 42.57
CA GLN F 639 -2.53 -4.49 43.98
C GLN F 639 -1.35 -4.04 44.82
N GLY F 640 -1.61 -3.12 45.76
CA GLY F 640 -0.60 -2.66 46.70
C GLY F 640 0.17 -1.44 46.27
N ARG F 641 0.12 -1.06 44.99
CA ARG F 641 0.89 0.06 44.49
C ARG F 641 0.06 1.35 44.55
N LYS F 642 0.70 2.46 44.21
CA LYS F 642 0.07 3.77 44.28
C LYS F 642 0.57 4.62 43.12
N LEU F 643 -0.21 5.64 42.77
CA LEU F 643 0.10 6.49 41.63
C LEU F 643 -0.53 7.86 41.82
N LEU F 644 0.13 8.88 41.27
CA LEU F 644 -0.40 10.24 41.26
C LEU F 644 -0.26 10.81 39.87
N ILE F 645 -1.25 11.60 39.45
CA ILE F 645 -1.28 12.21 38.12
C ILE F 645 -1.60 13.69 38.27
N ILE F 646 -0.84 14.53 37.57
CA ILE F 646 -1.07 15.97 37.55
C ILE F 646 -1.19 16.40 36.10
N GLY F 647 -2.30 17.07 35.77
CA GLY F 647 -2.54 17.55 34.42
C GLY F 647 -2.67 19.06 34.40
N THR F 648 -2.22 19.66 33.30
CA THR F 648 -2.26 21.11 33.14
C THR F 648 -2.91 21.48 31.81
N THR F 649 -3.74 22.52 31.85
CA THR F 649 -4.42 23.02 30.66
C THR F 649 -4.81 24.47 30.90
N SER F 650 -5.36 25.11 29.87
CA SER F 650 -5.80 26.50 29.97
C SER F 650 -7.14 26.75 29.29
N ARG F 651 -7.89 25.72 28.96
CA ARG F 651 -9.16 25.83 28.24
C ARG F 651 -10.22 24.96 28.90
N LYS F 652 -10.36 25.12 30.21
CA LYS F 652 -11.25 24.31 31.03
C LYS F 652 -12.60 24.04 30.39
N ASP F 653 -13.18 25.04 29.72
CA ASP F 653 -14.52 24.88 29.18
C ASP F 653 -14.56 23.79 28.12
N VAL F 654 -13.54 23.71 27.28
CA VAL F 654 -13.50 22.65 26.26
C VAL F 654 -13.52 21.28 26.93
N LEU F 655 -12.66 21.08 27.93
CA LEU F 655 -12.65 19.81 28.64
C LEU F 655 -14.00 19.54 29.29
N GLN F 656 -14.68 20.58 29.77
CA GLN F 656 -16.01 20.40 30.32
C GLN F 656 -16.98 19.88 29.27
N GLU F 657 -16.89 20.40 28.05
CA GLU F 657 -17.81 19.97 27.00
C GLU F 657 -17.61 18.52 26.58
N MET F 658 -16.42 17.96 26.80
CA MET F 658 -16.13 16.58 26.43
C MET F 658 -16.43 15.60 27.55
N GLU F 659 -17.03 16.06 28.65
CA GLU F 659 -17.29 15.21 29.81
C GLU F 659 -15.99 14.66 30.39
N MET F 660 -14.93 15.47 30.31
CA MET F 660 -13.61 15.06 30.77
C MET F 660 -13.33 15.47 32.22
N LEU F 661 -14.19 16.28 32.83
CA LEU F 661 -14.01 16.68 34.22
C LEU F 661 -14.71 15.74 35.19
N ASN F 662 -15.35 14.68 34.70
CA ASN F 662 -15.84 13.62 35.56
C ASN F 662 -14.75 12.66 35.99
N ALA F 663 -13.59 12.70 35.35
CA ALA F 663 -12.47 11.82 35.69
C ALA F 663 -11.56 12.43 36.74
N PHE F 664 -11.20 13.70 36.58
CA PHE F 664 -10.31 14.35 37.53
C PHE F 664 -10.98 14.49 38.88
N SER F 665 -10.21 14.26 39.95
CA SER F 665 -10.76 14.30 41.29
C SER F 665 -11.04 15.73 41.74
N THR F 666 -10.11 16.65 41.48
CA THR F 666 -10.26 18.03 41.93
C THR F 666 -9.61 18.95 40.90
N THR F 667 -9.55 20.24 41.24
CA THR F 667 -8.99 21.25 40.35
C THR F 667 -8.36 22.35 41.20
N ILE F 668 -7.41 23.06 40.59
CA ILE F 668 -6.73 24.19 41.23
C ILE F 668 -6.68 25.33 40.23
N HIS F 669 -6.60 26.55 40.75
CA HIS F 669 -6.62 27.77 39.94
C HIS F 669 -5.28 28.49 40.06
N VAL F 670 -4.77 28.95 38.93
CA VAL F 670 -3.53 29.71 38.85
C VAL F 670 -3.85 31.11 38.33
N PRO F 671 -3.95 32.11 39.20
CA PRO F 671 -4.40 33.43 38.77
C PRO F 671 -3.29 34.31 38.23
N ASN F 672 -3.72 35.33 37.48
CA ASN F 672 -2.81 36.32 36.92
C ASN F 672 -2.51 37.41 37.94
N ILE F 673 -1.52 38.24 37.62
CA ILE F 673 -1.25 39.43 38.43
C ILE F 673 -2.36 40.44 38.20
N ALA F 674 -2.95 40.95 39.28
CA ALA F 674 -4.12 41.80 39.16
C ALA F 674 -4.10 43.01 40.10
N THR F 675 -2.93 43.46 40.53
CA THR F 675 -2.85 44.63 41.39
C THR F 675 -1.50 45.30 41.22
N GLY F 676 -1.47 46.60 41.52
CA GLY F 676 -0.23 47.35 41.39
C GLY F 676 0.83 46.92 42.40
N GLU F 677 0.41 46.63 43.63
CA GLU F 677 1.37 46.23 44.65
C GLU F 677 2.08 44.94 44.28
N GLN F 678 1.35 43.95 43.78
CA GLN F 678 1.97 42.69 43.38
C GLN F 678 2.94 42.90 42.23
N LEU F 679 2.56 43.74 41.26
CA LEU F 679 3.47 44.03 40.14
C LEU F 679 4.74 44.70 40.64
N LEU F 680 4.61 45.65 41.55
CA LEU F 680 5.78 46.32 42.11
C LEU F 680 6.68 45.35 42.85
N GLU F 681 6.08 44.45 43.64
CA GLU F 681 6.87 43.46 44.37
C GLU F 681 7.61 42.54 43.42
N ALA F 682 6.92 42.06 42.37
CA ALA F 682 7.58 41.20 41.40
C ALA F 682 8.72 41.92 40.69
N LEU F 683 8.49 43.18 40.31
CA LEU F 683 9.54 43.95 39.66
C LEU F 683 10.75 44.12 40.58
N GLU F 684 10.50 44.40 41.87
CA GLU F 684 11.60 44.53 42.81
C GLU F 684 12.37 43.22 42.94
N LEU F 685 11.66 42.10 43.05
CA LEU F 685 12.33 40.82 43.20
C LEU F 685 13.13 40.45 41.95
N LEU F 686 12.67 40.86 40.77
CA LEU F 686 13.46 40.64 39.56
C LEU F 686 14.62 41.60 39.48
N GLY F 687 14.48 42.81 40.03
CA GLY F 687 15.53 43.81 39.98
C GLY F 687 15.28 44.86 38.93
N ASN F 688 16.24 45.05 38.03
CA ASN F 688 16.08 45.98 36.92
C ASN F 688 15.77 47.39 37.43
N PHE F 689 14.57 47.90 37.14
CA PHE F 689 14.23 49.26 37.53
C PHE F 689 14.24 49.41 39.04
N LYS F 690 14.68 50.57 39.52
CA LYS F 690 14.81 50.82 40.94
C LYS F 690 14.88 52.32 41.17
N ASP F 691 14.94 52.71 42.45
CA ASP F 691 15.10 54.10 42.90
C ASP F 691 14.11 54.98 42.15
N LYS F 692 14.54 56.08 41.52
CA LYS F 692 13.60 57.02 40.92
C LYS F 692 12.73 56.36 39.86
N GLU F 693 13.29 55.43 39.09
CA GLU F 693 12.50 54.76 38.07
C GLU F 693 11.35 53.98 38.70
N ARG F 694 11.64 53.25 39.78
CA ARG F 694 10.57 52.53 40.48
C ARG F 694 9.58 53.50 41.09
N THR F 695 10.06 54.64 41.58
CA THR F 695 9.14 55.64 42.14
C THR F 695 8.16 56.13 41.08
N THR F 696 8.67 56.44 39.89
CA THR F 696 7.81 56.90 38.81
C THR F 696 6.83 55.80 38.38
N ILE F 697 7.31 54.56 38.29
CA ILE F 697 6.44 53.46 37.92
C ILE F 697 5.32 53.31 38.94
N ALA F 698 5.66 53.37 40.23
CA ALA F 698 4.64 53.27 41.27
C ALA F 698 3.64 54.41 41.18
N GLN F 699 4.14 55.63 40.94
CA GLN F 699 3.24 56.77 40.81
C GLN F 699 2.25 56.56 39.67
N GLN F 700 2.75 56.08 38.53
CA GLN F 700 1.87 55.91 37.37
C GLN F 700 0.88 54.78 37.59
N VAL F 701 1.35 53.60 38.00
CA VAL F 701 0.48 52.43 38.08
C VAL F 701 -0.51 52.57 39.23
N LYS F 702 -0.07 53.10 40.37
CA LYS F 702 -0.93 53.14 41.56
C LYS F 702 -2.23 53.87 41.25
N GLY F 703 -3.33 53.28 41.71
CA GLY F 703 -4.64 53.81 41.37
C GLY F 703 -5.17 53.35 40.03
N LYS F 704 -4.67 52.24 39.51
CA LYS F 704 -5.08 51.71 38.22
C LYS F 704 -5.31 50.20 38.34
N LYS F 705 -5.58 49.57 37.21
CA LYS F 705 -5.85 48.14 37.15
C LYS F 705 -4.87 47.48 36.17
N VAL F 706 -4.42 46.28 36.52
CA VAL F 706 -3.47 45.54 35.70
C VAL F 706 -3.96 44.10 35.55
N TRP F 707 -3.54 43.46 34.45
CA TRP F 707 -3.89 42.08 34.18
C TRP F 707 -2.83 41.53 33.23
N ILE F 708 -1.86 40.79 33.78
CA ILE F 708 -0.72 40.31 32.99
C ILE F 708 -0.16 39.06 33.64
N GLY F 709 0.33 38.14 32.81
CA GLY F 709 0.94 36.93 33.29
C GLY F 709 2.43 37.06 33.52
N ILE F 710 2.97 36.17 34.35
CA ILE F 710 4.37 36.27 34.73
C ILE F 710 5.28 36.05 33.53
N LYS F 711 4.97 35.05 32.71
CA LYS F 711 5.84 34.75 31.56
C LYS F 711 5.88 35.92 30.58
N LYS F 712 4.79 36.68 30.47
CA LYS F 712 4.78 37.84 29.59
C LYS F 712 5.54 39.01 30.21
N LEU F 713 5.44 39.19 31.53
CA LEU F 713 6.12 40.28 32.20
C LEU F 713 7.64 40.18 32.07
N LEU F 714 8.17 38.99 31.80
CA LEU F 714 9.60 38.79 31.66
C LEU F 714 10.13 39.11 30.27
N MET F 715 9.26 39.50 29.34
CA MET F 715 9.65 39.84 27.99
C MET F 715 9.56 41.33 27.70
N LEU F 716 8.49 41.99 28.17
CA LEU F 716 8.42 43.44 28.05
C LEU F 716 9.59 44.11 28.74
N ILE F 717 10.04 43.53 29.86
CA ILE F 717 11.17 44.10 30.58
C ILE F 717 12.41 44.09 29.69
N GLU F 718 12.69 42.95 29.04
CA GLU F 718 13.84 42.89 28.15
C GLU F 718 13.69 43.85 26.98
N MET F 719 12.49 43.92 26.42
CA MET F 719 12.26 44.79 25.26
C MET F 719 12.53 46.25 25.62
N SER F 720 12.04 46.69 26.78
CA SER F 720 12.32 48.06 27.22
C SER F 720 13.79 48.25 27.55
N LEU F 721 14.43 47.23 28.12
CA LEU F 721 15.85 47.31 28.45
C LEU F 721 16.72 47.36 27.20
N GLN F 722 16.20 46.99 26.05
CA GLN F 722 16.99 47.04 24.82
C GLN F 722 17.12 48.44 24.24
N MET F 723 16.44 49.43 24.81
CA MET F 723 16.51 50.80 24.30
C MET F 723 17.70 51.55 24.91
N ASP F 724 17.82 52.82 24.54
CA ASP F 724 18.84 53.67 25.10
C ASP F 724 18.54 53.98 26.57
N PRO F 725 19.56 54.29 27.37
CA PRO F 725 19.31 54.48 28.82
C PRO F 725 18.28 55.56 29.12
N GLU F 726 18.27 56.65 28.36
CA GLU F 726 17.38 57.76 28.69
C GLU F 726 15.91 57.36 28.53
N TYR F 727 15.58 56.63 27.48
CA TYR F 727 14.21 56.23 27.19
C TYR F 727 14.08 54.73 27.42
N ARG F 728 13.79 54.36 28.66
CA ARG F 728 13.51 52.98 29.02
C ARG F 728 12.21 52.82 29.79
N VAL F 729 11.91 53.74 30.70
CA VAL F 729 10.66 53.66 31.44
C VAL F 729 9.48 54.01 30.52
N ARG F 730 9.68 54.95 29.59
CA ARG F 730 8.60 55.32 28.69
C ARG F 730 8.14 54.14 27.85
N LYS F 731 9.10 53.37 27.30
CA LYS F 731 8.74 52.21 26.50
C LYS F 731 8.03 51.17 27.35
N PHE F 732 8.51 50.93 28.57
CA PHE F 732 7.86 49.95 29.44
C PHE F 732 6.42 50.35 29.73
N LEU F 733 6.20 51.63 30.05
CA LEU F 733 4.84 52.08 30.34
C LEU F 733 3.96 51.97 29.09
N ALA F 734 4.50 52.33 27.93
CA ALA F 734 3.72 52.21 26.70
C ALA F 734 3.34 50.77 26.43
N LEU F 735 4.28 49.84 26.59
CA LEU F 735 3.98 48.44 26.37
C LEU F 735 2.93 47.93 27.36
N LEU F 736 3.07 48.29 28.63
CA LEU F 736 2.13 47.83 29.64
C LEU F 736 0.72 48.37 29.36
N ARG F 737 0.62 49.63 28.97
CA ARG F 737 -0.69 50.22 28.71
C ARG F 737 -1.30 49.73 27.39
N GLU F 738 -0.46 49.39 26.42
CA GLU F 738 -0.97 48.93 25.12
C GLU F 738 -1.77 47.64 25.28
N GLU F 739 -1.25 46.69 26.05
CA GLU F 739 -1.92 45.41 26.27
C GLU F 739 -1.74 45.01 27.72
N GLY F 740 -2.70 44.23 28.22
CA GLY F 740 -2.72 43.79 29.59
C GLY F 740 -3.64 44.59 30.50
N ALA F 741 -4.24 45.66 30.00
CA ALA F 741 -5.20 46.44 30.75
C ALA F 741 -6.64 45.97 30.54
N SER F 742 -6.83 44.91 29.75
CA SER F 742 -8.17 44.40 29.46
C SER F 742 -8.44 43.20 30.35
N PRO F 743 -9.40 43.29 31.30
CA PRO F 743 -9.69 42.12 32.15
C PRO F 743 -10.19 40.91 31.36
N UNK G 1 5.67 -8.67 -2.49
CA UNK G 1 6.10 -9.93 -1.92
C UNK G 1 6.58 -10.90 -3.00
N UNK G 2 6.96 -10.35 -4.15
CA UNK G 2 7.47 -11.18 -5.24
C UNK G 2 8.74 -11.90 -4.82
N UNK G 3 9.68 -11.17 -4.24
CA UNK G 3 10.92 -11.74 -3.69
C UNK G 3 11.67 -12.56 -4.74
N UNK G 4 12.09 -11.86 -5.80
CA UNK G 4 12.96 -12.47 -6.79
C UNK G 4 14.38 -12.55 -6.25
N UNK G 5 15.19 -13.40 -6.89
CA UNK G 5 16.55 -13.63 -6.40
C UNK G 5 17.46 -14.01 -7.56
N UNK G 6 18.76 -13.87 -7.33
CA UNK G 6 19.80 -14.28 -8.25
C UNK G 6 20.87 -15.03 -7.46
N UNK G 7 21.74 -15.75 -8.17
CA UNK G 7 22.68 -16.64 -7.54
C UNK G 7 24.08 -16.45 -8.11
N UNK G 8 25.07 -16.86 -7.34
CA UNK G 8 26.47 -16.86 -7.76
C UNK G 8 27.10 -18.18 -7.34
N UNK G 9 28.13 -18.61 -8.08
CA UNK G 9 28.76 -19.90 -7.88
C UNK G 9 30.24 -19.75 -7.62
N UNK G 10 30.78 -20.64 -6.79
CA UNK G 10 32.20 -20.66 -6.43
C UNK G 10 32.77 -22.02 -6.79
N UNK G 11 33.87 -22.02 -7.55
CA UNK G 11 34.49 -23.25 -7.99
C UNK G 11 35.27 -23.90 -6.84
N UNK G 12 35.61 -25.17 -7.04
CA UNK G 12 36.37 -25.95 -6.07
C UNK G 12 37.64 -26.44 -6.74
N UNK G 13 38.78 -26.21 -6.09
CA UNK G 13 40.06 -26.60 -6.64
C UNK G 13 40.24 -28.11 -6.58
N UNK G 14 41.21 -28.61 -7.35
CA UNK G 14 41.51 -30.04 -7.40
C UNK G 14 42.79 -30.33 -6.63
PB ADP H . -4.86 -31.17 21.41
O1B ADP H . -4.37 -31.71 20.11
O2B ADP H . -4.00 -30.09 21.93
O3B ADP H . -6.30 -30.80 21.35
PA ADP H . -3.42 -33.25 22.72
O1A ADP H . -3.78 -34.67 22.49
O2A ADP H . -2.31 -32.67 21.93
O3A ADP H . -4.72 -32.36 22.47
O5' ADP H . -3.12 -33.06 24.28
C5' ADP H . -2.16 -34.00 24.81
C4' ADP H . -2.11 -33.87 26.32
O4' ADP H . -3.46 -33.87 26.84
C3' ADP H . -1.44 -35.04 27.04
O3' ADP H . -1.04 -34.67 28.36
C2' ADP H . -2.59 -36.02 27.14
O2' ADP H . -2.35 -37.01 28.12
C1' ADP H . -3.72 -35.07 27.53
N9 ADP H . -5.04 -35.53 27.16
C8 ADP H . -5.91 -34.88 26.32
N7 ADP H . -7.04 -35.51 26.15
C5 ADP H . -6.93 -36.64 26.94
C6 ADP H . -7.80 -37.70 27.19
N6 ADP H . -9.01 -37.79 26.65
N1 ADP H . -7.38 -38.67 28.03
C2 ADP H . -6.16 -38.57 28.56
N3 ADP H . -5.25 -37.62 28.40
C4 ADP H . -5.69 -36.67 27.57
H5'1 ADP H . -1.26 -33.81 24.44
H5'2 ADP H . -2.42 -34.92 24.56
H4' ADP H . -1.66 -33.03 26.54
H3' ADP H . -0.69 -35.42 26.53
HO3' ADP H . -0.73 -35.35 28.75
H2' ADP H . -2.78 -36.45 26.26
HO2' ADP H . -1.62 -37.40 27.93
H1' ADP H . -3.68 -34.91 28.50
H8 ADP H . -5.71 -34.07 25.89
HN61 ADP H . -9.27 -37.19 26.06
HN62 ADP H . -9.54 -38.45 26.88
H2 ADP H . -5.91 -39.27 29.14
PG ATP I . -18.26 4.99 36.88
O1G ATP I . -19.22 6.07 36.51
O2G ATP I . -18.19 3.86 35.87
O3G ATP I . -16.84 5.50 37.16
PB ATP I . -19.50 3.03 38.75
O1B ATP I . -20.95 3.30 38.87
O2B ATP I . -19.11 1.86 37.83
O3B ATP I . -18.70 4.30 38.25
PA ATP I . -18.14 1.53 40.90
O1A ATP I . -16.88 1.14 40.24
O2A ATP I . -19.19 0.42 40.99
O3A ATP I . -18.84 2.75 40.16
O5' ATP I . -17.87 2.09 42.35
C5' ATP I . -18.56 1.53 43.50
C4' ATP I . -17.59 1.49 44.65
O4' ATP I . -18.37 1.56 45.86
C3' ATP I . -16.89 0.13 44.71
O3' ATP I . -15.75 0.32 45.54
C2' ATP I . -17.88 -0.69 45.55
O2' ATP I . -17.09 -1.63 46.25
C1' ATP I . -18.24 0.35 46.60
N9 ATP I . -19.53 0.09 47.22
C8 ATP I . -19.80 0.01 48.56
N7 ATP I . -21.05 -0.24 48.84
C5 ATP I . -21.66 -0.33 47.59
C6 ATP I . -22.98 -0.58 47.20
N6 ATP I . -23.98 -0.80 48.05
N1 ATP I . -23.25 -0.60 45.88
C2 ATP I . -22.26 -0.39 45.01
N3 ATP I . -20.96 -0.14 45.27
C4 ATP I . -20.73 -0.12 46.59
H5'1 ATP I . -18.87 0.65 43.31
H5'2 ATP I . -19.30 2.11 43.74
H4' ATP I . -16.94 2.21 44.60
H3' ATP I . -16.70 -0.26 43.85
HO3' ATP I . -15.13 -0.16 45.20
H2' ATP I . -18.62 -1.07 45.06
HO2' ATP I . -16.35 -1.25 46.43
H1' ATP I . -17.54 0.42 47.27
H8 ATP I . -19.14 0.12 49.20
HN61 ATP I . -23.83 -0.79 48.90
HN62 ATP I . -24.78 -0.94 47.75
H2 ATP I . -22.49 -0.41 44.11
MG MG J . -18.66 1.48 35.46
PG ATP K . -37.59 -8.80 14.54
O1G ATP K . -36.65 -9.01 13.41
O2G ATP K . -36.93 -8.88 15.91
O3G ATP K . -38.40 -7.50 14.45
PB ATP K . -39.36 -11.01 13.59
O1B ATP K . -40.60 -10.51 12.99
O2B ATP K . -38.27 -11.45 12.61
O3B ATP K . -38.70 -9.94 14.56
PA ATP K . -39.60 -13.81 14.49
O1A ATP K . -38.21 -14.32 14.45
O2A ATP K . -40.46 -14.20 13.30
O3A ATP K . -39.62 -12.24 14.58
O5' ATP K . -40.32 -14.25 15.82
C5' ATP K . -41.61 -14.92 15.78
C4' ATP K . -41.58 -16.06 16.77
O4' ATP K . -42.96 -16.44 17.00
C3' ATP K . -40.94 -17.30 16.13
O3' ATP K . -40.60 -18.15 17.21
C2' ATP K . -42.13 -17.96 15.44
O2' ATP K . -41.87 -19.34 15.45
C1' ATP K . -43.19 -17.75 16.51
N9 ATP K . -44.54 -17.78 15.98
C8 ATP K . -45.58 -18.55 16.41
N7 ATP K . -46.70 -18.36 15.74
C5 ATP K . -46.36 -17.41 14.79
C6 ATP K . -47.10 -16.78 13.77
N6 ATP K . -48.39 -17.03 13.52
N1 ATP K . -46.46 -15.87 13.01
C2 ATP K . -45.18 -15.61 13.25
N3 ATP K . -44.38 -16.14 14.19
C4 ATP K . -45.04 -17.03 14.93
H5'1 ATP K . -41.78 -15.26 14.90
H5'2 ATP K . -42.30 -14.30 16.04
H4' ATP K . -41.13 -15.82 17.58
H3' ATP K . -40.20 -17.10 15.53
HO3' ATP K . -40.22 -18.83 16.87
H2' ATP K . -42.35 -17.59 14.57
HO2' ATP K . -42.57 -19.73 15.16
H1' ATP K . -43.09 -18.41 17.22
H8 ATP K . -45.51 -19.14 17.12
HN61 ATP K . -48.75 -17.75 13.82
HN62 ATP K . -48.86 -16.48 13.07
H2 ATP K . -44.78 -14.98 12.70
PB ADP L . -14.57 -32.08 -12.36
O1B ADP L . -13.68 -32.25 -13.56
O2B ADP L . -13.84 -31.93 -11.06
O3B ADP L . -15.68 -31.07 -12.56
PA ADP L . -14.49 -34.84 -12.00
O1A ADP L . -14.05 -35.36 -13.35
O2A ADP L . -13.48 -34.57 -10.92
O3A ADP L . -15.33 -33.49 -12.23
O5' ADP L . -15.58 -35.86 -11.42
C5' ADP L . -15.21 -36.78 -10.38
C4' ADP L . -16.20 -37.93 -10.31
O4' ADP L . -17.50 -37.50 -10.77
C3' ADP L . -15.79 -39.10 -11.20
O3' ADP L . -15.29 -40.17 -10.39
C2' ADP L . -17.04 -39.51 -11.94
O2' ADP L . -17.42 -40.85 -11.58
C1' ADP L . -18.12 -38.53 -11.54
N9 ADP L . -18.75 -37.93 -12.75
C8 ADP L . -18.78 -36.62 -13.03
N7 ADP L . -19.42 -36.39 -14.20
C5 ADP L . -19.82 -37.57 -14.68
C6 ADP L . -20.55 -38.05 -15.87
N6 ADP L . -20.99 -37.17 -16.81
N1 ADP L . -20.76 -39.38 -16.00
C2 ADP L . -20.32 -40.26 -15.08
N3 ADP L . -19.65 -39.89 -13.97
C4 ADP L . -19.38 -38.59 -13.72
H5'1 ADP L . -15.19 -36.26 -9.43
H5'2 ADP L . -14.21 -37.16 -10.58
H4' ADP L . -16.27 -38.27 -9.28
H3' ADP L . -15.03 -38.75 -11.92
HO3' ADP L . -14.89 -40.84 -10.97
H2' ADP L . -16.85 -39.44 -13.02
HO2' ADP L . -16.79 -41.48 -11.94
H1' ADP L . -18.88 -39.05 -10.94
H8 ADP L . -18.34 -35.84 -12.41
HN61 ADP L . -20.82 -36.18 -16.68
HN62 ADP L . -21.49 -37.51 -17.62
H2 ADP L . -20.51 -41.31 -15.24
MG MG M . -36.20 -10.94 11.29
P PO4 N . -0.85 -12.12 -30.38
O1 PO4 N . 0.28 -12.38 -31.37
O2 PO4 N . -0.37 -11.16 -29.32
O3 PO4 N . -2.04 -11.51 -31.11
O4 PO4 N . -1.27 -13.43 -29.75
PG ATP O . -36.45 1.30 -15.74
O1G ATP O . -35.00 1.21 -16.06
O2G ATP O . -36.93 0.22 -14.77
O3G ATP O . -36.89 2.66 -15.22
PB ATP O . -37.22 1.26 -18.62
O1B ATP O . -37.93 2.46 -19.08
O2B ATP O . -35.73 1.18 -18.97
O3B ATP O . -37.33 1.07 -17.05
PA ATP O . -37.64 -1.11 -20.34
O1A ATP O . -36.50 -2.00 -20.05
O2A ATP O . -37.49 -0.30 -21.62
O3A ATP O . -37.89 -0.08 -19.16
O5' ATP O . -39.00 -1.91 -20.41
C5' ATP O . -39.84 -1.85 -21.58
C4' ATP O . -40.43 -3.23 -21.80
O4' ATP O . -41.64 -3.04 -22.57
C3' ATP O . -39.53 -4.06 -22.70
O3' ATP O . -39.94 -5.41 -22.52
C2' ATP O . -40.02 -3.67 -24.10
O2' ATP O . -39.81 -4.81 -24.91
C1' ATP O . -41.51 -3.65 -23.83
N9 ATP O . -42.22 -2.80 -24.78
C8 ATP O . -43.32 -3.14 -25.53
N7 ATP O . -43.77 -2.19 -26.31
C5 ATP O . -42.90 -1.14 -26.06
C6 ATP O . -42.83 0.18 -26.56
N6 ATP O . -43.68 0.67 -27.48
N1 ATP O . -41.84 0.97 -26.11
C2 ATP O . -41.00 0.48 -25.20
N3 ATP O . -40.96 -0.73 -24.65
C4 ATP O . -41.95 -1.50 -25.12
H5'1 ATP O . -39.32 -1.60 -22.35
H5'2 ATP O . -40.55 -1.21 -21.44
H4' ATP O . -40.60 -3.67 -20.95
H3' ATP O . -38.58 -3.92 -22.55
HO3' ATP O . -39.90 -5.78 -23.28
H2' ATP O . -39.64 -2.85 -24.44
HO2' ATP O . -40.18 -4.64 -25.65
H1' ATP O . -41.88 -4.55 -23.84
H8 ATP O . -43.72 -3.99 -25.48
HN61 ATP O . -44.31 0.18 -27.78
HN62 ATP O . -43.59 1.48 -27.75
H2 ATP O . -40.33 1.08 -24.91
PB ADP P . -0.57 -11.52 -35.03
O1B ADP P . 0.88 -11.91 -35.22
O2B ADP P . -1.15 -11.91 -33.69
O3B ADP P . -0.89 -10.12 -35.47
PA ADP P . -0.62 -13.67 -36.81
O1A ADP P . 0.07 -13.12 -38.03
O2A ADP P . 0.17 -14.46 -35.80
O3A ADP P . -1.35 -12.44 -36.08
O5' ADP P . -1.83 -14.58 -37.32
C5' ADP P . -2.61 -14.14 -38.42
C4' ADP P . -3.28 -15.30 -39.14
O4' ADP P . -4.31 -14.77 -39.96
C3' ADP P . -2.31 -16.03 -40.05
O3' ADP P . -2.43 -17.44 -39.87
C2' ADP P . -2.68 -15.63 -41.46
O2' ADP P . -2.85 -16.78 -42.30
C1' ADP P . -3.97 -14.85 -41.34
N9 ADP P . -3.78 -13.47 -41.85
C8 ADP P . -3.72 -12.37 -41.07
N7 ADP P . -3.54 -11.25 -41.82
C5 ADP P . -3.49 -11.63 -43.11
C6 ADP P . -3.33 -10.96 -44.41
N6 ADP P . -3.18 -9.62 -44.47
N1 ADP P . -3.34 -11.72 -45.52
C2 ADP P . -3.49 -13.06 -45.47
N3 ADP P . -3.65 -13.74 -44.31
C4 ADP P . -3.66 -13.09 -43.12
H5'1 ADP P . -1.98 -13.59 -39.12
H5'2 ADP P . -3.38 -13.45 -38.06
H4' ADP P . -3.69 -16.01 -38.41
H3' ADP P . -1.28 -15.71 -39.83
HO3' ADP P . -1.74 -17.91 -40.36
H2' ADP P . -1.89 -14.97 -41.86
HO2' ADP P . -1.99 -17.19 -42.46
H1' ADP P . -4.77 -15.36 -41.91
H8 ADP P . -3.79 -12.37 -39.99
HN61 ADP P . -3.17 -9.07 -43.61
HN62 ADP P . -3.06 -9.16 -45.36
H2 ADP P . -3.50 -13.62 -46.39
MG MG Q . 2.41 -13.03 -33.23
MG MG R . -33.12 2.07 -18.15
PG ATP S . -16.45 24.67 -24.23
O1G ATP S . -15.15 24.42 -23.53
O2G ATP S . -17.09 23.41 -24.80
O3G ATP S . -17.47 25.42 -23.39
PB ATP S . -15.12 26.59 -26.09
O1B ATP S . -15.42 28.00 -25.79
O2B ATP S . -13.76 26.08 -25.63
O3B ATP S . -16.21 25.61 -25.50
PA ATP S . -14.23 26.02 -28.85
O1A ATP S . -13.49 24.75 -28.69
O2A ATP S . -13.33 27.26 -28.95
O3A ATP S . -15.22 26.28 -27.65
O5' ATP S . -15.17 25.99 -30.11
C5' ATP S . -15.13 27.01 -31.12
C4' ATP S . -15.30 26.35 -32.46
O4' ATP S . -15.70 27.39 -33.39
C3' ATP S . -13.96 25.86 -33.01
O3' ATP S . -14.28 24.92 -34.02
C2' ATP S . -13.43 27.09 -33.74
O2' ATP S . -12.65 26.61 -34.82
C1' ATP S . -14.73 27.56 -34.39
N9 ATP S . -14.70 28.98 -34.71
C8 ATP S . -15.07 29.55 -35.90
N7 ATP S . -14.95 30.86 -35.94
C5 ATP S . -14.47 31.17 -34.67
C6 ATP S . -14.14 32.40 -34.07
N6 ATP S . -14.23 33.59 -34.67
N1 ATP S . -13.68 32.37 -32.79
C2 ATP S . -13.58 31.19 -32.18
N3 ATP S . -13.87 29.97 -32.65
C4 ATP S . -14.31 30.03 -33.91
H5'1 ATP S . -14.26 27.46 -31.10
H5'2 ATP S . -15.83 27.66 -30.98
H4' ATP S . -15.95 25.63 -32.41
H3' ATP S . -13.35 25.51 -32.33
HO3' ATP S . -13.55 24.57 -34.27
H2' ATP S . -12.98 27.74 -33.17
HO2' ATP S . -12.03 27.17 -34.95
H1' ATP S . -14.92 27.04 -35.18
H8 ATP S . -15.38 29.06 -36.63
HN61 ATP S . -14.54 33.63 -35.47
HN62 ATP S . -14.00 34.31 -34.27
H2 ATP S . -13.26 31.22 -31.31
PB ADP T . 23.77 9.72 -28.13
O1B ADP T . 24.41 11.08 -27.95
O2B ADP T . 22.33 9.66 -27.69
O3B ADP T . 24.61 8.56 -27.67
PA ADP T . 24.98 9.82 -30.65
O1A ADP T . 25.46 11.21 -30.31
O2A ADP T . 25.94 8.66 -30.55
O3A ADP T . 23.69 9.54 -29.73
O5' ADP T . 24.39 9.85 -32.14
C5' ADP T . 24.20 11.10 -32.77
C4' ADP T . 24.07 10.98 -34.28
O4' ADP T . 23.47 12.17 -34.77
C3' ADP T . 25.41 10.83 -34.96
O3' ADP T . 25.39 9.75 -35.90
C2' ADP T . 25.66 12.15 -35.65
O2' ADP T . 25.91 11.95 -37.05
C1' ADP T . 24.42 13.00 -35.44
N9 ADP T . 24.73 14.16 -34.56
C8 ADP T . 24.22 14.33 -33.33
N7 ADP T . 24.69 15.48 -32.77
C5 ADP T . 25.52 16.05 -33.67
C6 ADP T . 26.34 17.27 -33.71
N6 ADP T . 26.36 18.12 -32.65
N1 ADP T . 27.06 17.50 -34.83
C2 ADP T . 27.04 16.66 -35.87
N3 ADP T . 26.31 15.52 -35.89
C4 ADP T . 25.55 15.17 -34.84
H5'1 ADP T . 25.05 11.76 -32.54
H5'2 ADP T . 23.30 11.56 -32.37
H4' ADP T . 23.44 10.10 -34.52
H3' ADP T . 26.20 10.66 -34.20
HO3' ADP T . 26.29 9.58 -36.22
H2' ADP T . 26.54 12.65 -35.19
HO2' ADP T . 26.77 11.54 -37.18
H1' ADP T . 24.04 13.33 -36.41
H8 ADP T . 23.53 13.67 -32.84
HN61 ADP T . 25.81 17.91 -31.84
HN62 ADP T . 26.92 18.95 -32.69
H2 ADP T . 27.64 16.89 -36.74
MG MG U . -12.56 25.01 -23.90
MG MG V . 25.69 6.81 -26.90
P PO4 W . 21.58 7.27 -25.35
O1 PO4 W . 22.85 7.99 -25.76
O2 PO4 W . 20.59 8.26 -24.78
O3 PO4 W . 20.98 6.59 -26.56
O4 PO4 W . 21.92 6.23 -24.31
PG ATP X . 37.15 9.76 0.32
O1G ATP X . 37.34 8.63 -0.62
O2G ATP X . 35.89 10.49 0.03
O3G ATP X . 37.27 9.33 1.74
PB ATP X . 39.32 11.24 1.27
O1B ATP X . 38.45 11.70 2.35
O2B ATP X . 40.27 10.16 1.54
O3B ATP X . 38.35 10.76 0.10
PA ATP X . 41.70 12.19 0.14
O1A ATP X . 41.80 10.96 -0.66
O2A ATP X . 42.58 12.29 1.33
O3A ATP X . 40.20 12.41 0.63
O5' ATP X . 41.96 13.42 -0.81
C5' ATP X . 41.88 14.73 -0.26
C4' ATP X . 42.45 15.69 -1.28
O4' ATP X . 42.38 17.03 -0.78
C3' ATP X . 43.94 15.51 -1.58
O3' ATP X . 44.29 16.17 -2.79
C2' ATP X . 44.56 16.21 -0.38
O2' ATP X . 45.84 16.68 -0.72
C1' ATP X . 43.59 17.35 -0.12
N9 ATP X . 43.28 17.56 1.27
C8 ATP X . 42.16 17.19 1.96
N7 ATP X . 42.21 17.53 3.22
C5 ATP X . 43.44 18.16 3.36
C6 ATP X . 44.08 18.74 4.46
N6 ATP X . 43.55 18.79 5.68
N1 ATP X . 45.30 19.27 4.26
C2 ATP X . 45.83 19.21 3.03
N3 ATP X . 45.32 18.69 1.93
C4 ATP X . 44.11 18.17 2.17
H5'1 ATP X . 42.39 14.79 0.57
H5'2 ATP X . 40.94 14.98 -0.08
H4' ATP X . 41.93 15.61 -2.11
H3' ATP X . 44.20 14.55 -1.61
HO3' ATP X . 44.02 16.97 -2.77
H2' ATP X . 44.61 15.60 0.40
HO2' ATP X . 45.77 17.25 -1.35
H1' ATP X . 43.96 18.19 -0.50
H8 ATP X . 41.42 16.74 1.58
HN61 ATP X . 42.87 18.28 5.89
HN62 ATP X . 43.87 19.36 6.27
H2 ATP X . 46.69 19.60 2.94
PG ATP Y . 2.76 38.54 -2.43
O1G ATP Y . 2.23 38.24 -3.79
O2G ATP Y . 1.71 39.13 -1.49
O3G ATP Y . 3.43 37.34 -1.76
PB ATP Y . 5.00 40.31 -1.58
O1B ATP Y . 4.42 41.29 -0.65
O2B ATP Y . 5.79 39.17 -0.94
O3B ATP Y . 3.90 39.65 -2.51
PA ATP Y . 7.48 40.84 -3.12
O1A ATP Y . 7.78 39.46 -3.53
O2A ATP Y . 8.35 41.37 -1.98
O3A ATP Y . 5.97 40.99 -2.65
O5' ATP Y . 7.59 41.85 -4.33
C5' ATP Y . 7.90 43.24 -4.12
C4' ATP Y . 9.06 43.62 -4.99
O4' ATP Y . 9.07 45.06 -5.07
C3' ATP Y . 10.38 43.36 -4.27
O3' ATP Y . 10.79 42.07 -4.72
C2' ATP Y . 11.32 44.35 -4.96
O2' ATP Y . 11.60 43.77 -6.23
C1' ATP Y . 10.39 45.52 -5.28
N9 ATP Y . 10.59 46.64 -4.35
C8 ATP Y . 11.05 47.89 -4.67
N7 ATP Y . 11.13 48.69 -3.64
C5 ATP Y . 10.69 47.93 -2.58
C6 ATP Y . 10.53 48.20 -1.21
N6 ATP Y . 10.81 49.38 -0.64
N1 ATP Y . 10.06 47.21 -0.42
C2 ATP Y . 9.78 46.02 -0.96
N3 ATP Y . 9.89 45.65 -2.24
C4 ATP Y . 10.35 46.65 -3.01
H5'1 ATP Y . 8.11 43.40 -3.19
H5'2 ATP Y . 7.12 43.78 -4.37
H4' ATP Y . 9.02 43.19 -5.86
H3' ATP Y . 10.34 43.43 -3.31
HO3' ATP Y . 10.92 42.14 -5.57
H2' ATP Y . 12.11 44.58 -4.45
HO2' ATP Y . 10.91 43.86 -6.71
H1' ATP Y . 10.52 45.82 -6.19
H8 ATP Y . 11.29 48.14 -5.53
HN61 ATP Y . 11.17 50.00 -1.11
HN62 ATP Y . 10.63 49.51 0.19
H2 ATP Y . 9.46 45.38 -0.38
MG MG Z . 39.82 7.70 0.39
MG MG AA . 5.50 36.54 -0.58
PG ATP BA . 1.98 28.40 27.73
O1G ATP BA . 0.57 28.87 27.57
O2G ATP BA . 2.12 26.88 27.77
O3G ATP BA . 2.94 28.97 26.68
PB ATP BA . 2.80 28.37 30.60
O1B ATP BA . 1.66 28.73 31.48
O2B ATP BA . 3.10 26.88 30.50
O3B ATP BA . 2.58 28.90 29.12
PA ATP BA . 5.45 28.74 31.82
O1A ATP BA . 6.41 27.99 30.97
O2A ATP BA . 5.02 28.02 33.09
O3A ATP BA . 4.13 29.11 31.03
O5' ATP BA . 6.03 30.15 32.23
C5' ATP BA . 6.58 30.40 33.53
C4' ATP BA . 7.93 31.04 33.37
O4' ATP BA . 8.05 32.03 34.42
C3' ATP BA . 9.05 30.05 33.68
O3' ATP BA . 10.24 30.64 33.17
C2' ATP BA . 9.15 30.14 35.19
O2' ATP BA . 10.50 29.85 35.51
C1' ATP BA . 9.03 31.64 35.36
N9 ATP BA . 8.51 32.01 36.67
C8 ATP BA . 9.06 32.90 37.56
N7 ATP BA . 8.39 33.04 38.67
C5 ATP BA . 7.31 32.19 38.52
C6 ATP BA . 6.22 31.87 39.34
N6 ATP BA . 6.02 32.40 40.55
N1 ATP BA . 5.33 30.96 38.88
C2 ATP BA . 5.51 30.43 37.68
N3 ATP BA . 6.50 30.64 36.81
C4 ATP BA . 7.38 31.54 37.29
H5'1 ATP BA . 6.68 29.56 34.01
H5'2 ATP BA . 5.99 30.99 34.04
H4' ATP BA . 8.03 31.43 32.49
H3' ATP BA . 8.88 29.14 33.34
HO3' ATP BA . 10.87 30.41 33.69
H2' ATP BA . 8.50 29.60 35.68
HO2' ATP BA . 10.53 29.70 36.35
H1' ATP BA . 9.88 32.08 35.19
H8 ATP BA . 9.85 33.37 37.38
HN61 ATP BA . 6.57 32.98 40.86
HN62 ATP BA . 5.33 32.17 41.01
H2 ATP BA . 4.87 29.81 37.41
PB ADP CA . 27.85 -9.89 26.06
O1B ADP CA . 26.51 -9.21 26.17
O2B ADP CA . 27.87 -11.32 26.54
O3B ADP CA . 28.55 -9.66 24.74
PA ADP CA . 28.30 -8.96 28.64
O1A ADP CA . 27.02 -8.16 28.67
O2A ADP CA . 28.33 -10.34 29.28
O3A ADP CA . 28.77 -9.11 27.11
O5' ADP CA . 29.46 -8.07 29.30
C5' ADP CA . 29.25 -7.49 30.59
C4' ADP CA . 30.52 -6.83 31.12
O4' ADP CA . 30.16 -5.81 32.06
C3' ADP CA . 31.44 -7.82 31.81
O3' ADP CA . 32.72 -7.81 31.19
C2' ADP CA . 31.53 -7.36 33.25
O2' ADP CA . 32.89 -7.21 33.67
C1' ADP CA . 30.81 -6.02 33.31
N9 ADP CA . 29.78 -6.03 34.39
C8 ADP CA . 28.45 -6.05 34.20
N7 ADP CA . 27.79 -6.05 35.39
C5 ADP CA . 28.72 -6.02 36.36
C6 ADP CA . 28.71 -6.00 37.84
N6 ADP CA . 27.55 -6.01 38.53
N1 ADP CA . 29.90 -5.97 38.47
C2 ADP CA . 31.07 -5.96 37.81
N3 ADP CA . 31.15 -5.97 36.46
C4 ADP CA . 30.03 -6.00 35.70
H5'1 ADP CA . 28.92 -8.27 31.29
H5'2 ADP CA . 28.45 -6.75 30.52
H4' ADP CA . 31.05 -6.38 30.27
H3' ADP CA . 31.00 -8.82 31.77
HO3' ADP CA . 33.27 -8.52 31.57
H2' ADP CA . 31.01 -8.08 33.90
HO2' ADP CA . 33.30 -8.09 33.74
H1' ADP CA . 31.54 -5.22 33.50
H8 ADP CA . 27.97 -6.08 33.23
HN61 ADP CA . 26.66 -6.02 38.05
HN62 ADP CA . 27.57 -5.99 39.55
H2 ADP CA . 31.99 -5.94 38.37
MG MG DA . 2.57 25.25 29.47
#